data_1CFF
#
_entry.id   1CFF
#
_cell.length_a   1.000
_cell.length_b   1.000
_cell.length_c   1.000
_cell.angle_alpha   90.00
_cell.angle_beta   90.00
_cell.angle_gamma   90.00
#
_symmetry.space_group_name_H-M   'P 1'
#
loop_
_entity.id
_entity.type
_entity.pdbx_description
1 polymer CALMODULIN
2 polymer 'CALCIUM PUMP'
3 non-polymer 'CALCIUM ION'
#
loop_
_entity_poly.entity_id
_entity_poly.type
_entity_poly.pdbx_seq_one_letter_code
_entity_poly.pdbx_strand_id
1 'polypeptide(L)'
;ADQLTEEQIAEFKEAFSLFDKDGDGTITTKELGTVMRSLGQNPTEAELQDMINEVDADGNGTIDFPEFLTMMARKMKDTD
SEEEIREAFRVFDKDGNGYISAAELRHVMTNLGEKLTDEEVDEMIREADIDGDGQVNYEEFVQMMTAK
;
A
2 'polypeptide(L)' LRRGQILWFRGLNRIQTQIK B
#
loop_
_chem_comp.id
_chem_comp.type
_chem_comp.name
_chem_comp.formula
CA non-polymer 'CALCIUM ION' 'Ca 2'
#
# COMPACT_ATOMS: atom_id res chain seq x y z
N ALA A 1 15.98 13.45 -8.73
CA ALA A 1 17.10 13.26 -9.69
C ALA A 1 16.83 13.97 -11.01
N ASP A 2 17.78 14.79 -11.43
CA ASP A 2 17.65 15.54 -12.68
C ASP A 2 16.52 16.56 -12.58
N GLN A 3 16.88 17.84 -12.61
CA GLN A 3 15.89 18.92 -12.53
C GLN A 3 15.49 19.40 -13.93
N LEU A 4 14.26 19.10 -14.32
CA LEU A 4 13.77 19.50 -15.64
C LEU A 4 13.86 21.02 -15.81
N THR A 5 14.28 21.44 -16.99
CA THR A 5 14.39 22.86 -17.29
C THR A 5 13.00 23.47 -17.45
N GLU A 6 12.83 24.70 -16.97
CA GLU A 6 11.55 25.40 -17.07
C GLU A 6 11.47 26.21 -18.35
N GLU A 7 12.62 26.40 -19.00
CA GLU A 7 12.69 27.18 -20.23
C GLU A 7 12.07 26.41 -21.41
N GLN A 8 12.71 25.31 -21.79
CA GLN A 8 12.23 24.49 -22.89
C GLN A 8 10.85 23.90 -22.58
N ILE A 9 10.76 23.19 -21.46
CA ILE A 9 9.51 22.60 -21.04
C ILE A 9 8.37 23.62 -21.14
N ALA A 10 8.61 24.81 -20.60
CA ALA A 10 7.63 25.88 -20.65
C ALA A 10 7.03 25.99 -22.04
N GLU A 11 7.89 25.83 -23.05
CA GLU A 11 7.44 25.87 -24.43
C GLU A 11 6.38 24.80 -24.62
N PHE A 12 6.67 23.60 -24.11
CA PHE A 12 5.70 22.52 -24.17
C PHE A 12 4.44 22.98 -23.43
N LYS A 13 4.67 23.82 -22.41
CA LYS A 13 3.58 24.39 -21.63
C LYS A 13 2.78 25.35 -22.49
N GLU A 14 3.48 26.11 -23.34
CA GLU A 14 2.83 27.06 -24.23
C GLU A 14 1.78 26.35 -25.07
N ALA A 15 2.06 25.08 -25.40
CA ALA A 15 1.13 24.29 -26.16
C ALA A 15 0.08 23.78 -25.21
N PHE A 16 0.54 23.28 -24.07
CA PHE A 16 -0.34 22.77 -23.02
C PHE A 16 -1.29 23.88 -22.55
N SER A 17 -0.96 25.14 -22.88
CA SER A 17 -1.81 26.26 -22.49
C SER A 17 -2.85 26.50 -23.57
N LEU A 18 -2.42 26.31 -24.81
CA LEU A 18 -3.30 26.46 -25.95
C LEU A 18 -4.12 25.19 -26.11
N PHE A 19 -3.47 24.08 -25.79
CA PHE A 19 -4.08 22.78 -25.83
C PHE A 19 -5.36 22.78 -25.02
N ASP A 20 -5.41 23.66 -24.03
CA ASP A 20 -6.58 23.80 -23.16
C ASP A 20 -7.66 24.65 -23.84
N LYS A 21 -7.27 25.39 -24.88
CA LYS A 21 -8.19 26.23 -25.62
C LYS A 21 -9.15 26.99 -24.71
N ASP A 22 -8.58 27.61 -23.68
CA ASP A 22 -9.39 28.37 -22.73
C ASP A 22 -8.53 29.34 -21.91
N GLY A 23 -7.31 28.92 -21.57
CA GLY A 23 -6.43 29.77 -20.77
C GLY A 23 -6.65 29.55 -19.29
N ASP A 24 -6.76 28.29 -18.90
CA ASP A 24 -6.99 27.93 -17.52
C ASP A 24 -5.75 27.28 -16.91
N GLY A 25 -4.99 26.60 -17.76
CA GLY A 25 -3.79 25.93 -17.31
C GLY A 25 -4.07 24.52 -16.80
N THR A 26 -5.24 23.99 -17.13
CA THR A 26 -5.62 22.65 -16.70
C THR A 26 -6.42 21.96 -17.79
N ILE A 27 -5.95 20.79 -18.23
CA ILE A 27 -6.62 20.03 -19.28
C ILE A 27 -7.56 18.98 -18.69
N THR A 28 -8.86 19.13 -18.96
CA THR A 28 -9.85 18.19 -18.45
C THR A 28 -10.68 17.64 -19.60
N THR A 29 -11.46 16.59 -19.33
CA THR A 29 -12.31 15.99 -20.35
C THR A 29 -13.13 17.05 -21.06
N LYS A 30 -13.37 18.16 -20.37
CA LYS A 30 -14.15 19.26 -20.94
C LYS A 30 -13.49 19.81 -22.20
N GLU A 31 -12.32 20.42 -22.02
CA GLU A 31 -11.59 20.99 -23.14
C GLU A 31 -10.95 19.89 -24.00
N LEU A 32 -10.33 18.91 -23.34
CA LEU A 32 -9.69 17.82 -24.04
C LEU A 32 -10.72 17.10 -24.93
N GLY A 33 -11.92 16.92 -24.38
CA GLY A 33 -12.98 16.27 -25.14
C GLY A 33 -13.38 17.07 -26.36
N THR A 34 -13.44 18.39 -26.21
CA THR A 34 -13.81 19.27 -27.31
C THR A 34 -12.91 19.00 -28.52
N VAL A 35 -11.61 18.95 -28.27
CA VAL A 35 -10.65 18.69 -29.34
C VAL A 35 -10.70 17.22 -29.75
N MET A 36 -10.81 16.34 -28.76
CA MET A 36 -10.89 14.91 -29.00
C MET A 36 -12.13 14.55 -29.81
N ARG A 37 -13.08 15.48 -29.92
CA ARG A 37 -14.30 15.24 -30.66
C ARG A 37 -14.29 15.92 -32.02
N SER A 38 -13.73 17.12 -32.08
CA SER A 38 -13.66 17.87 -33.33
C SER A 38 -12.36 17.58 -34.09
N LEU A 39 -11.37 17.02 -33.39
CA LEU A 39 -10.09 16.70 -33.99
C LEU A 39 -9.82 15.22 -33.85
N GLY A 40 -9.70 14.80 -32.60
CA GLY A 40 -9.49 13.42 -32.30
C GLY A 40 -10.67 12.59 -32.73
N GLN A 41 -11.84 13.25 -32.78
CA GLN A 41 -13.10 12.66 -33.21
C GLN A 41 -13.10 11.13 -33.15
N ASN A 42 -13.10 10.62 -31.93
CA ASN A 42 -13.09 9.18 -31.71
C ASN A 42 -13.21 8.83 -30.24
N PRO A 43 -12.25 9.29 -29.41
CA PRO A 43 -12.25 9.02 -27.96
C PRO A 43 -13.64 9.00 -27.36
N THR A 44 -14.06 7.84 -26.89
CA THR A 44 -15.38 7.66 -26.28
C THR A 44 -15.61 8.67 -25.16
N GLU A 45 -16.88 8.81 -24.77
CA GLU A 45 -17.27 9.72 -23.70
C GLU A 45 -16.56 9.34 -22.40
N ALA A 46 -16.31 8.05 -22.24
CA ALA A 46 -15.66 7.53 -21.05
C ALA A 46 -14.14 7.45 -21.22
N GLU A 47 -13.69 7.41 -22.46
CA GLU A 47 -12.27 7.31 -22.76
C GLU A 47 -11.50 8.52 -22.21
N LEU A 48 -11.88 9.72 -22.64
CA LEU A 48 -11.21 10.93 -22.16
C LEU A 48 -11.11 10.91 -20.64
N GLN A 49 -12.04 10.21 -19.99
CA GLN A 49 -12.01 10.09 -18.54
C GLN A 49 -10.90 9.12 -18.17
N ASP A 50 -10.80 8.03 -18.93
CA ASP A 50 -9.75 7.05 -18.71
C ASP A 50 -8.42 7.66 -19.12
N MET A 51 -8.46 8.59 -20.07
CA MET A 51 -7.26 9.27 -20.53
C MET A 51 -6.82 10.28 -19.48
N ILE A 52 -7.79 10.93 -18.86
CA ILE A 52 -7.51 11.91 -17.82
C ILE A 52 -7.08 11.20 -16.54
N ASN A 53 -7.81 10.14 -16.19
CA ASN A 53 -7.48 9.37 -14.99
C ASN A 53 -6.14 8.67 -15.16
N GLU A 54 -5.75 8.43 -16.42
CA GLU A 54 -4.49 7.77 -16.72
C GLU A 54 -3.32 8.73 -16.48
N VAL A 55 -3.60 10.02 -16.65
CA VAL A 55 -2.59 11.05 -16.45
C VAL A 55 -2.61 11.57 -15.02
N ASP A 56 -3.68 11.29 -14.29
CA ASP A 56 -3.81 11.75 -12.91
C ASP A 56 -2.81 11.05 -11.99
N ALA A 57 -1.52 11.18 -12.29
CA ALA A 57 -0.50 10.57 -11.44
C ALA A 57 -0.65 11.10 -10.03
N ASP A 58 -0.96 12.39 -9.96
CA ASP A 58 -1.18 13.05 -8.68
C ASP A 58 -2.69 13.13 -8.42
N GLY A 59 -3.47 13.01 -9.49
CA GLY A 59 -4.93 13.06 -9.40
C GLY A 59 -5.43 14.07 -8.37
N ASN A 60 -5.11 15.34 -8.60
CA ASN A 60 -5.54 16.41 -7.71
C ASN A 60 -6.86 17.01 -8.17
N GLY A 61 -7.05 17.06 -9.49
CA GLY A 61 -8.27 17.61 -10.05
C GLY A 61 -8.36 17.40 -11.54
N THR A 62 -7.31 17.78 -12.25
CA THR A 62 -7.25 17.64 -13.70
C THR A 62 -5.80 17.61 -14.18
N ILE A 63 -5.62 17.73 -15.50
CA ILE A 63 -4.29 17.72 -16.08
C ILE A 63 -3.54 19.01 -15.77
N ASP A 64 -2.28 18.85 -15.37
CA ASP A 64 -1.43 19.99 -15.04
C ASP A 64 -0.07 19.85 -15.70
N PHE A 65 0.55 20.99 -15.98
CA PHE A 65 1.87 21.02 -16.64
C PHE A 65 2.81 19.92 -16.12
N PRO A 66 3.00 19.80 -14.80
CA PRO A 66 3.91 18.80 -14.21
C PRO A 66 3.47 17.35 -14.44
N GLU A 67 2.24 17.01 -14.08
CA GLU A 67 1.76 15.64 -14.26
C GLU A 67 1.79 15.23 -15.73
N PHE A 68 1.32 16.11 -16.59
CA PHE A 68 1.31 15.85 -18.02
C PHE A 68 2.73 15.83 -18.56
N LEU A 69 3.60 16.58 -17.90
CA LEU A 69 5.00 16.67 -18.30
C LEU A 69 5.70 15.32 -18.11
N THR A 70 5.47 14.70 -16.96
CA THR A 70 6.09 13.41 -16.65
C THR A 70 5.52 12.30 -17.54
N MET A 71 4.20 12.19 -17.57
CA MET A 71 3.54 11.16 -18.37
C MET A 71 4.00 11.21 -19.82
N MET A 72 4.36 12.41 -20.29
CA MET A 72 4.80 12.58 -21.66
C MET A 72 6.29 12.24 -21.81
N ALA A 73 7.06 12.53 -20.76
CA ALA A 73 8.49 12.26 -20.79
C ALA A 73 8.78 10.78 -20.53
N ARG A 74 8.42 10.30 -19.34
CA ARG A 74 8.64 8.91 -18.97
C ARG A 74 7.31 8.19 -18.78
N LYS A 75 7.37 6.89 -18.51
CA LYS A 75 6.19 6.08 -18.30
C LYS A 75 6.45 4.97 -17.29
N MET A 76 7.23 5.29 -16.26
CA MET A 76 7.56 4.32 -15.22
C MET A 76 6.57 4.40 -14.07
N LYS A 77 6.34 3.27 -13.43
CA LYS A 77 5.41 3.19 -12.30
C LYS A 77 5.82 2.09 -11.34
N ASP A 78 6.91 2.31 -10.62
CA ASP A 78 7.41 1.34 -9.66
C ASP A 78 6.58 1.35 -8.38
N THR A 79 7.05 0.63 -7.36
CA THR A 79 6.35 0.56 -6.09
C THR A 79 7.18 -0.20 -5.06
N ASP A 80 7.40 0.41 -3.91
CA ASP A 80 8.18 -0.21 -2.85
C ASP A 80 7.63 0.14 -1.47
N SER A 81 6.54 -0.53 -1.09
CA SER A 81 5.92 -0.29 0.20
C SER A 81 4.86 -1.36 0.49
N GLU A 82 3.97 -1.58 -0.45
CA GLU A 82 2.90 -2.57 -0.30
C GLU A 82 3.47 -3.95 0.00
N GLU A 83 3.54 -4.29 1.29
CA GLU A 83 4.05 -5.59 1.71
C GLU A 83 2.88 -6.52 2.03
N GLU A 84 1.94 -6.01 2.82
CA GLU A 84 0.76 -6.76 3.19
C GLU A 84 -0.48 -6.11 2.59
N ILE A 85 -1.53 -6.89 2.38
CA ILE A 85 -2.74 -6.36 1.77
C ILE A 85 -2.45 -5.99 0.31
N ARG A 86 -1.32 -6.48 -0.20
CA ARG A 86 -0.92 -6.22 -1.57
C ARG A 86 -1.77 -7.03 -2.55
N GLU A 87 -2.32 -8.13 -2.05
CA GLU A 87 -3.17 -9.00 -2.86
C GLU A 87 -4.53 -8.35 -3.05
N ALA A 88 -5.16 -8.01 -1.93
CA ALA A 88 -6.45 -7.33 -1.97
C ALA A 88 -6.28 -6.00 -2.70
N PHE A 89 -5.05 -5.48 -2.61
CA PHE A 89 -4.68 -4.21 -3.24
C PHE A 89 -4.79 -4.30 -4.76
N ARG A 90 -4.38 -5.44 -5.32
CA ARG A 90 -4.45 -5.65 -6.76
C ARG A 90 -5.86 -6.08 -7.11
N VAL A 91 -6.50 -6.71 -6.14
CA VAL A 91 -7.84 -7.20 -6.26
C VAL A 91 -8.84 -6.04 -6.27
N PHE A 92 -8.47 -4.95 -5.62
CA PHE A 92 -9.32 -3.78 -5.51
C PHE A 92 -8.90 -2.68 -6.48
N ASP A 93 -7.70 -2.79 -7.04
CA ASP A 93 -7.20 -1.79 -7.97
C ASP A 93 -7.83 -1.91 -9.35
N LYS A 94 -8.51 -3.02 -9.57
CA LYS A 94 -9.20 -3.34 -10.84
C LYS A 94 -8.59 -2.62 -12.06
N ASP A 95 -8.92 -1.34 -12.25
CA ASP A 95 -8.38 -0.58 -13.37
C ASP A 95 -6.86 -0.68 -13.41
N GLY A 96 -6.23 -0.30 -12.31
CA GLY A 96 -4.78 -0.35 -12.23
C GLY A 96 -4.17 1.01 -11.94
N ASN A 97 -4.68 1.68 -10.91
CA ASN A 97 -4.20 2.99 -10.52
C ASN A 97 -3.65 2.97 -9.10
N GLY A 98 -4.51 2.56 -8.17
CA GLY A 98 -4.14 2.51 -6.78
C GLY A 98 -5.26 2.96 -5.88
N TYR A 99 -6.17 3.76 -6.45
CA TYR A 99 -7.32 4.29 -5.72
C TYR A 99 -8.59 3.63 -6.22
N ILE A 100 -9.59 3.50 -5.35
CA ILE A 100 -10.85 2.90 -5.75
C ILE A 100 -11.99 3.91 -5.71
N SER A 101 -12.13 4.65 -6.79
CA SER A 101 -13.19 5.66 -6.90
C SER A 101 -14.57 5.01 -6.87
N ALA A 102 -14.72 3.90 -7.58
CA ALA A 102 -15.99 3.19 -7.62
C ALA A 102 -15.94 1.99 -8.57
N ALA A 103 -15.36 2.19 -9.75
CA ALA A 103 -15.25 1.13 -10.76
C ALA A 103 -14.90 -0.22 -10.12
N GLU A 104 -13.70 -0.29 -9.55
CA GLU A 104 -13.24 -1.51 -8.91
C GLU A 104 -14.30 -2.07 -7.98
N LEU A 105 -14.76 -1.21 -7.08
CA LEU A 105 -15.80 -1.59 -6.12
C LEU A 105 -16.98 -2.24 -6.84
N ARG A 106 -17.52 -1.54 -7.83
CA ARG A 106 -18.66 -2.03 -8.60
C ARG A 106 -18.50 -3.50 -8.97
N HIS A 107 -17.51 -3.79 -9.79
CA HIS A 107 -17.25 -5.16 -10.25
C HIS A 107 -16.74 -6.07 -9.15
N VAL A 108 -15.66 -5.68 -8.50
CA VAL A 108 -15.06 -6.50 -7.44
C VAL A 108 -16.00 -6.73 -6.26
N MET A 109 -16.71 -5.67 -5.84
CA MET A 109 -17.60 -5.78 -4.70
C MET A 109 -18.93 -6.46 -5.06
N THR A 110 -19.24 -6.54 -6.35
CA THR A 110 -20.47 -7.20 -6.78
C THR A 110 -20.21 -8.68 -7.03
N ASN A 111 -18.98 -8.98 -7.43
CA ASN A 111 -18.56 -10.34 -7.70
C ASN A 111 -18.00 -10.97 -6.42
N LEU A 112 -17.53 -10.12 -5.51
CA LEU A 112 -16.96 -10.59 -4.25
C LEU A 112 -18.02 -11.29 -3.39
N GLY A 113 -19.29 -10.94 -3.60
CA GLY A 113 -20.35 -11.57 -2.82
C GLY A 113 -21.71 -10.92 -3.01
N GLU A 114 -21.83 -9.64 -2.66
CA GLU A 114 -23.11 -8.94 -2.78
C GLU A 114 -23.23 -8.24 -4.13
N LYS A 115 -24.15 -7.28 -4.24
CA LYS A 115 -24.37 -6.55 -5.49
C LYS A 115 -24.59 -5.08 -5.20
N LEU A 116 -23.49 -4.35 -5.07
CA LEU A 116 -23.55 -2.92 -4.77
C LEU A 116 -23.97 -2.11 -5.99
N THR A 117 -25.24 -1.73 -6.04
CA THR A 117 -25.74 -0.94 -7.16
C THR A 117 -24.89 0.31 -7.35
N ASP A 118 -25.09 0.99 -8.46
CA ASP A 118 -24.36 2.20 -8.74
C ASP A 118 -24.57 3.21 -7.61
N GLU A 119 -25.66 3.05 -6.86
CA GLU A 119 -25.97 3.94 -5.75
C GLU A 119 -25.08 3.64 -4.55
N GLU A 120 -25.04 2.37 -4.15
CA GLU A 120 -24.23 1.95 -3.00
C GLU A 120 -22.76 2.22 -3.27
N VAL A 121 -22.24 1.65 -4.35
CA VAL A 121 -20.84 1.81 -4.70
C VAL A 121 -20.43 3.28 -4.71
N ASP A 122 -21.31 4.14 -5.24
CA ASP A 122 -21.04 5.57 -5.32
C ASP A 122 -20.98 6.20 -3.92
N GLU A 123 -22.05 6.02 -3.15
CA GLU A 123 -22.13 6.59 -1.81
C GLU A 123 -21.15 5.92 -0.86
N MET A 124 -21.13 4.59 -0.86
CA MET A 124 -20.24 3.84 0.03
C MET A 124 -18.82 4.40 -0.04
N ILE A 125 -18.34 4.64 -1.27
CA ILE A 125 -17.01 5.17 -1.48
C ILE A 125 -16.98 6.67 -1.13
N ARG A 126 -18.14 7.30 -1.16
CA ARG A 126 -18.26 8.72 -0.83
C ARG A 126 -18.12 8.90 0.68
N GLU A 127 -18.76 8.01 1.42
CA GLU A 127 -18.70 8.03 2.88
C GLU A 127 -17.45 7.31 3.36
N ALA A 128 -17.04 6.30 2.59
CA ALA A 128 -15.85 5.53 2.92
C ALA A 128 -14.60 6.38 2.72
N ASP A 129 -14.63 7.22 1.69
CA ASP A 129 -13.49 8.10 1.39
C ASP A 129 -13.22 9.02 2.58
N ILE A 130 -12.47 8.51 3.56
CA ILE A 130 -12.13 9.27 4.76
C ILE A 130 -11.72 10.70 4.42
N ASP A 131 -10.65 10.84 3.64
CA ASP A 131 -10.17 12.16 3.25
C ASP A 131 -11.25 12.91 2.49
N GLY A 132 -11.93 12.21 1.59
CA GLY A 132 -12.98 12.81 0.81
C GLY A 132 -12.45 13.88 -0.14
N ASP A 133 -11.40 13.54 -0.88
CA ASP A 133 -10.79 14.46 -1.83
C ASP A 133 -11.47 14.31 -3.18
N GLY A 134 -12.04 13.13 -3.42
CA GLY A 134 -12.69 12.84 -4.67
C GLY A 134 -12.55 11.37 -5.01
N GLN A 135 -11.57 10.74 -4.39
CA GLN A 135 -11.30 9.34 -4.60
C GLN A 135 -10.82 8.69 -3.29
N VAL A 136 -10.54 7.41 -3.36
CA VAL A 136 -10.08 6.65 -2.19
C VAL A 136 -8.61 6.26 -2.35
N ASN A 137 -7.74 6.91 -1.61
CA ASN A 137 -6.31 6.62 -1.68
C ASN A 137 -5.91 5.56 -0.67
N TYR A 138 -5.22 4.53 -1.14
CA TYR A 138 -4.77 3.43 -0.29
C TYR A 138 -4.32 3.91 1.08
N GLU A 139 -3.70 5.08 1.12
CA GLU A 139 -3.23 5.65 2.39
C GLU A 139 -4.31 5.57 3.45
N GLU A 140 -5.55 5.84 3.05
CA GLU A 140 -6.67 5.77 3.98
C GLU A 140 -7.20 4.34 4.03
N PHE A 141 -7.09 3.64 2.90
CA PHE A 141 -7.54 2.26 2.82
C PHE A 141 -6.93 1.43 3.94
N VAL A 142 -5.65 1.66 4.19
CA VAL A 142 -4.94 0.93 5.23
C VAL A 142 -5.12 1.61 6.59
N GLN A 143 -4.96 2.93 6.61
CA GLN A 143 -5.10 3.69 7.85
C GLN A 143 -6.45 3.41 8.51
N MET A 144 -7.44 3.05 7.70
CA MET A 144 -8.77 2.76 8.21
C MET A 144 -8.92 1.28 8.58
N MET A 145 -8.36 0.40 7.77
CA MET A 145 -8.45 -1.03 8.02
C MET A 145 -7.29 -1.52 8.88
N THR A 146 -6.07 -1.31 8.38
CA THR A 146 -4.87 -1.73 9.10
C THR A 146 -4.64 -0.90 10.36
N ALA A 147 -4.39 0.39 10.17
CA ALA A 147 -4.14 1.29 11.29
C ALA A 147 -5.39 1.47 12.14
N LYS A 148 -5.21 1.51 13.46
CA LYS A 148 -6.31 1.68 14.39
C LYS A 148 -7.04 3.00 14.13
N LEU B 1 -26.61 2.06 8.64
CA LEU B 1 -26.52 3.47 9.09
C LEU B 1 -25.96 4.36 7.99
N ARG B 2 -24.70 4.13 7.61
CA ARG B 2 -24.04 4.90 6.58
C ARG B 2 -23.76 4.05 5.35
N ARG B 3 -23.67 2.74 5.54
CA ARG B 3 -23.41 1.82 4.45
C ARG B 3 -21.97 1.97 3.93
N GLY B 4 -21.20 0.89 4.03
CA GLY B 4 -19.82 0.93 3.57
C GLY B 4 -18.84 0.47 4.62
N GLN B 5 -18.75 1.23 5.72
CA GLN B 5 -17.85 0.89 6.81
C GLN B 5 -18.10 -0.53 7.30
N ILE B 6 -17.03 -1.30 7.47
CA ILE B 6 -17.14 -2.68 7.93
C ILE B 6 -18.04 -3.50 6.99
N LEU B 7 -18.22 -3.01 5.77
CA LEU B 7 -19.01 -3.70 4.77
C LEU B 7 -18.10 -4.30 3.71
N TRP B 8 -17.35 -3.44 3.04
CA TRP B 8 -16.40 -3.89 2.05
C TRP B 8 -15.05 -4.23 2.70
N PHE B 9 -14.94 -3.92 3.99
CA PHE B 9 -13.76 -4.25 4.76
C PHE B 9 -13.83 -5.73 5.06
N ARG B 10 -15.05 -6.12 5.41
CA ARG B 10 -15.38 -7.48 5.68
C ARG B 10 -15.29 -8.27 4.37
N GLY B 11 -15.62 -7.57 3.27
CA GLY B 11 -15.55 -8.18 1.96
C GLY B 11 -14.21 -8.85 1.75
N LEU B 12 -13.13 -8.08 1.87
CA LEU B 12 -11.79 -8.64 1.71
C LEU B 12 -11.61 -9.79 2.69
N ASN B 13 -12.01 -9.56 3.94
CA ASN B 13 -11.91 -10.57 4.98
C ASN B 13 -12.59 -11.85 4.51
N ARG B 14 -13.69 -11.68 3.76
CA ARG B 14 -14.43 -12.81 3.22
C ARG B 14 -13.49 -13.70 2.41
N ILE B 15 -12.78 -13.09 1.47
CA ILE B 15 -11.84 -13.82 0.63
C ILE B 15 -10.89 -14.66 1.50
N GLN B 16 -9.98 -13.97 2.19
CA GLN B 16 -8.99 -14.62 3.08
C GLN B 16 -9.53 -15.91 3.71
N THR B 17 -10.63 -15.80 4.43
CA THR B 17 -11.23 -16.96 5.08
C THR B 17 -11.35 -18.13 4.10
N GLN B 18 -11.94 -17.85 2.95
CA GLN B 18 -12.10 -18.84 1.90
C GLN B 18 -11.57 -18.29 0.58
N ILE B 19 -10.26 -18.02 0.56
CA ILE B 19 -9.59 -17.46 -0.62
C ILE B 19 -10.16 -18.01 -1.92
N LYS B 20 -10.48 -19.30 -1.92
CA LYS B 20 -11.04 -19.95 -3.11
C LYS B 20 -12.46 -20.45 -2.84
CA CA C . -9.26 24.24 -18.22
CA CA D . -4.09 15.63 -11.85
CA CA E . -8.02 1.76 -9.30
CA CA F . -9.13 9.80 -0.29
N ALA A 1 7.50 24.75 -8.52
CA ALA A 1 6.08 24.75 -8.96
C ALA A 1 5.15 24.99 -7.79
N ASP A 2 3.85 25.09 -8.07
CA ASP A 2 2.85 25.32 -7.03
C ASP A 2 2.88 24.20 -5.99
N GLN A 3 2.28 23.07 -6.34
CA GLN A 3 2.24 21.92 -5.45
C GLN A 3 3.64 21.53 -5.00
N LEU A 4 3.71 20.64 -4.00
CA LEU A 4 4.98 20.17 -3.47
C LEU A 4 5.83 21.33 -2.96
N THR A 5 6.66 21.06 -1.95
CA THR A 5 7.53 22.09 -1.40
C THR A 5 8.67 22.40 -2.35
N GLU A 6 8.94 23.68 -2.51
CA GLU A 6 10.01 24.15 -3.38
C GLU A 6 11.32 24.34 -2.59
N GLU A 7 11.20 24.35 -1.26
CA GLU A 7 12.35 24.55 -0.39
C GLU A 7 13.33 23.38 -0.45
N GLN A 8 12.88 22.20 -0.03
CA GLN A 8 13.73 21.01 -0.03
C GLN A 8 13.99 20.51 -1.45
N ILE A 9 12.93 20.29 -2.20
CA ILE A 9 13.06 19.83 -3.57
C ILE A 9 14.07 20.67 -4.33
N ALA A 10 13.96 21.99 -4.22
CA ALA A 10 14.89 22.90 -4.87
C ALA A 10 16.31 22.42 -4.65
N GLU A 11 16.58 21.93 -3.45
CA GLU A 11 17.90 21.40 -3.13
C GLU A 11 18.23 20.31 -4.12
N PHE A 12 17.26 19.43 -4.36
CA PHE A 12 17.43 18.37 -5.34
C PHE A 12 17.75 19.02 -6.69
N LYS A 13 17.18 20.21 -6.89
CA LYS A 13 17.41 20.98 -8.10
C LYS A 13 18.86 21.43 -8.16
N GLU A 14 19.39 21.82 -6.99
CA GLU A 14 20.78 22.26 -6.90
C GLU A 14 21.71 21.14 -7.33
N ALA A 15 21.23 19.90 -7.20
CA ALA A 15 21.98 18.75 -7.62
C ALA A 15 21.75 18.57 -9.09
N PHE A 16 20.51 18.81 -9.49
CA PHE A 16 20.08 18.74 -10.88
C PHE A 16 20.79 19.83 -11.70
N SER A 17 21.32 20.84 -11.01
CA SER A 17 22.03 21.93 -11.68
C SER A 17 23.46 21.50 -11.88
N LEU A 18 23.98 20.81 -10.87
CA LEU A 18 25.33 20.28 -10.91
C LEU A 18 25.33 19.03 -11.77
N PHE A 19 24.20 18.33 -11.73
CA PHE A 19 23.99 17.12 -12.49
C PHE A 19 24.23 17.41 -13.97
N ASP A 20 23.99 18.66 -14.35
CA ASP A 20 24.19 19.10 -15.73
C ASP A 20 25.69 19.22 -16.00
N LYS A 21 26.45 19.51 -14.94
CA LYS A 21 27.89 19.64 -15.04
C LYS A 21 28.29 20.47 -16.25
N ASP A 22 27.76 21.68 -16.32
CA ASP A 22 28.04 22.58 -17.43
C ASP A 22 27.57 24.00 -17.13
N GLY A 23 26.43 24.12 -16.46
CA GLY A 23 25.89 25.42 -16.15
C GLY A 23 24.84 25.85 -17.15
N ASP A 24 23.90 24.95 -17.42
CA ASP A 24 22.84 25.20 -18.38
C ASP A 24 21.48 25.21 -17.70
N GLY A 25 21.24 24.23 -16.86
CA GLY A 25 19.97 24.12 -16.17
C GLY A 25 19.12 23.00 -16.74
N THR A 26 19.35 22.69 -18.00
CA THR A 26 18.62 21.62 -18.69
C THR A 26 19.55 20.46 -19.02
N ILE A 27 19.13 19.26 -18.66
CA ILE A 27 19.93 18.06 -18.92
C ILE A 27 19.53 17.44 -20.26
N THR A 28 20.53 17.20 -21.12
CA THR A 28 20.27 16.62 -22.43
C THR A 28 21.17 15.42 -22.68
N THR A 29 20.94 14.73 -23.80
CA THR A 29 21.73 13.56 -24.16
C THR A 29 23.22 13.85 -24.02
N LYS A 30 23.60 15.10 -24.21
CA LYS A 30 24.98 15.52 -24.10
C LYS A 30 25.49 15.28 -22.68
N GLU A 31 24.89 15.99 -21.72
CA GLU A 31 25.27 15.86 -20.33
C GLU A 31 24.75 14.55 -19.75
N LEU A 32 23.46 14.29 -19.93
CA LEU A 32 22.86 13.07 -19.43
C LEU A 32 23.66 11.86 -19.93
N GLY A 33 24.17 11.96 -21.15
CA GLY A 33 24.97 10.90 -21.71
C GLY A 33 26.30 10.79 -21.01
N THR A 34 26.83 11.93 -20.58
CA THR A 34 28.10 11.97 -19.87
C THR A 34 28.06 11.01 -18.69
N VAL A 35 26.97 11.07 -17.94
CA VAL A 35 26.79 10.20 -16.79
C VAL A 35 26.70 8.76 -17.25
N MET A 36 26.04 8.54 -18.38
CA MET A 36 25.89 7.21 -18.95
C MET A 36 27.25 6.64 -19.36
N ARG A 37 28.26 7.50 -19.40
CA ARG A 37 29.61 7.08 -19.78
C ARG A 37 30.46 6.80 -18.56
N SER A 38 30.44 7.70 -17.60
CA SER A 38 31.20 7.53 -16.37
C SER A 38 30.69 6.31 -15.59
N LEU A 39 29.50 5.83 -15.95
CA LEU A 39 28.89 4.69 -15.30
C LEU A 39 28.46 3.66 -16.33
N GLY A 40 27.51 4.07 -17.16
CA GLY A 40 27.02 3.21 -18.21
C GLY A 40 28.11 2.87 -19.19
N GLN A 41 29.17 3.67 -19.17
CA GLN A 41 30.34 3.49 -19.98
C GLN A 41 30.01 2.90 -21.35
N ASN A 42 29.90 3.79 -22.33
CA ASN A 42 29.60 3.41 -23.71
C ASN A 42 28.11 3.11 -23.90
N PRO A 43 27.25 4.11 -23.61
CA PRO A 43 25.80 3.95 -23.77
C PRO A 43 25.39 3.95 -25.24
N THR A 44 24.20 3.43 -25.53
CA THR A 44 23.72 3.38 -26.90
C THR A 44 23.09 4.70 -27.31
N GLU A 45 23.26 5.06 -28.58
CA GLU A 45 22.73 6.30 -29.12
C GLU A 45 21.25 6.48 -28.77
N ALA A 46 20.53 5.37 -28.75
CA ALA A 46 19.10 5.38 -28.45
C ALA A 46 18.84 5.33 -26.95
N GLU A 47 19.79 4.79 -26.20
CA GLU A 47 19.64 4.66 -24.76
C GLU A 47 19.45 6.03 -24.10
N LEU A 48 20.42 6.91 -24.28
CA LEU A 48 20.31 8.26 -23.70
C LEU A 48 18.96 8.86 -24.10
N GLN A 49 18.60 8.67 -25.37
CA GLN A 49 17.33 9.15 -25.86
C GLN A 49 16.22 8.40 -25.15
N ASP A 50 16.50 7.13 -24.82
CA ASP A 50 15.54 6.32 -24.11
C ASP A 50 15.42 6.81 -22.68
N MET A 51 16.53 7.30 -22.14
CA MET A 51 16.53 7.84 -20.78
C MET A 51 15.92 9.23 -20.77
N ILE A 52 16.35 10.06 -21.72
CA ILE A 52 15.84 11.42 -21.84
C ILE A 52 14.35 11.40 -22.18
N ASN A 53 13.96 10.46 -23.05
CA ASN A 53 12.57 10.33 -23.46
C ASN A 53 11.75 9.61 -22.38
N GLU A 54 12.44 8.82 -21.55
CA GLU A 54 11.77 8.09 -20.48
C GLU A 54 11.28 9.03 -19.40
N VAL A 55 12.07 10.07 -19.11
CA VAL A 55 11.70 11.05 -18.11
C VAL A 55 11.10 12.29 -18.74
N ASP A 56 10.48 12.12 -19.90
CA ASP A 56 9.87 13.24 -20.61
C ASP A 56 8.41 13.39 -20.22
N ALA A 57 8.11 13.26 -18.93
CA ALA A 57 6.74 13.40 -18.44
C ALA A 57 6.08 14.62 -19.05
N ASP A 58 6.76 15.74 -18.94
CA ASP A 58 6.29 16.99 -19.53
C ASP A 58 6.70 17.02 -21.00
N GLY A 59 7.77 16.28 -21.32
CA GLY A 59 8.28 16.21 -22.68
C GLY A 59 8.16 17.52 -23.44
N ASN A 60 8.85 18.54 -22.94
CA ASN A 60 8.83 19.86 -23.57
C ASN A 60 10.07 20.09 -24.42
N GLY A 61 11.16 19.41 -24.06
CA GLY A 61 12.39 19.57 -24.81
C GLY A 61 13.54 18.73 -24.25
N THR A 62 13.72 18.78 -22.93
CA THR A 62 14.79 18.03 -22.29
C THR A 62 14.51 17.83 -20.80
N ILE A 63 15.46 17.25 -20.09
CA ILE A 63 15.32 17.01 -18.66
C ILE A 63 15.10 18.31 -17.91
N ASP A 64 14.04 18.34 -17.10
CA ASP A 64 13.68 19.51 -16.33
C ASP A 64 13.40 19.13 -14.87
N PHE A 65 13.63 20.08 -13.97
CA PHE A 65 13.44 19.89 -12.54
C PHE A 65 12.21 19.02 -12.22
N PRO A 66 11.07 19.23 -12.90
CA PRO A 66 9.84 18.46 -12.65
C PRO A 66 9.89 17.02 -13.13
N GLU A 67 10.00 16.81 -14.44
CA GLU A 67 10.04 15.46 -14.99
C GLU A 67 11.07 14.61 -14.28
N PHE A 68 12.23 15.20 -13.99
CA PHE A 68 13.30 14.48 -13.30
C PHE A 68 12.93 14.28 -11.83
N LEU A 69 12.15 15.21 -11.30
CA LEU A 69 11.72 15.15 -9.91
C LEU A 69 10.79 13.96 -9.68
N THR A 70 9.64 13.97 -10.34
CA THR A 70 8.67 12.90 -10.21
C THR A 70 9.30 11.54 -10.54
N MET A 71 9.90 11.46 -11.73
CA MET A 71 10.54 10.22 -12.17
C MET A 71 11.45 9.65 -11.09
N MET A 72 12.21 10.53 -10.45
CA MET A 72 13.12 10.11 -9.39
C MET A 72 12.38 9.37 -8.29
N ALA A 73 11.20 9.88 -7.93
CA ALA A 73 10.39 9.26 -6.89
C ALA A 73 9.50 8.15 -7.45
N ARG A 74 8.60 8.52 -8.35
CA ARG A 74 7.68 7.57 -8.96
C ARG A 74 8.43 6.47 -9.70
N LYS A 75 7.82 5.28 -9.73
CA LYS A 75 8.42 4.13 -10.40
C LYS A 75 9.86 3.90 -9.95
N MET A 76 10.03 3.61 -8.66
CA MET A 76 11.36 3.37 -8.10
C MET A 76 11.37 2.13 -7.20
N LYS A 77 10.27 1.91 -6.47
CA LYS A 77 10.16 0.78 -5.58
C LYS A 77 10.99 1.00 -4.31
N ASP A 78 10.91 2.21 -3.78
CA ASP A 78 11.66 2.57 -2.58
C ASP A 78 10.75 3.27 -1.57
N THR A 79 10.75 2.76 -0.34
CA THR A 79 9.92 3.32 0.73
C THR A 79 8.48 2.85 0.58
N ASP A 80 8.32 1.57 0.30
CA ASP A 80 7.00 0.98 0.12
C ASP A 80 6.30 0.77 1.46
N SER A 81 5.04 0.31 1.40
CA SER A 81 4.27 0.08 2.62
C SER A 81 3.44 -1.20 2.50
N GLU A 82 2.80 -1.37 1.34
CA GLU A 82 1.97 -2.55 1.10
C GLU A 82 2.70 -3.82 1.51
N GLU A 83 1.93 -4.85 1.85
CA GLU A 83 2.50 -6.13 2.26
C GLU A 83 1.53 -7.27 1.97
N GLU A 84 0.47 -7.36 2.76
CA GLU A 84 -0.53 -8.40 2.58
C GLU A 84 -1.73 -7.87 1.83
N ILE A 85 -2.07 -6.61 2.09
CA ILE A 85 -3.19 -5.96 1.43
C ILE A 85 -2.90 -5.85 -0.07
N ARG A 86 -1.62 -6.00 -0.44
CA ARG A 86 -1.21 -5.94 -1.84
C ARG A 86 -2.15 -6.74 -2.72
N GLU A 87 -2.76 -7.77 -2.14
CA GLU A 87 -3.69 -8.63 -2.86
C GLU A 87 -5.05 -7.93 -2.97
N ALA A 88 -5.60 -7.54 -1.84
CA ALA A 88 -6.88 -6.83 -1.81
C ALA A 88 -6.73 -5.54 -2.59
N PHE A 89 -5.52 -5.00 -2.55
CA PHE A 89 -5.17 -3.77 -3.23
C PHE A 89 -5.32 -3.91 -4.74
N ARG A 90 -4.87 -5.05 -5.27
CA ARG A 90 -4.98 -5.32 -6.69
C ARG A 90 -6.39 -5.75 -6.98
N VAL A 91 -6.99 -6.39 -5.98
CA VAL A 91 -8.35 -6.85 -6.04
C VAL A 91 -9.28 -5.66 -6.22
N PHE A 92 -9.00 -4.58 -5.49
CA PHE A 92 -9.81 -3.39 -5.54
C PHE A 92 -9.31 -2.40 -6.57
N ASP A 93 -8.20 -2.68 -7.23
CA ASP A 93 -7.67 -1.75 -8.23
C ASP A 93 -8.34 -1.95 -9.58
N LYS A 94 -8.76 -3.17 -9.82
CA LYS A 94 -9.43 -3.56 -11.07
C LYS A 94 -8.94 -2.77 -12.29
N ASP A 95 -7.67 -2.39 -12.30
CA ASP A 95 -7.10 -1.65 -13.42
C ASP A 95 -5.63 -1.30 -13.17
N GLY A 96 -5.32 -0.86 -11.96
CA GLY A 96 -3.95 -0.51 -11.63
C GLY A 96 -3.70 0.99 -11.57
N ASN A 97 -4.42 1.67 -10.69
CA ASN A 97 -4.26 3.11 -10.53
C ASN A 97 -3.77 3.45 -9.13
N GLY A 98 -4.48 2.93 -8.13
CA GLY A 98 -4.13 3.18 -6.75
C GLY A 98 -5.28 3.81 -5.97
N TYR A 99 -6.42 3.98 -6.64
CA TYR A 99 -7.60 4.57 -6.03
C TYR A 99 -8.85 3.76 -6.39
N ILE A 100 -9.84 3.76 -5.49
CA ILE A 100 -11.06 3.00 -5.76
C ILE A 100 -12.27 3.92 -5.99
N SER A 101 -12.41 4.36 -7.23
CA SER A 101 -13.53 5.21 -7.62
C SER A 101 -14.86 4.51 -7.35
N ALA A 102 -15.02 3.32 -7.92
CA ALA A 102 -16.24 2.54 -7.74
C ALA A 102 -16.26 1.32 -8.66
N ALA A 103 -15.73 1.47 -9.88
CA ALA A 103 -15.70 0.36 -10.84
C ALA A 103 -15.19 -0.90 -10.17
N GLU A 104 -13.92 -0.88 -9.78
CA GLU A 104 -13.29 -2.01 -9.12
C GLU A 104 -14.20 -2.56 -8.02
N LEU A 105 -14.84 -1.66 -7.29
CA LEU A 105 -15.75 -2.04 -6.22
C LEU A 105 -16.95 -2.78 -6.81
N ARG A 106 -17.60 -2.16 -7.78
CA ARG A 106 -18.76 -2.74 -8.43
C ARG A 106 -18.49 -4.16 -8.91
N HIS A 107 -17.39 -4.33 -9.63
CA HIS A 107 -17.02 -5.63 -10.20
C HIS A 107 -16.67 -6.65 -9.12
N VAL A 108 -15.76 -6.30 -8.24
CA VAL A 108 -15.33 -7.22 -7.18
C VAL A 108 -16.37 -7.35 -6.06
N MET A 109 -16.90 -6.23 -5.59
CA MET A 109 -17.86 -6.24 -4.50
C MET A 109 -19.20 -6.86 -4.89
N THR A 110 -19.46 -6.97 -6.19
CA THR A 110 -20.71 -7.58 -6.63
C THR A 110 -20.51 -9.07 -6.79
N ASN A 111 -19.33 -9.43 -7.27
CA ASN A 111 -18.97 -10.83 -7.46
C ASN A 111 -18.71 -11.49 -6.11
N LEU A 112 -18.37 -10.69 -5.12
CA LEU A 112 -18.10 -11.19 -3.78
C LEU A 112 -19.37 -11.75 -3.14
N GLY A 113 -20.49 -11.09 -3.37
CA GLY A 113 -21.75 -11.56 -2.81
C GLY A 113 -22.94 -10.71 -3.22
N GLU A 114 -22.99 -9.48 -2.70
CA GLU A 114 -24.10 -8.57 -3.00
C GLU A 114 -23.93 -7.94 -4.39
N LYS A 115 -24.60 -6.81 -4.61
CA LYS A 115 -24.53 -6.10 -5.89
C LYS A 115 -24.65 -4.60 -5.69
N LEU A 116 -23.59 -3.98 -5.19
CA LEU A 116 -23.58 -2.55 -4.95
C LEU A 116 -23.56 -1.77 -6.26
N THR A 117 -24.73 -1.34 -6.71
CA THR A 117 -24.83 -0.57 -7.95
C THR A 117 -23.87 0.61 -7.94
N ASP A 118 -23.60 1.15 -9.12
CA ASP A 118 -22.71 2.30 -9.24
C ASP A 118 -23.22 3.45 -8.38
N GLU A 119 -24.52 3.44 -8.07
CA GLU A 119 -25.11 4.50 -7.26
C GLU A 119 -24.76 4.34 -5.79
N GLU A 120 -25.16 3.21 -5.21
CA GLU A 120 -24.88 2.95 -3.80
C GLU A 120 -23.40 2.72 -3.55
N VAL A 121 -22.75 2.00 -4.46
CA VAL A 121 -21.33 1.70 -4.32
C VAL A 121 -20.49 2.97 -4.38
N ASP A 122 -20.90 3.93 -5.20
CA ASP A 122 -20.16 5.19 -5.32
C ASP A 122 -20.27 5.97 -4.02
N GLU A 123 -21.49 6.11 -3.51
CA GLU A 123 -21.72 6.83 -2.27
C GLU A 123 -21.04 6.12 -1.10
N MET A 124 -21.17 4.80 -1.07
CA MET A 124 -20.55 4.01 -0.01
C MET A 124 -19.07 4.35 0.08
N ILE A 125 -18.41 4.35 -1.08
CA ILE A 125 -17.00 4.70 -1.15
C ILE A 125 -16.79 6.16 -0.76
N ARG A 126 -17.82 6.96 -0.99
CA ARG A 126 -17.79 8.38 -0.65
C ARG A 126 -17.82 8.54 0.86
N GLU A 127 -18.80 7.90 1.48
CA GLU A 127 -18.93 7.94 2.93
C GLU A 127 -17.67 7.33 3.55
N ALA A 128 -17.08 6.38 2.83
CA ALA A 128 -15.86 5.72 3.28
C ALA A 128 -14.68 6.67 3.13
N ASP A 129 -14.71 7.47 2.08
CA ASP A 129 -13.63 8.44 1.83
C ASP A 129 -13.47 9.37 3.03
N ILE A 130 -12.41 9.14 3.81
CA ILE A 130 -12.14 9.96 4.99
C ILE A 130 -11.85 11.41 4.60
N ASP A 131 -10.58 11.69 4.29
CA ASP A 131 -10.18 13.05 3.91
C ASP A 131 -11.17 13.64 2.90
N GLY A 132 -11.59 12.82 1.95
CA GLY A 132 -12.53 13.27 0.95
C GLY A 132 -11.90 14.14 -0.12
N ASP A 133 -11.08 13.53 -0.97
CA ASP A 133 -10.45 14.25 -2.05
C ASP A 133 -11.24 14.08 -3.34
N GLY A 134 -12.01 13.00 -3.40
CA GLY A 134 -12.80 12.69 -4.56
C GLY A 134 -12.83 11.20 -4.82
N GLN A 135 -11.87 10.50 -4.21
CA GLN A 135 -11.75 9.08 -4.35
C GLN A 135 -11.11 8.49 -3.09
N VAL A 136 -10.96 7.19 -3.08
CA VAL A 136 -10.34 6.48 -1.95
C VAL A 136 -8.85 6.34 -2.17
N ASN A 137 -8.07 7.03 -1.34
CA ASN A 137 -6.62 6.97 -1.44
C ASN A 137 -6.07 5.95 -0.45
N TYR A 138 -5.32 4.98 -0.96
CA TYR A 138 -4.73 3.92 -0.14
C TYR A 138 -4.23 4.46 1.20
N GLU A 139 -3.78 5.72 1.20
CA GLU A 139 -3.29 6.34 2.43
C GLU A 139 -4.33 6.20 3.53
N GLU A 140 -5.60 6.22 3.14
CA GLU A 140 -6.70 6.05 4.07
C GLU A 140 -6.90 4.56 4.30
N PHE A 141 -7.02 3.83 3.19
CA PHE A 141 -7.20 2.38 3.21
C PHE A 141 -6.34 1.75 4.30
N VAL A 142 -5.04 2.06 4.27
CA VAL A 142 -4.11 1.53 5.27
C VAL A 142 -4.27 2.26 6.61
N GLN A 143 -4.46 3.57 6.55
CA GLN A 143 -4.65 4.36 7.76
C GLN A 143 -5.82 3.83 8.57
N MET A 144 -6.79 3.25 7.86
CA MET A 144 -7.98 2.70 8.51
C MET A 144 -7.66 1.38 9.19
N MET A 145 -7.10 0.44 8.44
CA MET A 145 -6.74 -0.86 8.98
C MET A 145 -5.43 -0.79 9.77
N THR A 146 -4.35 -0.43 9.08
CA THR A 146 -3.04 -0.33 9.72
C THR A 146 -3.01 0.83 10.70
N ALA A 147 -3.35 2.02 10.22
CA ALA A 147 -3.37 3.21 11.07
C ALA A 147 -1.97 3.57 11.55
N LYS A 148 -1.87 4.62 12.36
CA LYS A 148 -0.57 5.06 12.88
C LYS A 148 -0.41 4.66 14.33
N LEU B 1 -25.33 7.22 7.72
CA LEU B 1 -24.11 6.77 8.44
C LEU B 1 -24.21 5.28 8.81
N ARG B 2 -24.49 4.46 7.79
CA ARG B 2 -24.62 3.02 8.01
C ARG B 2 -24.58 2.27 6.67
N ARG B 3 -23.40 2.23 6.06
CA ARG B 3 -23.25 1.54 4.77
C ARG B 3 -21.80 1.61 4.29
N GLY B 4 -21.07 0.52 4.47
CA GLY B 4 -19.68 0.48 4.05
C GLY B 4 -18.75 0.00 5.15
N GLN B 5 -18.68 0.76 6.23
CA GLN B 5 -17.82 0.42 7.37
C GLN B 5 -18.05 -1.03 7.79
N ILE B 6 -16.98 -1.81 7.80
CA ILE B 6 -17.07 -3.22 8.18
C ILE B 6 -17.96 -4.01 7.21
N LEU B 7 -18.24 -3.41 6.06
CA LEU B 7 -19.05 -4.06 5.05
C LEU B 7 -18.16 -4.63 3.96
N TRP B 8 -17.43 -3.74 3.29
CA TRP B 8 -16.52 -4.15 2.25
C TRP B 8 -15.15 -4.50 2.85
N PHE B 9 -15.00 -4.28 4.16
CA PHE B 9 -13.78 -4.62 4.86
C PHE B 9 -13.84 -6.10 5.14
N ARG B 10 -15.03 -6.49 5.58
CA ARG B 10 -15.34 -7.87 5.84
C ARG B 10 -15.28 -8.62 4.51
N GLY B 11 -15.65 -7.91 3.45
CA GLY B 11 -15.61 -8.48 2.11
C GLY B 11 -14.25 -9.09 1.82
N LEU B 12 -13.20 -8.27 1.93
CA LEU B 12 -11.85 -8.77 1.69
C LEU B 12 -11.58 -9.99 2.56
N ASN B 13 -11.99 -9.91 3.83
CA ASN B 13 -11.81 -11.00 4.77
C ASN B 13 -12.31 -12.31 4.15
N ARG B 14 -13.43 -12.22 3.44
CA ARG B 14 -14.01 -13.39 2.79
C ARG B 14 -13.03 -13.95 1.76
N ILE B 15 -12.43 -13.05 0.97
CA ILE B 15 -11.48 -13.45 -0.04
C ILE B 15 -10.38 -14.32 0.57
N GLN B 16 -9.45 -13.69 1.27
CA GLN B 16 -8.33 -14.39 1.92
C GLN B 16 -8.73 -15.78 2.42
N THR B 17 -9.87 -15.86 3.10
CA THR B 17 -10.36 -17.14 3.61
C THR B 17 -10.38 -18.18 2.48
N GLN B 18 -11.06 -17.83 1.40
CA GLN B 18 -11.14 -18.68 0.23
C GLN B 18 -10.66 -17.91 -0.99
N ILE B 19 -9.43 -17.41 -0.90
CA ILE B 19 -8.80 -16.62 -1.96
C ILE B 19 -9.23 -17.08 -3.35
N LYS B 20 -9.36 -16.13 -4.27
CA LYS B 20 -9.76 -16.44 -5.64
C LYS B 20 -9.73 -15.19 -6.52
CA CA C . 22.83 21.55 -20.51
CA CA D . 11.15 17.33 -20.91
CA CA E . -8.33 1.71 -9.55
CA CA F . -9.22 10.04 -0.33
N ALA A 1 -5.09 6.27 22.23
CA ALA A 1 -3.79 6.34 22.94
C ALA A 1 -2.69 6.85 22.02
N ASP A 2 -2.37 8.14 22.13
CA ASP A 2 -1.34 8.75 21.30
C ASP A 2 -0.18 9.24 22.17
N GLN A 3 0.92 8.49 22.15
CA GLN A 3 2.10 8.85 22.93
C GLN A 3 3.29 9.11 22.03
N LEU A 4 4.31 9.77 22.57
CA LEU A 4 5.52 10.08 21.81
C LEU A 4 6.60 10.64 22.74
N THR A 5 7.85 10.41 22.38
CA THR A 5 8.96 10.91 23.20
C THR A 5 8.97 12.42 23.16
N GLU A 6 9.21 13.02 24.33
CA GLU A 6 9.27 14.47 24.46
C GLU A 6 10.72 14.96 24.30
N GLU A 7 11.67 14.04 24.38
CA GLU A 7 13.08 14.36 24.27
C GLU A 7 13.46 14.87 22.89
N GLN A 8 13.36 14.00 21.88
CA GLN A 8 13.71 14.37 20.52
C GLN A 8 12.72 15.37 19.93
N ILE A 9 11.44 15.02 19.99
CA ILE A 9 10.40 15.88 19.48
C ILE A 9 10.57 17.30 19.98
N ALA A 10 10.78 17.44 21.29
CA ALA A 10 11.00 18.75 21.90
C ALA A 10 12.00 19.54 21.07
N GLU A 11 13.02 18.84 20.56
CA GLU A 11 14.02 19.48 19.72
C GLU A 11 13.31 20.15 18.56
N PHE A 12 12.39 19.39 17.94
CA PHE A 12 11.59 19.95 16.85
C PHE A 12 10.86 21.16 17.40
N LYS A 13 10.48 21.07 18.68
CA LYS A 13 9.81 22.15 19.37
C LYS A 13 10.75 23.33 19.49
N GLU A 14 12.05 23.04 19.62
CA GLU A 14 13.06 24.08 19.73
C GLU A 14 12.95 25.02 18.53
N ALA A 15 12.74 24.45 17.35
CA ALA A 15 12.57 25.24 16.15
C ALA A 15 11.16 25.78 16.11
N PHE A 16 10.19 24.93 16.40
CA PHE A 16 8.81 25.34 16.41
C PHE A 16 8.61 26.52 17.37
N SER A 17 9.54 26.68 18.32
CA SER A 17 9.47 27.77 19.29
C SER A 17 10.26 28.97 18.79
N LEU A 18 11.28 28.69 18.01
CA LEU A 18 12.15 29.72 17.45
C LEU A 18 11.59 30.20 16.13
N PHE A 19 11.28 29.24 15.27
CA PHE A 19 10.71 29.50 13.97
C PHE A 19 9.57 30.52 14.08
N ASP A 20 8.93 30.52 15.24
CA ASP A 20 7.83 31.45 15.51
C ASP A 20 8.30 32.88 15.29
N LYS A 21 9.60 33.10 15.45
CA LYS A 21 10.19 34.42 15.25
C LYS A 21 9.38 35.50 15.96
N ASP A 22 9.21 35.33 17.27
CA ASP A 22 8.46 36.30 18.06
C ASP A 22 8.48 35.94 19.55
N GLY A 23 8.46 34.63 19.85
CA GLY A 23 8.46 34.19 21.22
C GLY A 23 7.04 33.99 21.74
N ASP A 24 6.25 33.29 20.94
CA ASP A 24 4.86 33.02 21.28
C ASP A 24 4.66 31.54 21.59
N GLY A 25 5.43 30.70 20.93
CA GLY A 25 5.32 29.28 21.14
C GLY A 25 4.36 28.63 20.15
N THR A 26 3.74 29.47 19.31
CA THR A 26 2.79 28.97 18.31
C THR A 26 3.02 29.66 16.96
N ILE A 27 2.94 28.87 15.89
CA ILE A 27 3.13 29.38 14.54
C ILE A 27 1.81 29.86 13.94
N THR A 28 1.61 31.17 13.91
CA THR A 28 0.38 31.74 13.37
C THR A 28 0.68 32.58 12.12
N THR A 29 -0.38 32.92 11.39
CA THR A 29 -0.24 33.72 10.17
C THR A 29 0.61 34.96 10.43
N LYS A 30 0.62 35.41 11.68
CA LYS A 30 1.40 36.58 12.05
C LYS A 30 2.85 36.42 11.67
N GLU A 31 3.46 35.32 12.11
CA GLU A 31 4.85 35.04 11.81
C GLU A 31 4.97 34.29 10.48
N LEU A 32 4.08 33.32 10.28
CA LEU A 32 4.09 32.54 9.04
C LEU A 32 3.86 33.46 7.85
N GLY A 33 3.08 34.52 8.07
CA GLY A 33 2.80 35.47 7.00
C GLY A 33 3.94 36.45 6.80
N THR A 34 4.53 36.91 7.91
CA THR A 34 5.64 37.85 7.84
C THR A 34 6.72 37.36 6.88
N VAL A 35 6.96 36.06 6.92
CA VAL A 35 7.96 35.45 6.05
C VAL A 35 7.40 35.25 4.64
N MET A 36 6.13 34.89 4.58
CA MET A 36 5.46 34.67 3.29
C MET A 36 5.40 35.97 2.48
N ARG A 37 5.68 37.10 3.13
CA ARG A 37 5.63 38.39 2.45
C ARG A 37 7.03 38.96 2.23
N SER A 38 7.94 38.66 3.15
CA SER A 38 9.31 39.14 3.04
C SER A 38 10.20 38.15 2.30
N LEU A 39 9.70 36.91 2.14
CA LEU A 39 10.43 35.86 1.46
C LEU A 39 9.58 35.27 0.36
N GLY A 40 8.50 34.63 0.77
CA GLY A 40 7.59 34.03 -0.17
C GLY A 40 7.06 35.06 -1.14
N GLN A 41 7.10 36.33 -0.70
CA GLN A 41 6.65 37.50 -1.46
C GLN A 41 6.09 37.15 -2.83
N ASN A 42 4.93 36.50 -2.82
CA ASN A 42 4.28 36.11 -4.07
C ASN A 42 2.94 35.42 -3.81
N PRO A 43 2.95 34.32 -3.03
CA PRO A 43 1.73 33.58 -2.71
C PRO A 43 0.56 34.48 -2.34
N THR A 44 -0.63 33.90 -2.24
CA THR A 44 -1.83 34.66 -1.90
C THR A 44 -1.82 35.11 -0.44
N GLU A 45 -2.52 36.20 -0.16
CA GLU A 45 -2.60 36.75 1.18
C GLU A 45 -3.30 35.77 2.13
N ALA A 46 -4.29 35.07 1.59
CA ALA A 46 -5.08 34.11 2.37
C ALA A 46 -4.39 32.75 2.45
N GLU A 47 -3.54 32.44 1.46
CA GLU A 47 -2.83 31.17 1.44
C GLU A 47 -2.27 30.83 2.82
N LEU A 48 -1.74 31.83 3.50
CA LEU A 48 -1.18 31.62 4.84
C LEU A 48 -2.22 30.94 5.73
N GLN A 49 -3.49 31.27 5.50
CA GLN A 49 -4.57 30.66 6.25
C GLN A 49 -4.72 29.22 5.83
N ASP A 50 -4.44 28.97 4.55
CA ASP A 50 -4.49 27.61 4.02
C ASP A 50 -3.28 26.83 4.49
N MET A 51 -2.18 27.56 4.71
CA MET A 51 -0.94 26.94 5.19
C MET A 51 -1.05 26.65 6.68
N ILE A 52 -1.88 27.44 7.36
CA ILE A 52 -2.09 27.28 8.80
C ILE A 52 -3.25 26.33 9.09
N ASN A 53 -4.27 26.37 8.22
CA ASN A 53 -5.44 25.52 8.39
C ASN A 53 -5.14 24.08 8.02
N GLU A 54 -4.19 23.89 7.12
CA GLU A 54 -3.81 22.54 6.69
C GLU A 54 -3.22 21.75 7.85
N VAL A 55 -2.68 22.47 8.83
CA VAL A 55 -2.07 21.85 10.00
C VAL A 55 -3.03 21.85 11.19
N ASP A 56 -4.17 22.53 11.06
CA ASP A 56 -5.14 22.61 12.12
C ASP A 56 -5.78 21.25 12.41
N ALA A 57 -4.96 20.27 12.80
CA ALA A 57 -5.47 18.95 13.14
C ALA A 57 -6.48 19.08 14.25
N ASP A 58 -6.17 19.94 15.20
CA ASP A 58 -7.05 20.22 16.32
C ASP A 58 -7.77 21.55 16.08
N GLY A 59 -7.22 22.35 15.15
CA GLY A 59 -7.79 23.64 14.82
C GLY A 59 -8.30 24.40 16.03
N ASN A 60 -7.37 24.84 16.87
CA ASN A 60 -7.73 25.59 18.07
C ASN A 60 -7.54 27.09 17.86
N GLY A 61 -6.63 27.44 16.96
CA GLY A 61 -6.37 28.84 16.68
C GLY A 61 -5.10 29.05 15.87
N THR A 62 -4.06 28.29 16.19
CA THR A 62 -2.79 28.40 15.49
C THR A 62 -2.04 27.07 15.48
N ILE A 63 -0.77 27.12 15.11
CA ILE A 63 0.06 25.92 15.05
C ILE A 63 0.64 25.59 16.41
N ASP A 64 0.21 24.46 16.96
CA ASP A 64 0.69 24.00 18.25
C ASP A 64 1.61 22.80 18.10
N PHE A 65 2.56 22.68 19.02
CA PHE A 65 3.53 21.58 19.01
C PHE A 65 2.89 20.23 18.69
N PRO A 66 1.84 19.81 19.44
CA PRO A 66 1.19 18.51 19.23
C PRO A 66 0.58 18.33 17.85
N GLU A 67 -0.08 19.35 17.30
CA GLU A 67 -0.71 19.22 15.99
C GLU A 67 0.33 19.23 14.87
N PHE A 68 1.21 20.22 14.88
CA PHE A 68 2.26 20.31 13.86
C PHE A 68 3.13 19.05 13.90
N LEU A 69 3.22 18.47 15.09
CA LEU A 69 4.01 17.27 15.31
C LEU A 69 3.39 16.08 14.56
N THR A 70 2.08 15.93 14.69
CA THR A 70 1.37 14.83 14.04
C THR A 70 1.50 14.91 12.53
N MET A 71 1.39 16.13 11.99
CA MET A 71 1.48 16.34 10.55
C MET A 71 2.82 15.84 10.00
N MET A 72 3.91 16.21 10.67
CA MET A 72 5.23 15.80 10.25
C MET A 72 5.55 14.38 10.70
N ALA A 73 4.82 13.90 11.70
CA ALA A 73 5.03 12.56 12.23
C ALA A 73 4.29 11.51 11.38
N ARG A 74 3.17 11.90 10.81
CA ARG A 74 2.38 11.02 9.97
C ARG A 74 3.13 10.63 8.70
N LYS A 75 4.11 11.45 8.32
CA LYS A 75 4.89 11.19 7.12
C LYS A 75 6.24 11.90 7.18
N MET A 76 7.30 11.13 7.02
CA MET A 76 8.66 11.68 7.06
C MET A 76 9.35 11.49 5.71
N LYS A 77 9.32 10.27 5.21
CA LYS A 77 9.93 9.95 3.92
C LYS A 77 8.86 9.66 2.88
N ASP A 78 8.15 8.55 3.05
CA ASP A 78 7.09 8.17 2.12
C ASP A 78 6.01 7.36 2.85
N THR A 79 6.16 6.05 2.87
CA THR A 79 5.20 5.17 3.53
C THR A 79 3.93 5.10 2.69
N ASP A 80 3.80 4.02 1.93
CA ASP A 80 2.64 3.85 1.05
C ASP A 80 2.75 2.54 0.28
N SER A 81 1.62 2.06 -0.24
CA SER A 81 1.58 0.82 -1.00
C SER A 81 1.89 -0.37 -0.11
N GLU A 82 0.86 -1.17 0.18
CA GLU A 82 1.01 -2.34 1.01
C GLU A 82 1.87 -3.40 0.32
N GLU A 83 2.61 -4.18 1.09
CA GLU A 83 3.49 -5.20 0.53
C GLU A 83 2.99 -6.63 0.80
N GLU A 84 2.52 -6.88 2.03
CA GLU A 84 2.06 -8.22 2.38
C GLU A 84 0.62 -8.47 1.95
N ILE A 85 -0.19 -7.42 1.95
CA ILE A 85 -1.58 -7.55 1.53
C ILE A 85 -1.69 -7.12 0.08
N ARG A 86 -0.67 -7.49 -0.69
CA ARG A 86 -0.59 -7.19 -2.11
C ARG A 86 -1.69 -7.89 -2.90
N GLU A 87 -2.37 -8.83 -2.25
CA GLU A 87 -3.47 -9.56 -2.89
C GLU A 87 -4.73 -8.74 -2.84
N ALA A 88 -5.12 -8.33 -1.63
CA ALA A 88 -6.29 -7.49 -1.44
C ALA A 88 -6.06 -6.15 -2.10
N PHE A 89 -4.79 -5.75 -2.14
CA PHE A 89 -4.37 -4.49 -2.72
C PHE A 89 -4.58 -4.49 -4.24
N ARG A 90 -4.24 -5.60 -4.87
CA ARG A 90 -4.39 -5.74 -6.32
C ARG A 90 -5.79 -6.23 -6.64
N VAL A 91 -6.40 -6.88 -5.65
CA VAL A 91 -7.74 -7.40 -5.77
C VAL A 91 -8.76 -6.26 -5.78
N PHE A 92 -8.39 -5.14 -5.16
CA PHE A 92 -9.27 -3.99 -5.08
C PHE A 92 -8.94 -2.95 -6.14
N ASP A 93 -7.70 -2.90 -6.59
CA ASP A 93 -7.29 -1.92 -7.59
C ASP A 93 -7.81 -2.24 -8.99
N LYS A 94 -8.33 -3.44 -9.15
CA LYS A 94 -8.87 -3.90 -10.43
C LYS A 94 -8.02 -3.42 -11.61
N ASP A 95 -8.35 -2.26 -12.17
CA ASP A 95 -7.61 -1.71 -13.30
C ASP A 95 -6.13 -1.60 -12.96
N GLY A 96 -5.83 -0.95 -11.84
CA GLY A 96 -4.45 -0.80 -11.42
C GLY A 96 -4.01 0.65 -11.33
N ASN A 97 -4.75 1.45 -10.56
CA ASN A 97 -4.43 2.86 -10.40
C ASN A 97 -3.96 3.13 -8.97
N GLY A 98 -4.81 2.83 -8.00
CA GLY A 98 -4.50 3.06 -6.61
C GLY A 98 -5.69 3.58 -5.84
N TYR A 99 -6.62 4.19 -6.56
CA TYR A 99 -7.82 4.74 -5.98
C TYR A 99 -9.04 3.93 -6.40
N ILE A 100 -10.07 3.90 -5.56
CA ILE A 100 -11.27 3.15 -5.90
C ILE A 100 -12.50 4.03 -6.00
N SER A 101 -12.71 4.57 -7.19
CA SER A 101 -13.86 5.42 -7.46
C SER A 101 -15.15 4.62 -7.39
N ALA A 102 -15.15 3.42 -7.99
CA ALA A 102 -16.33 2.56 -7.97
C ALA A 102 -16.16 1.35 -8.88
N ALA A 103 -15.38 1.50 -9.95
CA ALA A 103 -15.15 0.40 -10.90
C ALA A 103 -14.87 -0.92 -10.18
N GLU A 104 -13.74 -0.97 -9.49
CA GLU A 104 -13.38 -2.17 -8.77
C GLU A 104 -14.45 -2.52 -7.74
N LEU A 105 -14.92 -1.51 -7.01
CA LEU A 105 -15.97 -1.73 -6.01
C LEU A 105 -17.14 -2.47 -6.65
N ARG A 106 -17.58 -1.97 -7.79
CA ARG A 106 -18.68 -2.56 -8.52
C ARG A 106 -18.44 -4.05 -8.75
N HIS A 107 -17.43 -4.37 -9.54
CA HIS A 107 -17.13 -5.78 -9.84
C HIS A 107 -16.63 -6.50 -8.60
N VAL A 108 -15.49 -6.06 -8.08
CA VAL A 108 -14.88 -6.67 -6.90
C VAL A 108 -15.89 -6.93 -5.80
N MET A 109 -16.72 -5.95 -5.47
CA MET A 109 -17.71 -6.09 -4.41
C MET A 109 -18.99 -6.78 -4.88
N THR A 110 -19.23 -6.80 -6.18
CA THR A 110 -20.43 -7.46 -6.68
C THR A 110 -20.14 -8.94 -6.87
N ASN A 111 -18.88 -9.24 -7.14
CA ASN A 111 -18.42 -10.60 -7.33
C ASN A 111 -18.04 -11.21 -5.99
N LEU A 112 -17.67 -10.35 -5.04
CA LEU A 112 -17.27 -10.79 -3.71
C LEU A 112 -18.42 -11.52 -3.02
N GLY A 113 -19.65 -11.03 -3.23
CA GLY A 113 -20.81 -11.66 -2.61
C GLY A 113 -22.06 -10.82 -2.69
N GLU A 114 -21.92 -9.50 -2.70
CA GLU A 114 -23.07 -8.60 -2.77
C GLU A 114 -23.32 -8.10 -4.19
N LYS A 115 -24.13 -7.05 -4.29
CA LYS A 115 -24.46 -6.44 -5.58
C LYS A 115 -24.72 -4.95 -5.40
N LEU A 116 -23.66 -4.18 -5.29
CA LEU A 116 -23.76 -2.73 -5.09
C LEU A 116 -23.94 -1.99 -6.40
N THR A 117 -25.16 -1.54 -6.64
CA THR A 117 -25.47 -0.79 -7.86
C THR A 117 -24.63 0.48 -7.94
N ASP A 118 -24.88 1.28 -8.96
CA ASP A 118 -24.17 2.52 -9.13
C ASP A 118 -24.57 3.52 -8.05
N GLU A 119 -25.74 3.28 -7.43
CA GLU A 119 -26.23 4.14 -6.37
C GLU A 119 -25.52 3.85 -5.05
N GLU A 120 -25.60 2.60 -4.61
CA GLU A 120 -24.96 2.18 -3.37
C GLU A 120 -23.47 2.50 -3.39
N VAL A 121 -22.79 1.95 -4.38
CA VAL A 121 -21.35 2.15 -4.53
C VAL A 121 -20.96 3.63 -4.54
N ASP A 122 -21.65 4.43 -5.36
CA ASP A 122 -21.36 5.85 -5.46
C ASP A 122 -21.25 6.50 -4.07
N GLU A 123 -22.36 6.52 -3.35
CA GLU A 123 -22.38 7.11 -2.02
C GLU A 123 -21.50 6.33 -1.05
N MET A 124 -21.34 5.03 -1.31
CA MET A 124 -20.52 4.18 -0.47
C MET A 124 -19.10 4.72 -0.37
N ILE A 125 -18.44 4.84 -1.51
CA ILE A 125 -17.08 5.36 -1.55
C ILE A 125 -17.04 6.85 -1.17
N ARG A 126 -18.20 7.51 -1.27
CA ARG A 126 -18.31 8.91 -0.91
C ARG A 126 -18.29 9.04 0.60
N GLU A 127 -19.13 8.27 1.26
CA GLU A 127 -19.19 8.27 2.72
C GLU A 127 -17.93 7.60 3.26
N ALA A 128 -17.42 6.64 2.49
CA ALA A 128 -16.21 5.93 2.87
C ALA A 128 -15.02 6.88 2.84
N ASP A 129 -15.03 7.80 1.87
CA ASP A 129 -13.95 8.77 1.75
C ASP A 129 -13.73 9.49 3.08
N ILE A 130 -12.52 9.34 3.63
CA ILE A 130 -12.19 9.98 4.90
C ILE A 130 -11.40 11.26 4.69
N ASP A 131 -10.15 11.13 4.26
CA ASP A 131 -9.30 12.29 4.02
C ASP A 131 -10.04 13.36 3.23
N GLY A 132 -10.71 12.93 2.17
CA GLY A 132 -11.47 13.86 1.36
C GLY A 132 -10.66 14.41 0.19
N ASP A 133 -10.33 13.54 -0.76
CA ASP A 133 -9.57 13.95 -1.93
C ASP A 133 -10.50 14.03 -3.14
N GLY A 134 -11.60 13.31 -3.07
CA GLY A 134 -12.56 13.28 -4.16
C GLY A 134 -12.92 11.86 -4.53
N GLN A 135 -12.20 10.90 -3.95
CA GLN A 135 -12.42 9.50 -4.21
C GLN A 135 -12.00 8.69 -2.99
N VAL A 136 -11.21 7.63 -3.17
CA VAL A 136 -10.75 6.82 -2.04
C VAL A 136 -9.34 6.29 -2.31
N ASN A 137 -8.36 6.85 -1.63
CA ASN A 137 -6.97 6.45 -1.82
C ASN A 137 -6.51 5.50 -0.72
N TYR A 138 -5.78 4.47 -1.13
CA TYR A 138 -5.27 3.45 -0.20
C TYR A 138 -4.76 4.08 1.10
N GLU A 139 -4.26 5.32 1.00
CA GLU A 139 -3.76 6.02 2.18
C GLU A 139 -4.76 5.93 3.33
N GLU A 140 -6.02 6.26 3.04
CA GLU A 140 -7.07 6.20 4.04
C GLU A 140 -7.47 4.75 4.27
N PHE A 141 -7.41 3.97 3.19
CA PHE A 141 -7.76 2.56 3.25
C PHE A 141 -7.01 1.84 4.37
N VAL A 142 -5.68 1.90 4.32
CA VAL A 142 -4.85 1.25 5.33
C VAL A 142 -4.93 1.93 6.70
N GLN A 143 -4.66 3.23 6.74
CA GLN A 143 -4.71 3.97 8.00
C GLN A 143 -6.04 3.76 8.71
N MET A 144 -7.10 3.55 7.93
CA MET A 144 -8.43 3.34 8.50
C MET A 144 -8.52 2.00 9.21
N MET A 145 -8.15 0.93 8.51
CA MET A 145 -8.21 -0.41 9.08
C MET A 145 -6.90 -0.79 9.75
N THR A 146 -5.82 -0.81 8.98
CA THR A 146 -4.50 -1.17 9.50
C THR A 146 -4.03 -0.19 10.55
N ALA A 147 -3.79 1.05 10.14
CA ALA A 147 -3.33 2.08 11.06
C ALA A 147 -1.96 1.73 11.65
N LYS A 148 -1.55 2.45 12.68
CA LYS A 148 -0.27 2.20 13.33
C LYS A 148 -0.22 2.86 14.70
N LEU B 1 -21.85 1.23 13.30
CA LEU B 1 -21.76 0.69 11.92
C LEU B 1 -23.10 0.78 11.20
N ARG B 2 -23.10 1.44 10.05
CA ARG B 2 -24.32 1.60 9.26
C ARG B 2 -24.21 0.85 7.93
N ARG B 3 -23.29 1.29 7.09
CA ARG B 3 -23.08 0.66 5.79
C ARG B 3 -21.71 1.02 5.22
N GLY B 4 -21.03 0.02 4.66
CA GLY B 4 -19.71 0.25 4.09
C GLY B 4 -18.60 0.06 5.11
N GLN B 5 -18.61 0.89 6.15
CA GLN B 5 -17.61 0.81 7.20
C GLN B 5 -17.45 -0.63 7.69
N ILE B 6 -16.30 -1.22 7.44
CA ILE B 6 -16.04 -2.60 7.84
C ILE B 6 -17.03 -3.56 7.17
N LEU B 7 -17.68 -3.09 6.10
CA LEU B 7 -18.63 -3.91 5.36
C LEU B 7 -17.94 -4.52 4.15
N TRP B 8 -17.38 -3.65 3.30
CA TRP B 8 -16.66 -4.10 2.12
C TRP B 8 -15.19 -4.34 2.44
N PHE B 9 -14.83 -4.17 3.72
CA PHE B 9 -13.48 -4.41 4.17
C PHE B 9 -13.38 -5.88 4.50
N ARG B 10 -14.46 -6.36 5.09
CA ARG B 10 -14.62 -7.75 5.44
C ARG B 10 -14.90 -8.56 4.19
N GLY B 11 -15.59 -7.91 3.24
CA GLY B 11 -15.89 -8.55 1.98
C GLY B 11 -14.64 -8.98 1.27
N LEU B 12 -13.80 -8.01 0.92
CA LEU B 12 -12.54 -8.30 0.27
C LEU B 12 -11.77 -9.29 1.15
N ASN B 13 -12.01 -9.22 2.46
CA ASN B 13 -11.37 -10.12 3.40
C ASN B 13 -11.96 -11.51 3.24
N ARG B 14 -13.23 -11.55 2.83
CA ARG B 14 -13.94 -12.80 2.61
C ARG B 14 -13.14 -13.67 1.65
N ILE B 15 -12.97 -13.18 0.42
CA ILE B 15 -12.20 -13.94 -0.57
C ILE B 15 -10.83 -14.32 -0.01
N GLN B 16 -10.09 -13.32 0.44
CA GLN B 16 -8.76 -13.56 1.01
C GLN B 16 -8.73 -14.80 1.91
N THR B 17 -9.88 -15.10 2.53
CA THR B 17 -9.99 -16.27 3.40
C THR B 17 -10.26 -17.51 2.57
N GLN B 18 -11.09 -17.35 1.56
CA GLN B 18 -11.45 -18.42 0.63
C GLN B 18 -11.79 -17.83 -0.72
N ILE B 19 -10.76 -17.34 -1.42
CA ILE B 19 -10.93 -16.70 -2.73
C ILE B 19 -11.96 -17.42 -3.59
N LYS B 20 -11.82 -18.74 -3.66
CA LYS B 20 -12.74 -19.57 -4.45
C LYS B 20 -14.18 -19.38 -3.98
CA CA C . 3.16 33.38 17.38
CA CA D . -4.41 24.28 15.55
CA CA E . -8.45 1.53 -9.22
CA CA F . -10.51 9.56 -0.21
N ALA A 1 25.37 12.62 -24.82
CA ALA A 1 25.42 12.91 -23.36
C ALA A 1 26.25 14.16 -23.07
N ASP A 2 25.96 14.79 -21.94
CA ASP A 2 26.68 16.00 -21.54
C ASP A 2 27.70 15.69 -20.45
N GLN A 3 28.76 16.49 -20.38
CA GLN A 3 29.81 16.30 -19.39
C GLN A 3 29.46 17.02 -18.10
N LEU A 4 29.74 16.38 -16.97
CA LEU A 4 29.46 16.98 -15.67
C LEU A 4 30.56 17.93 -15.26
N THR A 5 30.17 19.10 -14.75
CA THR A 5 31.14 20.09 -14.31
C THR A 5 31.99 19.52 -13.17
N GLU A 6 33.27 19.84 -13.19
CA GLU A 6 34.20 19.36 -12.17
C GLU A 6 34.32 20.38 -11.04
N GLU A 7 33.84 21.60 -11.29
CA GLU A 7 33.92 22.67 -10.30
C GLU A 7 32.94 22.45 -9.14
N GLN A 8 31.64 22.49 -9.43
CA GLN A 8 30.62 22.30 -8.40
C GLN A 8 30.69 20.90 -7.83
N ILE A 9 30.65 19.91 -8.71
CA ILE A 9 30.72 18.52 -8.29
C ILE A 9 31.89 18.30 -7.34
N ALA A 10 33.05 18.82 -7.73
CA ALA A 10 34.25 18.71 -6.90
C ALA A 10 33.91 19.04 -5.45
N GLU A 11 33.05 20.04 -5.25
CA GLU A 11 32.62 20.41 -3.92
C GLU A 11 31.99 19.19 -3.28
N PHE A 12 31.11 18.53 -4.03
CA PHE A 12 30.49 17.30 -3.55
C PHE A 12 31.60 16.31 -3.22
N LYS A 13 32.70 16.42 -3.98
CA LYS A 13 33.87 15.59 -3.79
C LYS A 13 34.52 15.93 -2.45
N GLU A 14 34.57 17.22 -2.12
CA GLU A 14 35.15 17.65 -0.85
C GLU A 14 34.52 16.85 0.28
N ALA A 15 33.24 16.56 0.13
CA ALA A 15 32.52 15.78 1.11
C ALA A 15 32.81 14.31 0.86
N PHE A 16 32.54 13.85 -0.35
CA PHE A 16 32.81 12.47 -0.73
C PHE A 16 34.25 12.06 -0.36
N SER A 17 35.14 13.04 -0.19
CA SER A 17 36.52 12.77 0.16
C SER A 17 36.71 12.78 1.66
N LEU A 18 35.99 13.66 2.33
CA LEU A 18 36.05 13.81 3.75
C LEU A 18 35.11 12.81 4.41
N PHE A 19 33.90 12.75 3.86
CA PHE A 19 32.85 11.85 4.33
C PHE A 19 33.42 10.47 4.66
N ASP A 20 34.48 10.11 3.95
CA ASP A 20 35.16 8.84 4.16
C ASP A 20 35.61 8.69 5.61
N LYS A 21 35.67 9.82 6.33
CA LYS A 21 36.07 9.84 7.73
C LYS A 21 37.29 8.96 7.95
N ASP A 22 38.29 9.14 7.08
CA ASP A 22 39.53 8.38 7.18
C ASP A 22 40.62 8.99 6.32
N GLY A 23 40.26 9.49 5.13
CA GLY A 23 41.23 10.08 4.23
C GLY A 23 41.71 9.08 3.19
N ASP A 24 40.76 8.38 2.59
CA ASP A 24 41.06 7.37 1.59
C ASP A 24 40.56 7.80 0.22
N GLY A 25 39.42 8.48 0.20
CA GLY A 25 38.83 8.92 -1.04
C GLY A 25 37.79 7.94 -1.54
N THR A 26 37.88 6.70 -1.06
CA THR A 26 36.94 5.66 -1.44
C THR A 26 36.04 5.31 -0.26
N ILE A 27 34.72 5.39 -0.48
CA ILE A 27 33.75 5.09 0.56
C ILE A 27 33.39 3.60 0.51
N THR A 28 33.67 2.89 1.60
CA THR A 28 33.38 1.45 1.65
C THR A 28 32.69 1.09 2.96
N THR A 29 32.18 -0.14 3.02
CA THR A 29 31.49 -0.62 4.21
C THR A 29 32.35 -0.40 5.45
N LYS A 30 33.66 -0.31 5.26
CA LYS A 30 34.60 -0.09 6.36
C LYS A 30 34.23 1.18 7.12
N GLU A 31 34.27 2.31 6.41
CA GLU A 31 33.94 3.59 7.01
C GLU A 31 32.44 3.77 7.13
N LEU A 32 31.70 3.35 6.10
CA LEU A 32 30.25 3.44 6.11
C LEU A 32 29.66 2.63 7.25
N GLY A 33 30.21 1.44 7.46
CA GLY A 33 29.73 0.59 8.53
C GLY A 33 30.01 1.20 9.89
N THR A 34 31.21 1.73 10.07
CA THR A 34 31.59 2.35 11.33
C THR A 34 30.57 3.40 11.73
N VAL A 35 30.01 4.09 10.74
CA VAL A 35 29.00 5.12 10.99
C VAL A 35 27.68 4.47 11.38
N MET A 36 27.36 3.35 10.74
CA MET A 36 26.13 2.63 11.02
C MET A 36 26.14 2.04 12.43
N ARG A 37 27.31 2.03 13.05
CA ARG A 37 27.48 1.50 14.41
C ARG A 37 27.79 2.62 15.38
N SER A 38 28.73 3.48 15.00
CA SER A 38 29.10 4.62 15.85
C SER A 38 27.90 5.52 16.08
N LEU A 39 26.88 5.36 15.24
CA LEU A 39 25.65 6.12 15.33
C LEU A 39 24.52 5.19 15.69
N GLY A 40 24.73 3.91 15.46
CA GLY A 40 23.71 2.97 15.77
C GLY A 40 22.58 3.11 14.79
N GLN A 41 22.96 3.35 13.54
CA GLN A 41 22.01 3.55 12.47
C GLN A 41 21.32 2.25 12.08
N ASN A 42 20.02 2.34 11.85
CA ASN A 42 19.19 1.19 11.48
C ASN A 42 19.91 0.19 10.58
N PRO A 43 20.47 0.65 9.45
CA PRO A 43 21.17 -0.21 8.49
C PRO A 43 21.95 -1.34 9.17
N THR A 44 21.72 -2.56 8.70
CA THR A 44 22.37 -3.75 9.26
C THR A 44 23.85 -3.81 8.88
N GLU A 45 24.58 -4.66 9.59
CA GLU A 45 26.01 -4.84 9.34
C GLU A 45 26.25 -5.24 7.89
N ALA A 46 25.32 -6.00 7.34
CA ALA A 46 25.42 -6.46 5.96
C ALA A 46 24.75 -5.49 4.99
N GLU A 47 23.74 -4.77 5.48
CA GLU A 47 23.03 -3.81 4.66
C GLU A 47 24.02 -2.90 3.94
N LEU A 48 25.04 -2.44 4.67
CA LEU A 48 26.07 -1.58 4.08
C LEU A 48 26.58 -2.19 2.77
N GLN A 49 26.56 -3.51 2.71
CA GLN A 49 26.97 -4.22 1.51
C GLN A 49 25.93 -4.01 0.43
N ASP A 50 24.67 -4.09 0.84
CA ASP A 50 23.57 -3.87 -0.10
C ASP A 50 23.56 -2.40 -0.51
N MET A 51 24.02 -1.54 0.40
CA MET A 51 24.09 -0.12 0.14
C MET A 51 25.25 0.20 -0.79
N ILE A 52 26.37 -0.48 -0.56
CA ILE A 52 27.56 -0.30 -1.37
C ILE A 52 27.34 -0.91 -2.76
N ASN A 53 26.78 -2.11 -2.79
CA ASN A 53 26.50 -2.80 -4.05
C ASN A 53 25.53 -2.00 -4.90
N GLU A 54 24.67 -1.22 -4.25
CA GLU A 54 23.69 -0.40 -4.95
C GLU A 54 24.38 0.75 -5.68
N VAL A 55 25.39 1.32 -5.05
CA VAL A 55 26.15 2.42 -5.64
C VAL A 55 27.31 1.93 -6.49
N ASP A 56 27.29 0.65 -6.85
CA ASP A 56 28.35 0.07 -7.63
C ASP A 56 28.03 0.17 -9.12
N ALA A 57 27.55 1.35 -9.55
CA ALA A 57 27.23 1.56 -10.96
C ALA A 57 28.40 1.11 -11.82
N ASP A 58 29.58 1.56 -11.43
CA ASP A 58 30.81 1.18 -12.11
C ASP A 58 31.37 -0.09 -11.46
N GLY A 59 30.96 -0.31 -10.21
CA GLY A 59 31.40 -1.47 -9.46
C GLY A 59 32.86 -1.82 -9.68
N ASN A 60 33.70 -0.80 -9.72
CA ASN A 60 35.13 -0.99 -9.92
C ASN A 60 35.76 -1.61 -8.68
N GLY A 61 35.12 -1.41 -7.53
CA GLY A 61 35.63 -1.96 -6.29
C GLY A 61 34.93 -1.39 -5.07
N THR A 62 34.66 -0.08 -5.11
CA THR A 62 33.99 0.58 -4.00
C THR A 62 33.37 1.90 -4.45
N ILE A 63 32.89 2.68 -3.50
CA ILE A 63 32.29 3.98 -3.79
C ILE A 63 33.30 4.94 -4.39
N ASP A 64 33.04 5.37 -5.62
CA ASP A 64 33.90 6.30 -6.33
C ASP A 64 33.12 7.55 -6.70
N PHE A 65 33.84 8.68 -6.83
CA PHE A 65 33.23 9.96 -7.17
C PHE A 65 32.09 9.83 -8.19
N PRO A 66 32.35 9.21 -9.36
CA PRO A 66 31.32 9.03 -10.40
C PRO A 66 30.08 8.28 -9.93
N GLU A 67 30.25 7.01 -9.54
CA GLU A 67 29.11 6.20 -9.10
C GLU A 67 28.43 6.85 -7.90
N PHE A 68 29.23 7.40 -6.99
CA PHE A 68 28.68 8.06 -5.80
C PHE A 68 28.05 9.40 -6.20
N LEU A 69 28.51 9.94 -7.32
CA LEU A 69 28.01 11.22 -7.82
C LEU A 69 26.59 11.05 -8.39
N THR A 70 26.49 10.31 -9.49
CA THR A 70 25.21 10.06 -10.13
C THR A 70 24.18 9.55 -9.12
N MET A 71 24.57 8.52 -8.36
CA MET A 71 23.68 7.93 -7.36
C MET A 71 23.09 9.01 -6.45
N MET A 72 23.96 9.88 -5.95
CA MET A 72 23.52 10.95 -5.06
C MET A 72 22.92 12.12 -5.85
N ALA A 73 23.26 12.20 -7.13
CA ALA A 73 22.76 13.27 -7.98
C ALA A 73 21.29 13.02 -8.37
N ARG A 74 21.06 11.95 -9.12
CA ARG A 74 19.70 11.62 -9.54
C ARG A 74 18.97 10.80 -8.47
N LYS A 75 17.66 10.68 -8.63
CA LYS A 75 16.85 9.93 -7.69
C LYS A 75 16.52 8.54 -8.22
N MET A 76 16.16 7.63 -7.32
CA MET A 76 15.82 6.27 -7.70
C MET A 76 14.70 5.71 -6.81
N LYS A 77 13.63 6.48 -6.68
CA LYS A 77 12.49 6.07 -5.85
C LYS A 77 11.87 4.79 -6.39
N ASP A 78 10.61 4.56 -6.03
CA ASP A 78 9.89 3.36 -6.48
C ASP A 78 10.35 2.14 -5.71
N THR A 79 9.81 1.96 -4.50
CA THR A 79 10.16 0.83 -3.65
C THR A 79 9.54 0.97 -2.27
N ASP A 80 8.21 1.05 -2.24
CA ASP A 80 7.48 1.20 -0.97
C ASP A 80 5.98 1.20 -1.22
N SER A 81 5.33 0.10 -0.84
CA SER A 81 3.88 -0.03 -1.02
C SER A 81 3.34 -1.22 -0.23
N GLU A 82 2.14 -1.65 -0.59
CA GLU A 82 1.50 -2.79 0.08
C GLU A 82 2.46 -3.96 0.19
N GLU A 83 2.09 -4.96 0.97
CA GLU A 83 2.91 -6.15 1.15
C GLU A 83 2.08 -7.41 1.03
N GLU A 84 0.96 -7.45 1.74
CA GLU A 84 0.06 -8.59 1.70
C GLU A 84 -1.26 -8.20 1.05
N ILE A 85 -1.69 -6.97 1.31
CA ILE A 85 -2.93 -6.46 0.74
C ILE A 85 -2.77 -6.26 -0.77
N ARG A 86 -1.53 -6.35 -1.25
CA ARG A 86 -1.23 -6.19 -2.67
C ARG A 86 -2.23 -6.95 -3.54
N GLU A 87 -2.80 -8.01 -2.99
CA GLU A 87 -3.78 -8.81 -3.70
C GLU A 87 -5.14 -8.15 -3.67
N ALA A 88 -5.63 -7.87 -2.47
CA ALA A 88 -6.91 -7.19 -2.31
C ALA A 88 -6.82 -5.82 -2.95
N PHE A 89 -5.62 -5.26 -2.89
CA PHE A 89 -5.31 -3.96 -3.45
C PHE A 89 -5.41 -3.99 -4.97
N ARG A 90 -4.98 -5.10 -5.56
CA ARG A 90 -5.05 -5.29 -6.98
C ARG A 90 -6.49 -5.66 -7.33
N VAL A 91 -7.09 -6.38 -6.40
CA VAL A 91 -8.46 -6.81 -6.52
C VAL A 91 -9.37 -5.59 -6.64
N PHE A 92 -8.96 -4.50 -6.01
CA PHE A 92 -9.74 -3.27 -6.03
C PHE A 92 -9.17 -2.24 -6.98
N ASP A 93 -8.02 -2.53 -7.58
CA ASP A 93 -7.42 -1.59 -8.51
C ASP A 93 -7.98 -1.72 -9.91
N LYS A 94 -8.71 -2.81 -10.14
CA LYS A 94 -9.33 -3.10 -11.43
C LYS A 94 -8.54 -2.53 -12.61
N ASP A 95 -8.84 -1.29 -12.99
CA ASP A 95 -8.15 -0.63 -14.10
C ASP A 95 -6.63 -0.65 -13.89
N GLY A 96 -6.21 -0.28 -12.69
CA GLY A 96 -4.78 -0.27 -12.38
C GLY A 96 -4.26 1.13 -12.10
N ASN A 97 -4.86 1.81 -11.12
CA ASN A 97 -4.44 3.15 -10.75
C ASN A 97 -3.86 3.17 -9.35
N GLY A 98 -4.68 2.79 -8.38
CA GLY A 98 -4.25 2.78 -6.98
C GLY A 98 -5.38 3.24 -6.07
N TYR A 99 -6.32 4.00 -6.63
CA TYR A 99 -7.46 4.50 -5.89
C TYR A 99 -8.71 3.73 -6.28
N ILE A 100 -9.67 3.63 -5.36
CA ILE A 100 -10.89 2.90 -5.65
C ILE A 100 -12.07 3.86 -5.84
N SER A 101 -12.23 4.33 -7.07
CA SER A 101 -13.32 5.23 -7.41
C SER A 101 -14.67 4.61 -7.09
N ALA A 102 -14.95 3.50 -7.76
CA ALA A 102 -16.20 2.79 -7.56
C ALA A 102 -16.31 1.59 -8.51
N ALA A 103 -15.76 1.74 -9.72
CA ALA A 103 -15.80 0.67 -10.71
C ALA A 103 -15.33 -0.63 -10.09
N GLU A 104 -14.05 -0.68 -9.73
CA GLU A 104 -13.47 -1.85 -9.10
C GLU A 104 -14.39 -2.41 -8.02
N LEU A 105 -14.81 -1.56 -7.10
CA LEU A 105 -15.72 -1.97 -6.03
C LEU A 105 -16.94 -2.66 -6.64
N ARG A 106 -17.65 -1.94 -7.48
CA ARG A 106 -18.83 -2.45 -8.15
C ARG A 106 -18.51 -3.79 -8.82
N HIS A 107 -17.45 -3.78 -9.60
CA HIS A 107 -17.02 -4.97 -10.33
C HIS A 107 -16.65 -6.14 -9.41
N VAL A 108 -15.62 -5.94 -8.60
CA VAL A 108 -15.15 -7.00 -7.70
C VAL A 108 -16.04 -7.24 -6.48
N MET A 109 -16.54 -6.16 -5.87
CA MET A 109 -17.36 -6.29 -4.68
C MET A 109 -18.76 -6.82 -4.99
N THR A 110 -19.17 -6.77 -6.25
CA THR A 110 -20.47 -7.29 -6.63
C THR A 110 -20.33 -8.76 -6.98
N ASN A 111 -19.18 -9.08 -7.56
CA ASN A 111 -18.87 -10.45 -7.95
C ASN A 111 -18.41 -11.25 -6.72
N LEU A 112 -17.87 -10.53 -5.74
CA LEU A 112 -17.39 -11.16 -4.50
C LEU A 112 -18.54 -11.86 -3.77
N GLY A 113 -19.68 -11.18 -3.68
CA GLY A 113 -20.83 -11.75 -3.00
C GLY A 113 -22.02 -10.81 -2.95
N GLU A 114 -21.77 -9.58 -2.54
CA GLU A 114 -22.82 -8.58 -2.44
C GLU A 114 -23.27 -8.11 -3.82
N LYS A 115 -24.25 -7.22 -3.85
CA LYS A 115 -24.77 -6.68 -5.11
C LYS A 115 -24.59 -5.17 -5.15
N LEU A 116 -23.50 -4.69 -4.56
CA LEU A 116 -23.23 -3.26 -4.52
C LEU A 116 -23.35 -2.62 -5.90
N THR A 117 -24.55 -2.15 -6.21
CA THR A 117 -24.80 -1.51 -7.50
C THR A 117 -23.89 -0.30 -7.67
N ASP A 118 -23.93 0.29 -8.85
CA ASP A 118 -23.13 1.47 -9.13
C ASP A 118 -23.60 2.64 -8.27
N GLU A 119 -24.86 2.58 -7.84
CA GLU A 119 -25.43 3.64 -7.02
C GLU A 119 -24.87 3.62 -5.61
N GLU A 120 -25.16 2.54 -4.87
CA GLU A 120 -24.69 2.41 -3.50
C GLU A 120 -23.17 2.45 -3.44
N VAL A 121 -22.52 1.70 -4.32
CA VAL A 121 -21.05 1.66 -4.34
C VAL A 121 -20.47 3.06 -4.50
N ASP A 122 -21.13 3.88 -5.30
CA ASP A 122 -20.68 5.25 -5.54
C ASP A 122 -20.65 6.03 -4.23
N GLU A 123 -21.79 6.09 -3.56
CA GLU A 123 -21.90 6.81 -2.29
C GLU A 123 -21.08 6.11 -1.20
N MET A 124 -21.01 4.79 -1.27
CA MET A 124 -20.26 4.01 -0.29
C MET A 124 -18.82 4.52 -0.21
N ILE A 125 -18.13 4.47 -1.34
CA ILE A 125 -16.75 4.95 -1.40
C ILE A 125 -16.68 6.44 -1.10
N ARG A 126 -17.77 7.15 -1.39
CA ARG A 126 -17.86 8.58 -1.14
C ARG A 126 -17.83 8.81 0.36
N GLU A 127 -18.77 8.18 1.06
CA GLU A 127 -18.83 8.29 2.51
C GLU A 127 -17.55 7.70 3.10
N ALA A 128 -17.01 6.70 2.39
CA ALA A 128 -15.78 6.06 2.82
C ALA A 128 -14.64 7.04 2.72
N ASP A 129 -14.69 7.90 1.70
CA ASP A 129 -13.65 8.91 1.52
C ASP A 129 -13.56 9.81 2.74
N ILE A 130 -12.56 9.58 3.59
CA ILE A 130 -12.36 10.37 4.79
C ILE A 130 -11.65 11.69 4.50
N ASP A 131 -10.35 11.60 4.20
CA ASP A 131 -9.55 12.79 3.91
C ASP A 131 -10.29 13.69 2.92
N GLY A 132 -10.91 13.09 1.93
CA GLY A 132 -11.66 13.84 0.95
C GLY A 132 -10.77 14.45 -0.13
N ASP A 133 -10.11 13.58 -0.89
CA ASP A 133 -9.23 14.02 -1.97
C ASP A 133 -10.00 14.01 -3.28
N GLY A 134 -11.07 13.24 -3.32
CA GLY A 134 -11.88 13.11 -4.51
C GLY A 134 -12.20 11.67 -4.81
N GLN A 135 -11.55 10.77 -4.09
CA GLN A 135 -11.75 9.35 -4.27
C GLN A 135 -11.44 8.59 -2.96
N VAL A 136 -10.65 7.54 -3.01
CA VAL A 136 -10.30 6.77 -1.82
C VAL A 136 -8.87 6.24 -1.93
N ASN A 137 -7.95 6.88 -1.22
CA ASN A 137 -6.55 6.48 -1.27
C ASN A 137 -6.19 5.54 -0.13
N TYR A 138 -5.51 4.44 -0.48
CA TYR A 138 -5.07 3.43 0.49
C TYR A 138 -4.70 4.04 1.83
N GLU A 139 -4.14 5.26 1.80
CA GLU A 139 -3.75 5.95 3.02
C GLU A 139 -4.89 5.90 4.04
N GLU A 140 -6.11 5.84 3.53
CA GLU A 140 -7.30 5.74 4.38
C GLU A 140 -7.58 4.28 4.68
N PHE A 141 -7.43 3.45 3.66
CA PHE A 141 -7.65 2.02 3.79
C PHE A 141 -6.90 1.46 4.99
N VAL A 142 -5.62 1.80 5.09
CA VAL A 142 -4.78 1.34 6.18
C VAL A 142 -5.08 2.11 7.47
N GLN A 143 -5.13 3.44 7.37
CA GLN A 143 -5.42 4.27 8.53
C GLN A 143 -6.70 3.82 9.22
N MET A 144 -7.61 3.24 8.44
CA MET A 144 -8.88 2.77 8.98
C MET A 144 -8.75 1.37 9.56
N MET A 145 -8.03 0.50 8.86
CA MET A 145 -7.84 -0.88 9.31
C MET A 145 -6.59 -0.99 10.18
N THR A 146 -5.43 -0.76 9.58
CA THR A 146 -4.16 -0.84 10.28
C THR A 146 -4.11 0.20 11.41
N ALA A 147 -4.48 1.42 11.09
CA ALA A 147 -4.46 2.51 12.07
C ALA A 147 -3.08 2.69 12.66
N LYS A 148 -2.26 3.50 11.99
CA LYS A 148 -0.90 3.77 12.45
C LYS A 148 -0.90 4.23 13.90
N LEU B 1 -29.35 -2.48 5.12
CA LEU B 1 -28.66 -1.36 5.82
C LEU B 1 -27.47 -0.87 5.00
N ARG B 2 -27.57 0.37 4.50
CA ARG B 2 -26.50 0.96 3.71
C ARG B 2 -25.50 1.67 4.62
N ARG B 3 -24.22 1.50 4.32
CA ARG B 3 -23.16 2.13 5.10
C ARG B 3 -21.82 2.00 4.39
N GLY B 4 -21.35 0.77 4.23
CA GLY B 4 -20.08 0.54 3.58
C GLY B 4 -18.97 0.27 4.57
N GLN B 5 -18.80 1.18 5.54
CA GLN B 5 -17.78 1.03 6.55
C GLN B 5 -17.89 -0.33 7.24
N ILE B 6 -16.78 -1.04 7.33
CA ILE B 6 -16.77 -2.36 7.94
C ILE B 6 -17.65 -3.33 7.16
N LEU B 7 -18.02 -2.95 5.94
CA LEU B 7 -18.85 -3.80 5.09
C LEU B 7 -17.96 -4.47 4.05
N TRP B 8 -17.15 -3.66 3.38
CA TRP B 8 -16.22 -4.15 2.39
C TRP B 8 -14.89 -4.54 3.04
N PHE B 9 -14.79 -4.28 4.35
CA PHE B 9 -13.62 -4.64 5.12
C PHE B 9 -13.76 -6.11 5.49
N ARG B 10 -15.00 -6.43 5.83
CA ARG B 10 -15.40 -7.77 6.17
C ARG B 10 -15.39 -8.61 4.90
N GLY B 11 -15.75 -7.96 3.79
CA GLY B 11 -15.76 -8.62 2.50
C GLY B 11 -14.43 -9.28 2.21
N LEU B 12 -13.38 -8.47 2.24
CA LEU B 12 -12.04 -8.97 1.97
C LEU B 12 -11.70 -10.07 2.96
N ASN B 13 -12.15 -9.91 4.20
CA ASN B 13 -11.91 -10.91 5.23
C ASN B 13 -12.40 -12.28 4.75
N ARG B 14 -13.52 -12.26 4.02
CA ARG B 14 -14.10 -13.48 3.48
C ARG B 14 -13.13 -14.13 2.51
N ILE B 15 -12.63 -13.34 1.56
CA ILE B 15 -11.68 -13.84 0.56
C ILE B 15 -10.54 -14.57 1.25
N GLN B 16 -9.69 -13.80 1.93
CA GLN B 16 -8.52 -14.35 2.66
C GLN B 16 -8.81 -15.73 3.26
N THR B 17 -9.85 -15.83 4.09
CA THR B 17 -10.21 -17.10 4.72
C THR B 17 -10.16 -18.23 3.70
N GLN B 18 -10.85 -18.02 2.58
CA GLN B 18 -10.87 -19.00 1.49
C GLN B 18 -10.46 -18.31 0.21
N ILE B 19 -9.26 -17.74 0.21
CA ILE B 19 -8.74 -17.01 -0.94
C ILE B 19 -9.08 -17.71 -2.25
N LYS B 20 -10.19 -17.31 -2.86
CA LYS B 20 -10.63 -17.90 -4.12
C LYS B 20 -11.08 -19.35 -3.92
CA CA C . 38.07 4.49 2.79
CA CA D . 32.28 0.80 -7.46
CA CA E . -8.29 1.75 -9.45
CA CA F . -10.16 9.62 -0.16
N ALA A 1 -14.92 -21.11 19.56
CA ALA A 1 -13.71 -21.58 20.29
C ALA A 1 -12.98 -22.67 19.50
N ASP A 2 -12.11 -22.22 18.59
CA ASP A 2 -11.34 -23.15 17.76
C ASP A 2 -9.87 -22.76 17.75
N GLN A 3 -9.03 -23.66 17.23
CA GLN A 3 -7.60 -23.41 17.17
C GLN A 3 -6.89 -24.54 16.42
N LEU A 4 -7.46 -24.93 15.28
CA LEU A 4 -6.90 -25.99 14.44
C LEU A 4 -7.40 -27.36 14.88
N THR A 5 -7.76 -28.19 13.90
CA THR A 5 -8.23 -29.54 14.18
C THR A 5 -7.05 -30.46 14.43
N GLU A 6 -7.22 -31.38 15.37
CA GLU A 6 -6.18 -32.34 15.72
C GLU A 6 -6.31 -33.60 14.86
N GLU A 7 -7.46 -33.76 14.21
CA GLU A 7 -7.73 -34.92 13.38
C GLU A 7 -6.86 -34.94 12.12
N GLN A 8 -7.08 -33.96 11.24
CA GLN A 8 -6.33 -33.87 9.99
C GLN A 8 -4.86 -33.51 10.25
N ILE A 9 -4.65 -32.43 10.98
CA ILE A 9 -3.30 -31.99 11.31
C ILE A 9 -2.46 -33.15 11.82
N ALA A 10 -3.03 -33.91 12.77
CA ALA A 10 -2.35 -35.08 13.33
C ALA A 10 -1.70 -35.90 12.22
N GLU A 11 -2.42 -36.06 11.11
CA GLU A 11 -1.89 -36.79 9.98
C GLU A 11 -0.61 -36.12 9.52
N PHE A 12 -0.64 -34.80 9.43
CA PHE A 12 0.56 -34.05 9.07
C PHE A 12 1.66 -34.38 10.08
N LYS A 13 1.23 -34.67 11.30
CA LYS A 13 2.13 -35.06 12.37
C LYS A 13 2.73 -36.42 12.08
N GLU A 14 1.89 -37.32 11.53
CA GLU A 14 2.34 -38.66 11.19
C GLU A 14 3.59 -38.59 10.32
N ALA A 15 3.61 -37.61 9.42
CA ALA A 15 4.76 -37.41 8.57
C ALA A 15 5.84 -36.74 9.38
N PHE A 16 5.42 -35.81 10.24
CA PHE A 16 6.34 -35.10 11.11
C PHE A 16 7.06 -36.06 12.07
N SER A 17 6.52 -37.28 12.20
CA SER A 17 7.11 -38.28 13.08
C SER A 17 8.09 -39.16 12.32
N LEU A 18 7.75 -39.44 11.06
CA LEU A 18 8.57 -40.25 10.19
C LEU A 18 9.61 -39.38 9.52
N PHE A 19 9.17 -38.18 9.16
CA PHE A 19 10.02 -37.20 8.53
C PHE A 19 11.27 -36.99 9.37
N ASP A 20 11.16 -37.27 10.67
CA ASP A 20 12.27 -37.15 11.60
C ASP A 20 13.29 -38.27 11.39
N LYS A 21 12.90 -39.30 10.64
CA LYS A 21 13.77 -40.42 10.33
C LYS A 21 14.57 -40.88 11.54
N ASP A 22 13.92 -40.99 12.69
CA ASP A 22 14.59 -41.45 13.89
C ASP A 22 13.59 -41.82 15.00
N GLY A 23 12.49 -41.07 15.09
CA GLY A 23 11.50 -41.35 16.11
C GLY A 23 11.79 -40.59 17.39
N ASP A 24 12.01 -39.29 17.25
CA ASP A 24 12.32 -38.41 18.37
C ASP A 24 11.18 -37.44 18.64
N GLY A 25 10.32 -37.26 17.63
CA GLY A 25 9.21 -36.34 17.77
C GLY A 25 9.65 -34.90 17.57
N THR A 26 10.87 -34.71 17.07
CA THR A 26 11.41 -33.38 16.83
C THR A 26 12.28 -33.37 15.58
N ILE A 27 12.12 -32.33 14.77
CA ILE A 27 12.90 -32.21 13.53
C ILE A 27 13.96 -31.14 13.65
N THR A 28 15.21 -31.55 13.76
CA THR A 28 16.33 -30.62 13.88
C THR A 28 17.21 -30.68 12.62
N THR A 29 18.34 -29.99 12.65
CA THR A 29 19.24 -29.99 11.52
C THR A 29 19.87 -31.37 11.32
N LYS A 30 19.88 -32.16 12.39
CA LYS A 30 20.44 -33.51 12.34
C LYS A 30 19.69 -34.36 11.32
N GLU A 31 18.38 -34.49 11.52
CA GLU A 31 17.55 -35.28 10.62
C GLU A 31 17.25 -34.50 9.33
N LEU A 32 16.94 -33.21 9.48
CA LEU A 32 16.65 -32.37 8.33
C LEU A 32 17.88 -32.24 7.45
N GLY A 33 19.05 -32.29 8.07
CA GLY A 33 20.30 -32.18 7.33
C GLY A 33 20.61 -33.45 6.56
N THR A 34 20.36 -34.59 7.18
CA THR A 34 20.61 -35.88 6.55
C THR A 34 19.84 -35.99 5.24
N VAL A 35 18.60 -35.51 5.25
CA VAL A 35 17.76 -35.54 4.07
C VAL A 35 18.17 -34.46 3.08
N MET A 36 18.76 -33.39 3.60
CA MET A 36 19.20 -32.28 2.78
C MET A 36 20.57 -32.53 2.16
N ARG A 37 21.26 -33.58 2.62
CA ARG A 37 22.58 -33.90 2.11
C ARG A 37 22.51 -35.11 1.17
N SER A 38 21.57 -36.00 1.45
CA SER A 38 21.38 -37.20 0.65
C SER A 38 20.36 -36.97 -0.46
N LEU A 39 19.60 -35.87 -0.36
CA LEU A 39 18.58 -35.57 -1.35
C LEU A 39 18.59 -34.10 -1.72
N GLY A 40 18.25 -33.28 -0.74
CA GLY A 40 18.22 -31.84 -0.93
C GLY A 40 19.57 -31.27 -1.30
N GLN A 41 20.62 -32.09 -1.13
CA GLN A 41 21.98 -31.69 -1.43
C GLN A 41 22.06 -30.78 -2.65
N ASN A 42 22.00 -29.48 -2.40
CA ASN A 42 22.06 -28.50 -3.46
C ASN A 42 22.31 -27.09 -2.90
N PRO A 43 21.47 -26.64 -1.96
CA PRO A 43 21.61 -25.31 -1.34
C PRO A 43 22.87 -25.19 -0.49
N THR A 44 22.83 -24.30 0.49
CA THR A 44 23.97 -24.07 1.37
C THR A 44 24.07 -25.16 2.44
N GLU A 45 25.29 -25.40 2.92
CA GLU A 45 25.53 -26.41 3.94
C GLU A 45 24.82 -26.07 5.24
N ALA A 46 24.74 -24.78 5.54
CA ALA A 46 24.11 -24.28 6.75
C ALA A 46 22.61 -24.06 6.58
N GLU A 47 22.15 -24.06 5.33
CA GLU A 47 20.75 -23.84 5.03
C GLU A 47 19.82 -24.56 6.00
N LEU A 48 20.14 -25.81 6.32
CA LEU A 48 19.31 -26.58 7.25
C LEU A 48 19.14 -25.83 8.56
N GLN A 49 20.18 -25.06 8.92
CA GLN A 49 20.13 -24.26 10.12
C GLN A 49 19.16 -23.12 9.91
N ASP A 50 19.14 -22.62 8.68
CA ASP A 50 18.23 -21.54 8.31
C ASP A 50 16.83 -22.11 8.13
N MET A 51 16.78 -23.37 7.70
CA MET A 51 15.51 -24.07 7.49
C MET A 51 14.90 -24.42 8.85
N ILE A 52 15.76 -24.58 9.85
CA ILE A 52 15.33 -24.90 11.20
C ILE A 52 15.00 -23.62 11.98
N ASN A 53 15.94 -22.68 11.98
CA ASN A 53 15.74 -21.42 12.68
C ASN A 53 14.65 -20.57 12.03
N GLU A 54 14.22 -20.96 10.83
CA GLU A 54 13.18 -20.23 10.11
C GLU A 54 11.80 -20.56 10.65
N VAL A 55 11.64 -21.78 11.17
CA VAL A 55 10.37 -22.22 11.72
C VAL A 55 10.31 -22.04 13.23
N ASP A 56 11.44 -21.69 13.85
CA ASP A 56 11.51 -21.50 15.28
C ASP A 56 10.65 -20.33 15.73
N ALA A 57 9.32 -20.48 15.61
CA ALA A 57 8.41 -19.42 16.03
C ALA A 57 8.59 -19.18 17.51
N ASP A 58 8.83 -20.28 18.22
CA ASP A 58 9.08 -20.24 19.65
C ASP A 58 10.56 -20.47 19.92
N GLY A 59 11.28 -20.98 18.89
CA GLY A 59 12.70 -21.24 19.02
C GLY A 59 13.06 -21.85 20.37
N ASN A 60 12.34 -22.91 20.74
CA ASN A 60 12.57 -23.60 22.00
C ASN A 60 13.71 -24.61 21.88
N GLY A 61 13.59 -25.50 20.90
CA GLY A 61 14.61 -26.52 20.71
C GLY A 61 14.74 -26.96 19.27
N THR A 62 13.64 -27.37 18.67
CA THR A 62 13.64 -27.83 17.27
C THR A 62 12.28 -27.65 16.63
N ILE A 63 12.03 -28.39 15.55
CA ILE A 63 10.77 -28.32 14.83
C ILE A 63 9.69 -29.11 15.57
N ASP A 64 8.80 -28.39 16.24
CA ASP A 64 7.71 -29.02 16.98
C ASP A 64 6.40 -28.96 16.18
N PHE A 65 5.53 -29.94 16.40
CA PHE A 65 4.26 -30.02 15.67
C PHE A 65 3.61 -28.64 15.46
N PRO A 66 3.33 -27.89 16.56
CA PRO A 66 2.72 -26.56 16.45
C PRO A 66 3.62 -25.57 15.71
N GLU A 67 4.93 -25.80 15.77
CA GLU A 67 5.90 -24.95 15.13
C GLU A 67 5.87 -25.16 13.61
N PHE A 68 6.14 -26.39 13.18
CA PHE A 68 6.13 -26.71 11.76
C PHE A 68 4.75 -26.47 11.17
N LEU A 69 3.73 -26.61 12.03
CA LEU A 69 2.36 -26.41 11.62
C LEU A 69 2.09 -24.93 11.32
N THR A 70 2.33 -24.07 12.30
CA THR A 70 2.13 -22.64 12.13
C THR A 70 2.80 -22.14 10.86
N MET A 71 4.02 -22.61 10.63
CA MET A 71 4.79 -22.22 9.45
C MET A 71 4.04 -22.60 8.18
N MET A 72 3.41 -23.77 8.21
CA MET A 72 2.67 -24.28 7.06
C MET A 72 1.29 -23.61 6.97
N ALA A 73 0.82 -23.06 8.09
CA ALA A 73 -0.48 -22.40 8.13
C ALA A 73 -0.36 -20.94 7.73
N ARG A 74 0.36 -20.17 8.52
CA ARG A 74 0.54 -18.74 8.24
C ARG A 74 1.95 -18.47 7.70
N LYS A 75 2.05 -17.52 6.80
CA LYS A 75 3.33 -17.15 6.20
C LYS A 75 3.32 -15.71 5.72
N MET A 76 2.80 -14.81 6.55
CA MET A 76 2.74 -13.40 6.20
C MET A 76 3.37 -12.54 7.29
N LYS A 77 3.40 -11.22 7.07
CA LYS A 77 3.97 -10.30 8.03
C LYS A 77 2.98 -9.98 9.14
N ASP A 78 3.20 -8.86 9.83
CA ASP A 78 2.32 -8.44 10.91
C ASP A 78 1.42 -7.30 10.45
N THR A 79 1.96 -6.09 10.43
CA THR A 79 1.20 -4.91 10.01
C THR A 79 2.11 -3.71 9.84
N ASP A 80 2.63 -3.52 8.63
CA ASP A 80 3.52 -2.40 8.34
C ASP A 80 3.24 -1.85 6.94
N SER A 81 2.09 -1.19 6.77
CA SER A 81 1.72 -0.63 5.48
C SER A 81 1.50 -1.73 4.45
N GLU A 82 1.51 -1.35 3.19
CA GLU A 82 1.31 -2.31 2.11
C GLU A 82 2.26 -3.50 2.24
N GLU A 83 1.70 -4.65 2.59
CA GLU A 83 2.49 -5.86 2.75
C GLU A 83 1.70 -7.09 2.30
N GLU A 84 0.51 -7.26 2.86
CA GLU A 84 -0.35 -8.40 2.50
C GLU A 84 -1.57 -7.91 1.73
N ILE A 85 -2.17 -6.81 2.20
CA ILE A 85 -3.33 -6.26 1.53
C ILE A 85 -2.97 -5.84 0.12
N ARG A 86 -1.67 -5.71 -0.16
CA ARG A 86 -1.18 -5.34 -1.48
C ARG A 86 -1.90 -6.15 -2.56
N GLU A 87 -2.34 -7.35 -2.19
CA GLU A 87 -3.05 -8.23 -3.10
C GLU A 87 -4.51 -7.79 -3.19
N ALA A 88 -5.15 -7.65 -2.04
CA ALA A 88 -6.53 -7.19 -1.99
C ALA A 88 -6.60 -5.83 -2.65
N PHE A 89 -5.51 -5.09 -2.49
CA PHE A 89 -5.35 -3.76 -3.05
C PHE A 89 -5.38 -3.81 -4.58
N ARG A 90 -4.71 -4.80 -5.15
CA ARG A 90 -4.69 -4.98 -6.60
C ARG A 90 -5.98 -5.64 -7.03
N VAL A 91 -6.52 -6.44 -6.13
CA VAL A 91 -7.76 -7.14 -6.33
C VAL A 91 -8.91 -6.15 -6.48
N PHE A 92 -8.83 -5.07 -5.72
CA PHE A 92 -9.87 -4.05 -5.72
C PHE A 92 -9.51 -2.87 -6.64
N ASP A 93 -8.29 -2.84 -7.16
CA ASP A 93 -7.88 -1.75 -8.03
C ASP A 93 -8.37 -1.93 -9.45
N LYS A 94 -8.80 -3.13 -9.78
CA LYS A 94 -9.29 -3.47 -11.11
C LYS A 94 -8.52 -2.75 -12.25
N ASP A 95 -7.25 -2.44 -12.00
CA ASP A 95 -6.41 -1.79 -13.00
C ASP A 95 -5.00 -1.57 -12.46
N GLY A 96 -4.91 -0.87 -11.33
CA GLY A 96 -3.61 -0.63 -10.74
C GLY A 96 -3.21 0.84 -10.75
N ASN A 97 -4.05 1.69 -10.17
CA ASN A 97 -3.78 3.12 -10.12
C ASN A 97 -3.32 3.51 -8.72
N GLY A 98 -4.08 3.06 -7.72
CA GLY A 98 -3.77 3.38 -6.34
C GLY A 98 -5.02 3.71 -5.56
N TYR A 99 -6.02 4.21 -6.28
CA TYR A 99 -7.31 4.56 -5.67
C TYR A 99 -8.39 3.63 -6.17
N ILE A 100 -9.38 3.35 -5.32
CA ILE A 100 -10.45 2.46 -5.72
C ILE A 100 -11.65 3.21 -6.29
N SER A 101 -11.59 3.48 -7.59
CA SER A 101 -12.69 4.12 -8.25
C SER A 101 -13.91 3.21 -8.13
N ALA A 102 -15.07 3.80 -7.84
CA ALA A 102 -16.31 3.04 -7.65
C ALA A 102 -16.40 1.83 -8.58
N ALA A 103 -15.81 1.92 -9.79
CA ALA A 103 -15.84 0.80 -10.75
C ALA A 103 -15.59 -0.52 -10.04
N GLU A 104 -14.38 -0.67 -9.50
CA GLU A 104 -14.01 -1.86 -8.76
C GLU A 104 -15.05 -2.14 -7.69
N LEU A 105 -15.17 -1.17 -6.80
CA LEU A 105 -16.12 -1.23 -5.70
C LEU A 105 -17.49 -1.75 -6.17
N ARG A 106 -17.86 -1.38 -7.39
CA ARG A 106 -19.16 -1.75 -7.96
C ARG A 106 -19.19 -3.18 -8.47
N HIS A 107 -18.36 -3.48 -9.46
CA HIS A 107 -18.33 -4.82 -10.06
C HIS A 107 -17.62 -5.82 -9.16
N VAL A 108 -16.68 -5.33 -8.36
CA VAL A 108 -15.91 -6.19 -7.48
C VAL A 108 -16.66 -6.50 -6.18
N MET A 109 -17.36 -5.51 -5.63
CA MET A 109 -18.09 -5.72 -4.39
C MET A 109 -19.48 -6.33 -4.65
N THR A 110 -19.91 -6.28 -5.91
CA THR A 110 -21.21 -6.85 -6.26
C THR A 110 -21.04 -8.30 -6.67
N ASN A 111 -19.88 -8.61 -7.21
CA ASN A 111 -19.54 -9.94 -7.65
C ASN A 111 -19.00 -10.78 -6.49
N LEU A 112 -18.35 -10.10 -5.55
CA LEU A 112 -17.78 -10.76 -4.38
C LEU A 112 -18.85 -11.50 -3.60
N GLY A 113 -19.94 -10.81 -3.28
CA GLY A 113 -21.03 -11.41 -2.53
C GLY A 113 -22.27 -10.56 -2.50
N GLU A 114 -22.11 -9.29 -2.14
CA GLU A 114 -23.23 -8.35 -2.06
C GLU A 114 -23.69 -7.94 -3.46
N LYS A 115 -24.67 -7.05 -3.51
CA LYS A 115 -25.20 -6.54 -4.76
C LYS A 115 -25.21 -5.02 -4.75
N LEU A 116 -24.06 -4.44 -4.43
CA LEU A 116 -23.92 -3.00 -4.34
C LEU A 116 -23.89 -2.35 -5.72
N THR A 117 -25.05 -1.85 -6.15
CA THR A 117 -25.13 -1.18 -7.45
C THR A 117 -24.10 -0.07 -7.53
N ASP A 118 -23.92 0.48 -8.72
CA ASP A 118 -22.98 1.56 -8.92
C ASP A 118 -23.43 2.81 -8.17
N GLU A 119 -24.73 2.87 -7.87
CA GLU A 119 -25.28 4.03 -7.17
C GLU A 119 -24.98 3.96 -5.67
N GLU A 120 -25.49 2.92 -5.02
CA GLU A 120 -25.30 2.74 -3.59
C GLU A 120 -23.82 2.60 -3.24
N VAL A 121 -23.09 1.78 -4.01
CA VAL A 121 -21.67 1.59 -3.74
C VAL A 121 -20.89 2.88 -3.94
N ASP A 122 -21.23 3.63 -4.98
CA ASP A 122 -20.55 4.89 -5.26
C ASP A 122 -20.55 5.77 -4.01
N GLU A 123 -21.70 5.81 -3.34
CA GLU A 123 -21.83 6.60 -2.12
C GLU A 123 -20.91 6.06 -1.03
N MET A 124 -20.75 4.73 -1.01
CA MET A 124 -19.89 4.08 -0.03
C MET A 124 -18.49 4.66 -0.11
N ILE A 125 -18.08 5.03 -1.31
CA ILE A 125 -16.76 5.62 -1.54
C ILE A 125 -16.80 7.12 -1.28
N ARG A 126 -17.98 7.71 -1.45
CA ARG A 126 -18.16 9.14 -1.23
C ARG A 126 -18.10 9.42 0.26
N GLU A 127 -18.79 8.61 1.05
CA GLU A 127 -18.78 8.75 2.49
C GLU A 127 -17.46 8.25 3.04
N ALA A 128 -16.85 7.29 2.34
CA ALA A 128 -15.57 6.73 2.75
C ALA A 128 -14.45 7.71 2.44
N ASP A 129 -14.55 8.37 1.30
CA ASP A 129 -13.54 9.36 0.91
C ASP A 129 -13.31 10.37 2.03
N ILE A 130 -12.35 10.08 2.91
CA ILE A 130 -12.06 10.95 4.03
C ILE A 130 -11.19 12.14 3.61
N ASP A 131 -9.94 11.87 3.28
CA ASP A 131 -9.00 12.91 2.86
C ASP A 131 -9.67 13.91 1.93
N GLY A 132 -10.57 13.41 1.10
CA GLY A 132 -11.28 14.27 0.17
C GLY A 132 -10.54 14.47 -1.14
N ASP A 133 -10.20 13.37 -1.81
CA ASP A 133 -9.49 13.45 -3.08
C ASP A 133 -10.51 13.31 -4.22
N GLY A 134 -11.56 12.56 -3.95
CA GLY A 134 -12.59 12.32 -4.93
C GLY A 134 -12.76 10.83 -5.20
N GLN A 135 -12.00 10.02 -4.46
CA GLN A 135 -12.03 8.58 -4.60
C GLN A 135 -11.65 7.92 -3.26
N VAL A 136 -10.89 6.83 -3.32
CA VAL A 136 -10.47 6.12 -2.12
C VAL A 136 -8.94 6.02 -2.08
N ASN A 137 -8.33 6.75 -1.16
CA ASN A 137 -6.88 6.72 -1.03
C ASN A 137 -6.46 5.62 -0.07
N TYR A 138 -5.68 4.67 -0.58
CA TYR A 138 -5.18 3.54 0.22
C TYR A 138 -4.84 3.97 1.65
N GLU A 139 -4.40 5.21 1.81
CA GLU A 139 -4.08 5.73 3.13
C GLU A 139 -5.25 5.52 4.08
N GLU A 140 -6.45 5.74 3.56
CA GLU A 140 -7.66 5.53 4.32
C GLU A 140 -7.92 4.04 4.45
N PHE A 141 -7.85 3.36 3.31
CA PHE A 141 -8.04 1.91 3.24
C PHE A 141 -7.36 1.21 4.43
N VAL A 142 -6.11 1.56 4.67
CA VAL A 142 -5.35 0.96 5.76
C VAL A 142 -5.62 1.69 7.08
N GLN A 143 -5.77 3.00 7.02
CA GLN A 143 -6.03 3.80 8.21
C GLN A 143 -7.30 3.31 8.89
N MET A 144 -8.23 2.79 8.08
CA MET A 144 -9.49 2.29 8.60
C MET A 144 -9.35 0.84 9.09
N MET A 145 -8.63 0.02 8.32
CA MET A 145 -8.43 -1.38 8.68
C MET A 145 -7.19 -1.55 9.56
N THR A 146 -6.02 -1.27 8.99
CA THR A 146 -4.77 -1.41 9.73
C THR A 146 -4.75 -0.50 10.94
N ALA A 147 -4.91 0.80 10.71
CA ALA A 147 -4.91 1.78 11.79
C ALA A 147 -6.32 2.04 12.31
N LYS A 148 -6.42 2.87 13.34
CA LYS A 148 -7.71 3.20 13.93
C LYS A 148 -7.86 4.72 14.07
N LEU B 1 -25.93 3.96 9.24
CA LEU B 1 -26.47 2.65 9.68
C LEU B 1 -25.91 1.51 8.84
N ARG B 2 -24.68 1.12 9.13
CA ARG B 2 -24.02 0.04 8.39
C ARG B 2 -24.02 0.33 6.89
N ARG B 3 -22.97 0.97 6.41
CA ARG B 3 -22.85 1.30 5.00
C ARG B 3 -21.41 1.16 4.52
N GLY B 4 -20.85 -0.04 4.69
CA GLY B 4 -19.48 -0.29 4.28
C GLY B 4 -18.57 -0.61 5.45
N GLN B 5 -18.66 0.18 6.51
CA GLN B 5 -17.84 -0.03 7.69
C GLN B 5 -17.86 -1.50 8.12
N ILE B 6 -16.74 -2.19 7.93
CA ILE B 6 -16.64 -3.60 8.29
C ILE B 6 -17.57 -4.44 7.42
N LEU B 7 -17.86 -3.95 6.23
CA LEU B 7 -18.71 -4.66 5.28
C LEU B 7 -17.87 -5.10 4.08
N TRP B 8 -17.28 -4.12 3.41
CA TRP B 8 -16.42 -4.41 2.27
C TRP B 8 -14.98 -4.68 2.74
N PHE B 9 -14.75 -4.43 4.03
CA PHE B 9 -13.45 -4.72 4.64
C PHE B 9 -13.39 -6.21 4.85
N ARG B 10 -14.53 -6.71 5.29
CA ARG B 10 -14.73 -8.12 5.52
C ARG B 10 -14.71 -8.83 4.17
N GLY B 11 -15.22 -8.12 3.16
CA GLY B 11 -15.25 -8.66 1.81
C GLY B 11 -13.89 -9.18 1.39
N LEU B 12 -12.88 -8.31 1.45
CA LEU B 12 -11.52 -8.70 1.09
C LEU B 12 -11.06 -9.87 1.96
N ASN B 13 -11.34 -9.75 3.26
CA ASN B 13 -10.96 -10.80 4.21
C ASN B 13 -11.40 -12.17 3.69
N ARG B 14 -12.50 -12.18 2.96
CA ARG B 14 -13.03 -13.41 2.39
C ARG B 14 -12.20 -13.84 1.19
N ILE B 15 -11.71 -12.85 0.44
CA ILE B 15 -10.89 -13.13 -0.73
C ILE B 15 -9.53 -13.71 -0.34
N GLN B 16 -9.20 -13.62 0.94
CA GLN B 16 -7.94 -14.14 1.44
C GLN B 16 -8.10 -15.58 1.91
N THR B 17 -9.12 -15.81 2.73
CA THR B 17 -9.41 -17.15 3.24
C THR B 17 -10.26 -17.94 2.23
N GLN B 18 -10.71 -17.27 1.17
CA GLN B 18 -11.51 -17.92 0.15
C GLN B 18 -11.55 -17.04 -1.10
N ILE B 19 -10.37 -16.73 -1.61
CA ILE B 19 -10.23 -15.88 -2.79
C ILE B 19 -11.29 -16.21 -3.85
N LYS B 20 -11.55 -17.49 -4.05
CA LYS B 20 -12.53 -17.93 -5.03
C LYS B 20 -13.87 -17.26 -4.78
CA CA C . 14.97 -35.81 16.05
CA CA D . 11.14 -24.44 17.85
CA CA E . -8.72 1.66 -9.39
CA CA F . -10.26 9.17 -0.51
N ALA A 1 -14.53 7.39 20.73
CA ALA A 1 -13.51 6.48 20.14
C ALA A 1 -14.05 5.76 18.91
N ASP A 2 -13.19 5.02 18.23
CA ASP A 2 -13.58 4.28 17.03
C ASP A 2 -13.87 2.82 17.37
N GLN A 3 -12.93 2.19 18.08
CA GLN A 3 -13.08 0.79 18.46
C GLN A 3 -11.94 0.35 19.37
N LEU A 4 -11.64 1.17 20.37
CA LEU A 4 -10.57 0.85 21.32
C LEU A 4 -10.98 -0.31 22.22
N THR A 5 -10.54 -1.51 21.86
CA THR A 5 -10.85 -2.68 22.66
C THR A 5 -10.33 -2.51 24.08
N GLU A 6 -11.09 -2.99 25.04
CA GLU A 6 -10.71 -2.91 26.44
C GLU A 6 -9.93 -4.17 26.85
N GLU A 7 -9.98 -5.20 26.00
CA GLU A 7 -9.32 -6.48 26.27
C GLU A 7 -7.80 -6.36 26.27
N GLN A 8 -7.22 -6.04 25.11
CA GLN A 8 -5.76 -5.92 25.01
C GLN A 8 -5.28 -4.63 25.66
N ILE A 9 -5.94 -3.54 25.31
CA ILE A 9 -5.60 -2.25 25.88
C ILE A 9 -5.53 -2.36 27.41
N ALA A 10 -6.42 -3.20 27.96
CA ALA A 10 -6.45 -3.43 29.40
C ALA A 10 -5.05 -3.82 29.86
N GLU A 11 -4.36 -4.61 29.04
CA GLU A 11 -3.00 -5.00 29.36
C GLU A 11 -2.18 -3.73 29.54
N PHE A 12 -2.40 -2.78 28.64
CA PHE A 12 -1.73 -1.50 28.76
C PHE A 12 -2.17 -0.86 30.07
N LYS A 13 -3.45 -1.10 30.41
CA LYS A 13 -4.03 -0.61 31.63
C LYS A 13 -3.34 -1.24 32.84
N GLU A 14 -3.02 -2.54 32.72
CA GLU A 14 -2.35 -3.26 33.78
C GLU A 14 -1.09 -2.51 34.19
N ALA A 15 -0.36 -2.00 33.21
CA ALA A 15 0.85 -1.25 33.47
C ALA A 15 0.50 0.18 33.86
N PHE A 16 -0.52 0.73 33.21
CA PHE A 16 -0.96 2.08 33.52
C PHE A 16 -1.33 2.21 34.99
N SER A 17 -1.81 1.10 35.57
CA SER A 17 -2.20 1.08 36.97
C SER A 17 -1.07 0.59 37.86
N LEU A 18 -0.17 -0.19 37.27
CA LEU A 18 0.96 -0.77 37.99
C LEU A 18 2.17 0.14 37.92
N PHE A 19 2.52 0.51 36.70
CA PHE A 19 3.65 1.39 36.43
C PHE A 19 3.72 2.52 37.44
N ASP A 20 2.56 3.05 37.81
CA ASP A 20 2.49 4.14 38.78
C ASP A 20 3.26 3.78 40.04
N LYS A 21 3.35 2.48 40.32
CA LYS A 21 4.07 1.99 41.48
C LYS A 21 3.68 2.74 42.74
N ASP A 22 2.37 2.82 42.99
CA ASP A 22 1.85 3.50 44.17
C ASP A 22 0.49 2.95 44.58
N GLY A 23 -0.37 2.71 43.60
CA GLY A 23 -1.70 2.19 43.89
C GLY A 23 -2.73 3.30 43.95
N ASP A 24 -2.67 4.21 43.00
CA ASP A 24 -3.59 5.33 42.93
C ASP A 24 -4.51 5.23 41.73
N GLY A 25 -3.94 4.84 40.59
CA GLY A 25 -4.70 4.72 39.37
C GLY A 25 -4.55 5.94 38.48
N THR A 26 -3.48 6.69 38.70
CA THR A 26 -3.20 7.88 37.91
C THR A 26 -1.70 8.15 37.86
N ILE A 27 -1.18 8.34 36.64
CA ILE A 27 0.24 8.60 36.46
C ILE A 27 0.53 10.10 36.53
N THR A 28 1.25 10.52 37.57
CA THR A 28 1.57 11.93 37.74
C THR A 28 3.03 12.13 38.06
N THR A 29 3.47 13.39 38.06
CA THR A 29 4.86 13.72 38.37
C THR A 29 5.29 13.06 39.67
N LYS A 30 4.33 12.79 40.54
CA LYS A 30 4.61 12.15 41.82
C LYS A 30 5.31 10.81 41.61
N GLU A 31 4.60 9.87 40.99
CA GLU A 31 5.15 8.55 40.73
C GLU A 31 6.26 8.63 39.69
N LEU A 32 5.99 9.28 38.57
CA LEU A 32 6.99 9.42 37.51
C LEU A 32 8.24 10.10 38.06
N GLY A 33 8.05 11.00 39.02
CA GLY A 33 9.17 11.69 39.62
C GLY A 33 9.78 10.88 40.73
N THR A 34 8.95 10.22 41.53
CA THR A 34 9.42 9.39 42.62
C THR A 34 10.45 8.40 42.10
N VAL A 35 10.19 7.89 40.90
CA VAL A 35 11.09 6.95 40.26
C VAL A 35 12.32 7.69 39.72
N MET A 36 12.10 8.87 39.17
CA MET A 36 13.18 9.69 38.63
C MET A 36 14.27 9.94 39.69
N ARG A 37 13.91 9.75 40.95
CA ARG A 37 14.85 9.95 42.05
C ARG A 37 15.23 8.62 42.69
N SER A 38 14.21 7.82 43.01
CA SER A 38 14.44 6.51 43.60
C SER A 38 15.17 5.59 42.62
N LEU A 39 15.22 6.01 41.35
CA LEU A 39 15.90 5.25 40.30
C LEU A 39 16.90 6.12 39.57
N GLY A 40 16.96 7.40 39.95
CA GLY A 40 17.88 8.29 39.31
C GLY A 40 17.71 8.25 37.81
N GLN A 41 16.44 8.21 37.39
CA GLN A 41 16.11 8.14 35.98
C GLN A 41 16.34 9.49 35.29
N ASN A 42 16.63 9.42 34.00
CA ASN A 42 16.91 10.60 33.19
C ASN A 42 15.90 11.73 33.47
N PRO A 43 14.60 11.42 33.41
CA PRO A 43 13.54 12.41 33.64
C PRO A 43 13.89 13.40 34.76
N THR A 44 14.18 14.63 34.36
CA THR A 44 14.55 15.68 35.32
C THR A 44 13.38 16.07 36.20
N GLU A 45 13.69 16.67 37.35
CA GLU A 45 12.68 17.10 38.30
C GLU A 45 11.57 17.88 37.60
N ALA A 46 11.96 18.70 36.63
CA ALA A 46 11.01 19.52 35.88
C ALA A 46 10.49 18.79 34.65
N GLU A 47 11.35 17.99 34.01
CA GLU A 47 10.94 17.26 32.82
C GLU A 47 9.63 16.52 33.07
N LEU A 48 9.55 15.85 34.20
CA LEU A 48 8.32 15.12 34.57
C LEU A 48 7.10 15.99 34.32
N GLN A 49 7.24 17.29 34.60
CA GLN A 49 6.15 18.22 34.38
C GLN A 49 5.91 18.37 32.90
N ASP A 50 7.00 18.44 32.14
CA ASP A 50 6.91 18.55 30.69
C ASP A 50 6.43 17.22 30.10
N MET A 51 6.75 16.14 30.80
CA MET A 51 6.34 14.81 30.39
C MET A 51 4.86 14.59 30.67
N ILE A 52 4.36 15.29 31.68
CA ILE A 52 2.96 15.19 32.06
C ILE A 52 2.10 16.12 31.20
N ASN A 53 2.56 17.36 31.03
CA ASN A 53 1.83 18.33 30.23
C ASN A 53 1.90 18.01 28.73
N GLU A 54 2.85 17.18 28.34
CA GLU A 54 3.02 16.81 26.93
C GLU A 54 1.92 15.87 26.46
N VAL A 55 1.62 14.86 27.25
CA VAL A 55 0.59 13.88 26.89
C VAL A 55 -0.79 14.30 27.38
N ASP A 56 -0.89 15.47 28.02
CA ASP A 56 -2.15 15.95 28.54
C ASP A 56 -3.10 16.33 27.42
N ALA A 57 -3.42 15.37 26.55
CA ALA A 57 -4.34 15.63 25.45
C ALA A 57 -5.67 16.07 26.01
N ASP A 58 -5.99 15.54 27.19
CA ASP A 58 -7.21 15.89 27.88
C ASP A 58 -6.92 16.96 28.92
N GLY A 59 -5.65 17.00 29.37
CA GLY A 59 -5.20 17.98 30.35
C GLY A 59 -6.28 18.38 31.35
N ASN A 60 -6.80 17.40 32.08
CA ASN A 60 -7.83 17.65 33.08
C ASN A 60 -7.24 17.63 34.49
N GLY A 61 -6.34 16.68 34.72
CA GLY A 61 -5.71 16.57 36.02
C GLY A 61 -4.37 15.86 35.94
N THR A 62 -4.39 14.60 35.54
CA THR A 62 -3.17 13.81 35.42
C THR A 62 -3.32 12.74 34.34
N ILE A 63 -2.34 11.86 34.26
CA ILE A 63 -2.35 10.79 33.27
C ILE A 63 -3.53 9.86 33.49
N ASP A 64 -4.45 9.84 32.53
CA ASP A 64 -5.65 9.01 32.59
C ASP A 64 -5.64 7.96 31.48
N PHE A 65 -6.32 6.85 31.72
CA PHE A 65 -6.38 5.75 30.75
C PHE A 65 -6.50 6.25 29.30
N PRO A 66 -7.36 7.24 29.03
CA PRO A 66 -7.56 7.78 27.68
C PRO A 66 -6.31 8.47 27.11
N GLU A 67 -5.95 9.61 27.69
CA GLU A 67 -4.79 10.38 27.21
C GLU A 67 -3.53 9.51 27.16
N PHE A 68 -3.31 8.72 28.21
CA PHE A 68 -2.13 7.87 28.28
C PHE A 68 -2.21 6.74 27.24
N LEU A 69 -3.41 6.22 27.03
CA LEU A 69 -3.63 5.14 26.08
C LEU A 69 -3.15 5.55 24.68
N THR A 70 -3.94 6.38 24.02
CA THR A 70 -3.63 6.84 22.67
C THR A 70 -2.18 7.27 22.54
N MET A 71 -1.78 8.26 23.33
CA MET A 71 -0.41 8.78 23.28
C MET A 71 0.62 7.65 23.28
N MET A 72 0.63 6.85 24.34
CA MET A 72 1.59 5.76 24.46
C MET A 72 1.27 4.61 23.50
N ALA A 73 0.04 4.59 22.98
CA ALA A 73 -0.37 3.53 22.06
C ALA A 73 0.02 3.86 20.63
N ARG A 74 -0.58 4.91 20.09
CA ARG A 74 -0.31 5.33 18.72
C ARG A 74 0.72 6.46 18.67
N LYS A 75 1.94 6.12 18.28
CA LYS A 75 3.01 7.10 18.18
C LYS A 75 3.75 6.96 16.85
N MET A 76 3.06 6.44 15.85
CA MET A 76 3.65 6.25 14.53
C MET A 76 2.68 6.67 13.43
N LYS A 77 3.15 6.68 12.19
CA LYS A 77 2.30 7.07 11.06
C LYS A 77 1.08 6.16 10.97
N ASP A 78 1.29 4.91 10.59
CA ASP A 78 0.19 3.95 10.47
C ASP A 78 0.66 2.62 9.89
N THR A 79 1.88 2.22 10.26
CA THR A 79 2.46 0.98 9.78
C THR A 79 2.96 1.13 8.35
N ASP A 80 2.04 1.44 7.44
CA ASP A 80 2.39 1.65 6.04
C ASP A 80 3.35 0.56 5.55
N SER A 81 2.80 -0.57 5.13
CA SER A 81 3.61 -1.68 4.64
C SER A 81 2.79 -2.61 3.75
N GLU A 82 2.74 -2.28 2.46
CA GLU A 82 1.99 -3.09 1.50
C GLU A 82 2.68 -4.43 1.26
N GLU A 83 2.42 -5.38 2.14
CA GLU A 83 3.02 -6.71 2.02
C GLU A 83 2.02 -7.71 1.47
N GLU A 84 1.08 -8.13 2.31
CA GLU A 84 0.06 -9.09 1.89
C GLU A 84 -1.13 -8.38 1.28
N ILE A 85 -1.36 -7.14 1.69
CA ILE A 85 -2.46 -6.36 1.15
C ILE A 85 -2.23 -6.10 -0.32
N ARG A 86 -0.99 -6.26 -0.78
CA ARG A 86 -0.63 -6.06 -2.17
C ARG A 86 -1.59 -6.82 -3.08
N GLU A 87 -2.16 -7.89 -2.54
CA GLU A 87 -3.11 -8.71 -3.30
C GLU A 87 -4.48 -8.05 -3.28
N ALA A 88 -5.01 -7.81 -2.08
CA ALA A 88 -6.28 -7.13 -1.93
C ALA A 88 -6.20 -5.79 -2.63
N PHE A 89 -4.99 -5.25 -2.67
CA PHE A 89 -4.69 -3.97 -3.30
C PHE A 89 -4.83 -4.05 -4.82
N ARG A 90 -4.41 -5.17 -5.38
CA ARG A 90 -4.51 -5.38 -6.83
C ARG A 90 -5.89 -5.94 -7.16
N VAL A 91 -6.45 -6.61 -6.17
CA VAL A 91 -7.76 -7.20 -6.28
C VAL A 91 -8.82 -6.10 -6.34
N PHE A 92 -8.53 -4.98 -5.68
CA PHE A 92 -9.47 -3.87 -5.62
C PHE A 92 -9.15 -2.79 -6.64
N ASP A 93 -7.93 -2.76 -7.17
CA ASP A 93 -7.56 -1.73 -8.13
C ASP A 93 -8.21 -1.94 -9.49
N LYS A 94 -8.68 -3.16 -9.71
CA LYS A 94 -9.36 -3.55 -10.95
C LYS A 94 -8.87 -2.80 -12.20
N ASP A 95 -7.59 -2.41 -12.22
CA ASP A 95 -7.04 -1.70 -13.39
C ASP A 95 -5.58 -1.31 -13.17
N GLY A 96 -5.29 -0.61 -12.07
CA GLY A 96 -3.91 -0.22 -11.80
C GLY A 96 -3.72 1.28 -11.60
N ASN A 97 -4.11 1.78 -10.42
CA ASN A 97 -3.96 3.19 -10.09
C ASN A 97 -3.51 3.33 -8.64
N GLY A 98 -4.34 2.84 -7.74
CA GLY A 98 -4.05 2.92 -6.32
C GLY A 98 -5.27 3.38 -5.53
N TYR A 99 -6.30 3.83 -6.24
CA TYR A 99 -7.53 4.30 -5.60
C TYR A 99 -8.73 3.50 -6.08
N ILE A 100 -9.74 3.38 -5.22
CA ILE A 100 -10.95 2.66 -5.59
C ILE A 100 -12.16 3.59 -5.64
N SER A 101 -12.35 4.23 -6.79
CA SER A 101 -13.46 5.14 -6.99
C SER A 101 -14.80 4.43 -6.81
N ALA A 102 -15.13 3.54 -7.75
CA ALA A 102 -16.38 2.79 -7.68
C ALA A 102 -16.36 1.56 -8.59
N ALA A 103 -15.81 1.72 -9.80
CA ALA A 103 -15.73 0.62 -10.77
C ALA A 103 -15.37 -0.69 -10.07
N GLU A 104 -14.19 -0.71 -9.48
CA GLU A 104 -13.70 -1.88 -8.76
C GLU A 104 -14.75 -2.34 -7.77
N LEU A 105 -15.08 -1.46 -6.84
CA LEU A 105 -16.09 -1.76 -5.83
C LEU A 105 -17.32 -2.40 -6.46
N ARG A 106 -17.93 -1.67 -7.38
CA ARG A 106 -19.12 -2.14 -8.08
C ARG A 106 -18.87 -3.55 -8.64
N HIS A 107 -17.78 -3.68 -9.37
CA HIS A 107 -17.43 -4.95 -10.00
C HIS A 107 -17.12 -6.04 -8.98
N VAL A 108 -16.10 -5.83 -8.15
CA VAL A 108 -15.69 -6.82 -7.16
C VAL A 108 -16.66 -6.95 -5.99
N MET A 109 -17.08 -5.83 -5.43
CA MET A 109 -17.97 -5.84 -4.28
C MET A 109 -19.37 -6.34 -4.61
N THR A 110 -19.74 -6.33 -5.89
CA THR A 110 -21.06 -6.83 -6.29
C THR A 110 -20.97 -8.32 -6.60
N ASN A 111 -19.79 -8.73 -7.05
CA ASN A 111 -19.54 -10.12 -7.40
C ASN A 111 -19.02 -10.89 -6.19
N LEU A 112 -18.45 -10.17 -5.23
CA LEU A 112 -17.90 -10.79 -4.02
C LEU A 112 -19.02 -11.37 -3.15
N GLY A 113 -20.17 -10.70 -3.13
CA GLY A 113 -21.28 -11.18 -2.34
C GLY A 113 -22.48 -10.25 -2.34
N GLU A 114 -22.21 -8.94 -2.20
CA GLU A 114 -23.29 -7.96 -2.18
C GLU A 114 -23.73 -7.56 -3.58
N LYS A 115 -24.71 -6.68 -3.66
CA LYS A 115 -25.23 -6.22 -4.94
C LYS A 115 -25.20 -4.69 -5.01
N LEU A 116 -24.10 -4.12 -4.55
CA LEU A 116 -23.93 -2.68 -4.54
C LEU A 116 -24.07 -2.08 -5.94
N THR A 117 -25.25 -1.55 -6.21
CA THR A 117 -25.53 -0.93 -7.51
C THR A 117 -24.62 0.27 -7.72
N ASP A 118 -24.82 0.96 -8.85
CA ASP A 118 -24.04 2.14 -9.15
C ASP A 118 -24.38 3.24 -8.15
N GLU A 119 -25.59 3.16 -7.57
CA GLU A 119 -26.04 4.15 -6.59
C GLU A 119 -25.36 3.93 -5.25
N GLU A 120 -25.29 2.67 -4.82
CA GLU A 120 -24.68 2.33 -3.56
C GLU A 120 -23.15 2.44 -3.64
N VAL A 121 -22.57 1.73 -4.60
CA VAL A 121 -21.12 1.72 -4.78
C VAL A 121 -20.57 3.14 -4.88
N ASP A 122 -21.31 4.03 -5.55
CA ASP A 122 -20.88 5.40 -5.72
C ASP A 122 -20.84 6.15 -4.39
N GLU A 123 -21.99 6.19 -3.72
CA GLU A 123 -22.09 6.88 -2.44
C GLU A 123 -21.24 6.22 -1.36
N MET A 124 -21.23 4.89 -1.34
CA MET A 124 -20.45 4.16 -0.34
C MET A 124 -19.00 4.62 -0.36
N ILE A 125 -18.45 4.83 -1.55
CA ILE A 125 -17.07 5.30 -1.70
C ILE A 125 -16.99 6.81 -1.45
N ARG A 126 -18.14 7.48 -1.54
CA ARG A 126 -18.19 8.91 -1.29
C ARG A 126 -18.17 9.17 0.21
N GLU A 127 -18.97 8.39 0.94
CA GLU A 127 -19.04 8.50 2.38
C GLU A 127 -17.83 7.81 3.00
N ALA A 128 -17.35 6.76 2.34
CA ALA A 128 -16.20 6.03 2.80
C ALA A 128 -14.95 6.89 2.68
N ASP A 129 -14.90 7.70 1.61
CA ASP A 129 -13.77 8.58 1.39
C ASP A 129 -13.56 9.49 2.60
N ILE A 130 -12.76 9.01 3.55
CA ILE A 130 -12.49 9.76 4.77
C ILE A 130 -11.84 11.12 4.48
N ASP A 131 -10.57 11.09 4.07
CA ASP A 131 -9.85 12.33 3.77
C ASP A 131 -10.69 13.24 2.90
N GLY A 132 -11.27 12.69 1.85
CA GLY A 132 -12.11 13.47 0.97
C GLY A 132 -11.35 14.09 -0.17
N ASP A 133 -10.88 13.26 -1.10
CA ASP A 133 -10.13 13.75 -2.25
C ASP A 133 -10.98 13.59 -3.51
N GLY A 134 -11.89 12.62 -3.47
CA GLY A 134 -12.74 12.35 -4.61
C GLY A 134 -12.78 10.87 -4.89
N GLN A 135 -11.81 10.15 -4.34
CA GLN A 135 -11.69 8.72 -4.52
C GLN A 135 -11.36 8.06 -3.17
N VAL A 136 -10.52 7.02 -3.20
CA VAL A 136 -10.12 6.33 -1.97
C VAL A 136 -8.66 5.97 -2.03
N ASN A 137 -7.84 6.70 -1.28
CA ASN A 137 -6.41 6.46 -1.26
C ASN A 137 -6.01 5.48 -0.15
N TYR A 138 -5.18 4.51 -0.51
CA TYR A 138 -4.70 3.49 0.43
C TYR A 138 -4.43 4.07 1.82
N GLU A 139 -3.94 5.31 1.86
CA GLU A 139 -3.66 5.97 3.13
C GLU A 139 -4.86 5.84 4.07
N GLU A 140 -6.04 5.76 3.48
CA GLU A 140 -7.28 5.60 4.24
C GLU A 140 -7.53 4.11 4.44
N PHE A 141 -7.29 3.35 3.39
CA PHE A 141 -7.47 1.90 3.42
C PHE A 141 -6.78 1.32 4.66
N VAL A 142 -5.50 1.63 4.82
CA VAL A 142 -4.73 1.17 5.96
C VAL A 142 -5.17 1.88 7.23
N GLN A 143 -5.31 3.20 7.16
CA GLN A 143 -5.74 3.98 8.31
C GLN A 143 -6.99 3.39 8.92
N MET A 144 -7.80 2.74 8.08
CA MET A 144 -9.03 2.11 8.54
C MET A 144 -8.74 0.79 9.27
N MET A 145 -7.84 -0.01 8.70
CA MET A 145 -7.48 -1.29 9.30
C MET A 145 -6.34 -1.13 10.29
N THR A 146 -5.17 -0.75 9.78
CA THR A 146 -3.99 -0.55 10.62
C THR A 146 -4.18 0.65 11.53
N ALA A 147 -4.53 1.79 10.94
CA ALA A 147 -4.75 3.01 11.71
C ALA A 147 -3.48 3.45 12.43
N LYS A 148 -3.52 4.64 13.02
CA LYS A 148 -2.36 5.17 13.74
C LYS A 148 -1.88 4.17 14.78
N LEU B 1 -26.40 2.18 9.68
CA LEU B 1 -25.73 0.96 10.21
C LEU B 1 -24.35 0.78 9.60
N ARG B 2 -24.30 0.51 8.31
CA ARG B 2 -23.03 0.32 7.60
C ARG B 2 -23.23 0.45 6.09
N ARG B 3 -22.96 1.63 5.57
CA ARG B 3 -23.10 1.89 4.14
C ARG B 3 -21.77 1.74 3.42
N GLY B 4 -21.18 0.55 3.49
CA GLY B 4 -19.90 0.31 2.84
C GLY B 4 -18.76 0.20 3.84
N GLN B 5 -18.67 1.16 4.75
CA GLN B 5 -17.62 1.17 5.75
C GLN B 5 -17.69 -0.09 6.61
N ILE B 6 -16.61 -0.86 6.63
CA ILE B 6 -16.54 -2.09 7.41
C ILE B 6 -17.25 -3.25 6.69
N LEU B 7 -17.79 -2.98 5.51
CA LEU B 7 -18.48 -4.01 4.72
C LEU B 7 -17.55 -4.56 3.65
N TRP B 8 -16.83 -3.66 2.98
CA TRP B 8 -15.89 -4.05 1.95
C TRP B 8 -14.56 -4.50 2.55
N PHE B 9 -14.43 -4.32 3.86
CA PHE B 9 -13.24 -4.76 4.57
C PHE B 9 -13.41 -6.22 4.88
N ARG B 10 -14.65 -6.55 5.22
CA ARG B 10 -15.05 -7.90 5.50
C ARG B 10 -15.02 -8.70 4.20
N GLY B 11 -15.26 -8.01 3.09
CA GLY B 11 -15.24 -8.64 1.79
C GLY B 11 -13.88 -9.21 1.46
N LEU B 12 -12.85 -8.37 1.54
CA LEU B 12 -11.50 -8.82 1.26
C LEU B 12 -11.08 -9.95 2.19
N ASN B 13 -11.15 -9.69 3.49
CA ASN B 13 -10.79 -10.71 4.49
C ASN B 13 -11.44 -12.04 4.15
N ARG B 14 -12.60 -11.96 3.48
CA ARG B 14 -13.32 -13.16 3.09
C ARG B 14 -12.51 -13.93 2.05
N ILE B 15 -12.02 -13.22 1.05
CA ILE B 15 -11.22 -13.84 0.01
C ILE B 15 -9.82 -14.23 0.50
N GLN B 16 -9.51 -13.80 1.71
CA GLN B 16 -8.21 -14.11 2.32
C GLN B 16 -8.28 -15.46 3.01
N THR B 17 -9.45 -15.76 3.54
CA THR B 17 -9.69 -17.04 4.21
C THR B 17 -10.42 -18.00 3.27
N GLN B 18 -11.11 -17.43 2.29
CA GLN B 18 -11.85 -18.22 1.31
C GLN B 18 -11.83 -17.53 -0.05
N ILE B 19 -10.63 -17.17 -0.51
CA ILE B 19 -10.44 -16.50 -1.80
C ILE B 19 -11.46 -16.94 -2.85
N LYS B 20 -12.01 -15.97 -3.57
CA LYS B 20 -13.00 -16.25 -4.61
C LYS B 20 -14.28 -16.83 -3.99
CA CA C . -0.80 8.31 41.42
CA CA D . -4.95 14.66 32.07
CA CA E . -8.50 1.66 -9.37
CA CA F . -10.08 9.33 -0.48
N ALA A 1 -3.38 -15.30 15.87
CA ALA A 1 -3.08 -13.85 15.69
C ALA A 1 -3.22 -13.10 17.00
N ASP A 2 -2.27 -13.31 17.91
CA ASP A 2 -2.29 -12.64 19.20
C ASP A 2 -1.48 -11.34 19.17
N GLN A 3 -0.50 -11.29 18.29
CA GLN A 3 0.34 -10.10 18.14
C GLN A 3 1.33 -9.98 19.29
N LEU A 4 2.53 -9.49 18.98
CA LEU A 4 3.59 -9.31 19.97
C LEU A 4 3.82 -10.59 20.77
N THR A 5 4.93 -11.26 20.50
CA THR A 5 5.26 -12.47 21.24
C THR A 5 5.46 -12.12 22.70
N GLU A 6 4.94 -12.95 23.58
CA GLU A 6 5.06 -12.74 25.02
C GLU A 6 6.29 -13.45 25.56
N GLU A 7 6.87 -14.34 24.76
CA GLU A 7 8.04 -15.12 25.17
C GLU A 7 9.31 -14.26 25.27
N GLN A 8 9.76 -13.73 24.15
CA GLN A 8 10.98 -12.91 24.16
C GLN A 8 10.70 -11.57 24.84
N ILE A 9 9.62 -10.94 24.42
CA ILE A 9 9.22 -9.67 24.98
C ILE A 9 9.16 -9.80 26.51
N ALA A 10 8.74 -10.97 26.99
CA ALA A 10 8.67 -11.22 28.43
C ALA A 10 9.99 -10.87 29.07
N GLU A 11 11.08 -11.22 28.37
CA GLU A 11 12.41 -10.89 28.86
C GLU A 11 12.47 -9.38 29.05
N PHE A 12 11.89 -8.67 28.08
CA PHE A 12 11.82 -7.22 28.18
C PHE A 12 11.11 -6.86 29.48
N LYS A 13 10.15 -7.70 29.85
CA LYS A 13 9.40 -7.55 31.09
C LYS A 13 10.31 -7.72 32.29
N GLU A 14 11.22 -8.71 32.21
CA GLU A 14 12.16 -8.96 33.29
C GLU A 14 12.88 -7.67 33.65
N ALA A 15 13.08 -6.82 32.63
CA ALA A 15 13.71 -5.54 32.82
C ALA A 15 12.66 -4.57 33.29
N PHE A 16 11.59 -4.43 32.50
CA PHE A 16 10.48 -3.56 32.84
C PHE A 16 10.00 -3.82 34.27
N SER A 17 10.30 -5.00 34.81
CA SER A 17 9.90 -5.34 36.18
C SER A 17 10.94 -4.83 37.15
N LEU A 18 12.21 -4.98 36.75
CA LEU A 18 13.33 -4.51 37.54
C LEU A 18 13.42 -3.00 37.41
N PHE A 19 13.14 -2.55 36.21
CA PHE A 19 13.11 -1.15 35.88
C PHE A 19 12.10 -0.43 36.78
N ASP A 20 11.11 -1.19 37.23
CA ASP A 20 10.08 -0.67 38.12
C ASP A 20 10.63 -0.52 39.54
N LYS A 21 11.73 -1.23 39.82
CA LYS A 21 12.37 -1.18 41.13
C LYS A 21 11.34 -1.33 42.24
N ASP A 22 10.54 -2.37 42.16
CA ASP A 22 9.51 -2.62 43.17
C ASP A 22 8.67 -3.85 42.85
N GLY A 23 8.46 -4.11 41.55
CA GLY A 23 7.65 -5.24 41.15
C GLY A 23 6.17 -4.89 41.20
N ASP A 24 5.83 -3.77 40.56
CA ASP A 24 4.47 -3.28 40.52
C ASP A 24 3.86 -3.47 39.15
N GLY A 25 4.72 -3.63 38.15
CA GLY A 25 4.25 -3.81 36.79
C GLY A 25 3.84 -2.49 36.15
N THR A 26 4.40 -1.40 36.67
CA THR A 26 4.11 -0.08 36.17
C THR A 26 5.27 0.87 36.51
N ILE A 27 5.81 1.53 35.50
CA ILE A 27 6.93 2.46 35.69
C ILE A 27 6.41 3.88 35.88
N THR A 28 6.44 4.36 37.12
CA THR A 28 5.97 5.71 37.41
C THR A 28 7.15 6.63 37.72
N THR A 29 6.86 7.92 37.88
CA THR A 29 7.89 8.89 38.19
C THR A 29 8.58 8.53 39.51
N LYS A 30 7.91 7.71 40.31
CA LYS A 30 8.45 7.28 41.59
C LYS A 30 9.73 6.48 41.41
N GLU A 31 9.61 5.31 40.79
CA GLU A 31 10.75 4.44 40.55
C GLU A 31 11.65 5.01 39.46
N LEU A 32 11.04 5.42 38.35
CA LEU A 32 11.80 6.00 37.24
C LEU A 32 12.51 7.26 37.68
N GLY A 33 11.95 7.93 38.69
CA GLY A 33 12.55 9.15 39.20
C GLY A 33 13.79 8.87 40.01
N THR A 34 13.78 7.80 40.79
CA THR A 34 14.92 7.43 41.62
C THR A 34 16.14 7.16 40.74
N VAL A 35 15.91 6.50 39.61
CA VAL A 35 16.99 6.18 38.68
C VAL A 35 17.32 7.39 37.82
N MET A 36 16.35 8.28 37.66
CA MET A 36 16.54 9.49 36.87
C MET A 36 17.24 10.58 37.68
N ARG A 37 17.33 10.39 38.99
CA ARG A 37 17.97 11.37 39.86
C ARG A 37 19.33 10.88 40.36
N SER A 38 19.49 9.57 40.43
CA SER A 38 20.74 8.97 40.89
C SER A 38 21.69 8.71 39.72
N LEU A 39 21.14 8.72 38.51
CA LEU A 39 21.92 8.48 37.31
C LEU A 39 21.75 9.65 36.36
N GLY A 40 20.51 9.86 35.96
CA GLY A 40 20.20 10.96 35.08
C GLY A 40 20.36 12.28 35.80
N GLN A 41 20.28 12.20 37.14
CA GLN A 41 20.45 13.33 38.04
C GLN A 41 20.22 14.68 37.36
N ASN A 42 18.96 14.95 37.05
CA ASN A 42 18.60 16.19 36.39
C ASN A 42 17.09 16.31 36.24
N PRO A 43 16.47 15.36 35.50
CA PRO A 43 15.03 15.34 35.25
C PRO A 43 14.21 15.83 36.45
N THR A 44 13.48 16.92 36.26
CA THR A 44 12.66 17.49 37.32
C THR A 44 11.45 16.62 37.61
N GLU A 45 10.83 16.85 38.76
CA GLU A 45 9.65 16.10 39.18
C GLU A 45 8.57 16.16 38.11
N ALA A 46 8.50 17.29 37.44
CA ALA A 46 7.51 17.52 36.39
C ALA A 46 8.02 17.05 35.03
N GLU A 47 9.34 17.02 34.88
CA GLU A 47 9.96 16.60 33.64
C GLU A 47 9.74 15.12 33.38
N LEU A 48 10.19 14.26 34.29
CA LEU A 48 9.98 12.83 34.11
C LEU A 48 8.50 12.56 33.91
N GLN A 49 7.67 13.43 34.49
CA GLN A 49 6.24 13.30 34.32
C GLN A 49 5.92 13.53 32.85
N ASP A 50 6.64 14.47 32.23
CA ASP A 50 6.47 14.74 30.82
C ASP A 50 7.01 13.56 30.02
N MET A 51 8.06 12.94 30.56
CA MET A 51 8.67 11.77 29.94
C MET A 51 7.73 10.58 30.07
N ILE A 52 7.09 10.48 31.23
CA ILE A 52 6.15 9.41 31.50
C ILE A 52 4.91 9.57 30.64
N ASN A 53 4.38 10.79 30.59
CA ASN A 53 3.20 11.08 29.79
C ASN A 53 3.51 11.03 28.29
N GLU A 54 4.79 11.09 27.95
CA GLU A 54 5.23 11.06 26.56
C GLU A 54 4.89 9.71 25.93
N VAL A 55 5.00 8.65 26.73
CA VAL A 55 4.71 7.30 26.27
C VAL A 55 3.37 6.81 26.80
N ASP A 56 2.46 7.74 27.02
CA ASP A 56 1.15 7.41 27.52
C ASP A 56 0.20 7.07 26.38
N ALA A 57 0.55 6.05 25.60
CA ALA A 57 -0.28 5.63 24.48
C ALA A 57 -1.72 5.47 24.94
N ASP A 58 -1.88 4.84 26.10
CA ASP A 58 -3.19 4.64 26.70
C ASP A 58 -3.46 5.76 27.70
N GLY A 59 -2.38 6.41 28.14
CA GLY A 59 -2.49 7.50 29.10
C GLY A 59 -3.44 7.20 30.23
N ASN A 60 -3.17 6.12 30.96
CA ASN A 60 -4.00 5.72 32.08
C ASN A 60 -3.48 6.33 33.39
N GLY A 61 -2.22 6.78 33.37
CA GLY A 61 -1.64 7.38 34.56
C GLY A 61 -0.15 7.15 34.66
N THR A 62 0.27 5.90 34.51
CA THR A 62 1.68 5.55 34.58
C THR A 62 2.11 4.71 33.38
N ILE A 63 3.31 4.15 33.46
CA ILE A 63 3.84 3.32 32.39
C ILE A 63 3.39 1.87 32.54
N ASP A 64 3.19 1.20 31.41
CA ASP A 64 2.74 -0.18 31.41
C ASP A 64 3.47 -1.02 30.36
N PHE A 65 3.54 -2.33 30.61
CA PHE A 65 4.22 -3.27 29.72
C PHE A 65 4.01 -2.94 28.24
N PRO A 66 2.78 -2.59 27.83
CA PRO A 66 2.46 -2.29 26.43
C PRO A 66 3.06 -0.97 25.92
N GLU A 67 2.65 0.15 26.52
CA GLU A 67 3.14 1.46 26.09
C GLU A 67 4.68 1.54 26.15
N PHE A 68 5.24 1.06 27.24
CA PHE A 68 6.70 1.09 27.42
C PHE A 68 7.38 0.19 26.40
N LEU A 69 6.75 -0.95 26.13
CA LEU A 69 7.26 -1.92 25.18
C LEU A 69 7.37 -1.32 23.78
N THR A 70 6.21 -1.00 23.19
CA THR A 70 6.16 -0.43 21.85
C THR A 70 7.21 0.65 21.65
N MET A 71 7.36 1.52 22.65
CA MET A 71 8.34 2.61 22.57
C MET A 71 9.73 2.07 22.26
N MET A 72 10.25 1.23 23.15
CA MET A 72 11.58 0.66 22.98
C MET A 72 11.58 -0.46 21.92
N ALA A 73 10.39 -0.97 21.59
CA ALA A 73 10.27 -2.03 20.61
C ALA A 73 10.47 -1.51 19.20
N ARG A 74 9.54 -0.66 18.75
CA ARG A 74 9.61 -0.08 17.41
C ARG A 74 9.94 1.40 17.47
N LYS A 75 10.28 1.97 16.32
CA LYS A 75 10.62 3.39 16.24
C LYS A 75 9.70 4.12 15.27
N MET A 76 9.42 5.39 15.57
CA MET A 76 8.55 6.19 14.71
C MET A 76 9.24 6.53 13.40
N LYS A 77 8.58 7.33 12.58
CA LYS A 77 9.14 7.73 11.29
C LYS A 77 9.21 6.54 10.34
N ASP A 78 8.68 6.72 9.14
CA ASP A 78 8.69 5.66 8.14
C ASP A 78 8.16 4.36 8.71
N THR A 79 6.89 4.09 8.47
CA THR A 79 6.24 2.88 8.96
C THR A 79 5.03 2.53 8.12
N ASP A 80 4.41 1.40 8.40
CA ASP A 80 3.23 0.98 7.66
C ASP A 80 3.57 0.76 6.18
N SER A 81 3.24 -0.41 5.67
CA SER A 81 3.50 -0.73 4.27
C SER A 81 2.71 -1.95 3.83
N GLU A 82 2.37 -1.99 2.54
CA GLU A 82 1.61 -3.11 1.99
C GLU A 82 2.40 -4.41 2.14
N GLU A 83 1.79 -5.39 2.79
CA GLU A 83 2.43 -6.69 3.00
C GLU A 83 1.52 -7.82 2.55
N GLU A 84 0.46 -8.05 3.33
CA GLU A 84 -0.50 -9.11 3.01
C GLU A 84 -1.70 -8.54 2.25
N ILE A 85 -1.90 -7.23 2.37
CA ILE A 85 -2.99 -6.57 1.66
C ILE A 85 -2.63 -6.43 0.19
N ARG A 86 -1.34 -6.53 -0.11
CA ARG A 86 -0.85 -6.42 -1.48
C ARG A 86 -1.72 -7.23 -2.45
N GLU A 87 -2.33 -8.29 -1.93
CA GLU A 87 -3.20 -9.15 -2.73
C GLU A 87 -4.54 -8.47 -2.93
N ALA A 88 -5.16 -8.08 -1.83
CA ALA A 88 -6.44 -7.39 -1.86
C ALA A 88 -6.26 -6.04 -2.55
N PHE A 89 -5.04 -5.53 -2.46
CA PHE A 89 -4.66 -4.25 -3.05
C PHE A 89 -4.74 -4.30 -4.57
N ARG A 90 -4.30 -5.42 -5.15
CA ARG A 90 -4.34 -5.59 -6.60
C ARG A 90 -5.74 -6.05 -6.98
N VAL A 91 -6.38 -6.71 -6.03
CA VAL A 91 -7.72 -7.23 -6.19
C VAL A 91 -8.74 -6.09 -6.23
N PHE A 92 -8.40 -4.98 -5.56
CA PHE A 92 -9.31 -3.83 -5.49
C PHE A 92 -8.93 -2.74 -6.49
N ASP A 93 -7.73 -2.82 -7.05
CA ASP A 93 -7.28 -1.81 -8.00
C ASP A 93 -7.89 -2.00 -9.39
N LYS A 94 -8.51 -3.15 -9.59
CA LYS A 94 -9.15 -3.50 -10.86
C LYS A 94 -8.39 -2.94 -12.07
N ASP A 95 -8.74 -1.72 -12.49
CA ASP A 95 -8.08 -1.10 -13.64
C ASP A 95 -6.57 -1.01 -13.42
N GLY A 96 -6.16 -0.43 -12.30
CA GLY A 96 -4.75 -0.31 -11.99
C GLY A 96 -4.30 1.11 -11.77
N ASN A 97 -4.92 1.79 -10.81
CA ASN A 97 -4.58 3.17 -10.48
C ASN A 97 -4.00 3.27 -9.08
N GLY A 98 -4.75 2.76 -8.11
CA GLY A 98 -4.31 2.81 -6.73
C GLY A 98 -5.45 3.22 -5.81
N TYR A 99 -6.46 3.86 -6.39
CA TYR A 99 -7.61 4.32 -5.63
C TYR A 99 -8.87 3.56 -6.06
N ILE A 100 -9.80 3.40 -5.13
CA ILE A 100 -11.05 2.71 -5.44
C ILE A 100 -12.22 3.68 -5.50
N SER A 101 -12.41 4.28 -6.66
CA SER A 101 -13.51 5.22 -6.87
C SER A 101 -14.86 4.53 -6.80
N ALA A 102 -15.00 3.42 -7.53
CA ALA A 102 -16.25 2.67 -7.55
C ALA A 102 -16.18 1.50 -8.52
N ALA A 103 -15.48 1.69 -9.63
CA ALA A 103 -15.36 0.63 -10.64
C ALA A 103 -14.98 -0.70 -10.01
N GLU A 104 -13.78 -0.77 -9.44
CA GLU A 104 -13.32 -1.98 -8.80
C GLU A 104 -14.35 -2.47 -7.80
N LEU A 105 -14.95 -1.54 -7.06
CA LEU A 105 -15.98 -1.88 -6.09
C LEU A 105 -17.13 -2.57 -6.81
N ARG A 106 -17.68 -1.89 -7.79
CA ARG A 106 -18.78 -2.42 -8.57
C ARG A 106 -18.48 -3.84 -9.05
N HIS A 107 -17.31 -4.01 -9.65
CA HIS A 107 -16.91 -5.31 -10.16
C HIS A 107 -16.71 -6.34 -9.06
N VAL A 108 -15.71 -6.12 -8.21
CA VAL A 108 -15.41 -7.05 -7.13
C VAL A 108 -16.50 -7.11 -6.05
N MET A 109 -16.92 -5.96 -5.56
CA MET A 109 -17.93 -5.91 -4.51
C MET A 109 -19.28 -6.46 -4.96
N THR A 110 -19.53 -6.51 -6.26
CA THR A 110 -20.79 -7.06 -6.75
C THR A 110 -20.65 -8.55 -7.01
N ASN A 111 -19.42 -8.96 -7.32
CA ASN A 111 -19.11 -10.35 -7.58
C ASN A 111 -18.78 -11.08 -6.29
N LEU A 112 -18.28 -10.33 -5.31
CA LEU A 112 -17.90 -10.90 -4.02
C LEU A 112 -19.09 -11.55 -3.35
N GLY A 113 -20.30 -11.03 -3.60
CA GLY A 113 -21.49 -11.61 -3.01
C GLY A 113 -22.71 -10.73 -3.18
N GLU A 114 -22.60 -9.46 -2.81
CA GLU A 114 -23.72 -8.53 -2.92
C GLU A 114 -23.80 -7.93 -4.33
N LYS A 115 -24.72 -7.00 -4.52
CA LYS A 115 -24.91 -6.36 -5.81
C LYS A 115 -24.82 -4.84 -5.68
N LEU A 116 -23.75 -4.38 -5.04
CA LEU A 116 -23.54 -2.95 -4.84
C LEU A 116 -23.80 -2.15 -6.11
N THR A 117 -25.02 -1.66 -6.25
CA THR A 117 -25.39 -0.87 -7.43
C THR A 117 -24.44 0.30 -7.60
N ASP A 118 -24.60 1.01 -8.70
CA ASP A 118 -23.77 2.17 -8.97
C ASP A 118 -24.20 3.33 -8.08
N GLU A 119 -25.45 3.30 -7.63
CA GLU A 119 -25.98 4.35 -6.76
C GLU A 119 -25.43 4.23 -5.35
N GLU A 120 -25.63 3.07 -4.73
CA GLU A 120 -25.15 2.84 -3.36
C GLU A 120 -23.64 2.77 -3.32
N VAL A 121 -23.05 1.98 -4.22
CA VAL A 121 -21.61 1.83 -4.27
C VAL A 121 -20.90 3.19 -4.36
N ASP A 122 -21.46 4.09 -5.15
CA ASP A 122 -20.88 5.43 -5.30
C ASP A 122 -20.89 6.17 -3.97
N GLU A 123 -22.07 6.33 -3.40
CA GLU A 123 -22.21 7.02 -2.12
C GLU A 123 -21.38 6.32 -1.04
N MET A 124 -21.32 5.00 -1.10
CA MET A 124 -20.55 4.23 -0.13
C MET A 124 -19.10 4.71 -0.14
N ILE A 125 -18.53 4.80 -1.33
CA ILE A 125 -17.16 5.26 -1.50
C ILE A 125 -17.09 6.78 -1.35
N ARG A 126 -18.25 7.42 -1.48
CA ARG A 126 -18.36 8.87 -1.35
C ARG A 126 -18.36 9.24 0.12
N GLU A 127 -19.07 8.45 0.92
CA GLU A 127 -19.14 8.66 2.36
C GLU A 127 -17.90 8.07 3.01
N ALA A 128 -17.36 7.02 2.39
CA ALA A 128 -16.17 6.37 2.91
C ALA A 128 -14.96 7.28 2.72
N ASP A 129 -14.92 7.97 1.58
CA ASP A 129 -13.81 8.88 1.30
C ASP A 129 -13.61 9.84 2.47
N ILE A 130 -12.74 9.46 3.40
CA ILE A 130 -12.48 10.29 4.57
C ILE A 130 -11.85 11.62 4.20
N ASP A 131 -10.57 11.60 3.82
CA ASP A 131 -9.86 12.82 3.44
C ASP A 131 -10.71 13.67 2.50
N GLY A 132 -11.33 13.02 1.52
CA GLY A 132 -12.17 13.72 0.58
C GLY A 132 -11.39 14.40 -0.53
N ASP A 133 -10.74 13.60 -1.36
CA ASP A 133 -9.96 14.13 -2.47
C ASP A 133 -10.76 13.98 -3.77
N GLY A 134 -11.64 12.98 -3.78
CA GLY A 134 -12.45 12.70 -4.94
C GLY A 134 -12.57 11.20 -5.17
N GLN A 135 -11.67 10.47 -4.52
CA GLN A 135 -11.63 9.03 -4.63
C GLN A 135 -11.30 8.41 -3.26
N VAL A 136 -10.60 7.28 -3.26
CA VAL A 136 -10.22 6.61 -2.02
C VAL A 136 -8.76 6.20 -2.06
N ASN A 137 -7.94 6.87 -1.27
CA ASN A 137 -6.52 6.57 -1.22
C ASN A 137 -6.18 5.60 -0.10
N TYR A 138 -5.42 4.57 -0.42
CA TYR A 138 -5.01 3.55 0.55
C TYR A 138 -4.66 4.18 1.90
N GLU A 139 -4.11 5.39 1.88
CA GLU A 139 -3.74 6.08 3.11
C GLU A 139 -4.91 6.03 4.10
N GLU A 140 -6.11 6.02 3.56
CA GLU A 140 -7.32 5.92 4.37
C GLU A 140 -7.68 4.46 4.57
N PHE A 141 -7.50 3.69 3.51
CA PHE A 141 -7.78 2.26 3.54
C PHE A 141 -7.02 1.58 4.67
N VAL A 142 -5.73 1.90 4.80
CA VAL A 142 -4.90 1.33 5.85
C VAL A 142 -5.07 2.04 7.18
N GLN A 143 -5.21 3.36 7.15
CA GLN A 143 -5.39 4.12 8.38
C GLN A 143 -6.61 3.60 9.13
N MET A 144 -7.60 3.14 8.39
CA MET A 144 -8.82 2.61 8.98
C MET A 144 -8.72 1.11 9.22
N MET A 145 -8.00 0.41 8.35
CA MET A 145 -7.84 -1.04 8.47
C MET A 145 -6.65 -1.39 9.36
N THR A 146 -5.46 -0.95 8.96
CA THR A 146 -4.24 -1.21 9.71
C THR A 146 -4.28 -0.49 11.05
N ALA A 147 -4.39 0.84 10.99
CA ALA A 147 -4.44 1.65 12.20
C ALA A 147 -5.74 1.42 12.96
N LYS A 148 -5.97 2.26 13.98
CA LYS A 148 -7.18 2.14 14.79
C LYS A 148 -8.24 3.13 14.32
N LEU B 1 -25.58 2.82 11.36
CA LEU B 1 -26.56 2.61 10.25
C LEU B 1 -25.88 2.68 8.89
N ARG B 2 -24.98 3.64 8.74
CA ARG B 2 -24.26 3.83 7.48
C ARG B 2 -23.41 2.60 7.16
N ARG B 3 -23.49 2.12 5.93
CA ARG B 3 -22.73 0.96 5.50
C ARG B 3 -21.43 1.39 4.83
N GLY B 4 -20.58 0.41 4.50
CA GLY B 4 -19.31 0.71 3.88
C GLY B 4 -18.13 0.27 4.73
N GLN B 5 -17.80 1.06 5.73
CA GLN B 5 -16.69 0.74 6.61
C GLN B 5 -16.97 -0.56 7.37
N ILE B 6 -15.96 -1.40 7.48
CA ILE B 6 -16.10 -2.68 8.16
C ILE B 6 -16.97 -3.65 7.34
N LEU B 7 -17.25 -3.28 6.09
CA LEU B 7 -18.05 -4.12 5.20
C LEU B 7 -17.19 -4.65 4.07
N TRP B 8 -16.61 -3.73 3.28
CA TRP B 8 -15.73 -4.11 2.18
C TRP B 8 -14.36 -4.50 2.73
N PHE B 9 -14.17 -4.32 4.03
CA PHE B 9 -12.94 -4.71 4.69
C PHE B 9 -13.02 -6.20 4.91
N ARG B 10 -14.21 -6.60 5.31
CA ARG B 10 -14.55 -7.98 5.50
C ARG B 10 -14.62 -8.66 4.14
N GLY B 11 -14.98 -7.86 3.13
CA GLY B 11 -15.04 -8.38 1.77
C GLY B 11 -13.74 -9.03 1.37
N LEU B 12 -12.65 -8.28 1.47
CA LEU B 12 -11.34 -8.83 1.13
C LEU B 12 -11.04 -10.03 2.02
N ASN B 13 -11.28 -9.87 3.32
CA ASN B 13 -11.06 -10.95 4.27
C ASN B 13 -11.84 -12.19 3.86
N ARG B 14 -13.07 -11.97 3.38
CA ARG B 14 -13.92 -13.06 2.93
C ARG B 14 -13.19 -13.90 1.89
N ILE B 15 -12.58 -13.23 0.92
CA ILE B 15 -11.84 -13.91 -0.12
C ILE B 15 -10.80 -14.84 0.51
N GLN B 16 -9.74 -14.24 1.04
CA GLN B 16 -8.65 -14.98 1.70
C GLN B 16 -9.16 -16.23 2.42
N THR B 17 -10.27 -16.10 3.14
CA THR B 17 -10.85 -17.23 3.85
C THR B 17 -11.02 -18.40 2.89
N GLN B 18 -11.79 -18.16 1.83
CA GLN B 18 -12.03 -19.16 0.80
C GLN B 18 -11.45 -18.67 -0.52
N ILE B 19 -10.23 -18.15 -0.44
CA ILE B 19 -9.54 -17.60 -1.60
C ILE B 19 -9.77 -18.43 -2.86
N LYS B 20 -10.30 -17.80 -3.90
CA LYS B 20 -10.57 -18.48 -5.16
C LYS B 20 -9.62 -18.00 -6.25
CA CA C . 5.59 0.97 40.22
CA CA D . 0.11 5.28 30.33
CA CA E . -8.36 1.63 -9.19
CA CA F . -9.79 9.47 -0.57
N ALA A 1 -6.74 3.68 22.68
CA ALA A 1 -6.07 4.48 21.63
C ALA A 1 -4.75 3.85 21.21
N ASP A 2 -4.64 3.52 19.93
CA ASP A 2 -3.42 2.90 19.41
C ASP A 2 -3.29 1.46 19.88
N GLN A 3 -3.23 0.52 18.93
CA GLN A 3 -3.11 -0.89 19.26
C GLN A 3 -1.73 -1.20 19.84
N LEU A 4 -0.69 -0.75 19.15
CA LEU A 4 0.68 -0.96 19.60
C LEU A 4 1.06 0.04 20.68
N THR A 5 1.20 -0.45 21.90
CA THR A 5 1.57 0.39 23.03
C THR A 5 3.05 0.77 22.98
N GLU A 6 3.34 2.01 23.39
CA GLU A 6 4.70 2.51 23.42
C GLU A 6 5.32 2.28 24.80
N GLU A 7 4.46 2.00 25.80
CA GLU A 7 4.90 1.77 27.16
C GLU A 7 5.79 0.55 27.27
N GLN A 8 5.22 -0.62 27.01
CA GLN A 8 5.99 -1.86 27.06
C GLN A 8 7.06 -1.82 25.98
N ILE A 9 6.75 -1.10 24.92
CA ILE A 9 7.65 -0.92 23.82
C ILE A 9 8.84 -0.11 24.29
N ALA A 10 8.53 0.83 25.17
CA ALA A 10 9.54 1.70 25.77
C ALA A 10 10.69 0.85 26.28
N GLU A 11 10.35 -0.30 26.87
CA GLU A 11 11.35 -1.23 27.36
C GLU A 11 12.12 -1.77 26.17
N PHE A 12 11.38 -2.10 25.12
CA PHE A 12 12.00 -2.57 23.89
C PHE A 12 12.93 -1.48 23.38
N LYS A 13 12.50 -0.23 23.56
CA LYS A 13 13.27 0.93 23.17
C LYS A 13 14.45 1.12 24.10
N GLU A 14 14.24 0.78 25.38
CA GLU A 14 15.31 0.90 26.38
C GLU A 14 16.54 0.15 25.90
N ALA A 15 16.31 -0.98 25.23
CA ALA A 15 17.40 -1.77 24.70
C ALA A 15 17.78 -1.22 23.33
N PHE A 16 16.79 -1.07 22.47
CA PHE A 16 17.03 -0.52 21.14
C PHE A 16 17.77 0.82 21.23
N SER A 17 17.69 1.47 22.40
CA SER A 17 18.36 2.75 22.61
C SER A 17 19.75 2.55 23.22
N LEU A 18 19.86 1.55 24.10
CA LEU A 18 21.10 1.23 24.76
C LEU A 18 21.96 0.38 23.86
N PHE A 19 21.30 -0.61 23.26
CA PHE A 19 21.93 -1.52 22.32
C PHE A 19 22.65 -0.71 21.25
N ASP A 20 22.17 0.51 21.02
CA ASP A 20 22.76 1.42 20.05
C ASP A 20 24.17 1.81 20.48
N LYS A 21 24.43 1.65 21.78
CA LYS A 21 25.73 1.97 22.35
C LYS A 21 26.25 3.32 21.87
N ASP A 22 25.45 4.35 22.10
CA ASP A 22 25.82 5.71 21.70
C ASP A 22 24.70 6.71 21.93
N GLY A 23 23.46 6.25 21.85
CA GLY A 23 22.33 7.14 22.03
C GLY A 23 22.04 7.90 20.75
N ASP A 24 21.98 7.16 19.66
CA ASP A 24 21.73 7.73 18.34
C ASP A 24 20.31 7.48 17.90
N GLY A 25 19.69 6.45 18.48
CA GLY A 25 18.33 6.10 18.14
C GLY A 25 18.24 5.30 16.85
N THR A 26 19.37 4.73 16.43
CA THR A 26 19.43 3.93 15.22
C THR A 26 20.56 2.91 15.32
N ILE A 27 20.23 1.64 15.09
CA ILE A 27 21.22 0.58 15.18
C ILE A 27 21.90 0.38 13.82
N THR A 28 23.16 0.78 13.73
CA THR A 28 23.93 0.65 12.50
C THR A 28 25.08 -0.32 12.68
N THR A 29 25.76 -0.63 11.58
CA THR A 29 26.90 -1.54 11.61
C THR A 29 27.94 -1.07 12.62
N LYS A 30 27.92 0.22 12.92
CA LYS A 30 28.85 0.82 13.87
C LYS A 30 28.76 0.11 15.22
N GLU A 31 27.60 0.22 15.86
CA GLU A 31 27.39 -0.41 17.16
C GLU A 31 27.14 -1.91 17.00
N LEU A 32 26.35 -2.28 16.00
CA LEU A 32 26.06 -3.68 15.74
C LEU A 32 27.34 -4.43 15.43
N GLY A 33 28.21 -3.79 14.66
CA GLY A 33 29.48 -4.40 14.32
C GLY A 33 30.41 -4.46 15.50
N THR A 34 30.26 -3.52 16.42
CA THR A 34 31.08 -3.48 17.62
C THR A 34 30.99 -4.79 18.38
N VAL A 35 29.75 -5.22 18.64
CA VAL A 35 29.52 -6.48 19.36
C VAL A 35 29.79 -7.68 18.44
N MET A 36 29.63 -7.46 17.14
CA MET A 36 29.85 -8.50 16.15
C MET A 36 31.33 -8.62 15.76
N ARG A 37 32.14 -7.63 16.17
CA ARG A 37 33.56 -7.63 15.86
C ARG A 37 34.38 -8.02 17.09
N SER A 38 33.86 -7.67 18.25
CA SER A 38 34.53 -7.98 19.51
C SER A 38 34.06 -9.33 20.06
N LEU A 39 32.95 -9.83 19.53
CA LEU A 39 32.39 -11.10 19.98
C LEU A 39 31.94 -11.95 18.82
N GLY A 40 30.95 -11.44 18.09
CA GLY A 40 30.42 -12.13 16.95
C GLY A 40 31.47 -12.38 15.88
N GLN A 41 32.61 -11.70 16.01
CA GLN A 41 33.72 -11.82 15.07
C GLN A 41 33.89 -13.26 14.59
N ASN A 42 33.23 -13.58 13.49
CA ASN A 42 33.30 -14.93 12.93
C ASN A 42 32.87 -14.95 11.46
N PRO A 43 31.64 -14.47 11.17
CA PRO A 43 31.12 -14.45 9.79
C PRO A 43 31.89 -13.48 8.90
N THR A 44 31.28 -13.13 7.77
CA THR A 44 31.90 -12.20 6.82
C THR A 44 31.97 -10.79 7.40
N GLU A 45 32.93 -10.01 6.90
CA GLU A 45 33.10 -8.63 7.37
C GLU A 45 31.88 -7.79 7.03
N ALA A 46 31.31 -8.06 5.87
CA ALA A 46 30.14 -7.35 5.38
C ALA A 46 28.84 -7.85 6.01
N GLU A 47 28.89 -9.06 6.57
CA GLU A 47 27.72 -9.67 7.20
C GLU A 47 26.90 -8.65 7.98
N LEU A 48 27.57 -7.69 8.60
CA LEU A 48 26.87 -6.66 9.38
C LEU A 48 25.91 -5.94 8.45
N GLN A 49 26.41 -5.58 7.27
CA GLN A 49 25.59 -4.91 6.27
C GLN A 49 24.46 -5.85 5.87
N ASP A 50 24.76 -7.15 5.87
CA ASP A 50 23.77 -8.16 5.54
C ASP A 50 22.75 -8.27 6.68
N MET A 51 23.24 -8.04 7.90
CA MET A 51 22.38 -8.09 9.07
C MET A 51 21.54 -6.83 9.16
N ILE A 52 22.16 -5.70 8.81
CA ILE A 52 21.49 -4.41 8.83
C ILE A 52 20.51 -4.31 7.64
N ASN A 53 20.92 -4.89 6.52
CA ASN A 53 20.09 -4.88 5.32
C ASN A 53 18.94 -5.88 5.43
N GLU A 54 19.13 -6.89 6.27
CA GLU A 54 18.11 -7.91 6.47
C GLU A 54 16.91 -7.30 7.19
N VAL A 55 17.18 -6.31 8.03
CA VAL A 55 16.14 -5.63 8.79
C VAL A 55 15.62 -4.41 8.02
N ASP A 56 16.30 -4.06 6.93
CA ASP A 56 15.90 -2.91 6.14
C ASP A 56 14.61 -3.17 5.37
N ALA A 57 13.53 -3.50 6.10
CA ALA A 57 12.24 -3.73 5.46
C ALA A 57 11.85 -2.48 4.71
N ASP A 58 12.20 -1.35 5.30
CA ASP A 58 11.96 -0.05 4.71
C ASP A 58 13.24 0.47 4.08
N GLY A 59 14.37 -0.08 4.53
CA GLY A 59 15.67 0.31 4.04
C GLY A 59 15.81 1.81 3.87
N ASN A 60 15.62 2.54 4.96
CA ASN A 60 15.72 4.00 4.93
C ASN A 60 17.18 4.43 5.14
N GLY A 61 17.96 3.56 5.80
CA GLY A 61 19.35 3.88 6.05
C GLY A 61 19.95 3.04 7.17
N THR A 62 19.19 2.87 8.25
CA THR A 62 19.66 2.11 9.40
C THR A 62 18.51 1.42 10.11
N ILE A 63 18.81 0.84 11.27
CA ILE A 63 17.80 0.14 12.05
C ILE A 63 17.01 1.11 12.92
N ASP A 64 15.73 1.28 12.59
CA ASP A 64 14.86 2.16 13.35
C ASP A 64 13.88 1.36 14.18
N PHE A 65 13.48 1.91 15.31
CA PHE A 65 12.56 1.23 16.20
C PHE A 65 11.36 0.61 15.46
N PRO A 66 10.75 1.35 14.52
CA PRO A 66 9.59 0.86 13.76
C PRO A 66 9.87 -0.47 13.04
N GLU A 67 10.91 -0.50 12.22
CA GLU A 67 11.23 -1.72 11.47
C GLU A 67 11.71 -2.83 12.40
N PHE A 68 12.54 -2.47 13.38
CA PHE A 68 13.06 -3.46 14.32
C PHE A 68 11.94 -3.97 15.23
N LEU A 69 10.97 -3.11 15.52
CA LEU A 69 9.85 -3.45 16.38
C LEU A 69 8.90 -4.41 15.66
N THR A 70 8.13 -3.89 14.72
CA THR A 70 7.18 -4.69 13.96
C THR A 70 7.81 -5.98 13.45
N MET A 71 9.00 -5.86 12.85
CA MET A 71 9.70 -7.01 12.32
C MET A 71 9.80 -8.13 13.35
N MET A 72 10.29 -7.80 14.53
CA MET A 72 10.44 -8.79 15.60
C MET A 72 9.09 -9.13 16.22
N ALA A 73 8.18 -8.15 16.26
CA ALA A 73 6.86 -8.37 16.83
C ALA A 73 6.00 -9.24 15.91
N ARG A 74 5.70 -8.72 14.73
CA ARG A 74 4.89 -9.45 13.76
C ARG A 74 5.74 -9.88 12.57
N LYS A 75 6.08 -11.16 12.53
CA LYS A 75 6.89 -11.69 11.45
C LYS A 75 6.16 -11.62 10.11
N MET A 76 5.23 -12.54 9.89
CA MET A 76 4.46 -12.56 8.65
C MET A 76 5.37 -12.81 7.46
N LYS A 77 4.78 -13.24 6.35
CA LYS A 77 5.55 -13.50 5.13
C LYS A 77 5.59 -12.28 4.24
N ASP A 78 6.62 -11.46 4.40
CA ASP A 78 6.78 -10.25 3.60
C ASP A 78 7.96 -9.42 4.09
N THR A 79 8.14 -8.24 3.50
CA THR A 79 9.23 -7.36 3.88
C THR A 79 9.07 -5.98 3.25
N ASP A 80 7.97 -5.31 3.58
CA ASP A 80 7.69 -3.99 3.02
C ASP A 80 6.63 -3.26 3.85
N SER A 81 6.07 -2.20 3.29
CA SER A 81 5.05 -1.41 3.97
C SER A 81 3.69 -2.09 3.90
N GLU A 82 3.20 -2.32 2.68
CA GLU A 82 1.91 -2.97 2.47
C GLU A 82 1.77 -4.21 3.34
N GLU A 83 2.46 -5.28 2.94
CA GLU A 83 2.42 -6.54 3.69
C GLU A 83 1.02 -7.13 3.67
N GLU A 84 0.10 -6.52 4.41
CA GLU A 84 -1.27 -7.00 4.47
C GLU A 84 -2.15 -6.15 3.56
N ILE A 85 -3.23 -6.76 3.07
CA ILE A 85 -4.13 -6.07 2.16
C ILE A 85 -3.43 -5.74 0.84
N ARG A 86 -2.26 -6.36 0.62
CA ARG A 86 -1.49 -6.16 -0.60
C ARG A 86 -2.16 -6.90 -1.76
N GLU A 87 -2.81 -8.01 -1.43
CA GLU A 87 -3.52 -8.82 -2.42
C GLU A 87 -4.87 -8.19 -2.70
N ALA A 88 -5.58 -7.85 -1.62
CA ALA A 88 -6.86 -7.20 -1.74
C ALA A 88 -6.66 -5.86 -2.44
N PHE A 89 -5.44 -5.34 -2.30
CA PHE A 89 -5.04 -4.07 -2.87
C PHE A 89 -4.95 -4.16 -4.40
N ARG A 90 -4.39 -5.27 -4.89
CA ARG A 90 -4.26 -5.48 -6.32
C ARG A 90 -5.55 -6.08 -6.86
N VAL A 91 -6.28 -6.73 -5.96
CA VAL A 91 -7.54 -7.35 -6.28
C VAL A 91 -8.63 -6.31 -6.48
N PHE A 92 -8.50 -5.19 -5.78
CA PHE A 92 -9.48 -4.11 -5.87
C PHE A 92 -9.05 -3.01 -6.83
N ASP A 93 -7.76 -2.97 -7.15
CA ASP A 93 -7.24 -1.93 -8.04
C ASP A 93 -7.77 -2.06 -9.47
N LYS A 94 -8.39 -3.18 -9.76
CA LYS A 94 -8.95 -3.45 -11.10
C LYS A 94 -8.12 -2.82 -12.22
N ASP A 95 -8.45 -1.58 -12.60
CA ASP A 95 -7.73 -0.89 -13.66
C ASP A 95 -6.23 -0.84 -13.36
N GLY A 96 -5.89 -0.56 -12.11
CA GLY A 96 -4.49 -0.51 -11.72
C GLY A 96 -4.00 0.91 -11.50
N ASN A 97 -4.63 1.62 -10.57
CA ASN A 97 -4.24 2.99 -10.26
C ASN A 97 -3.73 3.09 -8.83
N GLY A 98 -4.54 2.60 -7.90
CA GLY A 98 -4.19 2.64 -6.49
C GLY A 98 -5.36 3.11 -5.67
N TYR A 99 -6.18 3.96 -6.29
CA TYR A 99 -7.37 4.51 -5.66
C TYR A 99 -8.60 3.75 -6.15
N ILE A 100 -9.64 3.67 -5.34
CA ILE A 100 -10.85 2.97 -5.75
C ILE A 100 -12.04 3.92 -5.83
N SER A 101 -12.20 4.54 -6.99
CA SER A 101 -13.30 5.48 -7.22
C SER A 101 -14.66 4.78 -7.10
N ALA A 102 -14.84 3.70 -7.86
CA ALA A 102 -16.10 2.97 -7.82
C ALA A 102 -16.11 1.79 -8.81
N ALA A 103 -15.41 1.95 -9.93
CA ALA A 103 -15.35 0.91 -10.97
C ALA A 103 -15.18 -0.47 -10.34
N GLU A 104 -14.05 -0.69 -9.68
CA GLU A 104 -13.78 -1.96 -9.03
C GLU A 104 -14.82 -2.21 -7.94
N LEU A 105 -15.08 -1.20 -7.12
CA LEU A 105 -16.06 -1.31 -6.05
C LEU A 105 -17.39 -1.84 -6.59
N ARG A 106 -17.73 -1.41 -7.79
CA ARG A 106 -18.94 -1.79 -8.46
C ARG A 106 -18.94 -3.28 -8.82
N HIS A 107 -18.04 -3.67 -9.71
CA HIS A 107 -17.96 -5.07 -10.16
C HIS A 107 -17.35 -5.97 -9.11
N VAL A 108 -16.26 -5.54 -8.51
CA VAL A 108 -15.55 -6.34 -7.50
C VAL A 108 -16.43 -6.63 -6.29
N MET A 109 -17.17 -5.64 -5.80
CA MET A 109 -18.00 -5.83 -4.62
C MET A 109 -19.39 -6.36 -4.96
N THR A 110 -19.79 -6.29 -6.23
CA THR A 110 -21.11 -6.79 -6.61
C THR A 110 -21.00 -8.27 -6.95
N ASN A 111 -19.81 -8.66 -7.39
CA ASN A 111 -19.53 -10.05 -7.74
C ASN A 111 -19.01 -10.82 -6.54
N LEU A 112 -18.40 -10.09 -5.60
CA LEU A 112 -17.85 -10.69 -4.39
C LEU A 112 -18.89 -11.54 -3.68
N GLY A 113 -20.15 -11.12 -3.77
CA GLY A 113 -21.22 -11.86 -3.12
C GLY A 113 -22.49 -11.04 -2.96
N GLU A 114 -22.35 -9.71 -2.92
CA GLU A 114 -23.50 -8.83 -2.77
C GLU A 114 -24.04 -8.38 -4.14
N LYS A 115 -24.81 -7.29 -4.12
CA LYS A 115 -25.38 -6.75 -5.34
C LYS A 115 -25.31 -5.24 -5.29
N LEU A 116 -24.13 -4.70 -5.63
CA LEU A 116 -23.90 -3.28 -5.58
C LEU A 116 -24.20 -2.62 -6.92
N THR A 117 -25.33 -1.92 -6.97
CA THR A 117 -25.76 -1.21 -8.16
C THR A 117 -24.61 -0.48 -8.83
N ASP A 118 -24.04 0.45 -8.08
CA ASP A 118 -22.94 1.31 -8.51
C ASP A 118 -23.17 2.67 -7.90
N GLU A 119 -24.44 2.99 -7.69
CA GLU A 119 -24.81 4.27 -7.08
C GLU A 119 -24.72 4.15 -5.57
N GLU A 120 -25.04 2.95 -5.08
CA GLU A 120 -24.98 2.69 -3.64
C GLU A 120 -23.55 2.52 -3.19
N VAL A 121 -22.79 1.65 -3.87
CA VAL A 121 -21.40 1.44 -3.53
C VAL A 121 -20.59 2.70 -3.75
N ASP A 122 -21.03 3.53 -4.69
CA ASP A 122 -20.35 4.79 -4.97
C ASP A 122 -20.37 5.64 -3.71
N GLU A 123 -21.56 5.84 -3.16
CA GLU A 123 -21.71 6.62 -1.94
C GLU A 123 -20.79 6.07 -0.86
N MET A 124 -20.61 4.76 -0.86
CA MET A 124 -19.75 4.11 0.11
C MET A 124 -18.35 4.71 0.05
N ILE A 125 -17.83 4.83 -1.16
CA ILE A 125 -16.51 5.43 -1.36
C ILE A 125 -16.54 6.90 -0.99
N ARG A 126 -17.73 7.50 -1.08
CA ARG A 126 -17.92 8.90 -0.73
C ARG A 126 -17.91 9.05 0.79
N GLU A 127 -18.55 8.10 1.46
CA GLU A 127 -18.60 8.09 2.92
C GLU A 127 -17.29 7.55 3.47
N ALA A 128 -16.67 6.64 2.72
CA ALA A 128 -15.41 6.05 3.10
C ALA A 128 -14.26 7.00 2.85
N ASP A 129 -14.39 7.81 1.80
CA ASP A 129 -13.35 8.77 1.44
C ASP A 129 -12.99 9.64 2.65
N ILE A 130 -11.85 9.36 3.25
CA ILE A 130 -11.39 10.11 4.42
C ILE A 130 -10.89 11.50 4.00
N ASP A 131 -9.89 11.53 3.12
CA ASP A 131 -9.35 12.80 2.65
C ASP A 131 -10.47 13.65 2.07
N GLY A 132 -11.44 13.00 1.47
CA GLY A 132 -12.57 13.71 0.89
C GLY A 132 -12.21 14.43 -0.40
N ASP A 133 -11.58 13.71 -1.32
CA ASP A 133 -11.18 14.27 -2.60
C ASP A 133 -12.13 13.82 -3.70
N GLY A 134 -12.78 12.68 -3.49
CA GLY A 134 -13.69 12.14 -4.46
C GLY A 134 -13.27 10.74 -4.87
N GLN A 135 -12.21 10.24 -4.27
CA GLN A 135 -11.69 8.93 -4.53
C GLN A 135 -11.03 8.42 -3.27
N VAL A 136 -11.11 7.13 -3.07
CA VAL A 136 -10.55 6.51 -1.87
C VAL A 136 -9.09 6.13 -2.06
N ASN A 137 -8.22 6.78 -1.28
CA ASN A 137 -6.78 6.52 -1.35
C ASN A 137 -6.37 5.41 -0.39
N TYR A 138 -5.36 4.65 -0.77
CA TYR A 138 -4.87 3.57 0.06
C TYR A 138 -4.32 4.10 1.38
N GLU A 139 -3.72 5.28 1.34
CA GLU A 139 -3.17 5.89 2.54
C GLU A 139 -4.25 5.99 3.61
N GLU A 140 -5.46 6.36 3.19
CA GLU A 140 -6.58 6.45 4.10
C GLU A 140 -7.20 5.07 4.31
N PHE A 141 -7.04 4.21 3.30
CA PHE A 141 -7.54 2.85 3.37
C PHE A 141 -6.85 2.08 4.49
N VAL A 142 -5.51 2.06 4.45
CA VAL A 142 -4.72 1.36 5.45
C VAL A 142 -4.86 1.99 6.83
N GLN A 143 -4.54 3.28 6.95
CA GLN A 143 -4.64 3.98 8.22
C GLN A 143 -6.00 3.74 8.85
N MET A 144 -7.01 3.55 8.00
CA MET A 144 -8.37 3.31 8.47
C MET A 144 -8.44 1.98 9.23
N MET A 145 -7.97 0.91 8.60
CA MET A 145 -7.98 -0.41 9.22
C MET A 145 -6.68 -0.65 9.98
N THR A 146 -5.57 -0.71 9.24
CA THR A 146 -4.26 -0.93 9.83
C THR A 146 -3.98 0.12 10.91
N ALA A 147 -4.13 1.38 10.54
CA ALA A 147 -3.89 2.48 11.47
C ALA A 147 -2.45 2.45 11.98
N LYS A 148 -2.05 3.53 12.65
CA LYS A 148 -0.70 3.64 13.18
C LYS A 148 -0.64 3.08 14.60
N LEU B 1 -25.41 6.77 0.75
CA LEU B 1 -26.04 6.30 2.02
C LEU B 1 -25.05 5.53 2.87
N ARG B 2 -25.40 5.31 4.14
CA ARG B 2 -24.52 4.59 5.06
C ARG B 2 -24.22 3.19 4.53
N ARG B 3 -23.80 2.30 5.42
CA ARG B 3 -23.47 0.93 5.04
C ARG B 3 -22.18 0.88 4.25
N GLY B 4 -21.19 0.18 4.79
CA GLY B 4 -19.90 0.07 4.12
C GLY B 4 -18.77 -0.26 5.07
N GLN B 5 -18.55 0.62 6.05
CA GLN B 5 -17.49 0.42 7.03
C GLN B 5 -17.52 -1.00 7.59
N ILE B 6 -16.41 -1.73 7.40
CA ILE B 6 -16.31 -3.10 7.88
C ILE B 6 -17.21 -4.04 7.09
N LEU B 7 -17.83 -3.54 6.02
CA LEU B 7 -18.69 -4.36 5.18
C LEU B 7 -17.89 -4.88 3.99
N TRP B 8 -17.22 -3.96 3.29
CA TRP B 8 -16.40 -4.31 2.14
C TRP B 8 -14.95 -4.59 2.59
N PHE B 9 -14.68 -4.33 3.88
CA PHE B 9 -13.37 -4.60 4.44
C PHE B 9 -13.33 -6.09 4.72
N ARG B 10 -14.47 -6.57 5.18
CA ARG B 10 -14.68 -7.96 5.47
C ARG B 10 -14.81 -8.72 4.16
N GLY B 11 -15.41 -8.06 3.17
CA GLY B 11 -15.58 -8.65 1.85
C GLY B 11 -14.27 -9.23 1.35
N LEU B 12 -13.26 -8.38 1.26
CA LEU B 12 -11.95 -8.84 0.81
C LEU B 12 -11.40 -9.89 1.76
N ASN B 13 -11.62 -9.67 3.06
CA ASN B 13 -11.17 -10.60 4.07
C ASN B 13 -11.79 -11.97 3.82
N ARG B 14 -13.05 -11.97 3.40
CA ARG B 14 -13.75 -13.20 3.09
C ARG B 14 -12.97 -13.98 2.05
N ILE B 15 -12.46 -13.28 1.04
CA ILE B 15 -11.66 -13.91 0.00
C ILE B 15 -10.52 -14.69 0.62
N GLN B 16 -9.51 -13.96 1.11
CA GLN B 16 -8.34 -14.55 1.76
C GLN B 16 -8.69 -15.81 2.56
N THR B 17 -9.71 -15.72 3.40
CA THR B 17 -10.15 -16.86 4.21
C THR B 17 -10.33 -18.08 3.32
N GLN B 18 -11.02 -17.88 2.20
CA GLN B 18 -11.26 -18.93 1.23
C GLN B 18 -10.92 -18.42 -0.17
N ILE B 19 -9.68 -17.99 -0.34
CA ILE B 19 -9.21 -17.44 -1.60
C ILE B 19 -9.77 -18.21 -2.81
N LYS B 20 -9.68 -17.60 -3.98
CA LYS B 20 -10.18 -18.24 -5.19
C LYS B 20 -9.22 -19.33 -5.67
CA CA C . 23.83 4.53 16.16
CA CA D . 15.81 0.62 7.79
CA CA E . -8.36 1.36 -9.03
CA CA F . -9.35 10.05 -0.33
N ALA A 1 -9.57 11.11 -11.88
CA ALA A 1 -9.51 10.29 -13.12
C ALA A 1 -8.98 11.12 -14.28
N ASP A 2 -7.74 10.82 -14.69
CA ASP A 2 -7.11 11.53 -15.79
C ASP A 2 -6.84 10.60 -16.96
N GLN A 3 -6.91 11.14 -18.18
CA GLN A 3 -6.68 10.35 -19.38
C GLN A 3 -5.62 11.01 -20.26
N LEU A 4 -4.36 10.74 -19.96
CA LEU A 4 -3.25 11.31 -20.73
C LEU A 4 -3.43 12.80 -20.93
N THR A 5 -2.81 13.60 -20.09
CA THR A 5 -2.89 15.04 -20.22
C THR A 5 -2.24 15.47 -21.52
N GLU A 6 -2.82 16.46 -22.18
CA GLU A 6 -2.30 16.97 -23.44
C GLU A 6 -1.36 18.15 -23.22
N GLU A 7 -1.40 18.71 -22.00
CA GLU A 7 -0.58 19.87 -21.66
C GLU A 7 0.90 19.53 -21.58
N GLN A 8 1.28 18.68 -20.64
CA GLN A 8 2.69 18.31 -20.47
C GLN A 8 3.20 17.52 -21.67
N ILE A 9 2.50 16.45 -22.00
CA ILE A 9 2.87 15.61 -23.12
C ILE A 9 3.10 16.47 -24.37
N ALA A 10 2.18 17.39 -24.61
CA ALA A 10 2.29 18.30 -25.76
C ALA A 10 3.71 18.81 -25.89
N GLU A 11 4.32 19.15 -24.76
CA GLU A 11 5.70 19.61 -24.77
C GLU A 11 6.56 18.52 -25.35
N PHE A 12 6.34 17.30 -24.87
CA PHE A 12 7.07 16.15 -25.41
C PHE A 12 6.78 16.09 -26.91
N LYS A 13 5.56 16.50 -27.27
CA LYS A 13 5.14 16.54 -28.66
C LYS A 13 6.03 17.53 -29.41
N GLU A 14 6.36 18.64 -28.74
CA GLU A 14 7.23 19.64 -29.34
C GLU A 14 8.50 18.99 -29.85
N ALA A 15 9.01 18.03 -29.08
CA ALA A 15 10.19 17.30 -29.47
C ALA A 15 9.79 16.24 -30.49
N PHE A 16 8.64 15.64 -30.27
CA PHE A 16 8.14 14.62 -31.19
C PHE A 16 8.07 15.18 -32.62
N SER A 17 7.98 16.51 -32.73
CA SER A 17 7.90 17.16 -34.04
C SER A 17 9.29 17.58 -34.51
N LEU A 18 10.15 17.87 -33.55
CA LEU A 18 11.51 18.30 -33.83
C LEU A 18 12.43 17.11 -33.96
N PHE A 19 12.26 16.19 -33.02
CA PHE A 19 13.02 14.96 -32.96
C PHE A 19 13.07 14.28 -34.33
N ASP A 20 12.02 14.49 -35.11
CA ASP A 20 11.94 13.90 -36.45
C ASP A 20 13.08 14.40 -37.32
N LYS A 21 13.64 15.55 -36.97
CA LYS A 21 14.75 16.13 -37.72
C LYS A 21 14.46 16.13 -39.21
N ASP A 22 13.29 16.63 -39.59
CA ASP A 22 12.91 16.69 -41.00
C ASP A 22 11.65 17.53 -41.21
N GLY A 23 10.70 17.42 -40.27
CA GLY A 23 9.46 18.15 -40.38
C GLY A 23 8.42 17.34 -41.12
N ASP A 24 8.10 16.19 -40.57
CA ASP A 24 7.14 15.27 -41.16
C ASP A 24 5.92 15.08 -40.27
N GLY A 25 6.14 15.15 -38.97
CA GLY A 25 5.07 14.95 -38.03
C GLY A 25 5.03 13.51 -37.53
N THR A 26 5.66 12.62 -38.30
CA THR A 26 5.72 11.21 -37.94
C THR A 26 7.18 10.74 -37.89
N ILE A 27 7.48 9.91 -36.89
CA ILE A 27 8.83 9.38 -36.73
C ILE A 27 8.92 7.97 -37.31
N THR A 28 9.96 7.73 -38.11
CA THR A 28 10.17 6.42 -38.73
C THR A 28 11.63 6.00 -38.61
N THR A 29 11.97 4.90 -39.26
CA THR A 29 13.36 4.41 -39.22
C THR A 29 14.27 5.39 -39.96
N LYS A 30 13.67 6.19 -40.85
CA LYS A 30 14.42 7.18 -41.62
C LYS A 30 15.11 8.16 -40.69
N GLU A 31 14.30 8.90 -39.93
CA GLU A 31 14.83 9.88 -38.98
C GLU A 31 15.33 9.20 -37.73
N LEU A 32 14.63 8.14 -37.30
CA LEU A 32 15.02 7.40 -36.11
C LEU A 32 16.35 6.70 -36.35
N GLY A 33 16.48 6.05 -37.51
CA GLY A 33 17.71 5.37 -37.85
C GLY A 33 18.87 6.33 -37.95
N THR A 34 18.61 7.52 -38.48
CA THR A 34 19.64 8.54 -38.63
C THR A 34 20.30 8.81 -37.28
N VAL A 35 19.48 9.06 -36.28
CA VAL A 35 19.97 9.32 -34.93
C VAL A 35 20.63 8.07 -34.36
N MET A 36 20.11 6.91 -34.76
CA MET A 36 20.62 5.63 -34.31
C MET A 36 21.88 5.22 -35.09
N ARG A 37 22.13 5.90 -36.21
CA ARG A 37 23.28 5.59 -37.05
C ARG A 37 24.37 6.65 -36.91
N SER A 38 23.96 7.87 -36.62
CA SER A 38 24.89 8.98 -36.45
C SER A 38 25.36 9.10 -35.00
N LEU A 39 24.65 8.44 -34.09
CA LEU A 39 24.99 8.49 -32.68
C LEU A 39 25.07 7.08 -32.11
N GLY A 40 23.95 6.40 -32.15
CA GLY A 40 23.89 5.03 -31.67
C GLY A 40 24.74 4.13 -32.53
N GLN A 41 24.94 4.56 -33.79
CA GLN A 41 25.75 3.87 -34.77
C GLN A 41 26.02 2.42 -34.42
N ASN A 42 25.05 1.56 -34.72
CA ASN A 42 25.17 0.15 -34.43
C ASN A 42 23.92 -0.62 -34.83
N PRO A 43 22.74 -0.22 -34.28
CA PRO A 43 21.47 -0.86 -34.58
C PRO A 43 21.38 -1.37 -36.02
N THR A 44 20.93 -2.62 -36.17
CA THR A 44 20.79 -3.24 -37.48
C THR A 44 19.69 -2.60 -38.31
N GLU A 45 19.79 -2.78 -39.62
CA GLU A 45 18.79 -2.26 -40.54
C GLU A 45 17.41 -2.70 -40.07
N ALA A 46 17.38 -3.87 -39.46
CA ALA A 46 16.14 -4.45 -38.95
C ALA A 46 15.91 -4.01 -37.50
N GLU A 47 16.98 -3.74 -36.76
CA GLU A 47 16.84 -3.33 -35.36
C GLU A 47 15.93 -2.11 -35.24
N LEU A 48 16.32 -1.00 -35.86
CA LEU A 48 15.50 0.20 -35.81
C LEU A 48 14.09 -0.13 -36.26
N GLN A 49 13.97 -1.08 -37.18
CA GLN A 49 12.66 -1.51 -37.63
C GLN A 49 11.99 -2.25 -36.49
N ASP A 50 12.78 -2.97 -35.70
CA ASP A 50 12.28 -3.69 -34.54
C ASP A 50 11.96 -2.69 -33.44
N MET A 51 12.77 -1.63 -33.39
CA MET A 51 12.58 -0.56 -32.42
C MET A 51 11.31 0.21 -32.74
N ILE A 52 11.01 0.28 -34.04
CA ILE A 52 9.82 0.96 -34.51
C ILE A 52 8.60 0.06 -34.29
N ASN A 53 8.74 -1.20 -34.67
CA ASN A 53 7.66 -2.17 -34.51
C ASN A 53 7.40 -2.40 -33.02
N GLU A 54 8.43 -2.21 -32.20
CA GLU A 54 8.31 -2.39 -30.77
C GLU A 54 7.38 -1.34 -30.16
N VAL A 55 7.44 -0.12 -30.70
CA VAL A 55 6.60 0.97 -30.22
C VAL A 55 5.34 1.11 -31.08
N ASP A 56 5.14 0.20 -32.03
CA ASP A 56 3.98 0.25 -32.89
C ASP A 56 2.75 -0.31 -32.18
N ALA A 57 2.41 0.28 -31.02
CA ALA A 57 1.25 -0.17 -30.26
C ALA A 57 0.04 -0.20 -31.18
N ASP A 58 -0.07 0.83 -32.01
CA ASP A 58 -1.15 0.93 -32.98
C ASP A 58 -0.64 0.43 -34.34
N GLY A 59 0.68 0.41 -34.49
CA GLY A 59 1.30 -0.04 -35.73
C GLY A 59 0.60 0.50 -36.95
N ASN A 60 0.08 1.72 -36.84
CA ASN A 60 -0.60 2.37 -37.96
C ASN A 60 0.33 2.48 -39.17
N GLY A 61 1.60 2.72 -38.90
CA GLY A 61 2.58 2.83 -39.96
C GLY A 61 3.93 3.33 -39.47
N THR A 62 3.91 4.22 -38.49
CA THR A 62 5.14 4.77 -37.93
C THR A 62 4.91 5.27 -36.51
N ILE A 63 5.90 5.97 -35.97
CA ILE A 63 5.81 6.51 -34.62
C ILE A 63 4.78 7.64 -34.56
N ASP A 64 3.78 7.47 -33.70
CA ASP A 64 2.72 8.45 -33.55
C ASP A 64 2.66 8.96 -32.10
N PHE A 65 2.19 10.19 -31.94
CA PHE A 65 2.10 10.82 -30.63
C PHE A 65 1.70 9.84 -29.52
N PRO A 66 0.72 8.95 -29.76
CA PRO A 66 0.26 7.99 -28.75
C PRO A 66 1.23 6.83 -28.50
N GLU A 67 1.50 6.04 -29.53
CA GLU A 67 2.39 4.89 -29.38
C GLU A 67 3.70 5.31 -28.71
N PHE A 68 4.28 6.40 -29.18
CA PHE A 68 5.53 6.91 -28.60
C PHE A 68 5.31 7.18 -27.11
N LEU A 69 4.09 7.59 -26.79
CA LEU A 69 3.72 7.88 -25.42
C LEU A 69 3.84 6.63 -24.55
N THR A 70 3.13 5.58 -24.93
CA THR A 70 3.14 4.33 -24.18
C THR A 70 4.58 3.87 -23.92
N MET A 71 5.34 3.68 -25.00
CA MET A 71 6.72 3.23 -24.88
C MET A 71 7.49 4.02 -23.83
N MET A 72 7.22 5.32 -23.76
CA MET A 72 7.89 6.19 -22.78
C MET A 72 7.16 6.18 -21.45
N ALA A 73 5.90 6.63 -21.45
CA ALA A 73 5.11 6.69 -20.24
C ALA A 73 5.03 5.32 -19.54
N ARG A 74 4.40 4.36 -20.21
CA ARG A 74 4.24 3.03 -19.66
C ARG A 74 5.59 2.42 -19.27
N LYS A 75 5.68 1.97 -18.02
CA LYS A 75 6.90 1.37 -17.51
C LYS A 75 6.59 0.37 -16.40
N MET A 76 7.55 -0.48 -16.07
CA MET A 76 7.35 -1.48 -15.03
C MET A 76 8.01 -1.03 -13.72
N LYS A 77 7.18 -0.57 -12.79
CA LYS A 77 7.67 -0.11 -11.49
C LYS A 77 7.91 -1.28 -10.56
N ASP A 78 8.26 -0.97 -9.31
CA ASP A 78 8.51 -2.00 -8.30
C ASP A 78 7.34 -2.11 -7.33
N THR A 79 7.59 -2.76 -6.19
CA THR A 79 6.56 -2.93 -5.17
C THR A 79 7.18 -2.98 -3.77
N ASP A 80 7.34 -1.81 -3.16
CA ASP A 80 7.92 -1.73 -1.84
C ASP A 80 6.87 -1.33 -0.80
N SER A 81 5.64 -1.78 -1.01
CA SER A 81 4.54 -1.49 -0.11
C SER A 81 3.52 -2.62 -0.10
N GLU A 82 2.51 -2.51 0.77
CA GLU A 82 1.47 -3.52 0.88
C GLU A 82 2.05 -4.83 1.40
N GLU A 83 2.84 -5.49 0.57
CA GLU A 83 3.46 -6.76 0.95
C GLU A 83 2.43 -7.88 1.00
N GLU A 84 1.51 -7.81 1.95
CA GLU A 84 0.48 -8.83 2.11
C GLU A 84 -0.81 -8.40 1.41
N ILE A 85 -1.18 -7.14 1.58
CA ILE A 85 -2.38 -6.62 0.94
C ILE A 85 -2.23 -6.60 -0.58
N ARG A 86 -1.00 -6.79 -1.06
CA ARG A 86 -0.70 -6.80 -2.49
C ARG A 86 -1.81 -7.47 -3.31
N GLU A 87 -2.49 -8.43 -2.69
CA GLU A 87 -3.58 -9.16 -3.34
C GLU A 87 -4.87 -8.36 -3.26
N ALA A 88 -5.22 -7.97 -2.03
CA ALA A 88 -6.42 -7.16 -1.82
C ALA A 88 -6.27 -5.84 -2.56
N PHE A 89 -5.01 -5.43 -2.68
CA PHE A 89 -4.63 -4.20 -3.34
C PHE A 89 -4.88 -4.28 -4.85
N ARG A 90 -4.59 -5.44 -5.43
CA ARG A 90 -4.81 -5.65 -6.86
C ARG A 90 -6.26 -6.07 -7.07
N VAL A 91 -6.81 -6.68 -6.03
CA VAL A 91 -8.18 -7.14 -6.04
C VAL A 91 -9.15 -5.96 -6.01
N PHE A 92 -8.76 -4.91 -5.29
CA PHE A 92 -9.61 -3.73 -5.14
C PHE A 92 -9.30 -2.66 -6.19
N ASP A 93 -8.15 -2.75 -6.84
CA ASP A 93 -7.79 -1.74 -7.84
C ASP A 93 -8.45 -1.98 -9.19
N LYS A 94 -8.89 -3.20 -9.40
CA LYS A 94 -9.54 -3.59 -10.65
C LYS A 94 -8.91 -2.92 -11.89
N ASP A 95 -7.61 -2.63 -11.82
CA ASP A 95 -6.90 -2.02 -12.94
C ASP A 95 -5.43 -1.80 -12.59
N GLY A 96 -5.17 -0.92 -11.64
CA GLY A 96 -3.80 -0.65 -11.24
C GLY A 96 -3.50 0.84 -11.10
N ASN A 97 -4.25 1.51 -10.25
CA ASN A 97 -4.06 2.94 -10.03
C ASN A 97 -3.63 3.21 -8.58
N GLY A 98 -4.46 2.77 -7.64
CA GLY A 98 -4.18 2.96 -6.24
C GLY A 98 -5.38 3.52 -5.50
N TYR A 99 -6.38 3.96 -6.25
CA TYR A 99 -7.58 4.53 -5.68
C TYR A 99 -8.81 3.72 -6.10
N ILE A 100 -9.82 3.70 -5.25
CA ILE A 100 -11.05 2.97 -5.56
C ILE A 100 -12.26 3.90 -5.61
N SER A 101 -12.45 4.52 -6.76
CA SER A 101 -13.58 5.42 -6.96
C SER A 101 -14.90 4.68 -6.85
N ALA A 102 -15.04 3.58 -7.58
CA ALA A 102 -16.26 2.79 -7.55
C ALA A 102 -16.19 1.63 -8.54
N ALA A 103 -15.57 1.85 -9.70
CA ALA A 103 -15.44 0.81 -10.72
C ALA A 103 -15.05 -0.52 -10.11
N GLU A 104 -13.87 -0.57 -9.52
CA GLU A 104 -13.40 -1.78 -8.89
C GLU A 104 -14.43 -2.31 -7.90
N LEU A 105 -14.89 -1.44 -7.00
CA LEU A 105 -15.90 -1.82 -6.01
C LEU A 105 -17.10 -2.49 -6.68
N ARG A 106 -17.51 -1.94 -7.82
CA ARG A 106 -18.65 -2.48 -8.55
C ARG A 106 -18.48 -3.96 -8.86
N HIS A 107 -17.44 -4.29 -9.62
CA HIS A 107 -17.18 -5.69 -9.99
C HIS A 107 -16.53 -6.45 -8.85
N VAL A 108 -15.71 -5.76 -8.07
CA VAL A 108 -15.01 -6.38 -6.95
C VAL A 108 -15.97 -6.71 -5.80
N MET A 109 -16.82 -5.75 -5.43
CA MET A 109 -17.75 -5.96 -4.34
C MET A 109 -19.01 -6.70 -4.78
N THR A 110 -19.25 -6.80 -6.08
CA THR A 110 -20.42 -7.52 -6.56
C THR A 110 -20.09 -9.00 -6.62
N ASN A 111 -18.82 -9.29 -6.88
CA ASN A 111 -18.32 -10.64 -6.95
C ASN A 111 -18.02 -11.16 -5.56
N LEU A 112 -17.67 -10.24 -4.66
CA LEU A 112 -17.37 -10.58 -3.28
C LEU A 112 -18.54 -11.30 -2.62
N GLY A 113 -19.73 -11.15 -3.20
CA GLY A 113 -20.91 -11.81 -2.65
C GLY A 113 -22.11 -10.89 -2.51
N GLU A 114 -21.97 -9.64 -2.93
CA GLU A 114 -23.06 -8.68 -2.84
C GLU A 114 -23.44 -8.13 -4.22
N LYS A 115 -24.17 -7.01 -4.23
CA LYS A 115 -24.60 -6.38 -5.45
C LYS A 115 -24.77 -4.87 -5.24
N LEU A 116 -23.66 -4.15 -5.16
CA LEU A 116 -23.69 -2.71 -4.95
C LEU A 116 -23.91 -1.97 -6.24
N THR A 117 -25.16 -1.56 -6.48
CA THR A 117 -25.50 -0.83 -7.69
C THR A 117 -24.56 0.36 -7.88
N ASP A 118 -24.77 1.11 -8.95
CA ASP A 118 -23.96 2.28 -9.22
C ASP A 118 -24.24 3.36 -8.18
N GLU A 119 -25.42 3.28 -7.57
CA GLU A 119 -25.81 4.24 -6.54
C GLU A 119 -25.22 3.85 -5.20
N GLU A 120 -25.09 2.55 -4.98
CA GLU A 120 -24.53 2.04 -3.74
C GLU A 120 -23.02 2.31 -3.69
N VAL A 121 -22.31 1.76 -4.68
CA VAL A 121 -20.87 1.93 -4.75
C VAL A 121 -20.47 3.41 -4.76
N ASP A 122 -21.22 4.23 -5.47
CA ASP A 122 -20.92 5.64 -5.56
C ASP A 122 -20.95 6.30 -4.18
N GLU A 123 -22.13 6.34 -3.56
CA GLU A 123 -22.26 6.94 -2.25
C GLU A 123 -21.44 6.19 -1.21
N MET A 124 -21.50 4.86 -1.28
CA MET A 124 -20.75 4.02 -0.35
C MET A 124 -19.28 4.44 -0.29
N ILE A 125 -18.71 4.69 -1.45
CA ILE A 125 -17.31 5.11 -1.53
C ILE A 125 -17.17 6.61 -1.25
N ARG A 126 -18.29 7.32 -1.29
CA ARG A 126 -18.30 8.75 -1.02
C ARG A 126 -18.23 8.98 0.48
N GLU A 127 -19.12 8.30 1.21
CA GLU A 127 -19.14 8.38 2.65
C GLU A 127 -17.87 7.75 3.21
N ALA A 128 -17.35 6.76 2.48
CA ALA A 128 -16.13 6.08 2.87
C ALA A 128 -14.94 7.00 2.72
N ASP A 129 -14.98 7.85 1.68
CA ASP A 129 -13.89 8.79 1.43
C ASP A 129 -13.77 9.77 2.61
N ILE A 130 -12.62 9.72 3.28
CA ILE A 130 -12.38 10.60 4.43
C ILE A 130 -11.77 11.93 4.00
N ASP A 131 -10.51 11.91 3.58
CA ASP A 131 -9.83 13.13 3.16
C ASP A 131 -10.72 13.96 2.23
N GLY A 132 -11.38 13.28 1.31
CA GLY A 132 -12.27 13.97 0.39
C GLY A 132 -11.54 14.53 -0.82
N ASP A 133 -10.97 13.64 -1.63
CA ASP A 133 -10.25 14.04 -2.82
C ASP A 133 -11.12 13.81 -4.05
N GLY A 134 -11.99 12.81 -3.94
CA GLY A 134 -12.87 12.44 -5.02
C GLY A 134 -12.86 10.95 -5.26
N GLN A 135 -11.91 10.28 -4.61
CA GLN A 135 -11.76 8.85 -4.73
C GLN A 135 -11.44 8.24 -3.34
N VAL A 136 -10.65 7.17 -3.33
CA VAL A 136 -10.27 6.51 -2.08
C VAL A 136 -8.78 6.20 -2.09
N ASN A 137 -8.01 6.98 -1.36
CA ASN A 137 -6.56 6.80 -1.30
C ASN A 137 -6.17 5.83 -0.19
N TYR A 138 -5.34 4.84 -0.55
CA TYR A 138 -4.86 3.82 0.38
C TYR A 138 -4.61 4.41 1.77
N GLU A 139 -4.21 5.68 1.83
CA GLU A 139 -3.94 6.32 3.11
C GLU A 139 -5.14 6.14 4.04
N GLU A 140 -6.33 6.10 3.44
CA GLU A 140 -7.56 5.89 4.19
C GLU A 140 -7.76 4.39 4.37
N PHE A 141 -7.34 3.63 3.36
CA PHE A 141 -7.44 2.18 3.39
C PHE A 141 -6.64 1.60 4.55
N VAL A 142 -5.34 1.88 4.56
CA VAL A 142 -4.45 1.39 5.61
C VAL A 142 -4.80 1.98 6.97
N GLN A 143 -4.88 3.29 7.07
CA GLN A 143 -5.20 3.96 8.33
C GLN A 143 -6.42 3.31 8.98
N MET A 144 -7.37 2.86 8.15
CA MET A 144 -8.57 2.23 8.67
C MET A 144 -8.24 0.88 9.31
N MET A 145 -7.48 0.05 8.60
CA MET A 145 -7.10 -1.26 9.10
C MET A 145 -5.82 -1.19 9.93
N THR A 146 -4.72 -0.86 9.27
CA THR A 146 -3.43 -0.76 9.96
C THR A 146 -3.46 0.31 11.03
N ALA A 147 -3.71 1.55 10.64
CA ALA A 147 -3.76 2.66 11.57
C ALA A 147 -2.47 2.77 12.37
N LYS A 148 -1.60 3.67 11.94
CA LYS A 148 -0.31 3.87 12.62
C LYS A 148 -0.43 4.91 13.74
N LEU B 1 -24.94 1.84 11.74
CA LEU B 1 -24.09 2.71 10.88
C LEU B 1 -24.02 2.17 9.45
N ARG B 2 -23.34 1.05 9.28
CA ARG B 2 -23.19 0.42 7.97
C ARG B 2 -22.75 1.45 6.93
N ARG B 3 -21.53 1.94 7.07
CA ARG B 3 -20.99 2.93 6.14
C ARG B 3 -19.62 2.51 5.61
N GLY B 4 -19.52 1.24 5.21
CA GLY B 4 -18.25 0.74 4.69
C GLY B 4 -17.44 0.02 5.75
N GLN B 5 -17.21 0.68 6.87
CA GLN B 5 -16.45 0.10 7.97
C GLN B 5 -16.99 -1.28 8.34
N ILE B 6 -16.14 -2.30 8.18
CA ILE B 6 -16.54 -3.67 8.50
C ILE B 6 -17.58 -4.20 7.52
N LEU B 7 -17.84 -3.44 6.46
CA LEU B 7 -18.80 -3.85 5.44
C LEU B 7 -18.06 -4.44 4.24
N TRP B 8 -17.39 -3.57 3.50
CA TRP B 8 -16.61 -4.00 2.35
C TRP B 8 -15.20 -4.37 2.77
N PHE B 9 -14.95 -4.35 4.09
CA PHE B 9 -13.67 -4.73 4.64
C PHE B 9 -13.71 -6.23 4.89
N ARG B 10 -14.88 -6.65 5.35
CA ARG B 10 -15.16 -8.04 5.60
C ARG B 10 -15.33 -8.76 4.27
N GLY B 11 -15.90 -8.03 3.30
CA GLY B 11 -16.11 -8.57 1.98
C GLY B 11 -14.82 -8.97 1.31
N LEU B 12 -13.98 -7.97 1.07
CA LEU B 12 -12.69 -8.22 0.46
C LEU B 12 -11.95 -9.28 1.30
N ASN B 13 -12.27 -9.33 2.60
CA ASN B 13 -11.68 -10.30 3.49
C ASN B 13 -12.27 -11.67 3.19
N ARG B 14 -13.53 -11.67 2.77
CA ARG B 14 -14.23 -12.89 2.42
C ARG B 14 -13.39 -13.69 1.43
N ILE B 15 -13.13 -13.10 0.26
CA ILE B 15 -12.32 -13.78 -0.73
C ILE B 15 -11.00 -14.19 -0.12
N GLN B 16 -10.20 -13.22 0.33
CA GLN B 16 -8.91 -13.50 0.98
C GLN B 16 -8.97 -14.77 1.83
N THR B 17 -10.14 -15.03 2.42
CA THR B 17 -10.34 -16.22 3.22
C THR B 17 -10.23 -17.47 2.35
N GLN B 18 -10.99 -17.49 1.25
CA GLN B 18 -10.95 -18.61 0.31
C GLN B 18 -10.00 -18.29 -0.83
N ILE B 19 -10.23 -17.13 -1.45
CA ILE B 19 -9.41 -16.61 -2.54
C ILE B 19 -9.93 -17.08 -3.90
N LYS B 20 -10.57 -18.24 -3.93
CA LYS B 20 -11.10 -18.79 -5.17
C LYS B 20 -12.51 -19.34 -4.97
CA CA C . 9.38 11.74 -40.77
CA CA D . 2.65 2.89 -35.29
CA CA E . -8.49 1.69 -9.30
CA CA F . -10.18 9.54 -0.63
N ALA A 1 12.38 1.72 -38.41
CA ALA A 1 11.14 2.17 -37.72
C ALA A 1 10.29 0.99 -37.29
N ASP A 2 10.62 0.42 -36.14
CA ASP A 2 9.89 -0.72 -35.62
C ASP A 2 9.65 -0.57 -34.11
N GLN A 3 8.62 -1.25 -33.61
CA GLN A 3 8.29 -1.19 -32.19
C GLN A 3 9.50 -1.51 -31.32
N LEU A 4 9.94 -2.77 -31.37
CA LEU A 4 11.09 -3.20 -30.59
C LEU A 4 12.37 -3.17 -31.43
N THR A 5 13.49 -2.90 -30.78
CA THR A 5 14.78 -2.85 -31.47
C THR A 5 15.32 -4.25 -31.69
N GLU A 6 15.91 -4.48 -32.86
CA GLU A 6 16.50 -5.77 -33.21
C GLU A 6 18.00 -5.80 -32.86
N GLU A 7 18.57 -4.62 -32.62
CA GLU A 7 19.99 -4.50 -32.31
C GLU A 7 20.32 -5.02 -30.91
N GLN A 8 19.82 -4.35 -29.88
CA GLN A 8 20.08 -4.76 -28.50
C GLN A 8 19.44 -6.11 -28.21
N ILE A 9 18.16 -6.22 -28.54
CA ILE A 9 17.44 -7.46 -28.33
C ILE A 9 18.22 -8.63 -28.92
N ALA A 10 18.68 -8.45 -30.15
CA ALA A 10 19.46 -9.48 -30.83
C ALA A 10 20.52 -10.04 -29.90
N GLU A 11 21.13 -9.17 -29.11
CA GLU A 11 22.12 -9.59 -28.14
C GLU A 11 21.49 -10.62 -27.22
N PHE A 12 20.28 -10.30 -26.75
CA PHE A 12 19.54 -11.23 -25.92
C PHE A 12 19.34 -12.51 -26.73
N LYS A 13 19.18 -12.33 -28.03
CA LYS A 13 19.01 -13.42 -28.97
C LYS A 13 20.30 -14.24 -29.06
N GLU A 14 21.43 -13.54 -29.03
CA GLU A 14 22.73 -14.20 -29.10
C GLU A 14 22.80 -15.28 -28.02
N ALA A 15 22.21 -15.00 -26.87
CA ALA A 15 22.18 -15.96 -25.78
C ALA A 15 21.10 -16.97 -26.08
N PHE A 16 19.91 -16.47 -26.38
CA PHE A 16 18.77 -17.33 -26.71
C PHE A 16 19.13 -18.31 -27.83
N SER A 17 20.22 -18.04 -28.57
CA SER A 17 20.64 -18.93 -29.64
C SER A 17 21.61 -19.97 -29.10
N LEU A 18 22.46 -19.53 -28.17
CA LEU A 18 23.43 -20.39 -27.54
C LEU A 18 22.76 -21.17 -26.42
N PHE A 19 21.89 -20.46 -25.72
CA PHE A 19 21.12 -21.03 -24.63
C PHE A 19 20.40 -22.29 -25.11
N ASP A 20 20.11 -22.32 -26.41
CA ASP A 20 19.45 -23.45 -27.03
C ASP A 20 20.38 -24.67 -27.06
N LYS A 21 21.69 -24.42 -26.88
CA LYS A 21 22.69 -25.46 -26.86
C LYS A 21 22.43 -26.51 -27.94
N ASP A 22 22.23 -26.04 -29.16
CA ASP A 22 21.97 -26.93 -30.29
C ASP A 22 21.83 -26.17 -31.61
N GLY A 23 21.29 -24.96 -31.55
CA GLY A 23 21.10 -24.18 -32.76
C GLY A 23 19.78 -24.50 -33.40
N ASP A 24 18.71 -24.26 -32.66
CA ASP A 24 17.36 -24.53 -33.11
C ASP A 24 16.53 -23.26 -33.25
N GLY A 25 17.03 -22.17 -32.68
CA GLY A 25 16.29 -20.93 -32.73
C GLY A 25 14.99 -21.03 -31.96
N THR A 26 14.87 -22.08 -31.13
CA THR A 26 13.69 -22.31 -30.32
C THR A 26 14.07 -23.07 -29.05
N ILE A 27 13.72 -22.51 -27.91
CA ILE A 27 14.03 -23.12 -26.62
C ILE A 27 12.93 -24.07 -26.17
N THR A 28 13.28 -25.35 -26.04
CA THR A 28 12.33 -26.36 -25.61
C THR A 28 12.89 -27.14 -24.41
N THR A 29 12.17 -28.15 -23.96
CA THR A 29 12.61 -28.96 -22.83
C THR A 29 13.91 -29.67 -23.16
N LYS A 30 14.22 -29.81 -24.44
CA LYS A 30 15.46 -30.47 -24.87
C LYS A 30 16.67 -29.72 -24.35
N GLU A 31 16.65 -28.40 -24.48
CA GLU A 31 17.75 -27.56 -24.01
C GLU A 31 17.54 -27.20 -22.55
N LEU A 32 16.32 -26.77 -22.22
CA LEU A 32 15.98 -26.40 -20.85
C LEU A 32 16.16 -27.61 -19.95
N GLY A 33 15.93 -28.80 -20.51
CA GLY A 33 16.09 -30.02 -19.76
C GLY A 33 17.55 -30.40 -19.61
N THR A 34 18.32 -30.17 -20.66
CA THR A 34 19.75 -30.47 -20.62
C THR A 34 20.41 -29.78 -19.44
N VAL A 35 19.99 -28.53 -19.20
CA VAL A 35 20.52 -27.76 -18.08
C VAL A 35 19.93 -28.25 -16.77
N MET A 36 18.69 -28.70 -16.82
CA MET A 36 18.01 -29.21 -15.63
C MET A 36 18.60 -30.55 -15.21
N ARG A 37 19.38 -31.17 -16.09
CA ARG A 37 20.01 -32.46 -15.81
C ARG A 37 21.52 -32.31 -15.75
N SER A 38 22.06 -31.51 -16.65
CA SER A 38 23.50 -31.26 -16.69
C SER A 38 23.94 -30.48 -15.46
N LEU A 39 22.96 -29.91 -14.75
CA LEU A 39 23.20 -29.14 -13.55
C LEU A 39 22.34 -29.65 -12.42
N GLY A 40 21.51 -30.65 -12.70
CA GLY A 40 20.67 -31.18 -11.68
C GLY A 40 19.77 -30.12 -11.09
N GLN A 41 19.26 -29.26 -11.96
CA GLN A 41 18.40 -28.17 -11.54
C GLN A 41 16.92 -28.60 -11.53
N ASN A 42 16.59 -29.51 -10.62
CA ASN A 42 15.23 -30.01 -10.50
C ASN A 42 14.72 -30.50 -11.85
N PRO A 43 15.21 -31.67 -12.32
CA PRO A 43 14.82 -32.24 -13.60
C PRO A 43 13.54 -33.06 -13.52
N THR A 44 12.46 -32.51 -14.07
CA THR A 44 11.19 -33.19 -14.09
C THR A 44 10.57 -33.10 -15.47
N GLU A 45 9.52 -33.90 -15.69
CA GLU A 45 8.84 -33.89 -16.97
C GLU A 45 7.78 -32.80 -16.99
N ALA A 46 7.22 -32.53 -15.82
CA ALA A 46 6.18 -31.53 -15.69
C ALA A 46 6.71 -30.11 -15.46
N GLU A 47 7.82 -29.96 -14.73
CA GLU A 47 8.35 -28.62 -14.49
C GLU A 47 8.84 -28.00 -15.77
N LEU A 48 9.89 -28.57 -16.37
CA LEU A 48 10.41 -28.03 -17.62
C LEU A 48 9.27 -27.87 -18.62
N GLN A 49 8.22 -28.66 -18.44
CA GLN A 49 7.05 -28.58 -19.30
C GLN A 49 6.30 -27.30 -18.97
N ASP A 50 6.19 -27.00 -17.66
CA ASP A 50 5.52 -25.79 -17.22
C ASP A 50 6.43 -24.61 -17.50
N MET A 51 7.74 -24.86 -17.43
CA MET A 51 8.74 -23.83 -17.69
C MET A 51 8.75 -23.49 -19.18
N ILE A 52 8.36 -24.46 -20.00
CA ILE A 52 8.30 -24.27 -21.44
C ILE A 52 6.93 -23.73 -21.86
N ASN A 53 5.87 -24.32 -21.31
CA ASN A 53 4.52 -23.88 -21.62
C ASN A 53 4.12 -22.64 -20.83
N GLU A 54 5.06 -22.11 -20.03
CA GLU A 54 4.79 -20.92 -19.23
C GLU A 54 4.76 -19.66 -20.10
N VAL A 55 5.77 -19.52 -20.95
CA VAL A 55 5.86 -18.37 -21.84
C VAL A 55 5.34 -18.71 -23.23
N ASP A 56 4.41 -19.65 -23.29
CA ASP A 56 3.84 -20.08 -24.56
C ASP A 56 2.59 -19.26 -24.89
N ALA A 57 2.73 -17.94 -24.91
CA ALA A 57 1.61 -17.06 -25.25
C ALA A 57 0.92 -17.56 -26.50
N ASP A 58 1.74 -17.84 -27.51
CA ASP A 58 1.24 -18.37 -28.77
C ASP A 58 1.25 -19.90 -28.73
N GLY A 59 2.05 -20.44 -27.81
CA GLY A 59 2.16 -21.88 -27.65
C GLY A 59 2.18 -22.63 -28.96
N ASN A 60 3.00 -22.15 -29.90
CA ASN A 60 3.12 -22.78 -31.21
C ASN A 60 3.84 -24.12 -31.11
N GLY A 61 4.55 -24.34 -29.99
CA GLY A 61 5.27 -25.57 -29.80
C GLY A 61 6.45 -25.43 -28.86
N THR A 62 7.18 -24.33 -29.01
CA THR A 62 8.34 -24.06 -28.16
C THR A 62 8.56 -22.56 -27.98
N ILE A 63 9.49 -22.21 -27.12
CA ILE A 63 9.79 -20.81 -26.84
C ILE A 63 10.44 -20.14 -28.05
N ASP A 64 10.09 -18.88 -28.27
CA ASP A 64 10.62 -18.10 -29.39
C ASP A 64 11.26 -16.81 -28.89
N PHE A 65 12.23 -16.32 -29.66
CA PHE A 65 12.96 -15.09 -29.32
C PHE A 65 12.06 -14.02 -28.70
N PRO A 66 10.94 -13.66 -29.35
CA PRO A 66 10.03 -12.61 -28.86
C PRO A 66 9.28 -12.95 -27.57
N GLU A 67 8.65 -14.12 -27.50
CA GLU A 67 7.89 -14.49 -26.30
C GLU A 67 8.81 -14.67 -25.09
N PHE A 68 9.94 -15.35 -25.29
CA PHE A 68 10.88 -15.56 -24.20
C PHE A 68 11.30 -14.23 -23.61
N LEU A 69 11.49 -13.25 -24.48
CA LEU A 69 11.90 -11.91 -24.09
C LEU A 69 10.79 -11.19 -23.31
N THR A 70 9.67 -10.94 -24.00
CA THR A 70 8.54 -10.24 -23.39
C THR A 70 8.30 -10.64 -21.94
N MET A 71 8.34 -11.94 -21.66
CA MET A 71 8.11 -12.44 -20.32
C MET A 71 9.29 -12.16 -19.39
N MET A 72 10.50 -12.42 -19.87
CA MET A 72 11.70 -12.19 -19.06
C MET A 72 11.99 -10.70 -18.91
N ALA A 73 11.59 -9.90 -19.90
CA ALA A 73 11.81 -8.46 -19.86
C ALA A 73 10.67 -7.74 -19.17
N ARG A 74 9.49 -7.81 -19.75
CA ARG A 74 8.32 -7.15 -19.21
C ARG A 74 8.00 -7.67 -17.81
N LYS A 75 8.29 -6.85 -16.81
CA LYS A 75 8.05 -7.22 -15.42
C LYS A 75 8.23 -6.01 -14.51
N MET A 76 7.46 -4.96 -14.76
CA MET A 76 7.54 -3.74 -13.96
C MET A 76 6.33 -3.59 -13.05
N LYS A 77 6.57 -3.66 -11.75
CA LYS A 77 5.51 -3.52 -10.76
C LYS A 77 5.72 -2.28 -9.91
N ASP A 78 6.33 -1.26 -10.50
CA ASP A 78 6.59 0.00 -9.80
C ASP A 78 7.20 -0.26 -8.43
N THR A 79 7.30 0.79 -7.63
CA THR A 79 7.87 0.68 -6.28
C THR A 79 6.90 1.21 -5.23
N ASP A 80 6.24 2.32 -5.54
CA ASP A 80 5.29 2.93 -4.63
C ASP A 80 3.96 2.17 -4.65
N SER A 81 3.83 1.22 -3.73
CA SER A 81 2.61 0.42 -3.64
C SER A 81 2.71 -0.60 -2.50
N GLU A 82 1.56 -1.17 -2.14
CA GLU A 82 1.51 -2.16 -1.07
C GLU A 82 2.47 -3.30 -1.34
N GLU A 83 2.92 -3.97 -0.27
CA GLU A 83 3.85 -5.08 -0.39
C GLU A 83 3.27 -6.39 0.14
N GLU A 84 2.28 -6.30 1.03
CA GLU A 84 1.68 -7.50 1.59
C GLU A 84 0.20 -7.63 1.25
N ILE A 85 -0.53 -6.52 1.28
CA ILE A 85 -1.94 -6.54 0.93
C ILE A 85 -2.13 -6.44 -0.59
N ARG A 86 -1.03 -6.60 -1.32
CA ARG A 86 -1.04 -6.55 -2.78
C ARG A 86 -2.21 -7.33 -3.36
N GLU A 87 -2.66 -8.34 -2.62
CA GLU A 87 -3.79 -9.17 -3.07
C GLU A 87 -5.08 -8.38 -2.99
N ALA A 88 -5.46 -7.98 -1.79
CA ALA A 88 -6.66 -7.20 -1.58
C ALA A 88 -6.52 -5.85 -2.29
N PHE A 89 -5.27 -5.44 -2.43
CA PHE A 89 -4.92 -4.19 -3.07
C PHE A 89 -5.12 -4.27 -4.59
N ARG A 90 -4.71 -5.39 -5.17
CA ARG A 90 -4.85 -5.62 -6.59
C ARG A 90 -6.27 -6.09 -6.87
N VAL A 91 -6.84 -6.74 -5.87
CA VAL A 91 -8.19 -7.25 -5.95
C VAL A 91 -9.18 -6.09 -6.13
N PHE A 92 -8.89 -4.97 -5.49
CA PHE A 92 -9.78 -3.82 -5.56
C PHE A 92 -9.27 -2.76 -6.53
N ASP A 93 -8.06 -2.93 -7.05
CA ASP A 93 -7.53 -1.94 -7.99
C ASP A 93 -8.10 -2.11 -9.38
N LYS A 94 -8.79 -3.22 -9.60
CA LYS A 94 -9.42 -3.53 -10.89
C LYS A 94 -8.62 -2.98 -12.08
N ASP A 95 -8.92 -1.75 -12.49
CA ASP A 95 -8.21 -1.12 -13.60
C ASP A 95 -6.70 -1.12 -13.35
N GLY A 96 -6.31 -0.66 -12.16
CA GLY A 96 -4.89 -0.62 -11.83
C GLY A 96 -4.36 0.78 -11.65
N ASN A 97 -4.94 1.53 -10.71
CA ASN A 97 -4.51 2.90 -10.45
C ASN A 97 -3.95 3.03 -9.05
N GLY A 98 -4.75 2.64 -8.07
CA GLY A 98 -4.35 2.73 -6.67
C GLY A 98 -5.47 3.22 -5.80
N TYR A 99 -6.43 3.91 -6.41
CA TYR A 99 -7.58 4.46 -5.70
C TYR A 99 -8.84 3.69 -6.10
N ILE A 100 -9.81 3.64 -5.18
CA ILE A 100 -11.06 2.96 -5.46
C ILE A 100 -12.19 3.96 -5.63
N SER A 101 -12.37 4.44 -6.86
CA SER A 101 -13.42 5.40 -7.17
C SER A 101 -14.79 4.75 -7.05
N ALA A 102 -14.94 3.58 -7.68
CA ALA A 102 -16.20 2.85 -7.64
C ALA A 102 -16.19 1.70 -8.65
N ALA A 103 -15.50 1.89 -9.77
CA ALA A 103 -15.41 0.87 -10.82
C ALA A 103 -15.09 -0.48 -10.22
N GLU A 104 -13.95 -0.58 -9.57
CA GLU A 104 -13.54 -1.83 -8.96
C GLU A 104 -14.63 -2.32 -7.99
N LEU A 105 -15.05 -1.44 -7.09
CA LEU A 105 -16.08 -1.76 -6.12
C LEU A 105 -17.33 -2.31 -6.81
N ARG A 106 -17.61 -1.81 -8.00
CA ARG A 106 -18.78 -2.25 -8.75
C ARG A 106 -18.71 -3.73 -9.06
N HIS A 107 -17.73 -4.12 -9.88
CA HIS A 107 -17.57 -5.52 -10.25
C HIS A 107 -16.87 -6.32 -9.16
N VAL A 108 -15.76 -5.81 -8.66
CA VAL A 108 -14.98 -6.49 -7.63
C VAL A 108 -15.82 -6.78 -6.38
N MET A 109 -16.56 -5.79 -5.90
CA MET A 109 -17.37 -5.95 -4.70
C MET A 109 -18.70 -6.65 -4.97
N THR A 110 -19.18 -6.62 -6.21
CA THR A 110 -20.44 -7.29 -6.52
C THR A 110 -20.19 -8.75 -6.83
N ASN A 111 -19.02 -9.00 -7.40
CA ASN A 111 -18.60 -10.34 -7.76
C ASN A 111 -18.21 -11.12 -6.50
N LEU A 112 -17.68 -10.40 -5.52
CA LEU A 112 -17.28 -11.00 -4.26
C LEU A 112 -18.46 -11.66 -3.57
N GLY A 113 -19.64 -11.10 -3.77
CA GLY A 113 -20.84 -11.65 -3.16
C GLY A 113 -21.94 -10.61 -2.99
N GLU A 114 -21.55 -9.37 -2.77
CA GLU A 114 -22.52 -8.28 -2.60
C GLU A 114 -23.15 -7.88 -3.93
N LYS A 115 -23.80 -6.73 -3.94
CA LYS A 115 -24.47 -6.23 -5.13
C LYS A 115 -24.59 -4.71 -5.08
N LEU A 116 -23.46 -4.03 -4.98
CA LEU A 116 -23.45 -2.58 -4.90
C LEU A 116 -23.53 -1.95 -6.29
N THR A 117 -24.75 -1.71 -6.75
CA THR A 117 -24.96 -1.09 -8.06
C THR A 117 -24.14 0.16 -8.20
N ASP A 118 -24.25 0.81 -9.35
CA ASP A 118 -23.52 2.05 -9.58
C ASP A 118 -23.92 3.09 -8.53
N GLU A 119 -25.09 2.89 -7.93
CA GLU A 119 -25.59 3.80 -6.90
C GLU A 119 -24.97 3.49 -5.55
N GLU A 120 -25.11 2.24 -5.11
CA GLU A 120 -24.56 1.80 -3.83
C GLU A 120 -23.07 2.13 -3.74
N VAL A 121 -22.33 1.73 -4.76
CA VAL A 121 -20.90 1.97 -4.79
C VAL A 121 -20.57 3.47 -4.79
N ASP A 122 -21.32 4.24 -5.58
CA ASP A 122 -21.11 5.68 -5.66
C ASP A 122 -20.98 6.31 -4.29
N GLU A 123 -22.05 6.27 -3.50
CA GLU A 123 -22.04 6.84 -2.17
C GLU A 123 -21.22 5.99 -1.21
N MET A 124 -21.01 4.72 -1.56
CA MET A 124 -20.24 3.82 -0.72
C MET A 124 -18.83 4.38 -0.52
N ILE A 125 -18.13 4.61 -1.64
CA ILE A 125 -16.79 5.14 -1.60
C ILE A 125 -16.81 6.65 -1.31
N ARG A 126 -17.92 7.29 -1.65
CA ARG A 126 -18.10 8.71 -1.42
C ARG A 126 -18.20 8.97 0.08
N GLU A 127 -18.90 8.07 0.76
CA GLU A 127 -19.07 8.16 2.20
C GLU A 127 -17.82 7.57 2.86
N ALA A 128 -17.24 6.57 2.20
CA ALA A 128 -16.04 5.93 2.70
C ALA A 128 -14.86 6.91 2.65
N ASP A 129 -14.86 7.74 1.61
CA ASP A 129 -13.80 8.74 1.46
C ASP A 129 -13.69 9.59 2.72
N ILE A 130 -12.66 9.33 3.52
CA ILE A 130 -12.44 10.07 4.77
C ILE A 130 -12.13 11.55 4.50
N ASP A 131 -10.85 11.87 4.35
CA ASP A 131 -10.43 13.26 4.11
C ASP A 131 -11.29 13.90 3.02
N GLY A 132 -11.54 13.16 1.95
CA GLY A 132 -12.35 13.68 0.86
C GLY A 132 -11.56 14.52 -0.10
N ASP A 133 -10.76 13.87 -0.94
CA ASP A 133 -9.96 14.57 -1.93
C ASP A 133 -10.59 14.45 -3.32
N GLY A 134 -11.48 13.47 -3.47
CA GLY A 134 -12.14 13.23 -4.74
C GLY A 134 -12.27 11.75 -5.01
N GLN A 135 -11.55 10.95 -4.23
CA GLN A 135 -11.56 9.52 -4.37
C GLN A 135 -11.00 8.93 -3.09
N VAL A 136 -11.10 7.64 -2.96
CA VAL A 136 -10.59 6.95 -1.78
C VAL A 136 -9.13 6.56 -1.96
N ASN A 137 -8.25 7.16 -1.17
CA ASN A 137 -6.82 6.88 -1.27
C ASN A 137 -6.39 5.81 -0.26
N TYR A 138 -5.57 4.88 -0.75
CA TYR A 138 -5.06 3.79 0.08
C TYR A 138 -4.66 4.28 1.47
N GLU A 139 -4.03 5.46 1.52
CA GLU A 139 -3.60 6.03 2.80
C GLU A 139 -4.70 5.91 3.84
N GLU A 140 -5.95 5.96 3.38
CA GLU A 140 -7.10 5.83 4.25
C GLU A 140 -7.48 4.36 4.34
N PHE A 141 -7.32 3.66 3.21
CA PHE A 141 -7.64 2.25 3.13
C PHE A 141 -6.90 1.48 4.22
N VAL A 142 -5.62 1.79 4.39
CA VAL A 142 -4.81 1.13 5.40
C VAL A 142 -5.06 1.70 6.79
N GLN A 143 -5.03 3.03 6.90
CA GLN A 143 -5.26 3.69 8.17
C GLN A 143 -6.52 3.15 8.84
N MET A 144 -7.52 2.81 8.04
CA MET A 144 -8.78 2.29 8.55
C MET A 144 -8.73 0.78 8.74
N MET A 145 -8.07 0.07 7.82
CA MET A 145 -7.98 -1.39 7.90
C MET A 145 -6.76 -1.83 8.69
N THR A 146 -5.58 -1.54 8.16
CA THR A 146 -4.33 -1.92 8.82
C THR A 146 -4.32 -1.44 10.27
N ALA A 147 -4.33 -0.12 10.45
CA ALA A 147 -4.34 0.45 11.79
C ALA A 147 -5.51 -0.09 12.61
N LYS A 148 -5.25 -1.14 13.38
CA LYS A 148 -6.28 -1.75 14.21
C LYS A 148 -7.30 -2.50 13.35
N LEU B 1 -28.24 0.76 8.21
CA LEU B 1 -27.41 1.94 8.55
C LEU B 1 -26.50 2.33 7.39
N ARG B 2 -25.77 1.35 6.87
CA ARG B 2 -24.86 1.60 5.76
C ARG B 2 -23.76 2.57 6.17
N ARG B 3 -22.54 2.31 5.72
CA ARG B 3 -21.41 3.17 6.05
C ARG B 3 -20.13 2.69 5.34
N GLY B 4 -19.88 1.39 5.41
CA GLY B 4 -18.70 0.83 4.79
C GLY B 4 -17.78 0.18 5.79
N GLN B 5 -17.51 0.87 6.90
CA GLN B 5 -16.65 0.35 7.94
C GLN B 5 -17.19 -0.98 8.45
N ILE B 6 -16.40 -2.04 8.28
CA ILE B 6 -16.80 -3.38 8.70
C ILE B 6 -17.80 -3.99 7.73
N LEU B 7 -17.86 -3.45 6.51
CA LEU B 7 -18.75 -3.95 5.48
C LEU B 7 -17.90 -4.51 4.34
N TRP B 8 -17.22 -3.62 3.63
CA TRP B 8 -16.33 -4.05 2.56
C TRP B 8 -14.94 -4.37 3.13
N PHE B 9 -14.81 -4.15 4.45
CA PHE B 9 -13.58 -4.47 5.16
C PHE B 9 -13.60 -5.97 5.35
N ARG B 10 -14.78 -6.42 5.74
CA ARG B 10 -15.06 -7.80 5.92
C ARG B 10 -15.09 -8.48 4.55
N GLY B 11 -15.45 -7.69 3.53
CA GLY B 11 -15.46 -8.19 2.17
C GLY B 11 -14.16 -8.85 1.83
N LEU B 12 -13.06 -8.10 2.01
CA LEU B 12 -11.74 -8.66 1.75
C LEU B 12 -11.50 -9.87 2.64
N ASN B 13 -11.86 -9.74 3.91
CA ASN B 13 -11.70 -10.83 4.87
C ASN B 13 -12.38 -12.10 4.33
N ARG B 14 -13.56 -11.92 3.75
CA ARG B 14 -14.30 -13.05 3.19
C ARG B 14 -13.42 -13.80 2.20
N ILE B 15 -12.78 -13.05 1.30
CA ILE B 15 -11.90 -13.64 0.30
C ILE B 15 -10.92 -14.60 0.96
N GLN B 16 -9.96 -14.02 1.70
CA GLN B 16 -8.93 -14.79 2.39
C GLN B 16 -9.45 -16.14 2.90
N THR B 17 -10.62 -16.10 3.56
CA THR B 17 -11.23 -17.32 4.08
C THR B 17 -11.29 -18.38 2.97
N GLN B 18 -11.79 -17.96 1.81
CA GLN B 18 -11.90 -18.82 0.65
C GLN B 18 -11.47 -18.05 -0.59
N ILE B 19 -10.19 -17.67 -0.62
CA ILE B 19 -9.62 -16.88 -1.72
C ILE B 19 -10.21 -17.29 -3.07
N LYS B 20 -10.52 -16.31 -3.91
CA LYS B 20 -11.08 -16.57 -5.22
C LYS B 20 -12.44 -17.25 -5.11
CA CA C . 15.95 -26.37 -29.61
CA CA D . 5.72 -20.55 -28.01
CA CA E . -8.46 1.49 -9.10
CA CA F . -9.70 10.20 0.10
N ALA A 1 -8.75 17.68 -8.44
CA ALA A 1 -7.59 18.27 -7.73
C ALA A 1 -6.96 17.25 -6.78
N ASP A 2 -5.81 16.72 -7.18
CA ASP A 2 -5.11 15.73 -6.37
C ASP A 2 -4.04 16.40 -5.51
N GLN A 3 -4.47 17.36 -4.69
CA GLN A 3 -3.55 18.07 -3.81
C GLN A 3 -3.07 17.18 -2.67
N LEU A 4 -1.84 17.39 -2.24
CA LEU A 4 -1.24 16.60 -1.16
C LEU A 4 -1.58 17.22 0.19
N THR A 5 -1.72 16.37 1.22
CA THR A 5 -2.01 16.84 2.55
C THR A 5 -0.83 17.64 3.09
N GLU A 6 -1.14 18.70 3.83
CA GLU A 6 -0.10 19.56 4.41
C GLU A 6 0.27 19.10 5.82
N GLU A 7 -0.61 18.30 6.42
CA GLU A 7 -0.42 17.80 7.78
C GLU A 7 0.78 16.85 7.88
N GLN A 8 0.67 15.70 7.21
CA GLN A 8 1.75 14.71 7.25
C GLN A 8 2.98 15.18 6.50
N ILE A 9 2.78 15.61 5.25
CA ILE A 9 3.88 16.09 4.44
C ILE A 9 4.72 17.10 5.22
N ALA A 10 4.03 18.03 5.87
CA ALA A 10 4.68 19.05 6.68
C ALA A 10 5.77 18.42 7.55
N GLU A 11 5.46 17.23 8.07
CA GLU A 11 6.43 16.50 8.88
C GLU A 11 7.66 16.26 8.03
N PHE A 12 7.43 15.77 6.81
CA PHE A 12 8.54 15.57 5.89
C PHE A 12 9.28 16.89 5.72
N LYS A 13 8.50 17.97 5.77
CA LYS A 13 9.04 19.32 5.67
C LYS A 13 9.92 19.60 6.89
N GLU A 14 9.53 19.04 8.03
CA GLU A 14 10.29 19.23 9.26
C GLU A 14 11.71 18.72 9.06
N ALA A 15 11.85 17.70 8.22
CA ALA A 15 13.15 17.16 7.90
C ALA A 15 13.75 18.01 6.80
N PHE A 16 12.93 18.35 5.82
CA PHE A 16 13.38 19.19 4.72
C PHE A 16 13.83 20.55 5.26
N SER A 17 13.42 20.88 6.49
CA SER A 17 13.81 22.13 7.12
C SER A 17 15.08 21.96 7.93
N LEU A 18 15.23 20.76 8.49
CA LEU A 18 16.39 20.42 9.29
C LEU A 18 17.50 19.96 8.38
N PHE A 19 17.11 19.13 7.41
CA PHE A 19 18.02 18.62 6.42
C PHE A 19 18.75 19.78 5.75
N ASP A 20 18.10 20.94 5.75
CA ASP A 20 18.67 22.14 5.18
C ASP A 20 19.80 22.65 6.08
N LYS A 21 19.67 22.37 7.38
CA LYS A 21 20.67 22.76 8.36
C LYS A 21 21.05 24.22 8.20
N ASP A 22 20.06 25.10 8.30
CA ASP A 22 20.31 26.53 8.18
C ASP A 22 19.02 27.35 8.35
N GLY A 23 17.90 26.79 7.89
CA GLY A 23 16.64 27.49 7.97
C GLY A 23 16.45 28.39 6.77
N ASP A 24 16.46 27.79 5.60
CA ASP A 24 16.33 28.52 4.34
C ASP A 24 15.00 28.19 3.66
N GLY A 25 14.42 27.05 4.02
CA GLY A 25 13.18 26.63 3.41
C GLY A 25 13.42 26.03 2.03
N THR A 26 14.70 25.79 1.72
CA THR A 26 15.08 25.22 0.43
C THR A 26 16.47 24.59 0.54
N ILE A 27 16.59 23.38 0.00
CA ILE A 27 17.86 22.66 0.04
C ILE A 27 18.70 22.99 -1.18
N THR A 28 19.99 23.25 -0.97
CA THR A 28 20.89 23.59 -2.05
C THR A 28 22.23 22.89 -1.87
N THR A 29 23.09 22.99 -2.88
CA THR A 29 24.40 22.36 -2.82
C THR A 29 25.13 22.76 -1.54
N LYS A 30 24.78 23.95 -1.02
CA LYS A 30 25.39 24.45 0.20
C LYS A 30 25.21 23.45 1.34
N GLU A 31 23.96 23.15 1.67
CA GLU A 31 23.65 22.19 2.73
C GLU A 31 23.74 20.76 2.21
N LEU A 32 23.18 20.53 1.03
CA LEU A 32 23.22 19.21 0.42
C LEU A 32 24.66 18.74 0.29
N GLY A 33 25.56 19.69 0.15
CA GLY A 33 26.98 19.37 0.03
C GLY A 33 27.64 19.15 1.36
N THR A 34 27.24 19.93 2.37
CA THR A 34 27.81 19.81 3.71
C THR A 34 27.73 18.35 4.18
N VAL A 35 26.65 17.67 3.79
CA VAL A 35 26.47 16.28 4.16
C VAL A 35 27.16 15.36 3.14
N MET A 36 27.12 15.77 1.88
CA MET A 36 27.74 15.00 0.81
C MET A 36 29.27 15.06 0.91
N ARG A 37 29.78 15.96 1.75
CA ARG A 37 31.23 16.11 1.92
C ARG A 37 31.69 15.47 3.22
N SER A 38 30.86 15.56 4.24
CA SER A 38 31.17 14.99 5.55
C SER A 38 30.66 13.55 5.66
N LEU A 39 29.78 13.16 4.73
CA LEU A 39 29.20 11.82 4.75
C LEU A 39 29.20 11.22 3.36
N GLY A 40 28.45 11.86 2.47
CA GLY A 40 28.34 11.41 1.10
C GLY A 40 29.68 11.41 0.39
N GLN A 41 30.67 12.06 1.01
CA GLN A 41 32.02 12.17 0.46
C GLN A 41 32.43 10.91 -0.30
N ASN A 42 32.16 10.92 -1.61
CA ASN A 42 32.49 9.79 -2.45
C ASN A 42 32.50 10.21 -3.93
N PRO A 43 31.33 10.57 -4.47
CA PRO A 43 31.21 11.00 -5.87
C PRO A 43 31.90 12.33 -6.14
N THR A 44 31.59 12.95 -7.27
CA THR A 44 32.19 14.22 -7.64
C THR A 44 31.56 15.38 -6.85
N GLU A 45 32.36 16.41 -6.60
CA GLU A 45 31.90 17.59 -5.86
C GLU A 45 30.71 18.22 -6.58
N ALA A 46 30.82 18.31 -7.90
CA ALA A 46 29.79 18.89 -8.74
C ALA A 46 28.55 18.01 -8.80
N GLU A 47 28.72 16.72 -8.53
CA GLU A 47 27.60 15.79 -8.55
C GLU A 47 26.39 16.36 -7.82
N LEU A 48 26.64 17.01 -6.68
CA LEU A 48 25.57 17.61 -5.90
C LEU A 48 24.76 18.56 -6.77
N GLN A 49 25.38 19.08 -7.82
CA GLN A 49 24.70 19.96 -8.75
C GLN A 49 23.78 19.12 -9.61
N ASP A 50 24.29 17.96 -10.02
CA ASP A 50 23.51 17.03 -10.81
C ASP A 50 22.44 16.40 -9.93
N MET A 51 22.77 16.26 -8.64
CA MET A 51 21.86 15.69 -7.67
C MET A 51 20.76 16.70 -7.35
N ILE A 52 21.12 17.98 -7.44
CA ILE A 52 20.18 19.06 -7.19
C ILE A 52 19.34 19.33 -8.44
N ASN A 53 20.02 19.51 -9.57
CA ASN A 53 19.33 19.78 -10.83
C ASN A 53 18.54 18.55 -11.30
N GLU A 54 18.76 17.41 -10.65
CA GLU A 54 18.07 16.18 -11.01
C GLU A 54 16.63 16.20 -10.49
N VAL A 55 16.45 16.67 -9.27
CA VAL A 55 15.13 16.76 -8.66
C VAL A 55 14.42 18.06 -9.06
N ASP A 56 15.15 18.97 -9.69
CA ASP A 56 14.60 20.25 -10.10
C ASP A 56 13.58 20.07 -11.21
N ALA A 57 12.48 19.37 -10.91
CA ALA A 57 11.43 19.15 -11.90
C ALA A 57 10.97 20.49 -12.46
N ASP A 58 10.94 21.49 -11.58
CA ASP A 58 10.57 22.83 -11.96
C ASP A 58 11.83 23.67 -12.17
N GLY A 59 12.95 23.21 -11.61
CA GLY A 59 14.22 23.91 -11.75
C GLY A 59 14.08 25.41 -11.66
N ASN A 60 13.49 25.88 -10.57
CA ASN A 60 13.30 27.32 -10.36
C ASN A 60 14.53 27.92 -9.68
N GLY A 61 15.14 27.15 -8.78
CA GLY A 61 16.32 27.62 -8.08
C GLY A 61 17.02 26.52 -7.30
N THR A 62 16.32 25.95 -6.32
CA THR A 62 16.88 24.89 -5.50
C THR A 62 15.81 23.89 -5.07
N ILE A 63 16.20 22.93 -4.23
CA ILE A 63 15.29 21.91 -3.73
C ILE A 63 14.09 22.53 -3.07
N ASP A 64 12.90 22.14 -3.52
CA ASP A 64 11.66 22.66 -2.95
C ASP A 64 10.83 21.54 -2.33
N PHE A 65 10.05 21.91 -1.32
CA PHE A 65 9.20 20.99 -0.59
C PHE A 65 8.53 19.94 -1.50
N PRO A 66 7.87 20.36 -2.59
CA PRO A 66 7.17 19.42 -3.48
C PRO A 66 8.08 18.51 -4.31
N GLU A 67 9.13 19.07 -4.92
CA GLU A 67 10.02 18.25 -5.75
C GLU A 67 10.84 17.29 -4.89
N PHE A 68 11.33 17.78 -3.76
CA PHE A 68 12.12 16.95 -2.85
C PHE A 68 11.20 15.89 -2.22
N LEU A 69 9.93 16.26 -2.10
CA LEU A 69 8.92 15.37 -1.52
C LEU A 69 8.64 14.20 -2.46
N THR A 70 8.29 14.52 -3.70
CA THR A 70 8.00 13.50 -4.70
C THR A 70 9.14 12.48 -4.78
N MET A 71 10.36 12.97 -4.60
CA MET A 71 11.54 12.10 -4.65
C MET A 71 11.50 11.05 -3.54
N MET A 72 11.48 11.51 -2.29
CA MET A 72 11.45 10.61 -1.15
C MET A 72 10.26 9.66 -1.24
N ALA A 73 9.21 10.10 -1.92
CA ALA A 73 8.01 9.28 -2.08
C ALA A 73 8.22 8.18 -3.12
N ARG A 74 8.43 8.58 -4.37
CA ARG A 74 8.65 7.63 -5.45
C ARG A 74 10.13 7.47 -5.75
N LYS A 75 10.88 6.97 -4.77
CA LYS A 75 12.30 6.76 -4.92
C LYS A 75 12.59 5.79 -6.06
N MET A 76 12.31 4.52 -5.84
CA MET A 76 12.52 3.49 -6.85
C MET A 76 11.63 2.29 -6.61
N LYS A 77 11.79 1.66 -5.46
CA LYS A 77 10.99 0.48 -5.11
C LYS A 77 9.93 0.85 -4.07
N ASP A 78 9.28 1.99 -4.28
CA ASP A 78 8.24 2.46 -3.38
C ASP A 78 8.66 2.35 -1.92
N THR A 79 7.71 2.54 -1.01
CA THR A 79 7.99 2.46 0.42
C THR A 79 6.70 2.64 1.22
N ASP A 80 5.94 1.56 1.38
CA ASP A 80 4.69 1.60 2.12
C ASP A 80 4.64 0.49 3.16
N SER A 81 3.64 0.56 4.04
CA SER A 81 3.45 -0.45 5.08
C SER A 81 2.65 -1.65 4.58
N GLU A 82 2.44 -1.72 3.26
CA GLU A 82 1.69 -2.82 2.67
C GLU A 82 2.50 -4.12 2.72
N GLU A 83 1.96 -5.17 2.11
CA GLU A 83 2.64 -6.46 2.08
C GLU A 83 1.73 -7.52 1.48
N GLU A 84 0.73 -7.95 2.25
CA GLU A 84 -0.21 -8.96 1.78
C GLU A 84 -1.41 -8.31 1.09
N ILE A 85 -1.84 -7.16 1.61
CA ILE A 85 -2.96 -6.44 1.03
C ILE A 85 -2.63 -6.04 -0.40
N ARG A 86 -1.34 -6.06 -0.74
CA ARG A 86 -0.91 -5.70 -2.08
C ARG A 86 -1.70 -6.46 -3.14
N GLU A 87 -2.24 -7.62 -2.75
CA GLU A 87 -3.03 -8.44 -3.66
C GLU A 87 -4.48 -7.97 -3.64
N ALA A 88 -5.02 -7.76 -2.45
CA ALA A 88 -6.37 -7.25 -2.32
C ALA A 88 -6.41 -5.85 -2.93
N PHE A 89 -5.28 -5.17 -2.81
CA PHE A 89 -5.08 -3.84 -3.34
C PHE A 89 -5.18 -3.83 -4.86
N ARG A 90 -4.59 -4.84 -5.49
CA ARG A 90 -4.64 -4.97 -6.93
C ARG A 90 -6.01 -5.48 -7.31
N VAL A 91 -6.54 -6.29 -6.40
CA VAL A 91 -7.86 -6.85 -6.54
C VAL A 91 -8.91 -5.74 -6.52
N PHE A 92 -8.63 -4.72 -5.71
CA PHE A 92 -9.52 -3.57 -5.56
C PHE A 92 -9.22 -2.49 -6.59
N ASP A 93 -8.13 -2.62 -7.32
CA ASP A 93 -7.75 -1.61 -8.31
C ASP A 93 -8.52 -1.76 -9.61
N LYS A 94 -8.89 -2.99 -9.90
CA LYS A 94 -9.64 -3.34 -11.12
C LYS A 94 -9.23 -2.48 -12.34
N ASP A 95 -7.96 -2.06 -12.37
CA ASP A 95 -7.46 -1.27 -13.49
C ASP A 95 -5.97 -0.94 -13.30
N GLY A 96 -5.60 -0.54 -12.10
CA GLY A 96 -4.22 -0.23 -11.82
C GLY A 96 -3.95 1.27 -11.75
N ASN A 97 -4.64 1.95 -10.84
CA ASN A 97 -4.47 3.39 -10.68
C ASN A 97 -3.87 3.71 -9.32
N GLY A 98 -4.55 3.25 -8.26
CA GLY A 98 -4.09 3.50 -6.91
C GLY A 98 -5.24 3.87 -6.00
N TYR A 99 -6.28 4.44 -6.60
CA TYR A 99 -7.47 4.85 -5.86
C TYR A 99 -8.68 4.01 -6.27
N ILE A 100 -9.61 3.83 -5.35
CA ILE A 100 -10.80 3.04 -5.64
C ILE A 100 -12.03 3.93 -5.71
N SER A 101 -12.31 4.43 -6.91
CA SER A 101 -13.47 5.29 -7.13
C SER A 101 -14.77 4.53 -6.89
N ALA A 102 -15.05 3.55 -7.74
CA ALA A 102 -16.27 2.75 -7.61
C ALA A 102 -16.24 1.54 -8.53
N ALA A 103 -15.86 1.76 -9.79
CA ALA A 103 -15.78 0.68 -10.78
C ALA A 103 -15.23 -0.60 -10.17
N GLU A 104 -13.98 -0.55 -9.76
CA GLU A 104 -13.34 -1.70 -9.15
C GLU A 104 -14.19 -2.22 -8.00
N LEU A 105 -14.89 -1.31 -7.34
CA LEU A 105 -15.74 -1.66 -6.21
C LEU A 105 -17.04 -2.30 -6.68
N ARG A 106 -17.52 -1.88 -7.85
CA ARG A 106 -18.76 -2.41 -8.41
C ARG A 106 -18.64 -3.90 -8.74
N HIS A 107 -17.69 -4.22 -9.61
CA HIS A 107 -17.48 -5.59 -10.05
C HIS A 107 -16.95 -6.50 -8.95
N VAL A 108 -16.05 -5.98 -8.13
CA VAL A 108 -15.47 -6.79 -7.06
C VAL A 108 -16.41 -6.94 -5.87
N MET A 109 -17.08 -5.85 -5.48
CA MET A 109 -17.97 -5.91 -4.35
C MET A 109 -19.27 -6.64 -4.66
N THR A 110 -19.55 -6.83 -5.96
CA THR A 110 -20.76 -7.55 -6.36
C THR A 110 -20.45 -9.03 -6.49
N ASN A 111 -19.19 -9.32 -6.81
CA ASN A 111 -18.73 -10.69 -6.96
C ASN A 111 -18.24 -11.25 -5.62
N LEU A 112 -17.73 -10.34 -4.77
CA LEU A 112 -17.22 -10.72 -3.46
C LEU A 112 -18.26 -11.55 -2.70
N GLY A 113 -19.46 -10.99 -2.54
CA GLY A 113 -20.52 -11.69 -1.85
C GLY A 113 -21.71 -10.80 -1.56
N GLU A 114 -22.03 -9.93 -2.51
CA GLU A 114 -23.16 -9.02 -2.36
C GLU A 114 -23.64 -8.54 -3.71
N LYS A 115 -24.44 -7.47 -3.70
CA LYS A 115 -24.98 -6.89 -4.93
C LYS A 115 -25.05 -5.38 -4.80
N LEU A 116 -23.87 -4.76 -4.70
CA LEU A 116 -23.78 -3.32 -4.55
C LEU A 116 -23.88 -2.62 -5.90
N THR A 117 -25.07 -2.08 -6.19
CA THR A 117 -25.28 -1.37 -7.45
C THR A 117 -24.21 -0.31 -7.63
N ASP A 118 -24.12 0.23 -8.84
CA ASP A 118 -23.15 1.26 -9.12
C ASP A 118 -23.50 2.54 -8.37
N GLU A 119 -24.79 2.70 -8.06
CA GLU A 119 -25.25 3.89 -7.36
C GLU A 119 -24.94 3.80 -5.87
N GLU A 120 -25.08 2.59 -5.33
CA GLU A 120 -24.83 2.38 -3.90
C GLU A 120 -23.35 2.14 -3.62
N VAL A 121 -22.71 1.26 -4.40
CA VAL A 121 -21.30 1.00 -4.18
C VAL A 121 -20.49 2.26 -4.39
N ASP A 122 -20.94 3.11 -5.32
CA ASP A 122 -20.26 4.36 -5.58
C ASP A 122 -20.36 5.28 -4.37
N GLU A 123 -21.59 5.46 -3.88
CA GLU A 123 -21.82 6.29 -2.70
C GLU A 123 -20.98 5.78 -1.54
N MET A 124 -20.72 4.47 -1.54
CA MET A 124 -19.93 3.86 -0.49
C MET A 124 -18.55 4.51 -0.45
N ILE A 125 -17.81 4.38 -1.54
CA ILE A 125 -16.49 4.99 -1.65
C ILE A 125 -16.58 6.49 -1.39
N ARG A 126 -17.77 7.05 -1.58
CA ARG A 126 -18.01 8.47 -1.36
C ARG A 126 -18.03 8.75 0.13
N GLU A 127 -18.85 7.99 0.86
CA GLU A 127 -18.93 8.13 2.30
C GLU A 127 -17.65 7.61 2.93
N ALA A 128 -17.07 6.60 2.27
CA ALA A 128 -15.83 6.00 2.73
C ALA A 128 -14.70 7.03 2.67
N ASP A 129 -14.71 7.86 1.63
CA ASP A 129 -13.71 8.89 1.48
C ASP A 129 -13.60 9.73 2.75
N ILE A 130 -12.54 9.50 3.52
CA ILE A 130 -12.34 10.21 4.78
C ILE A 130 -11.51 11.48 4.58
N ASP A 131 -10.22 11.32 4.31
CA ASP A 131 -9.34 12.46 4.11
C ASP A 131 -9.97 13.50 3.20
N GLY A 132 -10.71 13.05 2.20
CA GLY A 132 -11.38 13.95 1.29
C GLY A 132 -10.46 14.43 0.18
N ASP A 133 -10.01 13.51 -0.67
CA ASP A 133 -9.14 13.87 -1.78
C ASP A 133 -9.93 13.89 -3.09
N GLY A 134 -11.09 13.24 -3.08
CA GLY A 134 -11.93 13.17 -4.25
C GLY A 134 -12.29 11.74 -4.58
N GLN A 135 -11.67 10.80 -3.87
CA GLN A 135 -11.91 9.39 -4.10
C GLN A 135 -11.55 8.61 -2.81
N VAL A 136 -10.73 7.58 -2.92
CA VAL A 136 -10.32 6.81 -1.75
C VAL A 136 -8.87 6.37 -1.90
N ASN A 137 -7.99 7.04 -1.18
CA ASN A 137 -6.57 6.74 -1.25
C ASN A 137 -6.20 5.69 -0.22
N TYR A 138 -5.59 4.59 -0.68
CA TYR A 138 -5.18 3.49 0.18
C TYR A 138 -4.69 4.00 1.53
N GLU A 139 -3.96 5.11 1.51
CA GLU A 139 -3.45 5.72 2.75
C GLU A 139 -4.54 5.75 3.82
N GLU A 140 -5.76 6.06 3.41
CA GLU A 140 -6.89 6.11 4.33
C GLU A 140 -7.49 4.72 4.52
N PHE A 141 -7.25 3.84 3.54
CA PHE A 141 -7.73 2.48 3.59
C PHE A 141 -6.91 1.70 4.59
N VAL A 142 -5.60 1.82 4.43
CA VAL A 142 -4.67 1.15 5.34
C VAL A 142 -4.84 1.70 6.75
N GLN A 143 -4.48 2.97 6.93
CA GLN A 143 -4.59 3.62 8.22
C GLN A 143 -5.88 3.25 8.94
N MET A 144 -6.94 3.04 8.17
CA MET A 144 -8.24 2.68 8.72
C MET A 144 -8.26 1.25 9.27
N MET A 145 -8.03 0.28 8.39
CA MET A 145 -8.06 -1.13 8.78
C MET A 145 -6.69 -1.63 9.26
N THR A 146 -5.71 -1.61 8.37
CA THR A 146 -4.35 -2.08 8.68
C THR A 146 -3.93 -1.65 10.09
N ALA A 147 -4.35 -0.46 10.49
CA ALA A 147 -4.02 0.06 11.81
C ALA A 147 -5.03 -0.41 12.86
N LYS A 148 -4.69 -0.22 14.13
CA LYS A 148 -5.57 -0.62 15.22
C LYS A 148 -6.23 0.59 15.85
N LEU B 1 -27.31 -0.84 8.32
CA LEU B 1 -26.30 -1.41 9.25
C LEU B 1 -24.94 -0.77 9.04
N ARG B 2 -24.74 0.41 9.62
CA ARG B 2 -23.48 1.13 9.50
C ARG B 2 -23.33 1.76 8.12
N ARG B 3 -23.35 0.91 7.09
CA ARG B 3 -23.21 1.37 5.70
C ARG B 3 -21.76 1.62 5.35
N GLY B 4 -21.24 0.84 4.40
CA GLY B 4 -19.86 1.00 3.98
C GLY B 4 -18.87 0.44 4.98
N GLN B 5 -18.72 1.13 6.11
CA GLN B 5 -17.79 0.68 7.14
C GLN B 5 -18.15 -0.73 7.60
N ILE B 6 -17.14 -1.60 7.63
CA ILE B 6 -17.34 -2.98 8.05
C ILE B 6 -18.24 -3.72 7.05
N LEU B 7 -18.46 -3.11 5.87
CA LEU B 7 -19.26 -3.73 4.84
C LEU B 7 -18.35 -4.32 3.78
N TRP B 8 -17.54 -3.46 3.17
CA TRP B 8 -16.60 -3.91 2.17
C TRP B 8 -15.25 -4.28 2.81
N PHE B 9 -15.19 -4.15 4.14
CA PHE B 9 -14.00 -4.52 4.89
C PHE B 9 -14.10 -6.01 5.15
N ARG B 10 -15.33 -6.40 5.44
CA ARG B 10 -15.67 -7.78 5.67
C ARG B 10 -15.69 -8.50 4.33
N GLY B 11 -16.08 -7.77 3.30
CA GLY B 11 -16.11 -8.31 1.96
C GLY B 11 -14.77 -8.91 1.58
N LEU B 12 -13.75 -8.07 1.49
CA LEU B 12 -12.42 -8.55 1.15
C LEU B 12 -12.02 -9.65 2.13
N ASN B 13 -12.47 -9.51 3.37
CA ASN B 13 -12.19 -10.51 4.39
C ASN B 13 -12.73 -11.86 3.92
N ARG B 14 -13.85 -11.79 3.20
CA ARG B 14 -14.48 -13.00 2.66
C ARG B 14 -13.51 -13.66 1.69
N ILE B 15 -12.83 -12.84 0.88
CA ILE B 15 -11.87 -13.36 -0.07
C ILE B 15 -10.86 -14.25 0.64
N GLN B 16 -9.97 -13.63 1.41
CA GLN B 16 -8.93 -14.34 2.16
C GLN B 16 -9.42 -15.71 2.67
N THR B 17 -10.61 -15.72 3.29
CA THR B 17 -11.18 -16.97 3.79
C THR B 17 -11.18 -18.03 2.69
N GLN B 18 -11.70 -17.64 1.53
CA GLN B 18 -11.74 -18.51 0.37
C GLN B 18 -11.16 -17.77 -0.83
N ILE B 19 -9.90 -17.37 -0.71
CA ILE B 19 -9.20 -16.63 -1.75
C ILE B 19 -9.53 -17.15 -3.14
N LYS B 20 -9.54 -16.25 -4.13
CA LYS B 20 -9.84 -16.63 -5.50
C LYS B 20 -8.58 -16.56 -6.38
CA CA C . 19.36 26.51 2.18
CA CA D . 13.34 23.57 -7.62
CA CA E . -8.42 2.08 -9.48
CA CA F . -10.14 9.61 -0.14
N ALA A 1 6.10 -5.13 25.47
CA ALA A 1 6.42 -4.83 24.05
C ALA A 1 7.92 -4.76 23.83
N ASP A 2 8.36 -4.95 22.58
CA ASP A 2 9.77 -4.91 22.24
C ASP A 2 9.97 -4.73 20.75
N GLN A 3 11.14 -4.22 20.37
CA GLN A 3 11.45 -4.00 18.96
C GLN A 3 12.95 -4.19 18.70
N LEU A 4 13.77 -3.44 19.42
CA LEU A 4 15.21 -3.54 19.27
C LEU A 4 15.83 -4.37 20.39
N THR A 5 16.77 -5.24 20.01
CA THR A 5 17.43 -6.08 21.00
C THR A 5 18.24 -5.22 21.95
N GLU A 6 18.23 -5.58 23.22
CA GLU A 6 18.97 -4.86 24.25
C GLU A 6 20.36 -5.45 24.44
N GLU A 7 20.57 -6.66 23.91
CA GLU A 7 21.84 -7.35 24.04
C GLU A 7 22.95 -6.70 23.22
N GLN A 8 22.81 -6.73 21.90
CA GLN A 8 23.83 -6.14 21.02
C GLN A 8 23.85 -4.63 21.16
N ILE A 9 22.69 -4.02 21.03
CA ILE A 9 22.57 -2.57 21.15
C ILE A 9 23.27 -2.10 22.42
N ALA A 10 23.00 -2.78 23.53
CA ALA A 10 23.61 -2.44 24.82
C ALA A 10 25.10 -2.17 24.63
N GLU A 11 25.75 -2.99 23.80
CA GLU A 11 27.16 -2.79 23.52
C GLU A 11 27.34 -1.41 22.94
N PHE A 12 26.49 -1.08 21.98
CA PHE A 12 26.52 0.25 21.39
C PHE A 12 26.30 1.28 22.50
N LYS A 13 25.54 0.86 23.52
CA LYS A 13 25.26 1.67 24.66
C LYS A 13 26.51 1.83 25.51
N GLU A 14 27.27 0.74 25.65
CA GLU A 14 28.50 0.75 26.43
C GLU A 14 29.40 1.89 25.96
N ALA A 15 29.34 2.18 24.67
CA ALA A 15 30.10 3.27 24.12
C ALA A 15 29.32 4.54 24.37
N PHE A 16 28.02 4.47 24.13
CA PHE A 16 27.14 5.60 24.36
C PHE A 16 27.35 6.18 25.76
N SER A 17 27.85 5.35 26.67
CA SER A 17 28.10 5.78 28.05
C SER A 17 29.51 6.31 28.19
N LEU A 18 30.43 5.70 27.45
CA LEU A 18 31.83 6.09 27.48
C LEU A 18 32.03 7.30 26.59
N PHE A 19 31.34 7.27 25.47
CA PHE A 19 31.35 8.36 24.52
C PHE A 19 30.93 9.65 25.23
N ASP A 20 30.12 9.47 26.28
CA ASP A 20 29.64 10.59 27.09
C ASP A 20 30.73 11.04 28.05
N LYS A 21 31.67 10.14 28.35
CA LYS A 21 32.78 10.43 29.23
C LYS A 21 32.34 11.24 30.44
N ASP A 22 31.37 10.70 31.17
CA ASP A 22 30.85 11.38 32.36
C ASP A 22 29.93 10.50 33.21
N GLY A 23 29.26 9.54 32.59
CA GLY A 23 28.34 8.69 33.34
C GLY A 23 27.03 9.40 33.60
N ASP A 24 26.49 10.01 32.55
CA ASP A 24 25.25 10.76 32.63
C ASP A 24 24.13 10.02 31.90
N GLY A 25 24.51 9.23 30.91
CA GLY A 25 23.52 8.49 30.14
C GLY A 25 22.88 9.33 29.07
N THR A 26 23.53 10.42 28.69
CA THR A 26 23.03 11.33 27.67
C THR A 26 24.17 12.00 26.93
N ILE A 27 23.94 12.34 25.66
CA ILE A 27 24.97 12.98 24.86
C ILE A 27 24.55 14.39 24.44
N THR A 28 25.08 15.40 25.11
CA THR A 28 24.75 16.78 24.80
C THR A 28 25.94 17.49 24.17
N THR A 29 25.78 18.78 23.89
CA THR A 29 26.85 19.58 23.30
C THR A 29 28.02 19.67 24.26
N LYS A 30 27.73 19.56 25.55
CA LYS A 30 28.76 19.63 26.59
C LYS A 30 29.87 18.62 26.30
N GLU A 31 29.50 17.35 26.29
CA GLU A 31 30.46 16.28 26.03
C GLU A 31 30.72 16.13 24.54
N LEU A 32 29.65 16.11 23.74
CA LEU A 32 29.79 16.00 22.30
C LEU A 32 30.72 17.08 21.78
N GLY A 33 30.73 18.22 22.47
CA GLY A 33 31.59 19.32 22.10
C GLY A 33 33.01 19.10 22.56
N THR A 34 33.15 18.48 23.74
CA THR A 34 34.46 18.19 24.30
C THR A 34 35.26 17.33 23.32
N VAL A 35 34.58 16.33 22.76
CA VAL A 35 35.19 15.43 21.79
C VAL A 35 35.36 16.14 20.45
N MET A 36 34.46 17.07 20.18
CA MET A 36 34.50 17.82 18.93
C MET A 36 35.51 18.97 19.02
N ARG A 37 35.96 19.28 20.23
CA ARG A 37 36.92 20.37 20.42
C ARG A 37 38.29 19.83 20.81
N SER A 38 38.31 18.65 21.41
CA SER A 38 39.55 18.02 21.83
C SER A 38 40.12 17.11 20.74
N LEU A 39 39.28 16.78 19.76
CA LEU A 39 39.69 15.91 18.66
C LEU A 39 39.41 16.61 17.35
N GLY A 40 38.14 16.89 17.13
CA GLY A 40 37.73 17.58 15.94
C GLY A 40 38.19 19.01 15.96
N GLN A 41 38.42 19.52 17.18
CA GLN A 41 38.91 20.87 17.42
C GLN A 41 38.62 21.82 16.26
N ASN A 42 37.37 22.23 16.17
CA ASN A 42 36.95 23.13 15.11
C ASN A 42 35.47 23.48 15.23
N PRO A 43 34.58 22.46 15.21
CA PRO A 43 33.13 22.66 15.31
C PRO A 43 32.75 23.85 16.18
N THR A 44 31.79 24.64 15.69
CA THR A 44 31.33 25.82 16.41
C THR A 44 30.39 25.45 17.56
N GLU A 45 30.10 26.44 18.39
CA GLU A 45 29.22 26.26 19.53
C GLU A 45 27.80 26.02 19.06
N ALA A 46 27.46 26.64 17.95
CA ALA A 46 26.12 26.51 17.38
C ALA A 46 26.02 25.29 16.47
N GLU A 47 27.17 24.86 15.94
CA GLU A 47 27.22 23.71 15.05
C GLU A 47 26.84 22.43 15.77
N LEU A 48 27.58 22.05 16.81
CA LEU A 48 27.25 20.83 17.54
C LEU A 48 25.81 20.90 18.03
N GLN A 49 25.29 22.13 18.15
CA GLN A 49 23.90 22.31 18.54
C GLN A 49 23.02 21.91 17.37
N ASP A 50 23.52 22.16 16.17
CA ASP A 50 22.81 21.78 14.96
C ASP A 50 22.95 20.28 14.76
N MET A 51 24.08 19.74 15.21
CA MET A 51 24.35 18.31 15.12
C MET A 51 23.51 17.58 16.17
N ILE A 52 23.36 18.21 17.32
CA ILE A 52 22.59 17.66 18.43
C ILE A 52 21.10 17.72 18.11
N ASN A 53 20.66 18.88 17.61
CA ASN A 53 19.26 19.08 17.25
C ASN A 53 18.82 18.09 16.17
N GLU A 54 19.75 17.72 15.30
CA GLU A 54 19.45 16.78 14.22
C GLU A 54 19.18 15.38 14.76
N VAL A 55 19.71 15.10 15.95
CA VAL A 55 19.53 13.80 16.57
C VAL A 55 18.54 13.87 17.72
N ASP A 56 17.50 14.67 17.54
CA ASP A 56 16.49 14.81 18.57
C ASP A 56 15.20 14.10 18.19
N ALA A 57 15.33 12.86 17.68
CA ALA A 57 14.16 12.08 17.30
C ALA A 57 13.15 12.08 18.43
N ASP A 58 13.68 11.92 19.64
CA ASP A 58 12.86 11.96 20.85
C ASP A 58 12.65 13.42 21.23
N GLY A 59 13.64 14.24 20.90
CA GLY A 59 13.58 15.66 21.16
C GLY A 59 13.02 16.00 22.53
N ASN A 60 13.91 16.29 23.47
CA ASN A 60 13.53 16.64 24.83
C ASN A 60 14.56 17.56 25.47
N GLY A 61 15.83 17.23 25.28
CA GLY A 61 16.91 18.03 25.84
C GLY A 61 18.26 17.68 25.26
N THR A 62 18.55 16.38 25.18
CA THR A 62 19.83 15.91 24.65
C THR A 62 19.64 14.59 23.90
N ILE A 63 20.73 13.87 23.73
CA ILE A 63 20.70 12.58 23.03
C ILE A 63 20.64 11.42 24.01
N ASP A 64 19.74 10.49 23.73
CA ASP A 64 19.53 9.31 24.55
C ASP A 64 19.83 8.04 23.75
N PHE A 65 20.18 6.98 24.46
CA PHE A 65 20.52 5.70 23.84
C PHE A 65 19.67 5.39 22.60
N PRO A 66 18.32 5.44 22.71
CA PRO A 66 17.44 5.12 21.58
C PRO A 66 17.55 6.09 20.40
N GLU A 67 17.24 7.37 20.63
CA GLU A 67 17.29 8.35 19.54
C GLU A 67 18.65 8.36 18.83
N PHE A 68 19.74 8.36 19.60
CA PHE A 68 21.07 8.37 19.02
C PHE A 68 21.22 7.21 18.04
N LEU A 69 20.80 6.04 18.50
CA LEU A 69 20.88 4.83 17.70
C LEU A 69 20.06 4.97 16.41
N THR A 70 18.79 5.29 16.54
CA THR A 70 17.90 5.44 15.39
C THR A 70 18.54 6.33 14.33
N MET A 71 19.10 7.46 14.75
CA MET A 71 19.74 8.40 13.83
C MET A 71 20.95 7.78 13.16
N MET A 72 21.68 6.94 13.89
CA MET A 72 22.87 6.28 13.36
C MET A 72 22.51 5.08 12.50
N ALA A 73 21.72 4.16 13.06
CA ALA A 73 21.31 2.96 12.34
C ALA A 73 20.13 3.24 11.42
N ARG A 74 19.04 3.75 12.00
CA ARG A 74 17.85 4.06 11.23
C ARG A 74 18.07 5.29 10.35
N LYS A 75 17.09 5.61 9.52
CA LYS A 75 17.20 6.76 8.63
C LYS A 75 16.48 7.98 9.21
N MET A 76 15.17 8.07 8.96
CA MET A 76 14.37 9.19 9.46
C MET A 76 13.16 8.69 10.23
N LYS A 77 12.52 7.64 9.72
CA LYS A 77 11.35 7.07 10.38
C LYS A 77 11.25 5.57 10.12
N ASP A 78 11.07 5.20 8.86
CA ASP A 78 10.97 3.79 8.49
C ASP A 78 11.26 3.60 7.00
N THR A 79 11.08 2.37 6.52
CA THR A 79 11.32 2.06 5.11
C THR A 79 10.30 1.04 4.59
N ASP A 80 9.15 0.97 5.26
CA ASP A 80 8.10 0.05 4.87
C ASP A 80 7.27 0.63 3.72
N SER A 81 6.55 -0.24 3.01
CA SER A 81 5.72 0.20 1.90
C SER A 81 4.32 -0.44 1.96
N GLU A 82 4.19 -1.62 1.35
CA GLU A 82 2.92 -2.31 1.33
C GLU A 82 3.03 -3.67 2.02
N GLU A 83 3.59 -4.65 1.31
CA GLU A 83 3.75 -5.99 1.85
C GLU A 83 2.39 -6.65 2.06
N GLU A 84 1.65 -6.16 3.06
CA GLU A 84 0.32 -6.69 3.35
C GLU A 84 -0.74 -5.91 2.60
N ILE A 85 -1.92 -6.50 2.46
CA ILE A 85 -3.00 -5.86 1.74
C ILE A 85 -2.59 -5.58 0.30
N ARG A 86 -1.55 -6.28 -0.15
CA ARG A 86 -1.04 -6.14 -1.50
C ARG A 86 -1.94 -6.88 -2.49
N GLU A 87 -2.68 -7.86 -1.97
CA GLU A 87 -3.61 -8.64 -2.78
C GLU A 87 -4.93 -7.90 -2.88
N ALA A 88 -5.47 -7.51 -1.74
CA ALA A 88 -6.70 -6.75 -1.70
C ALA A 88 -6.49 -5.46 -2.48
N PHE A 89 -5.23 -5.01 -2.49
CA PHE A 89 -4.82 -3.81 -3.19
C PHE A 89 -4.90 -4.01 -4.70
N ARG A 90 -4.44 -5.16 -5.18
CA ARG A 90 -4.48 -5.47 -6.60
C ARG A 90 -5.85 -6.01 -6.97
N VAL A 91 -6.53 -6.54 -5.96
CA VAL A 91 -7.87 -7.08 -6.12
C VAL A 91 -8.88 -5.97 -6.39
N PHE A 92 -8.68 -4.83 -5.72
CA PHE A 92 -9.61 -3.70 -5.84
C PHE A 92 -9.16 -2.68 -6.89
N ASP A 93 -7.91 -2.71 -7.30
CA ASP A 93 -7.43 -1.73 -8.27
C ASP A 93 -8.06 -1.89 -9.65
N LYS A 94 -8.76 -2.99 -9.86
CA LYS A 94 -9.44 -3.30 -11.13
C LYS A 94 -8.71 -2.71 -12.35
N ASP A 95 -8.99 -1.45 -12.68
CA ASP A 95 -8.35 -0.82 -13.83
C ASP A 95 -6.84 -0.73 -13.63
N GLY A 96 -6.42 -0.17 -12.50
CA GLY A 96 -4.99 -0.05 -12.21
C GLY A 96 -4.55 1.39 -12.05
N ASN A 97 -4.94 2.01 -10.94
CA ASN A 97 -4.57 3.39 -10.66
C ASN A 97 -3.96 3.51 -9.27
N GLY A 98 -4.70 3.02 -8.28
CA GLY A 98 -4.26 3.08 -6.90
C GLY A 98 -5.40 3.48 -5.99
N TYR A 99 -6.37 4.19 -6.54
CA TYR A 99 -7.54 4.64 -5.81
C TYR A 99 -8.76 3.85 -6.23
N ILE A 100 -9.72 3.70 -5.33
CA ILE A 100 -10.92 2.94 -5.66
C ILE A 100 -12.15 3.85 -5.86
N SER A 101 -12.29 4.37 -7.07
CA SER A 101 -13.41 5.21 -7.41
C SER A 101 -14.73 4.50 -7.12
N ALA A 102 -14.97 3.40 -7.83
CA ALA A 102 -16.19 2.63 -7.64
C ALA A 102 -16.25 1.43 -8.60
N ALA A 103 -15.85 1.65 -9.85
CA ALA A 103 -15.88 0.59 -10.87
C ALA A 103 -15.37 -0.72 -10.31
N GLU A 104 -14.30 -0.64 -9.53
CA GLU A 104 -13.75 -1.82 -8.93
C GLU A 104 -14.61 -2.26 -7.76
N LEU A 105 -14.99 -1.30 -6.92
CA LEU A 105 -15.85 -1.59 -5.78
C LEU A 105 -17.09 -2.34 -6.24
N ARG A 106 -17.86 -1.72 -7.14
CA ARG A 106 -19.07 -2.34 -7.66
C ARG A 106 -18.82 -3.78 -8.08
N HIS A 107 -18.02 -3.98 -9.11
CA HIS A 107 -17.71 -5.31 -9.62
C HIS A 107 -17.04 -6.18 -8.55
N VAL A 108 -15.89 -5.73 -8.08
CA VAL A 108 -15.12 -6.46 -7.07
C VAL A 108 -15.98 -6.82 -5.85
N MET A 109 -16.80 -5.88 -5.39
CA MET A 109 -17.64 -6.10 -4.23
C MET A 109 -18.96 -6.76 -4.60
N THR A 110 -19.31 -6.74 -5.89
CA THR A 110 -20.55 -7.38 -6.33
C THR A 110 -20.26 -8.81 -6.71
N ASN A 111 -19.04 -9.03 -7.19
CA ASN A 111 -18.59 -10.36 -7.58
C ASN A 111 -18.27 -11.17 -6.32
N LEU A 112 -17.84 -10.48 -5.28
CA LEU A 112 -17.51 -11.11 -4.01
C LEU A 112 -18.74 -11.75 -3.39
N GLY A 113 -19.82 -10.97 -3.28
CA GLY A 113 -21.05 -11.48 -2.71
C GLY A 113 -22.18 -10.48 -2.74
N GLU A 114 -21.86 -9.21 -2.52
CA GLU A 114 -22.85 -8.14 -2.52
C GLU A 114 -23.31 -7.81 -3.94
N LYS A 115 -24.07 -6.73 -4.07
CA LYS A 115 -24.58 -6.29 -5.35
C LYS A 115 -24.61 -4.77 -5.42
N LEU A 116 -23.64 -4.15 -4.77
CA LEU A 116 -23.53 -2.69 -4.74
C LEU A 116 -23.47 -2.10 -6.14
N THR A 117 -24.63 -1.71 -6.66
CA THR A 117 -24.69 -1.12 -7.99
C THR A 117 -23.72 0.04 -8.09
N ASP A 118 -23.71 0.68 -9.25
CA ASP A 118 -22.84 1.82 -9.47
C ASP A 118 -23.36 3.03 -8.69
N GLU A 119 -24.66 3.03 -8.40
CA GLU A 119 -25.28 4.13 -7.67
C GLU A 119 -24.96 4.06 -6.18
N GLU A 120 -25.46 3.01 -5.53
CA GLU A 120 -25.23 2.83 -4.10
C GLU A 120 -23.74 2.79 -3.80
N VAL A 121 -22.98 2.08 -4.63
CA VAL A 121 -21.55 1.99 -4.44
C VAL A 121 -20.91 3.37 -4.50
N ASP A 122 -21.44 4.23 -5.37
CA ASP A 122 -20.94 5.59 -5.50
C ASP A 122 -20.94 6.28 -4.16
N GLU A 123 -22.11 6.51 -3.61
CA GLU A 123 -22.24 7.16 -2.31
C GLU A 123 -21.46 6.40 -1.24
N MET A 124 -21.30 5.09 -1.46
CA MET A 124 -20.56 4.26 -0.52
C MET A 124 -19.13 4.76 -0.37
N ILE A 125 -18.40 4.78 -1.48
CA ILE A 125 -17.02 5.26 -1.48
C ILE A 125 -16.96 6.73 -1.07
N ARG A 126 -18.10 7.42 -1.16
CA ARG A 126 -18.19 8.82 -0.78
C ARG A 126 -18.12 8.93 0.74
N GLU A 127 -18.89 8.09 1.41
CA GLU A 127 -18.89 8.05 2.87
C GLU A 127 -17.60 7.42 3.35
N ALA A 128 -17.08 6.49 2.55
CA ALA A 128 -15.84 5.81 2.87
C ALA A 128 -14.66 6.77 2.75
N ASP A 129 -14.70 7.63 1.73
CA ASP A 129 -13.64 8.60 1.52
C ASP A 129 -13.50 9.53 2.72
N ILE A 130 -12.59 9.18 3.63
CA ILE A 130 -12.37 9.97 4.84
C ILE A 130 -11.75 11.32 4.54
N ASP A 131 -10.49 11.32 4.10
CA ASP A 131 -9.79 12.57 3.79
C ASP A 131 -10.66 13.45 2.90
N GLY A 132 -11.18 12.86 1.82
CA GLY A 132 -12.03 13.60 0.92
C GLY A 132 -11.29 14.18 -0.26
N ASP A 133 -10.78 13.31 -1.13
CA ASP A 133 -10.07 13.74 -2.31
C ASP A 133 -10.96 13.58 -3.54
N GLY A 134 -11.87 12.62 -3.45
CA GLY A 134 -12.79 12.34 -4.53
C GLY A 134 -12.79 10.86 -4.85
N GLN A 135 -11.83 10.14 -4.25
CA GLN A 135 -11.68 8.72 -4.45
C GLN A 135 -11.30 8.05 -3.13
N VAL A 136 -10.47 7.02 -3.19
CA VAL A 136 -10.02 6.30 -1.99
C VAL A 136 -8.53 6.02 -2.09
N ASN A 137 -7.72 6.79 -1.36
CA ASN A 137 -6.28 6.59 -1.40
C ASN A 137 -5.82 5.59 -0.35
N TYR A 138 -5.05 4.61 -0.80
CA TYR A 138 -4.51 3.54 0.06
C TYR A 138 -4.23 4.03 1.48
N GLU A 139 -3.82 5.29 1.61
CA GLU A 139 -3.53 5.86 2.93
C GLU A 139 -4.70 5.59 3.88
N GLU A 140 -5.90 5.55 3.31
CA GLU A 140 -7.11 5.26 4.08
C GLU A 140 -7.25 3.75 4.22
N PHE A 141 -7.06 3.06 3.11
CA PHE A 141 -7.16 1.60 3.06
C PHE A 141 -6.36 0.94 4.18
N VAL A 142 -5.19 1.48 4.49
CA VAL A 142 -4.34 0.90 5.53
C VAL A 142 -4.67 1.47 6.92
N GLN A 143 -4.69 2.78 7.06
CA GLN A 143 -4.98 3.40 8.35
C GLN A 143 -6.32 2.91 8.88
N MET A 144 -7.21 2.51 7.98
CA MET A 144 -8.52 2.02 8.37
C MET A 144 -8.50 0.53 8.68
N MET A 145 -7.80 -0.24 7.84
CA MET A 145 -7.70 -1.68 8.02
C MET A 145 -6.50 -2.03 8.90
N THR A 146 -5.31 -1.71 8.42
CA THR A 146 -4.09 -1.98 9.17
C THR A 146 -4.06 -1.16 10.46
N ALA A 147 -4.40 0.12 10.33
CA ALA A 147 -4.42 1.01 11.49
C ALA A 147 -3.04 1.11 12.14
N LYS A 148 -2.95 1.86 13.22
CA LYS A 148 -1.69 2.04 13.94
C LYS A 148 -1.87 1.75 15.42
N LEU B 1 -28.42 0.08 8.63
CA LEU B 1 -27.10 -0.32 9.16
C LEU B 1 -25.97 0.41 8.45
N ARG B 2 -24.87 0.65 9.15
CA ARG B 2 -23.73 1.35 8.57
C ARG B 2 -23.32 0.70 7.25
N ARG B 3 -23.78 1.28 6.15
CA ARG B 3 -23.49 0.78 4.82
C ARG B 3 -22.02 0.98 4.47
N GLY B 4 -21.44 0.00 3.78
CA GLY B 4 -20.04 0.08 3.38
C GLY B 4 -19.09 0.03 4.55
N GLN B 5 -19.01 1.12 5.31
CA GLN B 5 -18.11 1.20 6.46
C GLN B 5 -18.21 -0.06 7.33
N ILE B 6 -17.11 -0.80 7.38
CA ILE B 6 -17.05 -2.02 8.19
C ILE B 6 -17.83 -3.17 7.52
N LEU B 7 -18.13 -3.02 6.24
CA LEU B 7 -18.85 -4.05 5.50
C LEU B 7 -17.98 -4.62 4.39
N TRP B 8 -17.34 -3.73 3.63
CA TRP B 8 -16.46 -4.15 2.55
C TRP B 8 -15.07 -4.48 3.08
N PHE B 9 -14.88 -4.25 4.38
CA PHE B 9 -13.63 -4.58 5.03
C PHE B 9 -13.64 -6.07 5.27
N ARG B 10 -14.79 -6.52 5.69
CA ARG B 10 -15.06 -7.92 5.93
C ARG B 10 -15.02 -8.65 4.59
N GLY B 11 -15.48 -7.95 3.55
CA GLY B 11 -15.48 -8.51 2.22
C GLY B 11 -14.12 -9.06 1.85
N LEU B 12 -13.10 -8.19 1.84
CA LEU B 12 -11.75 -8.62 1.52
C LEU B 12 -11.36 -9.80 2.41
N ASN B 13 -11.66 -9.69 3.69
CA ASN B 13 -11.35 -10.74 4.65
C ASN B 13 -11.91 -12.07 4.14
N ARG B 14 -13.11 -12.02 3.59
CA ARG B 14 -13.76 -13.20 3.04
C ARG B 14 -12.85 -13.85 2.01
N ILE B 15 -12.25 -13.03 1.16
CA ILE B 15 -11.34 -13.51 0.14
C ILE B 15 -10.26 -14.38 0.77
N GLN B 16 -9.35 -13.73 1.51
CA GLN B 16 -8.25 -14.41 2.20
C GLN B 16 -8.62 -15.82 2.63
N THR B 17 -9.80 -15.96 3.24
CA THR B 17 -10.27 -17.27 3.67
C THR B 17 -10.36 -18.19 2.46
N GLN B 18 -11.20 -17.81 1.51
CA GLN B 18 -11.36 -18.57 0.27
C GLN B 18 -10.73 -17.81 -0.88
N ILE B 19 -9.44 -17.50 -0.72
CA ILE B 19 -8.70 -16.73 -1.73
C ILE B 19 -9.04 -17.17 -3.14
N LYS B 20 -9.39 -18.45 -3.31
CA LYS B 20 -9.74 -18.98 -4.61
C LYS B 20 -11.21 -18.74 -4.93
CA CA C . 26.07 13.63 29.40
CA CA D . 16.15 13.95 22.68
CA CA E . -8.53 1.59 -9.24
CA CA F . -10.16 9.24 -0.22
N ALA A 1 -14.95 12.96 23.75
CA ALA A 1 -14.86 13.64 22.43
C ALA A 1 -13.46 13.49 21.83
N ASP A 2 -12.44 13.83 22.63
CA ASP A 2 -11.06 13.74 22.18
C ASP A 2 -10.29 12.71 22.99
N GLN A 3 -10.91 11.54 23.20
CA GLN A 3 -10.28 10.47 23.96
C GLN A 3 -11.05 9.16 23.79
N LEU A 4 -10.73 8.44 22.72
CA LEU A 4 -11.39 7.16 22.44
C LEU A 4 -12.90 7.32 22.43
N THR A 5 -13.48 7.30 21.24
CA THR A 5 -14.93 7.43 21.09
C THR A 5 -15.60 6.15 21.54
N GLU A 6 -16.82 6.26 22.08
CA GLU A 6 -17.57 5.10 22.55
C GLU A 6 -18.45 4.55 21.44
N GLU A 7 -18.64 5.34 20.38
CA GLU A 7 -19.48 4.94 19.26
C GLU A 7 -18.82 3.86 18.40
N GLN A 8 -17.70 4.20 17.76
CA GLN A 8 -16.98 3.25 16.92
C GLN A 8 -16.43 2.10 17.76
N ILE A 9 -15.68 2.44 18.81
CA ILE A 9 -15.12 1.44 19.68
C ILE A 9 -16.21 0.44 20.09
N ALA A 10 -17.36 0.96 20.48
CA ALA A 10 -18.50 0.14 20.88
C ALA A 10 -18.69 -0.99 19.87
N GLU A 11 -18.55 -0.68 18.59
CA GLU A 11 -18.66 -1.69 17.54
C GLU A 11 -17.68 -2.80 17.85
N PHE A 12 -16.46 -2.41 18.20
CA PHE A 12 -15.45 -3.40 18.59
C PHE A 12 -16.00 -4.19 19.77
N LYS A 13 -16.76 -3.48 20.61
CA LYS A 13 -17.40 -4.07 21.77
C LYS A 13 -18.48 -5.05 21.33
N GLU A 14 -19.23 -4.68 20.29
CA GLU A 14 -20.30 -5.54 19.78
C GLU A 14 -19.74 -6.93 19.51
N ALA A 15 -18.47 -6.98 19.10
CA ALA A 15 -17.81 -8.24 18.86
C ALA A 15 -17.34 -8.78 20.19
N PHE A 16 -16.54 -7.97 20.89
CA PHE A 16 -16.03 -8.33 22.20
C PHE A 16 -17.16 -8.81 23.13
N SER A 17 -18.41 -8.48 22.80
CA SER A 17 -19.53 -8.90 23.62
C SER A 17 -20.04 -10.24 23.15
N LEU A 18 -20.06 -10.41 21.84
CA LEU A 18 -20.48 -11.64 21.22
C LEU A 18 -19.35 -12.64 21.34
N PHE A 19 -18.13 -12.13 21.17
CA PHE A 19 -16.91 -12.92 21.25
C PHE A 19 -16.92 -13.75 22.52
N ASP A 20 -17.59 -13.22 23.55
CA ASP A 20 -17.70 -13.91 24.82
C ASP A 20 -18.50 -15.21 24.67
N LYS A 21 -19.17 -15.38 23.53
CA LYS A 21 -19.96 -16.57 23.26
C LYS A 21 -20.79 -16.95 24.46
N ASP A 22 -21.59 -15.99 24.93
CA ASP A 22 -22.44 -16.23 26.09
C ASP A 22 -23.26 -14.99 26.46
N GLY A 23 -22.70 -13.81 26.21
CA GLY A 23 -23.39 -12.59 26.55
C GLY A 23 -23.21 -12.26 28.02
N ASP A 24 -21.95 -12.18 28.43
CA ASP A 24 -21.60 -11.90 29.81
C ASP A 24 -21.00 -10.51 29.94
N GLY A 25 -20.38 -10.05 28.87
CA GLY A 25 -19.76 -8.74 28.88
C GLY A 25 -18.29 -8.81 29.23
N THR A 26 -17.89 -9.90 29.89
CA THR A 26 -16.50 -10.10 30.29
C THR A 26 -15.97 -11.40 29.73
N ILE A 27 -14.76 -11.35 29.18
CA ILE A 27 -14.12 -12.54 28.61
C ILE A 27 -13.21 -13.21 29.64
N THR A 28 -13.42 -14.50 29.87
CA THR A 28 -12.62 -15.24 30.84
C THR A 28 -12.10 -16.54 30.27
N THR A 29 -11.25 -17.23 31.03
CA THR A 29 -10.69 -18.50 30.61
C THR A 29 -11.78 -19.46 30.12
N LYS A 30 -12.99 -19.25 30.63
CA LYS A 30 -14.12 -20.09 30.25
C LYS A 30 -14.40 -19.98 28.75
N GLU A 31 -14.80 -18.78 28.32
CA GLU A 31 -15.09 -18.55 26.91
C GLU A 31 -13.81 -18.53 26.08
N LEU A 32 -12.78 -17.86 26.60
CA LEU A 32 -11.50 -17.78 25.90
C LEU A 32 -10.94 -19.18 25.67
N GLY A 33 -10.95 -20.00 26.71
CA GLY A 33 -10.44 -21.36 26.60
C GLY A 33 -11.21 -22.15 25.57
N THR A 34 -12.52 -21.91 25.49
CA THR A 34 -13.37 -22.60 24.54
C THR A 34 -12.81 -22.45 23.14
N VAL A 35 -12.45 -21.23 22.77
CA VAL A 35 -11.89 -20.96 21.46
C VAL A 35 -10.55 -21.69 21.30
N MET A 36 -9.77 -21.73 22.38
CA MET A 36 -8.49 -22.41 22.35
C MET A 36 -8.68 -23.92 22.16
N ARG A 37 -9.91 -24.39 22.35
CA ARG A 37 -10.23 -25.81 22.19
C ARG A 37 -11.01 -26.05 20.91
N SER A 38 -12.05 -25.25 20.71
CA SER A 38 -12.89 -25.34 19.52
C SER A 38 -12.09 -24.98 18.27
N LEU A 39 -10.92 -24.39 18.47
CA LEU A 39 -10.06 -23.99 17.37
C LEU A 39 -8.65 -24.48 17.62
N GLY A 40 -8.45 -25.20 18.71
CA GLY A 40 -7.14 -25.71 18.99
C GLY A 40 -6.09 -24.62 19.00
N GLN A 41 -6.46 -23.48 19.55
CA GLN A 41 -5.58 -22.33 19.63
C GLN A 41 -4.71 -22.39 20.88
N ASN A 42 -3.92 -23.45 20.99
CA ASN A 42 -3.04 -23.63 22.14
C ASN A 42 -3.85 -23.81 23.43
N PRO A 43 -4.74 -24.82 23.46
CA PRO A 43 -5.59 -25.09 24.62
C PRO A 43 -4.82 -25.64 25.81
N THR A 44 -4.48 -24.75 26.73
CA THR A 44 -3.76 -25.13 27.94
C THR A 44 -4.45 -24.55 29.16
N GLU A 45 -4.01 -24.97 30.33
CA GLU A 45 -4.57 -24.51 31.58
C GLU A 45 -3.93 -23.19 31.99
N ALA A 46 -2.66 -23.03 31.63
CA ALA A 46 -1.91 -21.84 31.99
C ALA A 46 -1.98 -20.73 30.94
N GLU A 47 -1.99 -21.07 29.65
CA GLU A 47 -2.02 -20.05 28.62
C GLU A 47 -3.22 -19.13 28.79
N LEU A 48 -4.43 -19.70 28.82
CA LEU A 48 -5.62 -18.87 28.99
C LEU A 48 -5.44 -17.96 30.20
N GLN A 49 -4.84 -18.51 31.24
CA GLN A 49 -4.57 -17.74 32.44
C GLN A 49 -3.56 -16.66 32.09
N ASP A 50 -2.62 -17.01 31.21
CA ASP A 50 -1.61 -16.07 30.76
C ASP A 50 -2.25 -15.01 29.87
N MET A 51 -3.24 -15.42 29.08
CA MET A 51 -3.94 -14.50 28.20
C MET A 51 -4.84 -13.59 29.03
N ILE A 52 -5.52 -14.18 30.02
CA ILE A 52 -6.40 -13.43 30.90
C ILE A 52 -5.60 -12.45 31.75
N ASN A 53 -4.46 -12.92 32.26
CA ASN A 53 -3.60 -12.09 33.09
C ASN A 53 -2.65 -11.23 32.24
N GLU A 54 -2.71 -11.39 30.92
CA GLU A 54 -1.84 -10.63 30.02
C GLU A 54 -2.43 -9.27 29.68
N VAL A 55 -3.71 -9.24 29.35
CA VAL A 55 -4.39 -8.00 29.00
C VAL A 55 -5.13 -7.42 30.19
N ASP A 56 -4.66 -7.74 31.39
CA ASP A 56 -5.27 -7.24 32.61
C ASP A 56 -4.66 -5.91 33.01
N ALA A 57 -4.69 -4.94 32.09
CA ALA A 57 -4.14 -3.62 32.36
C ALA A 57 -4.65 -3.10 33.70
N ASP A 58 -5.93 -3.30 33.93
CA ASP A 58 -6.56 -2.89 35.18
C ASP A 58 -6.55 -4.07 36.15
N GLY A 59 -6.42 -5.28 35.61
CA GLY A 59 -6.40 -6.49 36.42
C GLY A 59 -7.37 -6.45 37.58
N ASN A 60 -8.67 -6.40 37.25
CA ASN A 60 -9.72 -6.36 38.27
C ASN A 60 -10.31 -7.75 38.48
N GLY A 61 -10.22 -8.61 37.47
CA GLY A 61 -10.77 -9.94 37.58
C GLY A 61 -10.73 -10.70 36.27
N THR A 62 -11.31 -10.13 35.22
CA THR A 62 -11.34 -10.77 33.92
C THR A 62 -11.20 -9.76 32.78
N ILE A 63 -11.27 -10.24 31.55
CA ILE A 63 -11.16 -9.38 30.37
C ILE A 63 -12.32 -8.40 30.29
N ASP A 64 -12.01 -7.18 29.86
CA ASP A 64 -12.99 -6.12 29.73
C ASP A 64 -12.81 -5.36 28.43
N PHE A 65 -13.91 -4.79 27.95
CA PHE A 65 -13.93 -4.03 26.70
C PHE A 65 -12.67 -3.18 26.50
N PRO A 66 -12.29 -2.35 27.49
CA PRO A 66 -11.10 -1.47 27.37
C PRO A 66 -9.76 -2.20 27.36
N GLU A 67 -9.51 -3.06 28.36
CA GLU A 67 -8.24 -3.76 28.42
C GLU A 67 -7.97 -4.55 27.14
N PHE A 68 -9.00 -5.27 26.66
CA PHE A 68 -8.86 -6.05 25.44
C PHE A 68 -8.65 -5.11 24.25
N LEU A 69 -9.26 -3.93 24.33
CA LEU A 69 -9.16 -2.93 23.28
C LEU A 69 -7.72 -2.44 23.14
N THR A 70 -7.10 -2.08 24.25
CA THR A 70 -5.73 -1.58 24.25
C THR A 70 -4.77 -2.59 23.63
N MET A 71 -4.66 -3.77 24.25
CA MET A 71 -3.76 -4.81 23.76
C MET A 71 -3.89 -4.99 22.25
N MET A 72 -5.11 -4.88 21.74
CA MET A 72 -5.36 -5.04 20.31
C MET A 72 -4.96 -3.79 19.54
N ALA A 73 -5.26 -2.63 20.12
CA ALA A 73 -4.93 -1.36 19.48
C ALA A 73 -3.42 -1.18 19.35
N ARG A 74 -2.74 -1.13 20.48
CA ARG A 74 -1.28 -0.95 20.50
C ARG A 74 -0.57 -2.31 20.51
N LYS A 75 -0.26 -2.81 19.32
CA LYS A 75 0.42 -4.09 19.19
C LYS A 75 0.86 -4.33 17.75
N MET A 76 1.34 -3.28 17.10
CA MET A 76 1.79 -3.36 15.71
C MET A 76 3.07 -2.57 15.51
N LYS A 77 3.73 -2.82 14.38
CA LYS A 77 4.98 -2.13 14.06
C LYS A 77 4.93 -1.55 12.66
N ASP A 78 5.63 -0.42 12.46
CA ASP A 78 5.67 0.23 11.16
C ASP A 78 7.01 -0.02 10.48
N THR A 79 7.06 -1.06 9.66
CA THR A 79 8.28 -1.43 8.95
C THR A 79 7.97 -2.23 7.69
N ASP A 80 6.76 -2.05 7.16
CA ASP A 80 6.35 -2.76 5.96
C ASP A 80 5.23 -2.01 5.22
N SER A 81 5.40 -1.84 3.91
CA SER A 81 4.41 -1.14 3.11
C SER A 81 3.77 -2.10 2.11
N GLU A 82 2.53 -2.52 2.40
CA GLU A 82 1.80 -3.43 1.53
C GLU A 82 2.57 -4.74 1.33
N GLU A 83 2.06 -5.81 1.90
CA GLU A 83 2.68 -7.12 1.79
C GLU A 83 1.67 -8.15 1.33
N GLU A 84 0.79 -8.57 2.25
CA GLU A 84 -0.24 -9.55 1.94
C GLU A 84 -1.40 -8.87 1.22
N ILE A 85 -1.61 -7.59 1.51
CA ILE A 85 -2.67 -6.83 0.89
C ILE A 85 -2.42 -6.65 -0.61
N ARG A 86 -1.19 -6.96 -1.05
CA ARG A 86 -0.83 -6.83 -2.46
C ARG A 86 -1.90 -7.46 -3.37
N GLU A 87 -2.65 -8.41 -2.81
CA GLU A 87 -3.71 -9.08 -3.55
C GLU A 87 -5.00 -8.30 -3.45
N ALA A 88 -5.40 -8.00 -2.22
CA ALA A 88 -6.61 -7.22 -1.98
C ALA A 88 -6.45 -5.85 -2.66
N PHE A 89 -5.21 -5.39 -2.69
CA PHE A 89 -4.85 -4.13 -3.30
C PHE A 89 -5.07 -4.17 -4.81
N ARG A 90 -4.55 -5.21 -5.44
CA ARG A 90 -4.69 -5.39 -6.89
C ARG A 90 -6.12 -5.82 -7.18
N VAL A 91 -6.72 -6.48 -6.21
CA VAL A 91 -8.07 -6.96 -6.30
C VAL A 91 -9.03 -5.78 -6.48
N PHE A 92 -8.86 -4.74 -5.66
CA PHE A 92 -9.74 -3.58 -5.72
C PHE A 92 -9.19 -2.48 -6.62
N ASP A 93 -8.01 -2.69 -7.20
CA ASP A 93 -7.43 -1.67 -8.07
C ASP A 93 -7.82 -1.88 -9.53
N LYS A 94 -8.39 -3.03 -9.83
CA LYS A 94 -8.82 -3.38 -11.18
C LYS A 94 -7.89 -2.83 -12.26
N ASP A 95 -8.16 -1.62 -12.74
CA ASP A 95 -7.33 -1.01 -13.77
C ASP A 95 -5.87 -0.98 -13.34
N GLY A 96 -5.64 -0.61 -12.10
CA GLY A 96 -4.28 -0.55 -11.58
C GLY A 96 -3.79 0.87 -11.36
N ASN A 97 -4.56 1.65 -10.61
CA ASN A 97 -4.21 3.03 -10.32
C ASN A 97 -3.76 3.16 -8.88
N GLY A 98 -4.62 2.76 -7.96
CA GLY A 98 -4.33 2.84 -6.53
C GLY A 98 -5.52 3.37 -5.76
N TYR A 99 -6.41 4.05 -6.45
CA TYR A 99 -7.62 4.61 -5.85
C TYR A 99 -8.84 3.86 -6.34
N ILE A 100 -9.88 3.78 -5.51
CA ILE A 100 -11.08 3.09 -5.93
C ILE A 100 -12.24 4.04 -6.21
N SER A 101 -12.28 4.55 -7.44
CA SER A 101 -13.35 5.44 -7.85
C SER A 101 -14.70 4.77 -7.66
N ALA A 102 -14.81 3.54 -8.18
CA ALA A 102 -16.05 2.76 -8.06
C ALA A 102 -16.04 1.58 -9.03
N ALA A 103 -15.38 1.74 -10.18
CA ALA A 103 -15.31 0.68 -11.18
C ALA A 103 -14.97 -0.65 -10.51
N GLU A 104 -13.93 -0.61 -9.71
CA GLU A 104 -13.48 -1.78 -8.97
C GLU A 104 -14.60 -2.26 -8.06
N LEU A 105 -14.94 -1.41 -7.12
CA LEU A 105 -16.01 -1.73 -6.17
C LEU A 105 -17.23 -2.32 -6.88
N ARG A 106 -17.65 -1.66 -7.94
CA ARG A 106 -18.81 -2.12 -8.69
C ARG A 106 -18.76 -3.61 -9.02
N HIS A 107 -17.82 -4.01 -9.86
CA HIS A 107 -17.69 -5.40 -10.26
C HIS A 107 -16.93 -6.24 -9.24
N VAL A 108 -15.93 -5.64 -8.61
CA VAL A 108 -15.11 -6.34 -7.63
C VAL A 108 -15.87 -6.62 -6.33
N MET A 109 -16.61 -5.64 -5.82
CA MET A 109 -17.33 -5.82 -4.59
C MET A 109 -18.71 -6.43 -4.80
N THR A 110 -19.21 -6.44 -6.04
CA THR A 110 -20.51 -7.05 -6.32
C THR A 110 -20.33 -8.55 -6.43
N ASN A 111 -19.16 -8.93 -6.93
CA ASN A 111 -18.81 -10.33 -7.10
C ASN A 111 -18.34 -10.92 -5.78
N LEU A 112 -17.74 -10.05 -4.95
CA LEU A 112 -17.24 -10.45 -3.65
C LEU A 112 -18.37 -10.97 -2.76
N GLY A 113 -19.55 -10.40 -2.92
CA GLY A 113 -20.69 -10.82 -2.13
C GLY A 113 -21.92 -9.95 -2.37
N GLU A 114 -21.84 -8.68 -1.99
CA GLU A 114 -22.95 -7.76 -2.15
C GLU A 114 -23.17 -7.42 -3.62
N LYS A 115 -23.96 -6.40 -3.89
CA LYS A 115 -24.25 -5.98 -5.26
C LYS A 115 -24.45 -4.46 -5.33
N LEU A 116 -23.64 -3.73 -4.58
CA LEU A 116 -23.72 -2.28 -4.54
C LEU A 116 -23.82 -1.68 -5.94
N THR A 117 -25.05 -1.41 -6.37
CA THR A 117 -25.27 -0.82 -7.68
C THR A 117 -24.43 0.43 -7.85
N ASP A 118 -24.54 1.06 -9.02
CA ASP A 118 -23.81 2.27 -9.29
C ASP A 118 -24.16 3.32 -8.24
N GLU A 119 -25.35 3.18 -7.66
CA GLU A 119 -25.80 4.12 -6.63
C GLU A 119 -25.15 3.80 -5.30
N GLU A 120 -25.17 2.53 -4.93
CA GLU A 120 -24.57 2.09 -3.67
C GLU A 120 -23.10 2.46 -3.62
N VAL A 121 -22.35 1.99 -4.60
CA VAL A 121 -20.91 2.26 -4.68
C VAL A 121 -20.64 3.77 -4.64
N ASP A 122 -21.50 4.54 -5.30
CA ASP A 122 -21.34 5.99 -5.33
C ASP A 122 -21.23 6.55 -3.92
N GLU A 123 -22.30 6.43 -3.15
CA GLU A 123 -22.32 6.92 -1.78
C GLU A 123 -21.39 6.10 -0.89
N MET A 124 -21.38 4.79 -1.10
CA MET A 124 -20.54 3.90 -0.31
C MET A 124 -19.10 4.40 -0.30
N ILE A 125 -18.54 4.59 -1.49
CA ILE A 125 -17.17 5.08 -1.61
C ILE A 125 -17.08 6.55 -1.21
N ARG A 126 -18.23 7.23 -1.17
CA ARG A 126 -18.27 8.63 -0.78
C ARG A 126 -18.18 8.72 0.75
N GLU A 127 -18.96 7.87 1.41
CA GLU A 127 -18.95 7.81 2.86
C GLU A 127 -17.71 7.10 3.33
N ALA A 128 -17.29 6.08 2.58
CA ALA A 128 -16.09 5.33 2.90
C ALA A 128 -14.89 6.25 2.86
N ASP A 129 -14.92 7.21 1.93
CA ASP A 129 -13.84 8.19 1.81
C ASP A 129 -13.82 9.09 3.04
N ILE A 130 -12.66 9.23 3.66
CA ILE A 130 -12.52 10.06 4.86
C ILE A 130 -11.83 11.39 4.55
N ASP A 131 -10.62 11.33 4.00
CA ASP A 131 -9.87 12.54 3.67
C ASP A 131 -10.73 13.49 2.84
N GLY A 132 -11.23 12.99 1.73
CA GLY A 132 -12.08 13.80 0.88
C GLY A 132 -11.35 14.37 -0.32
N ASP A 133 -10.71 13.51 -1.09
CA ASP A 133 -9.99 13.92 -2.28
C ASP A 133 -10.90 13.79 -3.50
N GLY A 134 -11.82 12.84 -3.41
CA GLY A 134 -12.74 12.57 -4.49
C GLY A 134 -12.75 11.10 -4.84
N GLN A 135 -11.85 10.35 -4.22
CA GLN A 135 -11.73 8.94 -4.46
C GLN A 135 -11.40 8.21 -3.14
N VAL A 136 -10.62 7.14 -3.24
CA VAL A 136 -10.22 6.35 -2.07
C VAL A 136 -8.75 6.03 -2.15
N ASN A 137 -7.92 6.78 -1.45
CA ASN A 137 -6.49 6.54 -1.47
C ASN A 137 -6.08 5.58 -0.36
N TYR A 138 -5.35 4.54 -0.75
CA TYR A 138 -4.86 3.50 0.17
C TYR A 138 -4.58 4.05 1.55
N GLU A 139 -4.09 5.31 1.61
CA GLU A 139 -3.80 5.96 2.88
C GLU A 139 -4.96 5.74 3.87
N GLU A 140 -6.17 5.68 3.32
CA GLU A 140 -7.36 5.43 4.12
C GLU A 140 -7.51 3.93 4.30
N PHE A 141 -7.45 3.23 3.17
CA PHE A 141 -7.56 1.77 3.14
C PHE A 141 -6.69 1.13 4.22
N VAL A 142 -5.55 1.75 4.52
CA VAL A 142 -4.62 1.22 5.51
C VAL A 142 -4.92 1.73 6.91
N GLN A 143 -5.05 3.03 7.07
CA GLN A 143 -5.32 3.60 8.38
C GLN A 143 -6.61 3.02 8.96
N MET A 144 -7.53 2.66 8.08
CA MET A 144 -8.80 2.08 8.50
C MET A 144 -8.69 0.58 8.74
N MET A 145 -7.96 -0.10 7.85
CA MET A 145 -7.79 -1.54 7.97
C MET A 145 -6.55 -1.90 8.79
N THR A 146 -5.38 -1.51 8.29
CA THR A 146 -4.12 -1.80 8.97
C THR A 146 -4.07 -1.17 10.37
N ALA A 147 -4.05 0.16 10.41
CA ALA A 147 -3.99 0.88 11.69
C ALA A 147 -3.70 2.37 11.47
N LYS A 148 -4.21 3.21 12.37
CA LYS A 148 -4.01 4.65 12.27
C LYS A 148 -2.54 4.98 12.04
N LEU B 1 -28.48 -0.30 0.93
CA LEU B 1 -29.19 0.98 1.19
C LEU B 1 -28.51 1.77 2.30
N ARG B 2 -27.52 2.58 1.92
CA ARG B 2 -26.79 3.39 2.89
C ARG B 2 -25.97 2.51 3.84
N ARG B 3 -24.73 2.27 3.48
CA ARG B 3 -23.84 1.44 4.29
C ARG B 3 -22.53 1.17 3.57
N GLY B 4 -21.69 0.34 4.17
CA GLY B 4 -20.41 0.01 3.57
C GLY B 4 -19.31 -0.11 4.61
N GLN B 5 -19.32 0.80 5.58
CA GLN B 5 -18.32 0.79 6.64
C GLN B 5 -18.19 -0.59 7.26
N ILE B 6 -17.00 -1.16 7.18
CA ILE B 6 -16.74 -2.49 7.71
C ILE B 6 -17.59 -3.54 6.99
N LEU B 7 -18.11 -3.18 5.82
CA LEU B 7 -18.91 -4.11 5.03
C LEU B 7 -18.04 -4.70 3.93
N TRP B 8 -17.39 -3.82 3.17
CA TRP B 8 -16.50 -4.24 2.11
C TRP B 8 -15.13 -4.60 2.70
N PHE B 9 -14.97 -4.34 4.00
CA PHE B 9 -13.76 -4.68 4.72
C PHE B 9 -13.81 -6.16 4.96
N ARG B 10 -15.00 -6.59 5.33
CA ARG B 10 -15.30 -7.98 5.58
C ARG B 10 -15.18 -8.75 4.28
N GLY B 11 -15.58 -8.09 3.18
CA GLY B 11 -15.47 -8.70 1.88
C GLY B 11 -14.08 -9.27 1.64
N LEU B 12 -13.08 -8.40 1.63
CA LEU B 12 -11.71 -8.85 1.44
C LEU B 12 -11.29 -9.73 2.61
N ASN B 13 -11.67 -9.32 3.83
CA ASN B 13 -11.36 -10.09 5.03
C ASN B 13 -11.72 -11.56 4.81
N ARG B 14 -12.76 -11.77 4.02
CA ARG B 14 -13.21 -13.11 3.70
C ARG B 14 -12.19 -13.77 2.78
N ILE B 15 -11.73 -13.03 1.79
CA ILE B 15 -10.74 -13.52 0.85
C ILE B 15 -9.56 -14.20 1.58
N GLN B 16 -9.29 -13.71 2.78
CA GLN B 16 -8.18 -14.22 3.58
C GLN B 16 -8.67 -15.22 4.62
N THR B 17 -9.61 -14.79 5.46
CA THR B 17 -10.16 -15.65 6.48
C THR B 17 -10.95 -16.81 5.88
N GLN B 18 -11.21 -16.74 4.57
CA GLN B 18 -11.96 -17.79 3.90
C GLN B 18 -11.40 -18.06 2.51
N ILE B 19 -11.09 -16.98 1.78
CA ILE B 19 -10.56 -17.07 0.43
C ILE B 19 -11.50 -17.87 -0.47
N LYS B 20 -12.79 -17.77 -0.20
CA LYS B 20 -13.80 -18.49 -0.99
C LYS B 20 -13.57 -20.00 -0.89
CA CA C . -18.26 -14.43 30.26
CA CA D . -9.25 -6.92 33.72
CA CA E . -8.32 1.77 -9.39
CA CA F . -9.93 9.18 -0.51
N ALA A 1 14.08 12.73 18.31
CA ALA A 1 14.52 11.33 18.08
C ALA A 1 14.08 10.84 16.70
N ASP A 2 12.80 10.98 16.41
CA ASP A 2 12.25 10.55 15.13
C ASP A 2 12.26 9.02 15.02
N GLN A 3 13.46 8.45 14.93
CA GLN A 3 13.61 7.00 14.83
C GLN A 3 14.42 6.46 16.00
N LEU A 4 13.72 5.93 17.00
CA LEU A 4 14.37 5.39 18.20
C LEU A 4 15.12 6.48 18.94
N THR A 5 14.82 6.62 20.22
CA THR A 5 15.49 7.63 21.04
C THR A 5 16.96 7.27 21.22
N GLU A 6 17.82 8.28 21.23
CA GLU A 6 19.25 8.10 21.40
C GLU A 6 19.64 8.18 22.88
N GLU A 7 18.72 8.69 23.70
CA GLU A 7 18.98 8.87 25.13
C GLU A 7 19.00 7.53 25.88
N GLN A 8 17.86 6.84 25.93
CA GLN A 8 17.77 5.57 26.62
C GLN A 8 18.64 4.52 25.94
N ILE A 9 18.45 4.35 24.64
CA ILE A 9 19.23 3.40 23.88
C ILE A 9 20.72 3.60 24.17
N ALA A 10 21.15 4.86 24.16
CA ALA A 10 22.54 5.20 24.46
C ALA A 10 23.00 4.46 25.70
N GLU A 11 22.09 4.33 26.68
CA GLU A 11 22.40 3.59 27.89
C GLU A 11 22.82 2.19 27.49
N PHE A 12 22.04 1.59 26.60
CA PHE A 12 22.38 0.27 26.08
C PHE A 12 23.75 0.36 25.43
N LYS A 13 24.02 1.52 24.83
CA LYS A 13 25.29 1.81 24.19
C LYS A 13 26.39 1.87 25.23
N GLU A 14 26.09 2.48 26.38
CA GLU A 14 27.05 2.60 27.47
C GLU A 14 27.66 1.23 27.76
N ALA A 15 26.83 0.19 27.70
CA ALA A 15 27.30 -1.15 27.92
C ALA A 15 28.02 -1.61 26.66
N PHE A 16 27.37 -1.42 25.53
CA PHE A 16 27.93 -1.78 24.24
C PHE A 16 29.32 -1.14 24.04
N SER A 17 29.63 -0.09 24.81
CA SER A 17 30.92 0.58 24.68
C SER A 17 31.92 -0.01 25.65
N LEU A 18 31.40 -0.46 26.79
CA LEU A 18 32.22 -1.05 27.83
C LEU A 18 32.33 -2.56 27.62
N PHE A 19 31.23 -3.14 27.20
CA PHE A 19 31.14 -4.56 26.94
C PHE A 19 32.27 -4.99 25.99
N ASP A 20 32.69 -4.06 25.13
CA ASP A 20 33.76 -4.33 24.18
C ASP A 20 35.04 -4.70 24.91
N LYS A 21 35.21 -4.16 26.11
CA LYS A 21 36.37 -4.43 26.93
C LYS A 21 37.66 -4.35 26.12
N ASP A 22 37.85 -3.22 25.46
CA ASP A 22 39.04 -3.01 24.64
C ASP A 22 39.18 -1.56 24.19
N GLY A 23 38.05 -0.93 23.88
CA GLY A 23 38.07 0.45 23.43
C GLY A 23 38.06 0.53 21.91
N ASP A 24 37.18 -0.22 21.30
CA ASP A 24 37.06 -0.27 19.84
C ASP A 24 35.75 0.34 19.37
N GLY A 25 34.71 0.15 20.18
CA GLY A 25 33.40 0.65 19.82
C GLY A 25 32.57 -0.41 19.11
N THR A 26 33.26 -1.40 18.55
CA THR A 26 32.59 -2.48 17.84
C THR A 26 32.84 -3.82 18.53
N ILE A 27 31.77 -4.61 18.68
CA ILE A 27 31.88 -5.91 19.34
C ILE A 27 32.12 -7.01 18.31
N THR A 28 33.13 -7.83 18.56
CA THR A 28 33.46 -8.93 17.65
C THR A 28 33.97 -10.14 18.42
N THR A 29 34.39 -11.17 17.69
CA THR A 29 34.89 -12.40 18.31
C THR A 29 36.08 -12.10 19.21
N LYS A 30 36.78 -11.01 18.92
CA LYS A 30 37.94 -10.62 19.71
C LYS A 30 37.58 -10.49 21.19
N GLU A 31 36.71 -9.53 21.49
CA GLU A 31 36.28 -9.30 22.87
C GLU A 31 35.37 -10.42 23.36
N LEU A 32 34.40 -10.81 22.54
CA LEU A 32 33.48 -11.88 22.91
C LEU A 32 34.22 -13.19 23.14
N GLY A 33 35.28 -13.41 22.37
CA GLY A 33 36.06 -14.62 22.53
C GLY A 33 37.00 -14.54 23.71
N THR A 34 37.48 -13.33 24.00
CA THR A 34 38.38 -13.12 25.12
C THR A 34 37.70 -13.51 26.42
N VAL A 35 36.40 -13.26 26.50
CA VAL A 35 35.63 -13.60 27.69
C VAL A 35 35.34 -15.09 27.74
N MET A 36 35.09 -15.67 26.56
CA MET A 36 34.81 -17.10 26.45
C MET A 36 36.05 -17.94 26.76
N ARG A 37 37.21 -17.29 26.79
CA ARG A 37 38.49 -17.96 27.06
C ARG A 37 39.07 -17.49 28.38
N SER A 38 39.06 -16.17 28.58
CA SER A 38 39.58 -15.60 29.82
C SER A 38 38.79 -16.14 31.01
N LEU A 39 37.61 -16.67 30.73
CA LEU A 39 36.75 -17.25 31.73
C LEU A 39 36.68 -18.74 31.53
N GLY A 40 36.99 -19.17 30.30
CA GLY A 40 36.93 -20.56 30.03
C GLY A 40 35.51 -21.01 29.98
N GLN A 41 34.68 -20.15 29.40
CA GLN A 41 33.25 -20.40 29.30
C GLN A 41 32.95 -21.46 28.24
N ASN A 42 31.97 -22.31 28.55
CA ASN A 42 31.55 -23.39 27.67
C ASN A 42 31.51 -22.97 26.20
N PRO A 43 30.82 -21.85 25.91
CA PRO A 43 30.68 -21.34 24.53
C PRO A 43 31.93 -21.56 23.69
N THR A 44 31.77 -22.30 22.60
CA THR A 44 32.88 -22.61 21.70
C THR A 44 33.64 -21.36 21.29
N GLU A 45 34.83 -21.56 20.75
CA GLU A 45 35.68 -20.46 20.31
C GLU A 45 35.08 -19.81 19.06
N ALA A 46 34.48 -20.64 18.23
CA ALA A 46 33.87 -20.18 16.98
C ALA A 46 32.44 -19.70 17.20
N GLU A 47 31.80 -20.18 18.26
CA GLU A 47 30.42 -19.78 18.57
C GLU A 47 30.26 -18.27 18.42
N LEU A 48 31.26 -17.51 18.86
CA LEU A 48 31.21 -16.05 18.74
C LEU A 48 30.84 -15.68 17.32
N GLN A 49 31.47 -16.35 16.35
CA GLN A 49 31.17 -16.11 14.96
C GLN A 49 29.69 -16.37 14.72
N ASP A 50 29.18 -17.42 15.35
CA ASP A 50 27.76 -17.73 15.23
C ASP A 50 26.97 -16.61 15.88
N MET A 51 27.56 -16.00 16.90
CA MET A 51 26.93 -14.89 17.60
C MET A 51 26.94 -13.65 16.72
N ILE A 52 28.13 -13.15 16.41
CA ILE A 52 28.27 -11.96 15.59
C ILE A 52 27.56 -12.13 14.26
N ASN A 53 27.70 -13.30 13.66
CA ASN A 53 27.07 -13.57 12.38
C ASN A 53 25.55 -13.62 12.52
N GLU A 54 25.09 -13.91 13.73
CA GLU A 54 23.66 -13.99 14.01
C GLU A 54 23.07 -12.59 14.22
N VAL A 55 23.92 -11.64 14.61
CA VAL A 55 23.48 -10.26 14.85
C VAL A 55 23.91 -9.35 13.68
N ASP A 56 24.63 -9.89 12.71
CA ASP A 56 25.08 -9.11 11.56
C ASP A 56 23.90 -8.70 10.68
N ALA A 57 22.96 -7.94 11.23
CA ALA A 57 21.81 -7.49 10.48
C ALA A 57 22.27 -6.80 9.21
N ASP A 58 23.33 -6.02 9.35
CA ASP A 58 23.93 -5.32 8.23
C ASP A 58 25.16 -6.08 7.74
N GLY A 59 25.68 -6.97 8.60
CA GLY A 59 26.85 -7.77 8.28
C GLY A 59 27.90 -6.98 7.53
N ASN A 60 28.53 -6.04 8.23
CA ASN A 60 29.57 -5.21 7.64
C ASN A 60 30.96 -5.68 8.07
N GLY A 61 31.02 -6.43 9.16
CA GLY A 61 32.30 -6.92 9.66
C GLY A 61 32.25 -7.31 11.11
N THR A 62 31.70 -6.43 11.94
CA THR A 62 31.60 -6.68 13.37
C THR A 62 30.25 -6.19 13.92
N ILE A 63 30.19 -6.01 15.24
CA ILE A 63 28.98 -5.54 15.89
C ILE A 63 28.97 -4.02 16.02
N ASP A 64 27.82 -3.43 15.75
CA ASP A 64 27.67 -1.98 15.84
C ASP A 64 26.38 -1.62 16.57
N PHE A 65 26.38 -0.47 17.23
CA PHE A 65 25.23 0.00 17.99
C PHE A 65 23.91 -0.30 17.27
N PRO A 66 23.76 0.13 16.00
CA PRO A 66 22.52 -0.08 15.23
C PRO A 66 22.11 -1.56 15.14
N GLU A 67 22.99 -2.42 14.64
CA GLU A 67 22.66 -3.84 14.48
C GLU A 67 22.32 -4.48 15.83
N PHE A 68 23.15 -4.22 16.84
CA PHE A 68 22.91 -4.78 18.17
C PHE A 68 21.62 -4.20 18.76
N LEU A 69 21.39 -2.93 18.49
CA LEU A 69 20.19 -2.24 18.96
C LEU A 69 18.93 -2.94 18.47
N THR A 70 18.78 -3.01 17.14
CA THR A 70 17.62 -3.64 16.53
C THR A 70 17.47 -5.10 16.96
N MET A 71 18.59 -5.81 17.05
CA MET A 71 18.59 -7.21 17.45
C MET A 71 17.87 -7.41 18.78
N MET A 72 18.05 -6.46 19.70
CA MET A 72 17.42 -6.55 21.01
C MET A 72 16.01 -5.96 20.99
N ALA A 73 15.73 -5.14 19.98
CA ALA A 73 14.42 -4.51 19.87
C ALA A 73 13.36 -5.53 19.45
N ARG A 74 13.52 -6.09 18.26
CA ARG A 74 12.56 -7.07 17.74
C ARG A 74 13.05 -8.51 17.98
N LYS A 75 12.11 -9.44 18.01
CA LYS A 75 12.44 -10.84 18.23
C LYS A 75 11.68 -11.75 17.25
N MET A 76 10.39 -11.46 17.08
CA MET A 76 9.56 -12.25 16.17
C MET A 76 8.79 -11.34 15.22
N LYS A 77 7.99 -10.44 15.78
CA LYS A 77 7.20 -9.51 14.97
C LYS A 77 6.25 -10.27 14.06
N ASP A 78 5.21 -9.60 13.58
CA ASP A 78 4.23 -10.22 12.70
C ASP A 78 4.25 -9.57 11.31
N THR A 79 3.55 -8.45 11.18
CA THR A 79 3.47 -7.74 9.92
C THR A 79 2.40 -6.66 9.99
N ASP A 80 2.51 -5.66 9.13
CA ASP A 80 1.54 -4.57 9.13
C ASP A 80 1.87 -3.57 8.02
N SER A 81 1.38 -3.84 6.83
CA SER A 81 1.60 -2.98 5.68
C SER A 81 0.90 -3.54 4.44
N GLU A 82 1.26 -3.04 3.27
CA GLU A 82 0.67 -3.51 2.04
C GLU A 82 0.82 -5.03 1.90
N GLU A 83 1.76 -5.60 2.65
CA GLU A 83 2.00 -7.04 2.61
C GLU A 83 0.67 -7.80 2.72
N GLU A 84 0.42 -8.70 1.78
CA GLU A 84 -0.82 -9.48 1.75
C GLU A 84 -1.95 -8.64 1.18
N ILE A 85 -2.22 -7.49 1.80
CA ILE A 85 -3.25 -6.60 1.31
C ILE A 85 -2.98 -6.28 -0.15
N ARG A 86 -1.70 -6.39 -0.54
CA ARG A 86 -1.28 -6.14 -1.91
C ARG A 86 -2.21 -6.84 -2.89
N GLU A 87 -2.80 -7.94 -2.42
CA GLU A 87 -3.74 -8.72 -3.23
C GLU A 87 -5.08 -8.02 -3.27
N ALA A 88 -5.62 -7.72 -2.10
CA ALA A 88 -6.89 -7.01 -2.01
C ALA A 88 -6.72 -5.67 -2.70
N PHE A 89 -5.51 -5.15 -2.60
CA PHE A 89 -5.12 -3.88 -3.21
C PHE A 89 -5.21 -3.95 -4.73
N ARG A 90 -4.77 -5.07 -5.29
CA ARG A 90 -4.81 -5.28 -6.72
C ARG A 90 -6.24 -5.68 -7.10
N VAL A 91 -6.88 -6.34 -6.15
CA VAL A 91 -8.24 -6.79 -6.30
C VAL A 91 -9.18 -5.58 -6.39
N PHE A 92 -8.82 -4.52 -5.67
CA PHE A 92 -9.62 -3.30 -5.64
C PHE A 92 -9.08 -2.26 -6.63
N ASP A 93 -7.93 -2.52 -7.25
CA ASP A 93 -7.36 -1.57 -8.19
C ASP A 93 -7.90 -1.78 -9.60
N LYS A 94 -8.57 -2.90 -9.81
CA LYS A 94 -9.16 -3.27 -11.10
C LYS A 94 -8.38 -2.71 -12.29
N ASP A 95 -8.73 -1.50 -12.72
CA ASP A 95 -8.04 -0.86 -13.85
C ASP A 95 -6.54 -0.83 -13.62
N GLY A 96 -6.14 -0.34 -12.46
CA GLY A 96 -4.71 -0.27 -12.13
C GLY A 96 -4.22 1.15 -11.94
N ASN A 97 -4.76 1.84 -10.94
CA ASN A 97 -4.36 3.21 -10.65
C ASN A 97 -3.80 3.31 -9.23
N GLY A 98 -4.56 2.81 -8.27
CA GLY A 98 -4.15 2.84 -6.88
C GLY A 98 -5.29 3.26 -5.98
N TYR A 99 -6.25 3.97 -6.55
CA TYR A 99 -7.42 4.44 -5.81
C TYR A 99 -8.67 3.72 -6.28
N ILE A 100 -9.65 3.56 -5.40
CA ILE A 100 -10.88 2.87 -5.78
C ILE A 100 -12.02 3.85 -6.06
N SER A 101 -12.06 4.33 -7.29
CA SER A 101 -13.10 5.27 -7.72
C SER A 101 -14.49 4.69 -7.47
N ALA A 102 -14.78 3.54 -8.08
CA ALA A 102 -16.07 2.89 -7.91
C ALA A 102 -16.17 1.61 -8.72
N ALA A 103 -15.57 1.60 -9.92
CA ALA A 103 -15.60 0.42 -10.78
C ALA A 103 -15.08 -0.80 -10.04
N GLU A 104 -13.81 -0.77 -9.66
CA GLU A 104 -13.21 -1.88 -8.94
C GLU A 104 -14.12 -2.38 -7.83
N LEU A 105 -14.88 -1.45 -7.23
CA LEU A 105 -15.81 -1.78 -6.17
C LEU A 105 -16.98 -2.60 -6.71
N ARG A 106 -17.82 -1.96 -7.52
CA ARG A 106 -18.98 -2.62 -8.10
C ARG A 106 -18.68 -4.06 -8.54
N HIS A 107 -17.81 -4.18 -9.52
CA HIS A 107 -17.44 -5.48 -10.08
C HIS A 107 -17.02 -6.49 -9.00
N VAL A 108 -15.93 -6.22 -8.31
CA VAL A 108 -15.41 -7.13 -7.30
C VAL A 108 -16.35 -7.26 -6.10
N MET A 109 -16.93 -6.15 -5.65
CA MET A 109 -17.82 -6.17 -4.51
C MET A 109 -19.19 -6.74 -4.85
N THR A 110 -19.50 -6.81 -6.14
CA THR A 110 -20.78 -7.37 -6.58
C THR A 110 -20.63 -8.86 -6.82
N ASN A 111 -19.40 -9.25 -7.19
CA ASN A 111 -19.08 -10.64 -7.46
C ASN A 111 -18.66 -11.34 -6.17
N LEU A 112 -17.91 -10.63 -5.34
CA LEU A 112 -17.45 -11.18 -4.07
C LEU A 112 -18.61 -11.77 -3.27
N GLY A 113 -19.74 -11.07 -3.31
CA GLY A 113 -20.92 -11.53 -2.60
C GLY A 113 -21.84 -10.38 -2.21
N GLU A 114 -22.03 -9.43 -3.11
CA GLU A 114 -22.89 -8.28 -2.85
C GLU A 114 -23.49 -7.75 -4.14
N LYS A 115 -24.10 -6.56 -4.06
CA LYS A 115 -24.72 -5.94 -5.22
C LYS A 115 -24.75 -4.43 -5.05
N LEU A 116 -23.58 -3.81 -5.01
CA LEU A 116 -23.48 -2.36 -4.84
C LEU A 116 -23.66 -1.64 -6.17
N THR A 117 -24.87 -1.14 -6.41
CA THR A 117 -25.17 -0.41 -7.64
C THR A 117 -24.25 0.78 -7.78
N ASP A 118 -24.31 1.43 -8.94
CA ASP A 118 -23.49 2.61 -9.19
C ASP A 118 -23.93 3.76 -8.28
N GLU A 119 -25.18 3.68 -7.79
CA GLU A 119 -25.71 4.72 -6.91
C GLU A 119 -25.22 4.51 -5.47
N GLU A 120 -25.45 3.32 -4.94
CA GLU A 120 -25.03 3.02 -3.57
C GLU A 120 -23.53 2.85 -3.49
N VAL A 121 -22.93 2.24 -4.51
CA VAL A 121 -21.49 2.03 -4.52
C VAL A 121 -20.75 3.36 -4.62
N ASP A 122 -21.30 4.28 -5.40
CA ASP A 122 -20.70 5.60 -5.56
C ASP A 122 -20.64 6.31 -4.21
N GLU A 123 -21.80 6.42 -3.55
CA GLU A 123 -21.87 7.07 -2.25
C GLU A 123 -21.10 6.27 -1.21
N MET A 124 -21.05 4.95 -1.41
CA MET A 124 -20.34 4.08 -0.49
C MET A 124 -18.87 4.47 -0.41
N ILE A 125 -18.29 4.80 -1.56
CA ILE A 125 -16.89 5.21 -1.63
C ILE A 125 -16.75 6.69 -1.25
N ARG A 126 -17.88 7.42 -1.28
CA ARG A 126 -17.89 8.83 -0.93
C ARG A 126 -17.92 8.97 0.59
N GLU A 127 -18.68 8.09 1.22
CA GLU A 127 -18.79 8.08 2.68
C GLU A 127 -17.56 7.39 3.26
N ALA A 128 -17.04 6.41 2.52
CA ALA A 128 -15.86 5.67 2.93
C ALA A 128 -14.62 6.54 2.83
N ASP A 129 -14.57 7.36 1.79
CA ASP A 129 -13.43 8.25 1.57
C ASP A 129 -13.18 9.09 2.83
N ILE A 130 -12.10 8.78 3.54
CA ILE A 130 -11.75 9.50 4.76
C ILE A 130 -11.35 10.93 4.44
N ASP A 131 -10.11 11.12 3.97
CA ASP A 131 -9.61 12.45 3.63
C ASP A 131 -10.65 13.21 2.83
N GLY A 132 -11.29 12.53 1.88
CA GLY A 132 -12.31 13.16 1.08
C GLY A 132 -11.76 13.92 -0.11
N ASP A 133 -11.12 13.19 -1.02
CA ASP A 133 -10.56 13.80 -2.21
C ASP A 133 -11.49 13.55 -3.40
N GLY A 134 -12.20 12.43 -3.34
CA GLY A 134 -13.10 12.06 -4.40
C GLY A 134 -12.97 10.59 -4.73
N GLN A 135 -11.86 10.00 -4.27
CA GLN A 135 -11.57 8.60 -4.48
C GLN A 135 -11.20 7.94 -3.15
N VAL A 136 -10.38 6.89 -3.23
CA VAL A 136 -9.93 6.18 -2.02
C VAL A 136 -8.45 5.90 -2.11
N ASN A 137 -7.66 6.63 -1.34
CA ASN A 137 -6.20 6.46 -1.33
C ASN A 137 -5.78 5.50 -0.23
N TYR A 138 -5.10 4.42 -0.60
CA TYR A 138 -4.63 3.40 0.35
C TYR A 138 -4.23 4.03 1.69
N GLU A 139 -3.69 5.25 1.64
CA GLU A 139 -3.29 5.97 2.85
C GLU A 139 -4.42 5.93 3.89
N GLU A 140 -5.65 6.09 3.41
CA GLU A 140 -6.81 6.05 4.28
C GLU A 140 -7.30 4.62 4.44
N PHE A 141 -7.24 3.86 3.33
CA PHE A 141 -7.65 2.46 3.36
C PHE A 141 -6.99 1.74 4.53
N VAL A 142 -5.71 2.01 4.74
CA VAL A 142 -4.97 1.41 5.84
C VAL A 142 -5.33 2.10 7.15
N GLN A 143 -5.36 3.43 7.12
CA GLN A 143 -5.70 4.21 8.31
C GLN A 143 -7.05 3.76 8.85
N MET A 144 -7.91 3.29 7.95
CA MET A 144 -9.24 2.82 8.32
C MET A 144 -9.16 1.48 9.05
N MET A 145 -8.59 0.48 8.38
CA MET A 145 -8.46 -0.86 8.95
C MET A 145 -7.29 -0.90 9.94
N THR A 146 -6.08 -0.67 9.42
CA THR A 146 -4.88 -0.69 10.25
C THR A 146 -4.90 0.46 11.25
N ALA A 147 -4.98 1.68 10.74
CA ALA A 147 -5.00 2.87 11.60
C ALA A 147 -3.73 2.98 12.43
N LYS A 148 -2.60 2.68 11.82
CA LYS A 148 -1.32 2.75 12.51
C LYS A 148 -1.28 1.80 13.70
N LEU B 1 -27.73 0.11 9.90
CA LEU B 1 -26.73 1.19 9.78
C LEU B 1 -25.30 0.64 9.84
N ARG B 2 -25.10 -0.51 9.20
CA ARG B 2 -23.79 -1.14 9.18
C ARG B 2 -23.40 -1.54 7.75
N ARG B 3 -23.58 -0.60 6.82
CA ARG B 3 -23.27 -0.84 5.42
C ARG B 3 -21.93 -0.19 5.04
N GLY B 4 -21.27 -0.76 4.04
CA GLY B 4 -20.00 -0.22 3.60
C GLY B 4 -18.96 -0.21 4.71
N GLN B 5 -19.01 0.82 5.55
CA GLN B 5 -18.08 0.95 6.66
C GLN B 5 -18.02 -0.35 7.48
N ILE B 6 -16.93 -1.09 7.34
CA ILE B 6 -16.76 -2.34 8.05
C ILE B 6 -17.53 -3.48 7.36
N LEU B 7 -17.90 -3.27 6.11
CA LEU B 7 -18.64 -4.27 5.35
C LEU B 7 -17.78 -4.83 4.24
N TRP B 8 -17.18 -3.95 3.44
CA TRP B 8 -16.30 -4.37 2.36
C TRP B 8 -14.90 -4.67 2.89
N PHE B 9 -14.70 -4.38 4.18
CA PHE B 9 -13.44 -4.68 4.84
C PHE B 9 -13.45 -6.16 5.11
N ARG B 10 -14.62 -6.61 5.51
CA ARG B 10 -14.89 -7.99 5.77
C ARG B 10 -14.81 -8.74 4.45
N GLY B 11 -15.22 -8.04 3.38
CA GLY B 11 -15.16 -8.62 2.05
C GLY B 11 -13.80 -9.21 1.77
N LEU B 12 -12.78 -8.37 1.84
CA LEU B 12 -11.41 -8.83 1.61
C LEU B 12 -11.09 -9.97 2.57
N ASN B 13 -11.61 -9.85 3.80
CA ASN B 13 -11.41 -10.87 4.81
C ASN B 13 -11.88 -12.22 4.30
N ARG B 14 -13.06 -12.23 3.70
CA ARG B 14 -13.62 -13.46 3.14
C ARG B 14 -12.61 -14.10 2.19
N ILE B 15 -11.96 -13.27 1.39
CA ILE B 15 -10.95 -13.77 0.46
C ILE B 15 -9.82 -14.44 1.23
N GLN B 16 -8.99 -13.63 1.89
CA GLN B 16 -7.86 -14.13 2.68
C GLN B 16 -8.13 -15.50 3.31
N THR B 17 -9.25 -15.63 4.01
CA THR B 17 -9.60 -16.90 4.64
C THR B 17 -9.54 -18.03 3.61
N GLN B 18 -10.22 -17.80 2.48
CA GLN B 18 -10.23 -18.76 1.39
C GLN B 18 -9.63 -18.11 0.16
N ILE B 19 -8.43 -17.55 0.34
CA ILE B 19 -7.73 -16.85 -0.73
C ILE B 19 -7.88 -17.57 -2.08
N LYS B 20 -7.64 -16.83 -3.16
CA LYS B 20 -7.75 -17.39 -4.50
C LYS B 20 -6.95 -18.68 -4.63
CA CA C . 36.46 -4.47 19.34
CA CA D . 27.40 -6.16 11.53
CA CA E . -8.22 1.75 -9.39
CA CA F . -9.79 9.22 -0.57
N ALA A 1 -0.25 8.86 21.46
CA ALA A 1 0.23 8.50 20.09
C ALA A 1 1.24 9.52 19.58
N ASP A 2 2.42 9.55 20.19
CA ASP A 2 3.47 10.47 19.79
C ASP A 2 3.81 10.31 18.31
N GLN A 3 4.56 11.27 17.77
CA GLN A 3 4.95 11.24 16.37
C GLN A 3 6.30 11.94 16.17
N LEU A 4 6.92 11.71 15.03
CA LEU A 4 8.21 12.32 14.72
C LEU A 4 8.13 13.83 14.90
N THR A 5 9.17 14.42 15.46
CA THR A 5 9.21 15.86 15.66
C THR A 5 9.25 16.59 14.33
N GLU A 6 8.47 17.66 14.23
CA GLU A 6 8.41 18.47 13.02
C GLU A 6 9.41 19.62 13.09
N GLU A 7 9.94 19.88 14.29
CA GLU A 7 10.89 20.97 14.48
C GLU A 7 12.25 20.67 13.88
N GLN A 8 12.95 19.67 14.43
CA GLN A 8 14.27 19.30 13.94
C GLN A 8 14.19 18.81 12.50
N ILE A 9 13.32 17.83 12.27
CA ILE A 9 13.15 17.28 10.93
C ILE A 9 12.93 18.41 9.93
N ALA A 10 12.04 19.34 10.28
CA ALA A 10 11.76 20.49 9.43
C ALA A 10 13.06 21.10 8.93
N GLU A 11 14.06 21.15 9.81
CA GLU A 11 15.36 21.67 9.42
C GLU A 11 15.86 20.88 8.22
N PHE A 12 15.75 19.56 8.33
CA PHE A 12 16.14 18.70 7.21
C PHE A 12 15.27 19.08 6.02
N LYS A 13 14.04 19.49 6.32
CA LYS A 13 13.09 19.91 5.31
C LYS A 13 13.53 21.25 4.70
N GLU A 14 14.08 22.13 5.55
CA GLU A 14 14.55 23.43 5.09
C GLU A 14 15.51 23.24 3.92
N ALA A 15 16.28 22.16 3.97
CA ALA A 15 17.20 21.86 2.91
C ALA A 15 16.42 21.20 1.79
N PHE A 16 15.54 20.28 2.18
CA PHE A 16 14.69 19.58 1.23
C PHE A 16 13.81 20.56 0.46
N SER A 17 13.68 21.79 0.96
CA SER A 17 12.85 22.81 0.31
C SER A 17 13.70 23.62 -0.66
N LEU A 18 14.93 23.88 -0.24
CA LEU A 18 15.87 24.63 -1.04
C LEU A 18 16.52 23.69 -2.05
N PHE A 19 16.70 22.46 -1.60
CA PHE A 19 17.27 21.40 -2.41
C PHE A 19 16.46 21.22 -3.69
N ASP A 20 15.19 21.64 -3.63
CA ASP A 20 14.29 21.54 -4.78
C ASP A 20 14.58 22.66 -5.79
N LYS A 21 15.31 23.69 -5.35
CA LYS A 21 15.66 24.81 -6.21
C LYS A 21 14.48 25.29 -7.04
N ASP A 22 13.34 25.47 -6.38
CA ASP A 22 12.15 25.94 -7.06
C ASP A 22 11.04 26.33 -6.09
N GLY A 23 10.92 25.59 -4.99
CA GLY A 23 9.89 25.87 -4.01
C GLY A 23 8.61 25.12 -4.31
N ASP A 24 8.74 23.84 -4.57
CA ASP A 24 7.62 22.99 -4.91
C ASP A 24 7.28 22.05 -3.75
N GLY A 25 8.33 21.58 -3.07
CA GLY A 25 8.15 20.69 -1.95
C GLY A 25 8.42 19.24 -2.31
N THR A 26 8.69 18.98 -3.60
CA THR A 26 8.98 17.63 -4.06
C THR A 26 10.24 17.61 -4.91
N ILE A 27 11.17 16.72 -4.56
CA ILE A 27 12.43 16.60 -5.28
C ILE A 27 12.30 15.61 -6.43
N THR A 28 12.24 16.11 -7.66
CA THR A 28 12.11 15.25 -8.82
C THR A 28 13.34 15.36 -9.71
N THR A 29 13.52 14.39 -10.59
CA THR A 29 14.66 14.39 -11.51
C THR A 29 14.74 15.73 -12.24
N LYS A 30 13.60 16.40 -12.36
CA LYS A 30 13.54 17.70 -13.02
C LYS A 30 14.56 18.67 -12.42
N GLU A 31 14.37 19.01 -11.15
CA GLU A 31 15.27 19.93 -10.46
C GLU A 31 16.54 19.20 -10.04
N LEU A 32 16.38 17.99 -9.51
CA LEU A 32 17.52 17.19 -9.08
C LEU A 32 18.49 16.98 -10.22
N GLY A 33 17.94 16.77 -11.42
CA GLY A 33 18.78 16.57 -12.59
C GLY A 33 19.44 17.84 -13.06
N THR A 34 18.70 18.95 -12.95
CA THR A 34 19.23 20.25 -13.36
C THR A 34 20.54 20.54 -12.66
N VAL A 35 20.64 20.10 -11.41
CA VAL A 35 21.85 20.30 -10.62
C VAL A 35 22.88 19.23 -10.94
N MET A 36 22.42 17.99 -11.04
CA MET A 36 23.30 16.87 -11.35
C MET A 36 23.93 17.01 -12.74
N ARG A 37 23.39 17.93 -13.54
CA ARG A 37 23.89 18.16 -14.90
C ARG A 37 24.80 19.38 -14.94
N SER A 38 24.40 20.44 -14.28
CA SER A 38 25.18 21.68 -14.26
C SER A 38 26.22 21.66 -13.13
N LEU A 39 26.07 20.74 -12.20
CA LEU A 39 26.99 20.62 -11.07
C LEU A 39 27.49 19.19 -10.93
N GLY A 40 26.53 18.29 -10.71
CA GLY A 40 26.87 16.89 -10.58
C GLY A 40 27.55 16.38 -11.84
N GLN A 41 27.34 17.13 -12.93
CA GLN A 41 27.93 16.86 -14.24
C GLN A 41 28.47 15.44 -14.37
N ASN A 42 27.58 14.46 -14.31
CA ASN A 42 27.96 13.07 -14.42
C ASN A 42 26.75 12.15 -14.43
N PRO A 43 25.94 12.18 -13.34
CA PRO A 43 24.75 11.35 -13.21
C PRO A 43 24.05 11.07 -14.54
N THR A 44 23.69 9.81 -14.74
CA THR A 44 23.02 9.38 -15.96
C THR A 44 21.54 9.75 -15.98
N GLU A 45 20.98 9.85 -17.18
CA GLU A 45 19.57 10.18 -17.35
C GLU A 45 18.71 9.26 -16.51
N ALA A 46 19.17 8.02 -16.37
CA ALA A 46 18.46 7.01 -15.61
C ALA A 46 18.87 7.04 -14.13
N GLU A 47 20.05 7.60 -13.86
CA GLU A 47 20.56 7.68 -12.50
C GLU A 47 19.64 8.54 -11.65
N LEU A 48 19.50 9.82 -11.98
CA LEU A 48 18.62 10.70 -11.20
C LEU A 48 17.25 10.07 -11.04
N GLN A 49 16.86 9.27 -12.03
CA GLN A 49 15.58 8.57 -11.97
C GLN A 49 15.70 7.46 -10.94
N ASP A 50 16.88 6.85 -10.89
CA ASP A 50 17.14 5.79 -9.92
C ASP A 50 17.30 6.41 -8.55
N MET A 51 17.92 7.58 -8.52
CA MET A 51 18.14 8.32 -7.27
C MET A 51 16.79 8.77 -6.71
N ILE A 52 15.83 8.97 -7.60
CA ILE A 52 14.50 9.40 -7.20
C ILE A 52 13.63 8.20 -6.83
N ASN A 53 13.68 7.16 -7.66
CA ASN A 53 12.91 5.95 -7.42
C ASN A 53 13.56 5.06 -6.36
N GLU A 54 14.82 5.34 -6.03
CA GLU A 54 15.54 4.55 -5.03
C GLU A 54 14.96 4.78 -3.64
N VAL A 55 14.49 6.00 -3.37
CA VAL A 55 13.92 6.33 -2.07
C VAL A 55 12.39 6.29 -2.12
N ASP A 56 11.84 5.78 -3.21
CA ASP A 56 10.40 5.71 -3.38
C ASP A 56 9.78 4.71 -2.41
N ALA A 57 9.96 4.93 -1.11
CA ALA A 57 9.38 4.05 -0.12
C ALA A 57 7.88 4.02 -0.30
N ASP A 58 7.34 5.16 -0.73
CA ASP A 58 5.92 5.29 -0.99
C ASP A 58 5.68 5.22 -2.51
N GLY A 59 6.74 5.48 -3.28
CA GLY A 59 6.65 5.45 -4.74
C GLY A 59 5.33 5.97 -5.28
N ASN A 60 5.08 7.25 -5.08
CA ASN A 60 3.85 7.87 -5.54
C ASN A 60 4.07 8.61 -6.87
N GLY A 61 5.29 9.13 -7.06
CA GLY A 61 5.60 9.85 -8.28
C GLY A 61 6.87 10.65 -8.18
N THR A 62 7.19 11.13 -6.98
CA THR A 62 8.39 11.93 -6.77
C THR A 62 8.84 11.89 -5.31
N ILE A 63 9.88 12.66 -5.01
CA ILE A 63 10.43 12.71 -3.65
C ILE A 63 9.59 13.63 -2.77
N ASP A 64 9.40 13.22 -1.53
CA ASP A 64 8.63 13.99 -0.56
C ASP A 64 9.24 13.89 0.83
N PHE A 65 9.03 14.92 1.64
CA PHE A 65 9.56 14.97 3.00
C PHE A 65 9.50 13.61 3.70
N PRO A 66 8.32 12.95 3.76
CA PRO A 66 8.16 11.66 4.42
C PRO A 66 9.11 10.58 3.89
N GLU A 67 9.00 10.24 2.60
CA GLU A 67 9.84 9.20 2.02
C GLU A 67 11.33 9.53 2.18
N PHE A 68 11.69 10.76 1.84
CA PHE A 68 13.08 11.20 1.96
C PHE A 68 13.50 11.26 3.42
N LEU A 69 12.51 11.40 4.31
CA LEU A 69 12.76 11.49 5.74
C LEU A 69 13.13 10.11 6.30
N THR A 70 12.20 9.17 6.21
CA THR A 70 12.43 7.82 6.72
C THR A 70 13.66 7.18 6.08
N MET A 71 13.83 7.39 4.78
CA MET A 71 14.97 6.82 4.07
C MET A 71 16.29 7.35 4.62
N MET A 72 16.43 8.67 4.66
CA MET A 72 17.65 9.28 5.15
C MET A 72 18.01 8.78 6.55
N ALA A 73 17.12 9.02 7.51
CA ALA A 73 17.35 8.59 8.89
C ALA A 73 17.09 7.10 9.05
N ARG A 74 15.83 6.70 8.88
CA ARG A 74 15.44 5.31 9.02
C ARG A 74 15.89 4.47 7.81
N LYS A 75 15.59 3.18 7.84
CA LYS A 75 15.97 2.28 6.77
C LYS A 75 14.75 1.58 6.18
N MET A 76 14.97 0.66 5.26
CA MET A 76 13.89 -0.08 4.63
C MET A 76 13.80 -1.50 5.19
N LYS A 77 14.33 -1.70 6.39
CA LYS A 77 14.30 -3.01 7.02
C LYS A 77 12.86 -3.44 7.31
N ASP A 78 12.14 -2.61 8.06
CA ASP A 78 10.75 -2.89 8.41
C ASP A 78 9.96 -1.61 8.52
N THR A 79 9.37 -1.18 7.41
CA THR A 79 8.58 0.05 7.38
C THR A 79 7.62 0.04 6.19
N ASP A 80 6.88 -1.04 6.03
CA ASP A 80 5.93 -1.17 4.93
C ASP A 80 4.62 -1.77 5.40
N SER A 81 3.55 -0.97 5.30
CA SER A 81 2.23 -1.43 5.71
C SER A 81 1.68 -2.43 4.71
N GLU A 82 1.65 -2.03 3.44
CA GLU A 82 1.15 -2.88 2.37
C GLU A 82 2.06 -4.09 2.16
N GLU A 83 1.87 -5.12 2.98
CA GLU A 83 2.67 -6.34 2.87
C GLU A 83 1.85 -7.48 2.29
N GLU A 84 0.72 -7.76 2.93
CA GLU A 84 -0.17 -8.84 2.47
C GLU A 84 -1.36 -8.26 1.72
N ILE A 85 -1.84 -7.12 2.17
CA ILE A 85 -2.96 -6.46 1.52
C ILE A 85 -2.61 -6.13 0.08
N ARG A 86 -1.32 -6.11 -0.23
CA ARG A 86 -0.84 -5.83 -1.58
C ARG A 86 -1.63 -6.65 -2.61
N GLU A 87 -2.12 -7.80 -2.16
CA GLU A 87 -2.91 -8.68 -3.02
C GLU A 87 -4.32 -8.16 -3.12
N ALA A 88 -4.95 -7.93 -1.97
CA ALA A 88 -6.29 -7.37 -1.94
C ALA A 88 -6.28 -6.02 -2.62
N PHE A 89 -5.12 -5.37 -2.51
CA PHE A 89 -4.88 -4.05 -3.09
C PHE A 89 -4.94 -4.12 -4.62
N ARG A 90 -4.40 -5.19 -5.18
CA ARG A 90 -4.41 -5.39 -6.62
C ARG A 90 -5.76 -5.96 -7.02
N VAL A 91 -6.34 -6.70 -6.08
CA VAL A 91 -7.63 -7.31 -6.24
C VAL A 91 -8.72 -6.24 -6.35
N PHE A 92 -8.48 -5.12 -5.67
CA PHE A 92 -9.44 -4.03 -5.63
C PHE A 92 -9.10 -2.93 -6.63
N ASP A 93 -7.87 -2.93 -7.14
CA ASP A 93 -7.43 -1.91 -8.08
C ASP A 93 -8.04 -2.09 -9.47
N LYS A 94 -8.63 -3.24 -9.69
CA LYS A 94 -9.25 -3.57 -10.99
C LYS A 94 -8.44 -3.04 -12.18
N ASP A 95 -8.68 -1.79 -12.57
CA ASP A 95 -7.95 -1.19 -13.69
C ASP A 95 -6.45 -1.15 -13.40
N GLY A 96 -6.08 -0.57 -12.27
CA GLY A 96 -4.69 -0.48 -11.89
C GLY A 96 -4.21 0.96 -11.72
N ASN A 97 -4.81 1.66 -10.78
CA ASN A 97 -4.44 3.05 -10.51
C ASN A 97 -3.91 3.20 -9.08
N GLY A 98 -4.72 2.78 -8.13
CA GLY A 98 -4.36 2.86 -6.74
C GLY A 98 -5.53 3.26 -5.87
N TYR A 99 -6.45 4.02 -6.48
CA TYR A 99 -7.64 4.49 -5.78
C TYR A 99 -8.87 3.70 -6.24
N ILE A 100 -9.85 3.56 -5.36
CA ILE A 100 -11.07 2.83 -5.71
C ILE A 100 -12.27 3.78 -5.73
N SER A 101 -12.50 4.40 -6.88
CA SER A 101 -13.62 5.33 -7.05
C SER A 101 -14.94 4.60 -6.94
N ALA A 102 -15.18 3.66 -7.85
CA ALA A 102 -16.41 2.90 -7.86
C ALA A 102 -16.34 1.70 -8.79
N ALA A 103 -15.69 1.88 -9.95
CA ALA A 103 -15.54 0.79 -10.93
C ALA A 103 -15.20 -0.53 -10.24
N GLU A 104 -14.05 -0.57 -9.61
CA GLU A 104 -13.60 -1.75 -8.89
C GLU A 104 -14.70 -2.24 -7.96
N LEU A 105 -15.10 -1.36 -7.06
CA LEU A 105 -16.16 -1.67 -6.11
C LEU A 105 -17.37 -2.26 -6.83
N ARG A 106 -17.67 -1.72 -7.99
CA ARG A 106 -18.79 -2.16 -8.78
C ARG A 106 -18.65 -3.62 -9.21
N HIS A 107 -17.67 -3.90 -10.05
CA HIS A 107 -17.46 -5.27 -10.55
C HIS A 107 -16.77 -6.15 -9.52
N VAL A 108 -15.68 -5.65 -8.93
CA VAL A 108 -14.92 -6.41 -7.95
C VAL A 108 -15.74 -6.75 -6.71
N MET A 109 -16.44 -5.77 -6.14
CA MET A 109 -17.23 -6.00 -4.94
C MET A 109 -18.56 -6.71 -5.24
N THR A 110 -19.05 -6.62 -6.46
CA THR A 110 -20.30 -7.29 -6.79
C THR A 110 -20.05 -8.76 -7.03
N ASN A 111 -18.82 -9.06 -7.44
CA ASN A 111 -18.39 -10.42 -7.72
C ASN A 111 -18.00 -11.12 -6.42
N LEU A 112 -17.44 -10.34 -5.49
CA LEU A 112 -17.01 -10.87 -4.20
C LEU A 112 -18.18 -11.51 -3.47
N GLY A 113 -19.40 -11.14 -3.85
CA GLY A 113 -20.57 -11.69 -3.22
C GLY A 113 -21.65 -10.66 -2.94
N GLU A 114 -21.36 -9.39 -3.23
CA GLU A 114 -22.31 -8.31 -3.00
C GLU A 114 -22.99 -7.89 -4.31
N LYS A 115 -23.87 -6.90 -4.21
CA LYS A 115 -24.59 -6.39 -5.36
C LYS A 115 -24.76 -4.87 -5.25
N LEU A 116 -23.76 -4.22 -4.65
CA LEU A 116 -23.78 -2.79 -4.45
C LEU A 116 -23.97 -2.02 -5.75
N THR A 117 -25.22 -1.69 -6.05
CA THR A 117 -25.55 -0.95 -7.27
C THR A 117 -24.65 0.26 -7.41
N ASP A 118 -24.72 0.90 -8.57
CA ASP A 118 -23.92 2.10 -8.82
C ASP A 118 -24.34 3.22 -7.89
N GLU A 119 -25.57 3.13 -7.37
CA GLU A 119 -26.09 4.16 -6.47
C GLU A 119 -25.47 4.03 -5.08
N GLU A 120 -25.69 2.89 -4.44
CA GLU A 120 -25.17 2.65 -3.10
C GLU A 120 -23.64 2.61 -3.11
N VAL A 121 -23.07 1.90 -4.09
CA VAL A 121 -21.61 1.79 -4.18
C VAL A 121 -20.95 3.17 -4.27
N ASP A 122 -21.52 4.06 -5.08
CA ASP A 122 -20.97 5.40 -5.23
C ASP A 122 -20.92 6.12 -3.88
N GLU A 123 -22.06 6.20 -3.21
CA GLU A 123 -22.12 6.87 -1.91
C GLU A 123 -21.29 6.11 -0.89
N MET A 124 -21.30 4.79 -0.99
CA MET A 124 -20.53 3.96 -0.07
C MET A 124 -19.07 4.40 -0.05
N ILE A 125 -18.53 4.69 -1.24
CA ILE A 125 -17.16 5.14 -1.38
C ILE A 125 -17.04 6.63 -1.05
N ARG A 126 -18.15 7.34 -1.15
CA ARG A 126 -18.20 8.77 -0.85
C ARG A 126 -18.12 8.98 0.66
N GLU A 127 -18.97 8.25 1.38
CA GLU A 127 -18.99 8.33 2.83
C GLU A 127 -17.69 7.73 3.37
N ALA A 128 -17.15 6.77 2.65
CA ALA A 128 -15.91 6.12 3.03
C ALA A 128 -14.73 7.06 2.79
N ASP A 129 -14.78 7.80 1.70
CA ASP A 129 -13.71 8.75 1.37
C ASP A 129 -13.42 9.64 2.57
N ILE A 130 -12.43 9.26 3.36
CA ILE A 130 -12.06 10.01 4.56
C ILE A 130 -11.44 11.37 4.23
N ASP A 131 -10.14 11.37 3.93
CA ASP A 131 -9.42 12.61 3.61
C ASP A 131 -10.25 13.49 2.67
N GLY A 132 -11.03 12.87 1.80
CA GLY A 132 -11.85 13.62 0.88
C GLY A 132 -11.04 14.29 -0.21
N ASP A 133 -10.31 13.49 -0.98
CA ASP A 133 -9.49 14.01 -2.06
C ASP A 133 -10.29 14.01 -3.37
N GLY A 134 -11.32 13.18 -3.41
CA GLY A 134 -12.15 13.05 -4.58
C GLY A 134 -12.38 11.59 -4.94
N GLN A 135 -11.64 10.71 -4.26
CA GLN A 135 -11.74 9.29 -4.49
C GLN A 135 -11.41 8.53 -3.20
N VAL A 136 -10.62 7.46 -3.29
CA VAL A 136 -10.24 6.69 -2.11
C VAL A 136 -8.78 6.26 -2.20
N ASN A 137 -7.92 6.95 -1.44
CA ASN A 137 -6.50 6.64 -1.45
C ASN A 137 -6.14 5.60 -0.40
N TYR A 138 -5.50 4.52 -0.85
CA TYR A 138 -5.10 3.41 0.01
C TYR A 138 -4.65 3.89 1.40
N GLU A 139 -4.00 5.05 1.45
CA GLU A 139 -3.54 5.58 2.73
C GLU A 139 -4.68 5.61 3.74
N GLU A 140 -5.89 5.85 3.26
CA GLU A 140 -7.07 5.88 4.11
C GLU A 140 -7.69 4.49 4.15
N PHE A 141 -7.56 3.76 3.04
CA PHE A 141 -8.08 2.40 2.95
C PHE A 141 -7.40 1.55 4.01
N VAL A 142 -6.12 1.82 4.23
CA VAL A 142 -5.34 1.10 5.22
C VAL A 142 -5.61 1.66 6.61
N GLN A 143 -5.44 2.98 6.76
CA GLN A 143 -5.69 3.64 8.03
C GLN A 143 -7.00 3.14 8.65
N MET A 144 -7.93 2.76 7.78
CA MET A 144 -9.23 2.26 8.23
C MET A 144 -9.18 0.74 8.45
N MET A 145 -8.44 0.03 7.60
CA MET A 145 -8.34 -1.42 7.70
C MET A 145 -7.17 -1.85 8.59
N THR A 146 -5.96 -1.51 8.16
CA THR A 146 -4.74 -1.86 8.90
C THR A 146 -4.94 -1.71 10.41
N ALA A 147 -5.56 -0.61 10.82
CA ALA A 147 -5.80 -0.35 12.23
C ALA A 147 -6.80 -1.34 12.80
N LYS A 148 -6.31 -2.39 13.45
CA LYS A 148 -7.16 -3.41 14.05
C LYS A 148 -7.70 -2.93 15.40
N LEU B 1 -27.15 1.34 5.64
CA LEU B 1 -25.98 1.79 4.81
C LEU B 1 -25.34 3.04 5.40
N ARG B 2 -24.58 2.85 6.48
CA ARG B 2 -23.91 3.97 7.13
C ARG B 2 -22.64 3.51 7.86
N ARG B 3 -21.63 3.12 7.09
CA ARG B 3 -20.38 2.66 7.65
C ARG B 3 -19.31 2.52 6.57
N GLY B 4 -19.39 1.46 5.79
CA GLY B 4 -18.42 1.24 4.73
C GLY B 4 -17.29 0.31 5.16
N GLN B 5 -16.75 0.58 6.36
CA GLN B 5 -15.65 -0.23 6.91
C GLN B 5 -16.14 -1.55 7.50
N ILE B 6 -17.31 -1.99 7.06
CA ILE B 6 -17.91 -3.24 7.49
C ILE B 6 -18.74 -3.81 6.33
N LEU B 7 -18.40 -3.38 5.11
CA LEU B 7 -19.06 -3.84 3.91
C LEU B 7 -18.00 -4.42 3.00
N TRP B 8 -17.06 -3.56 2.60
CA TRP B 8 -15.95 -4.03 1.80
C TRP B 8 -14.78 -4.39 2.71
N PHE B 9 -14.97 -4.23 4.04
CA PHE B 9 -13.97 -4.60 5.02
C PHE B 9 -14.17 -6.06 5.36
N ARG B 10 -15.45 -6.40 5.43
CA ARG B 10 -15.88 -7.75 5.69
C ARG B 10 -15.70 -8.58 4.43
N GLY B 11 -15.83 -7.91 3.28
CA GLY B 11 -15.66 -8.56 2.00
C GLY B 11 -14.26 -9.13 1.82
N LEU B 12 -13.26 -8.25 1.84
CA LEU B 12 -11.88 -8.70 1.69
C LEU B 12 -11.55 -9.73 2.77
N ASN B 13 -12.10 -9.51 3.97
CA ASN B 13 -11.89 -10.42 5.08
C ASN B 13 -12.40 -11.81 4.71
N ARG B 14 -13.54 -11.86 4.03
CA ARG B 14 -14.12 -13.12 3.60
C ARG B 14 -13.11 -13.88 2.76
N ILE B 15 -12.42 -13.17 1.89
CA ILE B 15 -11.40 -13.77 1.05
C ILE B 15 -10.38 -14.49 1.92
N GLN B 16 -9.45 -13.73 2.50
CA GLN B 16 -8.40 -14.28 3.38
C GLN B 16 -8.88 -15.51 4.15
N THR B 17 -10.14 -15.50 4.56
CA THR B 17 -10.72 -16.62 5.29
C THR B 17 -10.60 -17.91 4.48
N GLN B 18 -11.09 -17.87 3.24
CA GLN B 18 -11.04 -19.04 2.37
C GLN B 18 -9.99 -18.84 1.28
N ILE B 19 -9.91 -17.63 0.76
CA ILE B 19 -8.97 -17.22 -0.28
C ILE B 19 -9.38 -17.80 -1.64
N LYS B 20 -9.16 -17.00 -2.69
CA LYS B 20 -9.50 -17.43 -4.05
C LYS B 20 -8.47 -16.93 -5.05
CA CA C . 10.00 20.34 -7.45
CA CA D . 7.93 8.74 -3.92
CA CA E . -8.37 1.72 -9.33
CA CA F . -10.00 9.44 -0.46
N ALA A 1 26.34 0.80 3.77
CA ALA A 1 27.34 0.95 2.69
C ALA A 1 28.26 2.13 2.97
N ASP A 2 27.68 3.31 3.08
CA ASP A 2 28.45 4.53 3.34
C ASP A 2 28.67 4.71 4.84
N GLN A 3 29.73 5.44 5.19
CA GLN A 3 30.05 5.69 6.59
C GLN A 3 29.70 7.12 7.00
N LEU A 4 29.62 7.35 8.30
CA LEU A 4 29.29 8.67 8.82
C LEU A 4 30.01 8.92 10.14
N THR A 5 30.06 10.18 10.57
CA THR A 5 30.72 10.55 11.81
C THR A 5 30.12 9.81 12.99
N GLU A 6 30.99 9.39 13.91
CA GLU A 6 30.58 8.69 15.12
C GLU A 6 30.41 9.68 16.29
N GLU A 7 31.01 10.86 16.14
CA GLU A 7 30.95 11.88 17.18
C GLU A 7 29.51 12.34 17.44
N GLN A 8 28.91 12.97 16.45
CA GLN A 8 27.53 13.42 16.57
C GLN A 8 26.63 12.21 16.70
N ILE A 9 27.11 11.10 16.17
CA ILE A 9 26.41 9.85 16.22
C ILE A 9 26.39 9.38 17.66
N ALA A 10 27.48 9.66 18.35
CA ALA A 10 27.62 9.30 19.76
C ALA A 10 26.39 9.78 20.52
N GLU A 11 25.96 11.00 20.22
CA GLU A 11 24.75 11.54 20.83
C GLU A 11 23.59 10.65 20.47
N PHE A 12 23.49 10.29 19.20
CA PHE A 12 22.44 9.40 18.74
C PHE A 12 22.51 8.13 19.58
N LYS A 13 23.74 7.69 19.84
CA LYS A 13 24.00 6.52 20.66
C LYS A 13 23.49 6.76 22.07
N GLU A 14 23.56 8.01 22.53
CA GLU A 14 23.10 8.37 23.86
C GLU A 14 21.66 7.92 24.04
N ALA A 15 20.83 8.21 23.03
CA ALA A 15 19.43 7.82 23.06
C ALA A 15 19.31 6.34 22.72
N PHE A 16 20.02 5.92 21.70
CA PHE A 16 19.98 4.51 21.30
C PHE A 16 20.28 3.60 22.49
N SER A 17 21.01 4.13 23.49
CA SER A 17 21.36 3.36 24.68
C SER A 17 20.34 3.60 25.79
N LEU A 18 19.81 4.81 25.86
CA LEU A 18 18.85 5.19 26.87
C LEU A 18 17.46 4.74 26.45
N PHE A 19 17.18 4.93 25.18
CA PHE A 19 15.94 4.53 24.57
C PHE A 19 15.67 3.06 24.86
N ASP A 20 16.76 2.31 25.09
CA ASP A 20 16.69 0.90 25.39
C ASP A 20 16.32 0.67 26.87
N LYS A 21 16.30 1.75 27.66
CA LYS A 21 15.95 1.67 29.06
C LYS A 21 16.55 0.44 29.73
N ASP A 22 17.82 0.20 29.45
CA ASP A 22 18.51 -0.95 30.03
C ASP A 22 20.03 -0.82 29.89
N GLY A 23 20.49 -0.26 28.76
CA GLY A 23 21.92 -0.12 28.54
C GLY A 23 22.53 -1.43 28.10
N ASP A 24 21.89 -2.04 27.11
CA ASP A 24 22.34 -3.31 26.57
C ASP A 24 22.96 -3.13 25.19
N GLY A 25 22.58 -2.04 24.52
CA GLY A 25 23.10 -1.75 23.20
C GLY A 25 22.29 -2.44 22.11
N THR A 26 21.07 -2.88 22.46
CA THR A 26 20.20 -3.55 21.52
C THR A 26 18.74 -3.28 21.87
N ILE A 27 18.00 -2.75 20.91
CA ILE A 27 16.58 -2.43 21.12
C ILE A 27 15.70 -3.58 20.65
N THR A 28 15.28 -4.44 21.58
CA THR A 28 14.44 -5.58 21.25
C THR A 28 12.99 -5.32 21.63
N THR A 29 12.10 -6.23 21.23
CA THR A 29 10.69 -6.09 21.55
C THR A 29 10.50 -5.80 23.04
N LYS A 30 11.45 -6.25 23.84
CA LYS A 30 11.41 -6.04 25.28
C LYS A 30 11.51 -4.55 25.61
N GLU A 31 12.45 -3.87 24.95
CA GLU A 31 12.64 -2.44 25.16
C GLU A 31 11.51 -1.64 24.52
N LEU A 32 11.44 -1.69 23.20
CA LEU A 32 10.39 -0.97 22.47
C LEU A 32 9.01 -1.38 22.96
N GLY A 33 8.88 -2.64 23.36
CA GLY A 33 7.61 -3.13 23.86
C GLY A 33 7.13 -2.35 25.06
N THR A 34 7.95 -2.32 26.11
CA THR A 34 7.61 -1.60 27.33
C THR A 34 7.18 -0.18 26.99
N VAL A 35 8.05 0.54 26.29
CA VAL A 35 7.78 1.92 25.90
C VAL A 35 6.51 1.96 25.04
N MET A 36 6.33 0.94 24.22
CA MET A 36 5.16 0.84 23.36
C MET A 36 3.88 0.65 24.17
N ARG A 37 4.04 0.31 25.46
CA ARG A 37 2.88 0.10 26.33
C ARG A 37 2.69 1.29 27.27
N SER A 38 3.79 1.92 27.65
CA SER A 38 3.75 3.07 28.54
C SER A 38 3.65 4.39 27.77
N LEU A 39 3.90 4.34 26.47
CA LEU A 39 3.86 5.53 25.63
C LEU A 39 3.00 5.30 24.40
N GLY A 40 3.45 4.37 23.57
CA GLY A 40 2.73 4.04 22.37
C GLY A 40 1.39 3.43 22.70
N GLN A 41 1.32 2.83 23.90
CA GLN A 41 0.10 2.20 24.43
C GLN A 41 -0.99 1.99 23.39
N ASN A 42 -0.75 1.10 22.45
CA ASN A 42 -1.71 0.81 21.40
C ASN A 42 -1.32 -0.43 20.59
N PRO A 43 -0.15 -0.38 19.91
CA PRO A 43 0.34 -1.50 19.11
C PRO A 43 0.05 -2.86 19.72
N THR A 44 0.10 -3.90 18.89
CA THR A 44 -0.18 -5.26 19.35
C THR A 44 1.08 -5.92 19.91
N GLU A 45 0.87 -7.03 20.60
CA GLU A 45 1.97 -7.79 21.21
C GLU A 45 2.90 -8.33 20.15
N ALA A 46 2.34 -8.64 19.00
CA ALA A 46 3.09 -9.19 17.87
C ALA A 46 3.60 -8.10 16.94
N GLU A 47 2.93 -6.96 16.96
CA GLU A 47 3.29 -5.85 16.10
C GLU A 47 4.74 -5.43 16.30
N LEU A 48 5.13 -5.17 17.53
CA LEU A 48 6.51 -4.76 17.80
C LEU A 48 7.49 -5.74 17.19
N GLN A 49 7.06 -6.99 17.02
CA GLN A 49 7.91 -7.99 16.40
C GLN A 49 8.00 -7.68 14.92
N ASP A 50 6.88 -7.22 14.35
CA ASP A 50 6.83 -6.85 12.95
C ASP A 50 7.57 -5.51 12.77
N MET A 51 7.50 -4.69 13.81
CA MET A 51 8.17 -3.40 13.81
C MET A 51 9.68 -3.60 13.91
N ILE A 52 10.06 -4.66 14.60
CA ILE A 52 11.47 -5.00 14.78
C ILE A 52 12.00 -5.73 13.53
N ASN A 53 11.20 -6.67 13.03
CA ASN A 53 11.57 -7.42 11.83
C ASN A 53 11.74 -6.49 10.63
N GLU A 54 11.06 -5.34 10.68
CA GLU A 54 11.13 -4.35 9.60
C GLU A 54 12.43 -3.56 9.67
N VAL A 55 12.88 -3.31 10.89
CA VAL A 55 14.12 -2.57 11.11
C VAL A 55 15.34 -3.48 10.95
N ASP A 56 15.11 -4.79 10.88
CA ASP A 56 16.17 -5.75 10.74
C ASP A 56 16.83 -5.67 9.37
N ALA A 57 17.36 -4.50 9.02
CA ALA A 57 18.04 -4.34 7.75
C ALA A 57 19.17 -5.33 7.66
N ASP A 58 19.87 -5.49 8.77
CA ASP A 58 20.95 -6.44 8.88
C ASP A 58 20.41 -7.74 9.50
N GLY A 59 19.27 -7.62 10.18
CA GLY A 59 18.65 -8.77 10.82
C GLY A 59 19.64 -9.70 11.49
N ASN A 60 20.47 -9.14 12.35
CA ASN A 60 21.48 -9.92 13.06
C ASN A 60 20.92 -10.48 14.36
N GLY A 61 19.89 -9.82 14.88
CA GLY A 61 19.28 -10.26 16.13
C GLY A 61 18.24 -9.28 16.63
N THR A 62 18.57 -7.99 16.63
CA THR A 62 17.65 -6.96 17.10
C THR A 62 18.06 -5.59 16.59
N ILE A 63 17.36 -4.56 17.02
CA ILE A 63 17.66 -3.20 16.60
C ILE A 63 19.09 -2.84 16.98
N ASP A 64 19.89 -2.50 15.99
CA ASP A 64 21.28 -2.14 16.21
C ASP A 64 21.53 -0.71 15.73
N PHE A 65 22.46 -0.02 16.39
CA PHE A 65 22.77 1.37 16.05
C PHE A 65 22.78 1.63 14.54
N PRO A 66 23.41 0.74 13.75
CA PRO A 66 23.51 0.91 12.29
C PRO A 66 22.15 0.92 11.60
N GLU A 67 21.39 -0.15 11.76
CA GLU A 67 20.07 -0.24 11.14
C GLU A 67 19.11 0.81 11.69
N PHE A 68 19.29 1.18 12.95
CA PHE A 68 18.44 2.19 13.57
C PHE A 68 18.91 3.59 13.19
N LEU A 69 20.21 3.72 12.97
CA LEU A 69 20.81 4.99 12.59
C LEU A 69 20.35 5.40 11.19
N THR A 70 20.62 4.54 10.21
CA THR A 70 20.24 4.80 8.84
C THR A 70 18.73 5.01 8.71
N MET A 71 17.96 4.17 9.40
CA MET A 71 16.51 4.27 9.35
C MET A 71 16.02 5.67 9.72
N MET A 72 16.63 6.24 10.75
CA MET A 72 16.26 7.58 11.20
C MET A 72 16.96 8.65 10.37
N ALA A 73 18.23 8.42 10.06
CA ALA A 73 19.01 9.36 9.27
C ALA A 73 18.50 9.46 7.84
N ARG A 74 18.41 8.31 7.18
CA ARG A 74 17.93 8.26 5.80
C ARG A 74 16.47 8.67 5.71
N LYS A 75 16.19 9.65 4.85
CA LYS A 75 14.82 10.13 4.66
C LYS A 75 14.76 11.08 3.47
N MET A 76 14.21 10.59 2.36
CA MET A 76 14.07 11.40 1.15
C MET A 76 13.16 10.71 0.14
N LYS A 77 12.55 11.51 -0.74
CA LYS A 77 11.65 10.96 -1.75
C LYS A 77 10.40 10.37 -1.10
N ASP A 78 9.57 9.73 -1.92
CA ASP A 78 8.34 9.11 -1.43
C ASP A 78 8.67 7.95 -0.51
N THR A 79 9.03 6.81 -1.09
CA THR A 79 9.37 5.61 -0.33
C THR A 79 8.10 4.93 0.17
N ASP A 80 7.66 3.92 -0.56
CA ASP A 80 6.44 3.20 -0.20
C ASP A 80 6.61 1.70 -0.38
N SER A 81 6.22 0.94 0.63
CA SER A 81 6.32 -0.52 0.60
C SER A 81 5.02 -1.16 1.08
N GLU A 82 4.23 -1.66 0.13
CA GLU A 82 2.96 -2.30 0.46
C GLU A 82 3.19 -3.69 1.02
N GLU A 83 3.90 -4.52 0.26
CA GLU A 83 4.19 -5.89 0.68
C GLU A 83 2.90 -6.67 0.92
N GLU A 84 2.37 -6.57 2.14
CA GLU A 84 1.14 -7.27 2.48
C GLU A 84 -0.08 -6.47 2.02
N ILE A 85 -1.18 -7.16 1.78
CA ILE A 85 -2.39 -6.53 1.30
C ILE A 85 -2.25 -6.13 -0.17
N ARG A 86 -1.15 -6.56 -0.78
CA ARG A 86 -0.90 -6.27 -2.19
C ARG A 86 -1.85 -7.07 -3.08
N GLU A 87 -2.53 -8.06 -2.48
CA GLU A 87 -3.49 -8.88 -3.20
C GLU A 87 -4.85 -8.21 -3.16
N ALA A 88 -5.30 -7.87 -1.96
CA ALA A 88 -6.55 -7.17 -1.79
C ALA A 88 -6.47 -5.83 -2.52
N PHE A 89 -5.25 -5.32 -2.59
CA PHE A 89 -4.96 -4.05 -3.24
C PHE A 89 -5.10 -4.19 -4.76
N ARG A 90 -4.60 -5.30 -5.30
CA ARG A 90 -4.68 -5.56 -6.73
C ARG A 90 -6.07 -6.09 -7.04
N VAL A 91 -6.66 -6.74 -6.06
CA VAL A 91 -7.98 -7.30 -6.17
C VAL A 91 -9.03 -6.19 -6.29
N PHE A 92 -8.83 -5.10 -5.55
CA PHE A 92 -9.77 -3.99 -5.58
C PHE A 92 -9.37 -2.91 -6.57
N ASP A 93 -8.18 -3.01 -7.14
CA ASP A 93 -7.74 -2.00 -8.10
C ASP A 93 -8.39 -2.17 -9.46
N LYS A 94 -8.87 -3.36 -9.71
CA LYS A 94 -9.54 -3.70 -10.98
C LYS A 94 -8.95 -2.97 -12.19
N ASP A 95 -7.64 -2.71 -12.14
CA ASP A 95 -6.94 -2.05 -13.24
C ASP A 95 -5.48 -1.79 -12.88
N GLY A 96 -5.25 -0.89 -11.92
CA GLY A 96 -3.90 -0.59 -11.51
C GLY A 96 -3.61 0.89 -11.39
N ASN A 97 -4.37 1.56 -10.51
CA ASN A 97 -4.17 2.99 -10.29
C ASN A 97 -3.74 3.23 -8.84
N GLY A 98 -4.55 2.75 -7.92
CA GLY A 98 -4.25 2.92 -6.51
C GLY A 98 -5.45 3.44 -5.75
N TYR A 99 -6.33 4.12 -6.48
CA TYR A 99 -7.54 4.68 -5.92
C TYR A 99 -8.77 3.92 -6.39
N ILE A 100 -9.82 3.88 -5.56
CA ILE A 100 -11.04 3.17 -5.92
C ILE A 100 -12.21 4.12 -6.12
N SER A 101 -12.34 4.64 -7.33
CA SER A 101 -13.42 5.55 -7.67
C SER A 101 -14.77 4.89 -7.49
N ALA A 102 -14.95 3.74 -8.11
CA ALA A 102 -16.19 2.99 -8.02
C ALA A 102 -16.19 1.79 -8.96
N ALA A 103 -15.52 1.93 -10.11
CA ALA A 103 -15.43 0.86 -11.09
C ALA A 103 -15.13 -0.47 -10.43
N GLU A 104 -13.95 -0.56 -9.83
CA GLU A 104 -13.56 -1.79 -9.15
C GLU A 104 -14.59 -2.17 -8.10
N LEU A 105 -15.04 -1.19 -7.31
CA LEU A 105 -16.05 -1.45 -6.30
C LEU A 105 -17.25 -2.15 -6.91
N ARG A 106 -17.65 -1.69 -8.09
CA ARG A 106 -18.78 -2.25 -8.80
C ARG A 106 -18.57 -3.72 -9.14
N HIS A 107 -17.55 -4.01 -9.95
CA HIS A 107 -17.25 -5.38 -10.37
C HIS A 107 -16.65 -6.21 -9.24
N VAL A 108 -15.65 -5.65 -8.57
CA VAL A 108 -14.96 -6.34 -7.48
C VAL A 108 -15.89 -6.69 -6.33
N MET A 109 -16.70 -5.73 -5.89
CA MET A 109 -17.59 -5.95 -4.77
C MET A 109 -18.89 -6.65 -5.17
N THR A 110 -19.19 -6.71 -6.46
CA THR A 110 -20.41 -7.38 -6.91
C THR A 110 -20.12 -8.85 -7.15
N ASN A 111 -18.86 -9.14 -7.45
CA ASN A 111 -18.42 -10.51 -7.70
C ASN A 111 -18.11 -11.21 -6.38
N LEU A 112 -17.70 -10.43 -5.39
CA LEU A 112 -17.35 -10.96 -4.07
C LEU A 112 -18.57 -11.63 -3.43
N GLY A 113 -19.71 -10.93 -3.43
CA GLY A 113 -20.91 -11.48 -2.83
C GLY A 113 -22.13 -10.60 -3.07
N GLU A 114 -22.05 -9.35 -2.66
CA GLU A 114 -23.17 -8.41 -2.81
C GLU A 114 -23.23 -7.87 -4.23
N LYS A 115 -23.96 -6.77 -4.42
CA LYS A 115 -24.10 -6.15 -5.73
C LYS A 115 -24.25 -4.63 -5.63
N LEU A 116 -23.35 -4.00 -4.87
CA LEU A 116 -23.37 -2.55 -4.70
C LEU A 116 -23.56 -1.82 -6.02
N THR A 117 -24.81 -1.51 -6.35
CA THR A 117 -25.12 -0.80 -7.58
C THR A 117 -24.29 0.47 -7.69
N ASP A 118 -24.29 1.08 -8.87
CA ASP A 118 -23.55 2.30 -9.08
C ASP A 118 -24.07 3.40 -8.15
N GLU A 119 -25.32 3.26 -7.71
CA GLU A 119 -25.91 4.24 -6.81
C GLU A 119 -25.45 4.04 -5.37
N GLU A 120 -25.82 2.91 -4.80
CA GLU A 120 -25.43 2.60 -3.42
C GLU A 120 -23.91 2.56 -3.27
N VAL A 121 -23.22 2.07 -4.31
CA VAL A 121 -21.77 1.98 -4.26
C VAL A 121 -21.11 3.37 -4.31
N ASP A 122 -21.71 4.29 -5.05
CA ASP A 122 -21.17 5.65 -5.16
C ASP A 122 -21.14 6.33 -3.80
N GLU A 123 -22.28 6.36 -3.14
CA GLU A 123 -22.37 6.99 -1.83
C GLU A 123 -21.52 6.24 -0.81
N MET A 124 -21.40 4.93 -1.00
CA MET A 124 -20.60 4.10 -0.10
C MET A 124 -19.17 4.62 -0.06
N ILE A 125 -18.57 4.78 -1.23
CA ILE A 125 -17.21 5.29 -1.34
C ILE A 125 -17.15 6.76 -0.93
N ARG A 126 -18.31 7.42 -0.95
CA ARG A 126 -18.39 8.82 -0.57
C ARG A 126 -18.30 8.95 0.94
N GLU A 127 -19.05 8.11 1.64
CA GLU A 127 -19.04 8.09 3.09
C GLU A 127 -17.78 7.37 3.58
N ALA A 128 -17.32 6.41 2.78
CA ALA A 128 -16.13 5.65 3.10
C ALA A 128 -14.89 6.53 2.96
N ASP A 129 -14.89 7.39 1.95
CA ASP A 129 -13.76 8.29 1.72
C ASP A 129 -13.54 9.18 2.94
N ILE A 130 -12.40 9.01 3.60
CA ILE A 130 -12.06 9.80 4.78
C ILE A 130 -11.57 11.18 4.39
N ASP A 131 -10.37 11.25 3.83
CA ASP A 131 -9.79 12.54 3.42
C ASP A 131 -10.83 13.38 2.70
N GLY A 132 -11.58 12.73 1.81
CA GLY A 132 -12.62 13.41 1.06
C GLY A 132 -12.04 14.30 -0.01
N ASP A 133 -11.24 13.74 -0.90
CA ASP A 133 -10.64 14.50 -1.98
C ASP A 133 -11.44 14.27 -3.27
N GLY A 134 -12.11 13.11 -3.33
CA GLY A 134 -12.89 12.76 -4.48
C GLY A 134 -12.79 11.28 -4.77
N GLN A 135 -11.81 10.63 -4.15
CA GLN A 135 -11.59 9.22 -4.34
C GLN A 135 -10.97 8.60 -3.09
N VAL A 136 -10.87 7.29 -3.09
CA VAL A 136 -10.28 6.55 -1.97
C VAL A 136 -8.79 6.32 -2.20
N ASN A 137 -7.98 6.94 -1.35
CA ASN A 137 -6.53 6.80 -1.44
C ASN A 137 -6.05 5.74 -0.46
N TYR A 138 -5.32 4.74 -0.98
CA TYR A 138 -4.81 3.64 -0.16
C TYR A 138 -4.38 4.11 1.24
N GLU A 139 -3.89 5.35 1.33
CA GLU A 139 -3.48 5.90 2.63
C GLU A 139 -4.60 5.72 3.65
N GLU A 140 -5.83 5.76 3.16
CA GLU A 140 -7.00 5.57 3.99
C GLU A 140 -7.25 4.07 4.13
N PHE A 141 -7.24 3.39 2.99
CA PHE A 141 -7.44 1.95 2.95
C PHE A 141 -6.59 1.25 4.01
N VAL A 142 -5.32 1.62 4.08
CA VAL A 142 -4.39 1.00 5.04
C VAL A 142 -4.55 1.57 6.45
N GLN A 143 -4.41 2.89 6.61
CA GLN A 143 -4.53 3.51 7.91
C GLN A 143 -5.76 3.00 8.65
N MET A 144 -6.78 2.61 7.88
CA MET A 144 -8.02 2.09 8.46
C MET A 144 -7.91 0.60 8.73
N MET A 145 -7.27 -0.13 7.83
CA MET A 145 -7.10 -1.57 7.98
C MET A 145 -5.81 -1.91 8.72
N THR A 146 -4.68 -1.59 8.09
CA THR A 146 -3.37 -1.86 8.69
C THR A 146 -3.27 -1.24 10.08
N ALA A 147 -3.31 0.09 10.12
CA ALA A 147 -3.22 0.80 11.39
C ALA A 147 -4.43 0.52 12.25
N LYS A 148 -4.25 0.53 13.57
CA LYS A 148 -5.33 0.26 14.50
C LYS A 148 -5.97 1.56 14.98
N LEU B 1 -21.89 -3.81 7.26
CA LEU B 1 -23.33 -4.09 6.99
C LEU B 1 -23.88 -3.14 5.94
N ARG B 2 -23.93 -1.86 6.27
CA ARG B 2 -24.43 -0.85 5.35
C ARG B 2 -23.54 0.38 5.34
N ARG B 3 -23.65 1.17 4.28
CA ARG B 3 -22.86 2.38 4.12
C ARG B 3 -21.38 2.07 3.88
N GLY B 4 -21.06 0.79 3.70
CA GLY B 4 -19.67 0.40 3.45
C GLY B 4 -18.92 0.11 4.73
N GLN B 5 -19.16 0.90 5.78
CA GLN B 5 -18.49 0.73 7.06
C GLN B 5 -18.53 -0.73 7.50
N ILE B 6 -17.35 -1.35 7.57
CA ILE B 6 -17.23 -2.74 7.97
C ILE B 6 -18.04 -3.66 7.05
N LEU B 7 -18.31 -3.17 5.85
CA LEU B 7 -19.05 -3.95 4.87
C LEU B 7 -18.08 -4.53 3.85
N TRP B 8 -17.34 -3.64 3.20
CA TRP B 8 -16.34 -4.05 2.23
C TRP B 8 -15.01 -4.36 2.93
N PHE B 9 -14.98 -4.12 4.24
CA PHE B 9 -13.81 -4.44 5.04
C PHE B 9 -13.86 -5.92 5.34
N ARG B 10 -15.09 -6.38 5.51
CA ARG B 10 -15.39 -7.76 5.75
C ARG B 10 -15.25 -8.52 4.43
N GLY B 11 -15.54 -7.83 3.33
CA GLY B 11 -15.42 -8.42 2.01
C GLY B 11 -14.03 -8.98 1.80
N LEU B 12 -13.03 -8.11 1.90
CA LEU B 12 -11.64 -8.55 1.73
C LEU B 12 -11.31 -9.60 2.79
N ASN B 13 -11.88 -9.42 3.98
CA ASN B 13 -11.66 -10.35 5.07
C ASN B 13 -12.19 -11.73 4.70
N ARG B 14 -13.35 -11.74 4.05
CA ARG B 14 -13.96 -12.99 3.61
C ARG B 14 -12.97 -13.80 2.80
N ILE B 15 -12.36 -13.16 1.81
CA ILE B 15 -11.37 -13.82 0.97
C ILE B 15 -10.30 -14.45 1.84
N GLN B 16 -9.38 -13.62 2.36
CA GLN B 16 -8.27 -14.05 3.22
C GLN B 16 -8.60 -15.33 4.01
N THR B 17 -9.85 -15.43 4.48
CA THR B 17 -10.28 -16.60 5.24
C THR B 17 -10.25 -17.87 4.40
N GLN B 18 -11.02 -17.89 3.32
CA GLN B 18 -11.08 -19.06 2.44
C GLN B 18 -10.15 -18.90 1.22
N ILE B 19 -9.77 -17.66 0.94
CA ILE B 19 -8.89 -17.32 -0.17
C ILE B 19 -9.41 -17.88 -1.50
N LYS B 20 -8.98 -17.27 -2.59
CA LYS B 20 -9.40 -17.69 -3.92
C LYS B 20 -8.73 -19.01 -4.32
CA CA C . 18.37 -4.67 25.28
CA CA D . 19.06 -6.36 13.45
CA CA E . -8.48 1.64 -9.43
CA CA F . -9.33 10.10 -0.07
N ALA A 1 30.48 10.62 -1.31
CA ALA A 1 30.50 9.42 -2.19
C ALA A 1 30.19 8.16 -1.38
N ASP A 2 29.05 8.16 -0.71
CA ASP A 2 28.64 7.00 0.09
C ASP A 2 28.43 5.78 -0.79
N GLN A 3 28.53 4.60 -0.19
CA GLN A 3 28.34 3.36 -0.94
C GLN A 3 27.39 2.41 -0.19
N LEU A 4 27.77 2.02 1.01
CA LEU A 4 26.95 1.13 1.81
C LEU A 4 26.88 1.60 3.26
N THR A 5 25.70 2.03 3.69
CA THR A 5 25.53 2.48 5.06
C THR A 5 25.65 1.29 5.99
N GLU A 6 26.29 1.48 7.13
CA GLU A 6 26.47 0.42 8.12
C GLU A 6 25.35 0.42 9.15
N GLU A 7 24.61 1.53 9.20
CA GLU A 7 23.52 1.67 10.15
C GLU A 7 22.32 0.77 9.81
N GLN A 8 21.69 1.05 8.67
CA GLN A 8 20.53 0.27 8.24
C GLN A 8 20.93 -1.18 7.98
N ILE A 9 21.93 -1.35 7.12
CA ILE A 9 22.41 -2.66 6.76
C ILE A 9 22.69 -3.49 8.02
N ALA A 10 23.41 -2.90 8.97
CA ALA A 10 23.74 -3.58 10.23
C ALA A 10 22.52 -4.33 10.76
N GLU A 11 21.36 -3.66 10.73
CA GLU A 11 20.12 -4.28 11.18
C GLU A 11 19.92 -5.56 10.39
N PHE A 12 20.08 -5.46 9.07
CA PHE A 12 19.96 -6.64 8.22
C PHE A 12 20.96 -7.68 8.71
N LYS A 13 22.09 -7.18 9.24
CA LYS A 13 23.12 -8.04 9.77
C LYS A 13 22.63 -8.66 11.07
N GLU A 14 21.78 -7.91 11.79
CA GLU A 14 21.21 -8.40 13.05
C GLU A 14 20.61 -9.78 12.80
N ALA A 15 19.97 -9.93 11.64
CA ALA A 15 19.40 -11.20 11.25
C ALA A 15 20.52 -12.09 10.73
N PHE A 16 21.49 -11.47 10.09
CA PHE A 16 22.63 -12.19 9.56
C PHE A 16 23.37 -12.90 10.68
N SER A 17 23.38 -12.30 11.87
CA SER A 17 24.05 -12.87 13.02
C SER A 17 23.08 -13.69 13.88
N LEU A 18 21.79 -13.40 13.71
CA LEU A 18 20.75 -14.08 14.47
C LEU A 18 20.27 -15.31 13.72
N PHE A 19 20.00 -15.11 12.45
CA PHE A 19 19.54 -16.16 11.56
C PHE A 19 20.48 -17.36 11.63
N ASP A 20 21.73 -17.10 12.01
CA ASP A 20 22.73 -18.16 12.13
C ASP A 20 22.60 -18.89 13.47
N LYS A 21 21.76 -18.36 14.36
CA LYS A 21 21.54 -18.97 15.68
C LYS A 21 22.85 -19.45 16.31
N ASP A 22 23.94 -18.73 16.05
CA ASP A 22 25.23 -19.10 16.61
C ASP A 22 26.05 -17.86 16.99
N GLY A 23 26.00 -16.82 16.18
CA GLY A 23 26.75 -15.60 16.47
C GLY A 23 28.18 -15.70 15.99
N ASP A 24 28.34 -16.06 14.72
CA ASP A 24 29.66 -16.22 14.11
C ASP A 24 29.89 -15.16 13.04
N GLY A 25 28.84 -14.82 12.32
CA GLY A 25 28.94 -13.84 11.26
C GLY A 25 29.07 -14.48 9.89
N THR A 26 28.73 -15.77 9.81
CA THR A 26 28.81 -16.50 8.56
C THR A 26 27.76 -17.61 8.51
N ILE A 27 26.89 -17.54 7.52
CA ILE A 27 25.83 -18.53 7.35
C ILE A 27 26.31 -19.68 6.48
N THR A 28 26.65 -20.80 7.13
CA THR A 28 27.14 -21.97 6.40
C THR A 28 26.09 -23.08 6.39
N THR A 29 26.40 -24.16 5.69
CA THR A 29 25.49 -25.29 5.61
C THR A 29 25.13 -25.78 7.00
N LYS A 30 26.04 -25.56 7.95
CA LYS A 30 25.84 -25.96 9.32
C LYS A 30 24.59 -25.30 9.90
N GLU A 31 24.64 -23.98 10.01
CA GLU A 31 23.53 -23.20 10.54
C GLU A 31 22.34 -23.25 9.58
N LEU A 32 22.57 -22.80 8.35
CA LEU A 32 21.52 -22.80 7.34
C LEU A 32 20.86 -24.18 7.24
N GLY A 33 21.68 -25.21 7.38
CA GLY A 33 21.16 -26.57 7.32
C GLY A 33 20.32 -26.91 8.53
N THR A 34 20.71 -26.35 9.68
CA THR A 34 19.99 -26.59 10.92
C THR A 34 18.50 -26.26 10.76
N VAL A 35 18.23 -25.03 10.32
CA VAL A 35 16.86 -24.59 10.11
C VAL A 35 16.24 -25.31 8.92
N MET A 36 17.05 -25.58 7.92
CA MET A 36 16.59 -26.29 6.73
C MET A 36 16.33 -27.76 7.02
N ARG A 37 16.77 -28.24 8.18
CA ARG A 37 16.60 -29.63 8.57
C ARG A 37 15.47 -29.79 9.58
N SER A 38 15.34 -28.81 10.46
CA SER A 38 14.29 -28.83 11.48
C SER A 38 13.02 -28.14 10.99
N LEU A 39 13.13 -27.40 9.89
CA LEU A 39 12.00 -26.67 9.34
C LEU A 39 11.94 -26.83 7.84
N GLY A 40 12.95 -26.30 7.16
CA GLY A 40 13.01 -26.38 5.72
C GLY A 40 13.01 -27.81 5.22
N GLN A 41 13.26 -28.74 6.13
CA GLN A 41 13.29 -30.17 5.81
C GLN A 41 12.20 -30.55 4.81
N ASN A 42 12.53 -30.49 3.54
CA ASN A 42 11.60 -30.83 2.49
C ASN A 42 12.30 -31.04 1.15
N PRO A 43 13.10 -30.05 0.70
CA PRO A 43 13.84 -30.15 -0.56
C PRO A 43 14.98 -31.15 -0.47
N THR A 44 16.03 -30.94 -1.26
CA THR A 44 17.18 -31.82 -1.25
C THR A 44 18.15 -31.45 -0.12
N GLU A 45 18.82 -32.45 0.44
CA GLU A 45 19.76 -32.23 1.52
C GLU A 45 20.89 -31.31 1.08
N ALA A 46 21.37 -31.55 -0.14
CA ALA A 46 22.46 -30.77 -0.71
C ALA A 46 22.02 -29.35 -1.09
N GLU A 47 20.72 -29.16 -1.25
CA GLU A 47 20.17 -27.86 -1.62
C GLU A 47 20.86 -26.73 -0.85
N LEU A 48 21.18 -26.98 0.41
CA LEU A 48 21.85 -25.97 1.23
C LEU A 48 23.13 -25.54 0.53
N GLN A 49 23.86 -26.51 -0.02
CA GLN A 49 25.07 -26.23 -0.75
C GLN A 49 24.72 -25.40 -1.98
N ASP A 50 23.54 -25.68 -2.54
CA ASP A 50 23.05 -24.95 -3.70
C ASP A 50 22.64 -23.55 -3.27
N MET A 51 22.17 -23.44 -2.03
CA MET A 51 21.75 -22.16 -1.49
C MET A 51 22.97 -21.35 -1.04
N ILE A 52 24.00 -22.07 -0.58
CA ILE A 52 25.24 -21.44 -0.13
C ILE A 52 26.05 -20.96 -1.34
N ASN A 53 26.11 -21.79 -2.38
CA ASN A 53 26.84 -21.44 -3.59
C ASN A 53 26.00 -20.54 -4.51
N GLU A 54 24.71 -20.40 -4.20
CA GLU A 54 23.83 -19.57 -5.01
C GLU A 54 24.13 -18.09 -4.79
N VAL A 55 24.37 -17.71 -3.54
CA VAL A 55 24.68 -16.34 -3.20
C VAL A 55 26.17 -16.16 -2.94
N ASP A 56 26.99 -17.03 -3.54
CA ASP A 56 28.43 -16.96 -3.37
C ASP A 56 29.06 -16.09 -4.45
N ALA A 57 28.49 -14.91 -4.67
CA ALA A 57 29.03 -13.99 -5.67
C ALA A 57 30.52 -13.84 -5.48
N ASP A 58 30.92 -13.65 -4.24
CA ASP A 58 32.33 -13.54 -3.87
C ASP A 58 32.87 -14.93 -3.54
N GLY A 59 31.95 -15.82 -3.16
CA GLY A 59 32.32 -17.19 -2.82
C GLY A 59 33.63 -17.29 -2.06
N ASN A 60 33.82 -16.37 -1.11
CA ASN A 60 35.04 -16.36 -0.32
C ASN A 60 35.16 -17.61 0.54
N GLY A 61 34.02 -18.22 0.84
CA GLY A 61 34.01 -19.43 1.64
C GLY A 61 32.61 -19.80 2.12
N THR A 62 31.84 -18.80 2.52
CA THR A 62 30.49 -19.03 3.00
C THR A 62 29.66 -17.76 2.90
N ILE A 63 28.44 -17.79 3.42
CA ILE A 63 27.56 -16.63 3.39
C ILE A 63 28.14 -15.50 4.24
N ASP A 64 28.34 -14.36 3.59
CA ASP A 64 28.90 -13.18 4.26
C ASP A 64 27.97 -11.98 4.11
N PHE A 65 28.08 -11.06 5.06
CA PHE A 65 27.24 -9.86 5.09
C PHE A 65 26.97 -9.28 3.68
N PRO A 66 28.01 -9.05 2.86
CA PRO A 66 27.83 -8.49 1.52
C PRO A 66 27.05 -9.39 0.55
N GLU A 67 27.56 -10.59 0.28
CA GLU A 67 26.90 -11.50 -0.65
C GLU A 67 25.43 -11.71 -0.27
N PHE A 68 25.18 -11.93 1.02
CA PHE A 68 23.81 -12.12 1.49
C PHE A 68 23.02 -10.83 1.33
N LEU A 69 23.69 -9.72 1.60
CA LEU A 69 23.07 -8.40 1.49
C LEU A 69 22.72 -8.08 0.04
N THR A 70 23.72 -8.14 -0.82
CA THR A 70 23.52 -7.84 -2.25
C THR A 70 22.30 -8.56 -2.80
N MET A 71 22.33 -9.89 -2.75
CA MET A 71 21.23 -10.71 -3.26
C MET A 71 19.88 -10.19 -2.76
N MET A 72 19.79 -9.90 -1.48
CA MET A 72 18.55 -9.41 -0.88
C MET A 72 18.36 -7.91 -1.14
N ALA A 73 19.44 -7.23 -1.51
CA ALA A 73 19.39 -5.80 -1.78
C ALA A 73 18.92 -5.52 -3.21
N ARG A 74 19.71 -5.95 -4.18
CA ARG A 74 19.38 -5.74 -5.59
C ARG A 74 18.38 -6.78 -6.08
N LYS A 75 17.87 -6.57 -7.29
CA LYS A 75 16.90 -7.49 -7.89
C LYS A 75 15.70 -7.68 -6.97
N MET A 76 14.89 -6.64 -6.84
CA MET A 76 13.71 -6.69 -5.97
C MET A 76 12.75 -5.54 -6.28
N LYS A 77 12.60 -5.22 -7.56
CA LYS A 77 11.70 -4.14 -7.97
C LYS A 77 12.23 -2.78 -7.53
N ASP A 78 13.54 -2.69 -7.35
CA ASP A 78 14.17 -1.43 -6.93
C ASP A 78 13.69 -1.01 -5.54
N THR A 79 12.45 -0.52 -5.47
CA THR A 79 11.88 -0.08 -4.20
C THR A 79 10.36 0.05 -4.31
N ASP A 80 9.66 -0.93 -3.73
CA ASP A 80 8.20 -0.93 -3.75
C ASP A 80 7.63 -1.18 -2.36
N SER A 81 6.63 -0.38 -1.98
CA SER A 81 6.01 -0.50 -0.67
C SER A 81 4.86 -1.51 -0.71
N GLU A 82 3.91 -1.37 0.20
CA GLU A 82 2.76 -2.27 0.28
C GLU A 82 3.14 -3.60 0.93
N GLU A 83 3.90 -4.41 0.21
CA GLU A 83 4.32 -5.71 0.71
C GLU A 83 3.10 -6.60 0.96
N GLU A 84 2.43 -6.37 2.08
CA GLU A 84 1.24 -7.14 2.42
C GLU A 84 0.00 -6.38 1.97
N ILE A 85 -1.10 -7.10 1.77
CA ILE A 85 -2.33 -6.49 1.30
C ILE A 85 -2.12 -5.88 -0.09
N ARG A 86 -1.04 -6.31 -0.75
CA ARG A 86 -0.72 -5.84 -2.08
C ARG A 86 -1.56 -6.57 -3.13
N GLU A 87 -2.06 -7.74 -2.75
CA GLU A 87 -2.89 -8.55 -3.63
C GLU A 87 -4.33 -8.06 -3.51
N ALA A 88 -4.79 -7.90 -2.27
CA ALA A 88 -6.12 -7.38 -2.02
C ALA A 88 -6.20 -5.99 -2.62
N PHE A 89 -5.04 -5.33 -2.63
CA PHE A 89 -4.88 -4.00 -3.16
C PHE A 89 -5.06 -4.01 -4.67
N ARG A 90 -4.53 -5.03 -5.32
CA ARG A 90 -4.64 -5.19 -6.75
C ARG A 90 -6.01 -5.77 -7.08
N VAL A 91 -6.53 -6.53 -6.12
CA VAL A 91 -7.83 -7.14 -6.22
C VAL A 91 -8.90 -6.05 -6.29
N PHE A 92 -8.69 -4.98 -5.54
CA PHE A 92 -9.63 -3.88 -5.50
C PHE A 92 -9.25 -2.75 -6.46
N ASP A 93 -8.06 -2.85 -7.06
CA ASP A 93 -7.61 -1.82 -8.00
C ASP A 93 -8.20 -1.99 -9.39
N LYS A 94 -8.78 -3.15 -9.63
CA LYS A 94 -9.41 -3.49 -10.92
C LYS A 94 -8.72 -2.83 -12.13
N ASP A 95 -7.41 -2.64 -12.04
CA ASP A 95 -6.62 -2.05 -13.12
C ASP A 95 -5.18 -1.81 -12.68
N GLY A 96 -4.99 -0.86 -11.77
CA GLY A 96 -3.65 -0.57 -11.29
C GLY A 96 -3.36 0.91 -11.18
N ASN A 97 -4.14 1.62 -10.36
CA ASN A 97 -3.94 3.05 -10.17
C ASN A 97 -3.54 3.35 -8.73
N GLY A 98 -4.39 2.93 -7.80
CA GLY A 98 -4.14 3.16 -6.40
C GLY A 98 -5.39 3.63 -5.68
N TYR A 99 -6.39 4.06 -6.46
CA TYR A 99 -7.65 4.55 -5.92
C TYR A 99 -8.81 3.70 -6.39
N ILE A 100 -9.86 3.63 -5.58
CA ILE A 100 -11.05 2.87 -5.94
C ILE A 100 -12.24 3.79 -6.09
N SER A 101 -12.41 4.34 -7.28
CA SER A 101 -13.52 5.24 -7.57
C SER A 101 -14.85 4.56 -7.28
N ALA A 102 -15.09 3.43 -7.93
CA ALA A 102 -16.33 2.69 -7.74
C ALA A 102 -16.38 1.47 -8.65
N ALA A 103 -15.83 1.59 -9.86
CA ALA A 103 -15.80 0.49 -10.81
C ALA A 103 -15.35 -0.80 -10.12
N GLU A 104 -14.18 -0.72 -9.49
CA GLU A 104 -13.62 -1.85 -8.75
C GLU A 104 -14.67 -2.36 -7.77
N LEU A 105 -15.01 -1.50 -6.83
CA LEU A 105 -16.01 -1.81 -5.82
C LEU A 105 -17.22 -2.47 -6.47
N ARG A 106 -17.82 -1.75 -7.39
CA ARG A 106 -18.98 -2.22 -8.12
C ARG A 106 -18.77 -3.61 -8.70
N HIS A 107 -17.69 -3.78 -9.45
CA HIS A 107 -17.40 -5.06 -10.08
C HIS A 107 -17.04 -6.14 -9.07
N VAL A 108 -16.02 -5.90 -8.27
CA VAL A 108 -15.55 -6.89 -7.30
C VAL A 108 -16.50 -7.05 -6.10
N MET A 109 -16.93 -5.93 -5.53
CA MET A 109 -17.81 -5.97 -4.36
C MET A 109 -19.20 -6.50 -4.69
N THR A 110 -19.60 -6.42 -5.95
CA THR A 110 -20.92 -6.92 -6.34
C THR A 110 -20.82 -8.41 -6.62
N ASN A 111 -19.65 -8.83 -7.07
CA ASN A 111 -19.38 -10.22 -7.38
C ASN A 111 -19.01 -10.97 -6.11
N LEU A 112 -18.31 -10.30 -5.21
CA LEU A 112 -17.88 -10.89 -3.94
C LEU A 112 -19.07 -11.51 -3.21
N GLY A 113 -20.23 -10.86 -3.32
CA GLY A 113 -21.42 -11.36 -2.67
C GLY A 113 -22.51 -10.32 -2.54
N GLU A 114 -22.11 -9.06 -2.38
CA GLU A 114 -23.05 -7.96 -2.25
C GLU A 114 -23.62 -7.55 -3.60
N LYS A 115 -24.57 -6.63 -3.58
CA LYS A 115 -25.20 -6.14 -4.80
C LYS A 115 -25.10 -4.63 -4.91
N LEU A 116 -23.97 -4.09 -4.47
CA LEU A 116 -23.74 -2.65 -4.50
C LEU A 116 -23.92 -2.10 -5.91
N THR A 117 -25.12 -1.64 -6.22
CA THR A 117 -25.40 -1.08 -7.53
C THR A 117 -24.55 0.16 -7.78
N ASP A 118 -24.69 0.73 -8.97
CA ASP A 118 -23.95 1.94 -9.30
C ASP A 118 -24.25 3.03 -8.28
N GLU A 119 -25.43 2.92 -7.65
CA GLU A 119 -25.85 3.89 -6.64
C GLU A 119 -25.22 3.56 -5.29
N GLU A 120 -25.24 2.28 -4.94
CA GLU A 120 -24.67 1.82 -3.67
C GLU A 120 -23.17 2.08 -3.62
N VAL A 121 -22.47 1.65 -4.67
CA VAL A 121 -21.02 1.82 -4.73
C VAL A 121 -20.65 3.30 -4.75
N ASP A 122 -21.41 4.11 -5.47
CA ASP A 122 -21.14 5.54 -5.56
C ASP A 122 -21.04 6.15 -4.17
N GLU A 123 -22.08 5.95 -3.36
CA GLU A 123 -22.10 6.49 -2.01
C GLU A 123 -21.21 5.67 -1.08
N MET A 124 -21.00 4.41 -1.44
CA MET A 124 -20.16 3.53 -0.65
C MET A 124 -18.75 4.09 -0.52
N ILE A 125 -18.18 4.52 -1.64
CA ILE A 125 -16.84 5.08 -1.64
C ILE A 125 -16.86 6.55 -1.23
N ARG A 126 -18.01 7.19 -1.39
CA ARG A 126 -18.18 8.59 -1.01
C ARG A 126 -18.18 8.68 0.51
N GLU A 127 -18.89 7.76 1.13
CA GLU A 127 -18.97 7.71 2.59
C GLU A 127 -17.63 7.26 3.14
N ALA A 128 -16.95 6.40 2.37
CA ALA A 128 -15.65 5.89 2.75
C ALA A 128 -14.60 6.99 2.60
N ASP A 129 -14.75 7.79 1.56
CA ASP A 129 -13.81 8.88 1.32
C ASP A 129 -13.73 9.81 2.54
N ILE A 130 -12.66 9.66 3.32
CA ILE A 130 -12.49 10.46 4.53
C ILE A 130 -11.62 11.68 4.28
N ASP A 131 -10.33 11.45 4.04
CA ASP A 131 -9.38 12.54 3.79
C ASP A 131 -9.97 13.57 2.84
N GLY A 132 -10.66 13.09 1.81
CA GLY A 132 -11.27 13.97 0.84
C GLY A 132 -10.33 14.38 -0.27
N ASP A 133 -9.85 13.40 -1.03
CA ASP A 133 -8.95 13.67 -2.14
C ASP A 133 -9.72 13.72 -3.44
N GLY A 134 -10.91 13.11 -3.43
CA GLY A 134 -11.75 13.07 -4.62
C GLY A 134 -12.17 11.66 -4.94
N GLN A 135 -11.63 10.71 -4.17
CA GLN A 135 -11.92 9.30 -4.38
C GLN A 135 -11.62 8.54 -3.08
N VAL A 136 -10.91 7.42 -3.17
CA VAL A 136 -10.56 6.63 -2.00
C VAL A 136 -9.13 6.13 -2.12
N ASN A 137 -8.21 6.81 -1.43
CA ASN A 137 -6.80 6.45 -1.49
C ASN A 137 -6.44 5.42 -0.42
N TYR A 138 -5.54 4.51 -0.78
CA TYR A 138 -5.08 3.46 0.12
C TYR A 138 -4.80 4.03 1.51
N GLU A 139 -4.48 5.32 1.57
CA GLU A 139 -4.20 6.00 2.83
C GLU A 139 -5.29 5.67 3.86
N GLU A 140 -6.54 5.90 3.47
CA GLU A 140 -7.67 5.61 4.33
C GLU A 140 -7.88 4.11 4.43
N PHE A 141 -7.59 3.41 3.33
CA PHE A 141 -7.73 1.97 3.28
C PHE A 141 -6.95 1.33 4.43
N VAL A 142 -5.68 1.70 4.54
CA VAL A 142 -4.82 1.17 5.60
C VAL A 142 -5.15 1.83 6.93
N GLN A 143 -5.57 3.09 6.89
CA GLN A 143 -5.92 3.81 8.10
C GLN A 143 -7.10 3.16 8.80
N MET A 144 -8.07 2.73 8.00
CA MET A 144 -9.27 2.09 8.54
C MET A 144 -8.96 0.71 9.11
N MET A 145 -8.13 -0.06 8.41
CA MET A 145 -7.77 -1.40 8.87
C MET A 145 -6.54 -1.36 9.78
N THR A 146 -5.41 -0.93 9.22
CA THR A 146 -4.17 -0.84 9.97
C THR A 146 -4.21 0.32 10.95
N ALA A 147 -4.60 1.49 10.45
CA ALA A 147 -4.68 2.68 11.29
C ALA A 147 -3.30 3.09 11.81
N LYS A 148 -2.30 3.02 10.93
CA LYS A 148 -0.93 3.38 11.29
C LYS A 148 -0.18 3.94 10.10
N LEU B 1 -24.98 -0.02 12.08
CA LEU B 1 -24.08 -1.04 11.47
C LEU B 1 -24.52 -1.37 10.04
N ARG B 2 -23.75 -2.22 9.37
CA ARG B 2 -24.05 -2.62 8.00
C ARG B 2 -24.28 -1.40 7.11
N ARG B 3 -23.30 -0.50 7.08
CA ARG B 3 -23.39 0.70 6.26
C ARG B 3 -22.06 1.00 5.58
N GLY B 4 -21.61 0.07 4.75
CA GLY B 4 -20.34 0.25 4.04
C GLY B 4 -19.15 0.07 4.95
N GLN B 5 -19.00 0.98 5.92
CA GLN B 5 -17.89 0.91 6.87
C GLN B 5 -17.88 -0.44 7.58
N ILE B 6 -16.76 -1.15 7.46
CA ILE B 6 -16.62 -2.46 8.08
C ILE B 6 -17.47 -3.51 7.34
N LEU B 7 -17.88 -3.18 6.12
CA LEU B 7 -18.69 -4.08 5.31
C LEU B 7 -17.87 -4.60 4.13
N TRP B 8 -17.26 -3.68 3.39
CA TRP B 8 -16.43 -4.05 2.26
C TRP B 8 -15.02 -4.40 2.72
N PHE B 9 -14.78 -4.28 4.03
CA PHE B 9 -13.52 -4.64 4.62
C PHE B 9 -13.53 -6.13 4.84
N ARG B 10 -14.69 -6.58 5.27
CA ARG B 10 -14.95 -7.97 5.50
C ARG B 10 -14.94 -8.71 4.17
N GLY B 11 -15.47 -8.05 3.14
CA GLY B 11 -15.49 -8.62 1.82
C GLY B 11 -14.12 -9.01 1.39
N LEU B 12 -13.19 -8.07 1.46
CA LEU B 12 -11.86 -8.42 1.07
C LEU B 12 -11.30 -9.47 2.02
N ASN B 13 -11.62 -9.32 3.30
CA ASN B 13 -11.18 -10.29 4.29
C ASN B 13 -11.70 -11.68 3.91
N ARG B 14 -12.85 -11.68 3.24
CA ARG B 14 -13.48 -12.91 2.79
C ARG B 14 -12.53 -13.69 1.89
N ILE B 15 -12.26 -13.14 0.71
CA ILE B 15 -11.37 -13.81 -0.22
C ILE B 15 -10.02 -14.08 0.42
N GLN B 16 -9.44 -13.05 1.04
CA GLN B 16 -8.14 -13.17 1.71
C GLN B 16 -7.99 -14.52 2.43
N THR B 17 -9.07 -14.98 3.05
CA THR B 17 -9.05 -16.27 3.74
C THR B 17 -9.00 -17.39 2.72
N GLN B 18 -9.86 -17.29 1.70
CA GLN B 18 -9.91 -18.26 0.63
C GLN B 18 -10.10 -17.55 -0.70
N ILE B 19 -9.04 -16.91 -1.18
CA ILE B 19 -9.09 -16.14 -2.42
C ILE B 19 -9.86 -16.87 -3.51
N LYS B 20 -10.48 -16.11 -4.40
CA LYS B 20 -11.26 -16.70 -5.49
C LYS B 20 -12.39 -17.55 -4.96
CA CA C . 28.47 -19.56 11.55
CA CA D . 30.63 -16.30 -0.10
CA CA E . -8.39 1.62 -9.50
CA CA F . -10.13 9.39 -0.32
N ALA A 1 15.01 -11.59 -4.01
CA ALA A 1 14.36 -11.92 -5.31
C ALA A 1 13.61 -13.24 -5.22
N ASP A 2 14.25 -14.25 -4.64
CA ASP A 2 13.64 -15.56 -4.49
C ASP A 2 13.35 -16.19 -5.85
N GLN A 3 13.87 -17.40 -6.06
CA GLN A 3 13.67 -18.11 -7.32
C GLN A 3 14.04 -17.23 -8.51
N LEU A 4 15.05 -16.39 -8.34
CA LEU A 4 15.50 -15.50 -9.41
C LEU A 4 15.70 -16.28 -10.70
N THR A 5 15.07 -15.81 -11.77
CA THR A 5 15.19 -16.48 -13.05
C THR A 5 16.60 -16.36 -13.61
N GLU A 6 17.11 -17.46 -14.12
CA GLU A 6 18.45 -17.52 -14.71
C GLU A 6 18.39 -17.25 -16.21
N GLU A 7 17.19 -17.31 -16.79
CA GLU A 7 16.98 -17.13 -18.22
C GLU A 7 17.21 -15.68 -18.67
N GLN A 8 16.35 -14.77 -18.21
CA GLN A 8 16.48 -13.36 -18.60
C GLN A 8 17.70 -12.74 -17.94
N ILE A 9 17.82 -12.98 -16.64
CA ILE A 9 18.95 -12.47 -15.89
C ILE A 9 20.25 -12.84 -16.60
N ALA A 10 20.22 -13.99 -17.30
CA ALA A 10 21.38 -14.46 -18.05
C ALA A 10 21.93 -13.34 -18.90
N GLU A 11 21.03 -12.66 -19.62
CA GLU A 11 21.45 -11.51 -20.43
C GLU A 11 22.14 -10.54 -19.50
N PHE A 12 21.56 -10.39 -18.31
CA PHE A 12 22.15 -9.54 -17.29
C PHE A 12 23.53 -10.08 -16.96
N LYS A 13 23.64 -11.40 -16.96
CA LYS A 13 24.89 -12.10 -16.70
C LYS A 13 25.85 -11.89 -17.86
N GLU A 14 25.31 -11.89 -19.09
CA GLU A 14 26.13 -11.69 -20.28
C GLU A 14 27.02 -10.48 -20.08
N ALA A 15 26.48 -9.45 -19.45
CA ALA A 15 27.24 -8.27 -19.15
C ALA A 15 28.15 -8.57 -17.98
N PHE A 16 27.57 -9.07 -16.90
CA PHE A 16 28.33 -9.43 -15.72
C PHE A 16 29.60 -10.22 -16.10
N SER A 17 29.55 -10.91 -17.24
CA SER A 17 30.70 -11.70 -17.70
C SER A 17 31.61 -10.87 -18.61
N LEU A 18 31.00 -9.99 -19.38
CA LEU A 18 31.72 -9.14 -20.32
C LEU A 18 32.22 -7.89 -19.62
N PHE A 19 31.38 -7.36 -18.76
CA PHE A 19 31.69 -6.20 -17.97
C PHE A 19 33.04 -6.40 -17.28
N ASP A 20 33.37 -7.67 -17.03
CA ASP A 20 34.62 -8.05 -16.39
C ASP A 20 35.73 -8.11 -17.46
N LYS A 21 35.34 -8.45 -18.68
CA LYS A 21 36.27 -8.53 -19.79
C LYS A 21 37.53 -9.31 -19.41
N ASP A 22 37.33 -10.54 -18.96
CA ASP A 22 38.45 -11.39 -18.58
C ASP A 22 38.07 -12.88 -18.69
N GLY A 23 36.86 -13.22 -18.29
CA GLY A 23 36.42 -14.61 -18.34
C GLY A 23 36.74 -15.34 -17.06
N ASP A 24 36.45 -14.70 -15.94
CA ASP A 24 36.71 -15.26 -14.62
C ASP A 24 35.42 -15.61 -13.91
N GLY A 25 34.52 -14.64 -13.86
CA GLY A 25 33.24 -14.85 -13.21
C GLY A 25 33.07 -13.94 -11.99
N THR A 26 33.99 -13.01 -11.81
CA THR A 26 33.93 -12.08 -10.68
C THR A 26 34.37 -10.69 -11.11
N ILE A 27 33.78 -9.66 -10.50
CA ILE A 27 34.11 -8.27 -10.81
C ILE A 27 34.89 -7.63 -9.68
N THR A 28 36.18 -7.37 -9.93
CA THR A 28 37.03 -6.74 -8.92
C THR A 28 37.67 -5.48 -9.47
N THR A 29 38.40 -4.76 -8.63
CA THR A 29 39.06 -3.53 -9.06
C THR A 29 39.99 -3.81 -10.23
N LYS A 30 40.41 -5.08 -10.37
CA LYS A 30 41.29 -5.47 -11.47
C LYS A 30 40.60 -5.19 -12.80
N GLU A 31 39.46 -5.86 -13.02
CA GLU A 31 38.69 -5.67 -14.23
C GLU A 31 37.99 -4.32 -14.20
N LEU A 32 37.28 -4.06 -13.10
CA LEU A 32 36.59 -2.78 -12.93
C LEU A 32 37.56 -1.64 -13.17
N GLY A 33 38.79 -1.81 -12.69
CA GLY A 33 39.80 -0.81 -12.90
C GLY A 33 40.07 -0.60 -14.37
N THR A 34 40.09 -1.71 -15.12
CA THR A 34 40.29 -1.64 -16.56
C THR A 34 39.27 -0.67 -17.16
N VAL A 35 38.11 -0.60 -16.52
CA VAL A 35 37.06 0.31 -16.96
C VAL A 35 37.44 1.74 -16.60
N MET A 36 38.17 1.88 -15.51
CA MET A 36 38.65 3.18 -15.05
C MET A 36 39.73 3.72 -16.00
N ARG A 37 40.24 2.84 -16.87
CA ARG A 37 41.28 3.21 -17.82
C ARG A 37 40.74 3.12 -19.25
N SER A 38 39.99 2.05 -19.53
CA SER A 38 39.39 1.84 -20.84
C SER A 38 38.36 2.93 -21.13
N LEU A 39 37.97 3.66 -20.10
CA LEU A 39 37.02 4.74 -20.22
C LEU A 39 37.72 6.06 -19.96
N GLY A 40 38.90 5.98 -19.35
CA GLY A 40 39.62 7.17 -19.06
C GLY A 40 39.06 7.85 -17.84
N GLN A 41 38.58 7.02 -16.93
CA GLN A 41 37.99 7.50 -15.70
C GLN A 41 39.07 7.72 -14.64
N ASN A 42 38.90 8.77 -13.83
CA ASN A 42 39.88 9.08 -12.80
C ASN A 42 39.31 8.95 -11.39
N PRO A 43 39.07 7.72 -10.92
CA PRO A 43 38.54 7.47 -9.59
C PRO A 43 39.65 7.37 -8.55
N THR A 44 39.28 7.18 -7.29
CA THR A 44 40.26 7.07 -6.22
C THR A 44 40.62 5.61 -5.96
N GLU A 45 41.84 5.39 -5.49
CA GLU A 45 42.33 4.04 -5.18
C GLU A 45 41.35 3.31 -4.27
N ALA A 46 40.75 4.06 -3.36
CA ALA A 46 39.80 3.49 -2.41
C ALA A 46 38.39 3.42 -2.99
N GLU A 47 38.12 4.26 -3.98
CA GLU A 47 36.81 4.30 -4.60
C GLU A 47 36.47 2.96 -5.25
N LEU A 48 37.22 2.57 -6.28
CA LEU A 48 36.96 1.29 -6.94
C LEU A 48 36.93 0.18 -5.91
N GLN A 49 37.60 0.39 -4.78
CA GLN A 49 37.60 -0.59 -3.71
C GLN A 49 36.27 -0.50 -2.97
N ASP A 50 35.75 0.72 -2.88
CA ASP A 50 34.46 0.95 -2.24
C ASP A 50 33.36 0.50 -3.19
N MET A 51 33.61 0.73 -4.48
CA MET A 51 32.68 0.34 -5.53
C MET A 51 32.57 -1.18 -5.58
N ILE A 52 33.66 -1.84 -5.21
CA ILE A 52 33.72 -3.30 -5.20
C ILE A 52 33.24 -3.82 -3.84
N ASN A 53 33.64 -3.15 -2.77
CA ASN A 53 33.24 -3.54 -1.42
C ASN A 53 31.85 -2.99 -1.07
N GLU A 54 31.22 -2.29 -2.01
CA GLU A 54 29.90 -1.72 -1.78
C GLU A 54 28.81 -2.79 -1.89
N VAL A 55 28.67 -3.39 -3.07
CA VAL A 55 27.68 -4.42 -3.30
C VAL A 55 28.06 -5.72 -2.58
N ASP A 56 29.34 -5.82 -2.22
CA ASP A 56 29.84 -7.00 -1.55
C ASP A 56 29.24 -7.15 -0.16
N ALA A 57 27.93 -7.44 -0.11
CA ALA A 57 27.24 -7.63 1.15
C ALA A 57 27.97 -8.68 1.97
N ASP A 58 28.59 -9.63 1.27
CA ASP A 58 29.35 -10.69 1.91
C ASP A 58 30.83 -10.30 1.95
N GLY A 59 31.21 -9.42 1.03
CA GLY A 59 32.59 -8.95 0.96
C GLY A 59 33.61 -10.07 1.16
N ASN A 60 33.49 -11.11 0.35
CA ASN A 60 34.39 -12.25 0.42
C ASN A 60 35.71 -11.93 -0.26
N GLY A 61 35.67 -11.00 -1.22
CA GLY A 61 36.88 -10.62 -1.93
C GLY A 61 36.58 -9.89 -3.23
N THR A 62 35.48 -10.25 -3.88
CA THR A 62 35.12 -9.62 -5.15
C THR A 62 33.60 -9.63 -5.37
N ILE A 63 33.18 -9.24 -6.56
CA ILE A 63 31.77 -9.20 -6.92
C ILE A 63 31.33 -10.52 -7.55
N ASP A 64 30.10 -10.92 -7.26
CA ASP A 64 29.57 -12.18 -7.78
C ASP A 64 28.17 -12.03 -8.35
N PHE A 65 27.85 -12.91 -9.30
CA PHE A 65 26.56 -12.91 -9.97
C PHE A 65 25.40 -12.59 -9.02
N PRO A 66 25.28 -13.30 -7.88
CA PRO A 66 24.17 -13.08 -6.94
C PRO A 66 24.13 -11.69 -6.30
N GLU A 67 25.27 -11.19 -5.83
CA GLU A 67 25.28 -9.87 -5.18
C GLU A 67 25.22 -8.73 -6.20
N PHE A 68 25.79 -8.93 -7.37
CA PHE A 68 25.76 -7.90 -8.41
C PHE A 68 24.38 -7.86 -9.04
N LEU A 69 23.76 -9.02 -9.14
CA LEU A 69 22.43 -9.15 -9.72
C LEU A 69 21.40 -8.42 -8.87
N THR A 70 21.32 -8.79 -7.59
CA THR A 70 20.38 -8.16 -6.67
C THR A 70 20.61 -6.66 -6.58
N MET A 71 21.88 -6.26 -6.50
CA MET A 71 22.24 -4.85 -6.40
C MET A 71 21.50 -4.03 -7.45
N MET A 72 21.58 -4.45 -8.71
CA MET A 72 20.90 -3.75 -9.79
C MET A 72 19.39 -4.00 -9.76
N ALA A 73 19.00 -5.11 -9.15
CA ALA A 73 17.58 -5.46 -9.05
C ALA A 73 16.88 -4.60 -8.01
N ARG A 74 17.27 -4.77 -6.75
CA ARG A 74 16.68 -4.01 -5.66
C ARG A 74 17.33 -2.63 -5.54
N LYS A 75 16.61 -1.61 -5.97
CA LYS A 75 17.10 -0.25 -5.92
C LYS A 75 17.17 0.24 -4.47
N MET A 76 16.06 0.76 -3.97
CA MET A 76 15.99 1.26 -2.61
C MET A 76 14.56 1.63 -2.24
N LYS A 77 13.91 2.40 -3.10
CA LYS A 77 12.54 2.84 -2.86
C LYS A 77 12.43 3.62 -1.56
N ASP A 78 11.21 3.82 -1.09
CA ASP A 78 10.97 4.56 0.14
C ASP A 78 10.92 3.61 1.33
N THR A 79 10.55 4.14 2.49
CA THR A 79 10.46 3.34 3.71
C THR A 79 9.02 2.91 3.97
N ASP A 80 8.27 2.69 2.89
CA ASP A 80 6.88 2.28 3.01
C ASP A 80 6.36 1.74 1.69
N SER A 81 6.16 0.43 1.63
CA SER A 81 5.68 -0.22 0.42
C SER A 81 4.62 -1.28 0.75
N GLU A 82 3.58 -1.33 -0.06
CA GLU A 82 2.51 -2.30 0.14
C GLU A 82 3.07 -3.72 0.29
N GLU A 83 3.25 -4.15 1.53
CA GLU A 83 3.76 -5.48 1.80
C GLU A 83 2.62 -6.47 2.03
N GLU A 84 1.68 -6.09 2.88
CA GLU A 84 0.53 -6.94 3.17
C GLU A 84 -0.75 -6.26 2.69
N ILE A 85 -1.72 -7.07 2.28
CA ILE A 85 -2.96 -6.54 1.76
C ILE A 85 -2.73 -5.97 0.36
N ARG A 86 -1.52 -6.19 -0.19
CA ARG A 86 -1.17 -5.73 -1.51
C ARG A 86 -1.93 -6.51 -2.57
N GLU A 87 -2.39 -7.70 -2.20
CA GLU A 87 -3.16 -8.55 -3.10
C GLU A 87 -4.59 -8.04 -3.18
N ALA A 88 -5.20 -7.85 -2.02
CA ALA A 88 -6.54 -7.31 -1.96
C ALA A 88 -6.53 -5.92 -2.57
N PHE A 89 -5.36 -5.28 -2.52
CA PHE A 89 -5.14 -3.95 -3.04
C PHE A 89 -5.17 -3.95 -4.56
N ARG A 90 -4.59 -4.97 -5.17
CA ARG A 90 -4.57 -5.10 -6.62
C ARG A 90 -5.85 -5.78 -7.07
N VAL A 91 -6.43 -6.56 -6.16
CA VAL A 91 -7.66 -7.27 -6.39
C VAL A 91 -8.80 -6.27 -6.57
N PHE A 92 -8.68 -5.14 -5.87
CA PHE A 92 -9.70 -4.10 -5.92
C PHE A 92 -9.31 -2.99 -6.91
N ASP A 93 -8.04 -2.92 -7.27
CA ASP A 93 -7.57 -1.90 -8.20
C ASP A 93 -8.15 -2.06 -9.60
N LYS A 94 -8.78 -3.19 -9.84
CA LYS A 94 -9.40 -3.50 -11.14
C LYS A 94 -8.62 -2.91 -12.32
N ASP A 95 -8.96 -1.69 -12.72
CA ASP A 95 -8.28 -1.03 -13.83
C ASP A 95 -6.77 -0.99 -13.61
N GLY A 96 -6.37 -0.75 -12.36
CA GLY A 96 -4.96 -0.70 -12.03
C GLY A 96 -4.44 0.72 -11.87
N ASN A 97 -5.02 1.45 -10.92
CA ASN A 97 -4.63 2.83 -10.66
C ASN A 97 -3.98 2.95 -9.28
N GLY A 98 -4.71 2.48 -8.27
CA GLY A 98 -4.24 2.55 -6.90
C GLY A 98 -5.32 3.01 -5.97
N TYR A 99 -6.30 3.72 -6.52
CA TYR A 99 -7.43 4.24 -5.76
C TYR A 99 -8.71 3.57 -6.22
N ILE A 100 -9.69 3.45 -5.33
CA ILE A 100 -10.94 2.82 -5.69
C ILE A 100 -12.08 3.84 -5.71
N SER A 101 -12.25 4.48 -6.85
CA SER A 101 -13.30 5.48 -7.02
C SER A 101 -14.67 4.84 -6.88
N ALA A 102 -14.91 3.75 -7.64
CA ALA A 102 -16.19 3.06 -7.58
C ALA A 102 -16.26 1.92 -8.59
N ALA A 103 -15.60 2.09 -9.75
CA ALA A 103 -15.60 1.05 -10.79
C ALA A 103 -15.43 -0.33 -10.20
N GLU A 104 -14.26 -0.57 -9.62
CA GLU A 104 -13.98 -1.85 -9.00
C GLU A 104 -15.02 -2.18 -7.94
N LEU A 105 -15.25 -1.22 -7.05
CA LEU A 105 -16.23 -1.38 -5.98
C LEU A 105 -17.56 -1.93 -6.52
N ARG A 106 -17.90 -1.50 -7.73
CA ARG A 106 -19.12 -1.90 -8.38
C ARG A 106 -19.05 -3.38 -8.79
N HIS A 107 -18.17 -3.72 -9.72
CA HIS A 107 -18.04 -5.10 -10.18
C HIS A 107 -17.39 -5.98 -9.12
N VAL A 108 -16.23 -5.54 -8.63
CA VAL A 108 -15.48 -6.30 -7.63
C VAL A 108 -16.32 -6.61 -6.38
N MET A 109 -17.05 -5.62 -5.87
CA MET A 109 -17.84 -5.83 -4.67
C MET A 109 -19.22 -6.41 -4.96
N THR A 110 -19.63 -6.37 -6.22
CA THR A 110 -20.94 -6.91 -6.58
C THR A 110 -20.81 -8.38 -6.97
N ASN A 111 -19.61 -8.77 -7.37
CA ASN A 111 -19.33 -10.14 -7.79
C ASN A 111 -18.87 -10.98 -6.60
N LEU A 112 -18.06 -10.38 -5.74
CA LEU A 112 -17.55 -11.08 -4.55
C LEU A 112 -18.69 -11.72 -3.77
N GLY A 113 -19.80 -11.00 -3.66
CA GLY A 113 -20.95 -11.51 -2.92
C GLY A 113 -22.04 -10.48 -2.78
N GLU A 114 -21.67 -9.26 -2.43
CA GLU A 114 -22.63 -8.17 -2.26
C GLU A 114 -23.25 -7.79 -3.60
N LYS A 115 -24.05 -6.72 -3.59
CA LYS A 115 -24.70 -6.24 -4.80
C LYS A 115 -24.74 -4.72 -4.80
N LEU A 116 -23.58 -4.10 -4.61
CA LEU A 116 -23.48 -2.65 -4.57
C LEU A 116 -23.32 -2.07 -5.98
N THR A 117 -24.43 -1.62 -6.56
CA THR A 117 -24.39 -1.04 -7.89
C THR A 117 -23.40 0.11 -7.94
N ASP A 118 -23.01 0.51 -9.14
CA ASP A 118 -22.07 1.60 -9.31
C ASP A 118 -22.63 2.86 -8.64
N GLU A 119 -23.96 2.91 -8.49
CA GLU A 119 -24.61 4.06 -7.88
C GLU A 119 -24.49 4.00 -6.36
N GLU A 120 -25.10 2.98 -5.76
CA GLU A 120 -25.07 2.81 -4.32
C GLU A 120 -23.66 2.55 -3.80
N VAL A 121 -22.85 1.84 -4.58
CA VAL A 121 -21.49 1.53 -4.16
C VAL A 121 -20.57 2.75 -4.19
N ASP A 122 -20.74 3.61 -5.18
CA ASP A 122 -19.91 4.80 -5.27
C ASP A 122 -20.16 5.68 -4.05
N GLU A 123 -21.43 5.85 -3.71
CA GLU A 123 -21.80 6.65 -2.54
C GLU A 123 -21.12 6.09 -1.30
N MET A 124 -21.01 4.76 -1.25
CA MET A 124 -20.37 4.11 -0.11
C MET A 124 -18.94 4.63 0.03
N ILE A 125 -18.27 4.77 -1.11
CA ILE A 125 -16.90 5.29 -1.14
C ILE A 125 -16.90 6.78 -0.81
N ARG A 126 -18.01 7.45 -1.12
CA ARG A 126 -18.17 8.87 -0.86
C ARG A 126 -18.17 9.10 0.65
N GLU A 127 -18.86 8.24 1.37
CA GLU A 127 -18.93 8.33 2.82
C GLU A 127 -17.63 7.80 3.42
N ALA A 128 -17.07 6.79 2.77
CA ALA A 128 -15.82 6.19 3.20
C ALA A 128 -14.66 7.14 2.97
N ASP A 129 -14.73 7.88 1.86
CA ASP A 129 -13.69 8.85 1.53
C ASP A 129 -13.46 9.81 2.71
N ILE A 130 -12.32 9.66 3.37
CA ILE A 130 -11.98 10.51 4.51
C ILE A 130 -11.33 11.81 4.05
N ASP A 131 -10.16 11.70 3.43
CA ASP A 131 -9.44 12.88 2.94
C ASP A 131 -10.39 13.80 2.20
N GLY A 132 -11.25 13.21 1.38
CA GLY A 132 -12.21 13.98 0.62
C GLY A 132 -11.60 14.60 -0.62
N ASP A 133 -10.86 13.79 -1.37
CA ASP A 133 -10.22 14.27 -2.60
C ASP A 133 -11.12 13.97 -3.80
N GLY A 134 -11.97 12.96 -3.65
CA GLY A 134 -12.86 12.56 -4.72
C GLY A 134 -12.67 11.12 -5.10
N GLN A 135 -11.84 10.41 -4.31
CA GLN A 135 -11.56 9.04 -4.53
C GLN A 135 -10.99 8.46 -3.24
N VAL A 136 -11.10 7.18 -3.08
CA VAL A 136 -10.62 6.52 -1.89
C VAL A 136 -9.15 6.13 -2.03
N ASN A 137 -8.30 6.76 -1.22
CA ASN A 137 -6.86 6.49 -1.27
C ASN A 137 -6.45 5.47 -0.21
N TYR A 138 -5.69 4.45 -0.65
CA TYR A 138 -5.20 3.40 0.24
C TYR A 138 -4.82 3.94 1.62
N GLU A 139 -4.24 5.15 1.64
CA GLU A 139 -3.85 5.77 2.91
C GLU A 139 -4.98 5.67 3.92
N GLU A 140 -6.21 5.72 3.41
CA GLU A 140 -7.39 5.60 4.24
C GLU A 140 -7.70 4.12 4.46
N PHE A 141 -7.45 3.33 3.43
CA PHE A 141 -7.67 1.90 3.47
C PHE A 141 -6.96 1.30 4.68
N VAL A 142 -5.72 1.71 4.89
CA VAL A 142 -4.92 1.24 6.01
C VAL A 142 -5.31 1.96 7.29
N GLN A 143 -5.46 3.27 7.20
CA GLN A 143 -5.85 4.09 8.35
C GLN A 143 -7.16 3.58 8.94
N MET A 144 -7.99 2.97 8.10
CA MET A 144 -9.27 2.44 8.53
C MET A 144 -9.10 1.10 9.24
N MET A 145 -8.38 0.18 8.61
CA MET A 145 -8.14 -1.13 9.18
C MET A 145 -6.94 -1.11 10.13
N THR A 146 -5.77 -0.83 9.58
CA THR A 146 -4.54 -0.78 10.37
C THR A 146 -4.61 0.33 11.41
N ALA A 147 -4.68 1.58 10.94
CA ALA A 147 -4.76 2.73 11.84
C ALA A 147 -3.68 2.65 12.92
N LYS A 148 -2.42 2.50 12.49
CA LYS A 148 -1.31 2.41 13.43
C LYS A 148 -1.04 3.76 14.10
N LEU B 1 -25.01 -4.66 8.94
CA LEU B 1 -24.70 -4.05 10.25
C LEU B 1 -24.37 -2.57 10.12
N ARG B 2 -23.39 -2.26 9.28
CA ARG B 2 -22.98 -0.88 9.06
C ARG B 2 -23.40 -0.40 7.67
N ARG B 3 -22.86 0.73 7.25
CA ARG B 3 -23.17 1.29 5.94
C ARG B 3 -21.95 1.22 5.01
N GLY B 4 -20.97 0.41 5.39
CA GLY B 4 -19.77 0.28 4.57
C GLY B 4 -18.54 -0.04 5.40
N GLN B 5 -18.30 0.77 6.43
CA GLN B 5 -17.15 0.55 7.29
C GLN B 5 -17.17 -0.86 7.89
N ILE B 6 -16.09 -1.60 7.70
CA ILE B 6 -16.00 -2.97 8.20
C ILE B 6 -16.97 -3.90 7.47
N LEU B 7 -17.57 -3.41 6.39
CA LEU B 7 -18.49 -4.21 5.60
C LEU B 7 -17.77 -4.78 4.38
N TRP B 8 -17.20 -3.89 3.58
CA TRP B 8 -16.45 -4.31 2.41
C TRP B 8 -15.02 -4.67 2.81
N PHE B 9 -14.70 -4.43 4.09
CA PHE B 9 -13.41 -4.79 4.64
C PHE B 9 -13.43 -6.28 4.89
N ARG B 10 -14.60 -6.71 5.35
CA ARG B 10 -14.87 -8.09 5.61
C ARG B 10 -14.88 -8.83 4.28
N GLY B 11 -15.38 -8.14 3.25
CA GLY B 11 -15.42 -8.70 1.91
C GLY B 11 -14.07 -9.26 1.52
N LEU B 12 -13.06 -8.39 1.51
CA LEU B 12 -11.71 -8.84 1.17
C LEU B 12 -11.27 -9.93 2.14
N ASN B 13 -11.66 -9.78 3.41
CA ASN B 13 -11.32 -10.76 4.43
C ASN B 13 -11.89 -12.12 4.07
N ARG B 14 -13.13 -12.11 3.57
CA ARG B 14 -13.79 -13.35 3.17
C ARG B 14 -12.90 -14.09 2.17
N ILE B 15 -12.25 -13.33 1.29
CA ILE B 15 -11.37 -13.91 0.30
C ILE B 15 -10.23 -14.66 0.98
N GLN B 16 -9.30 -13.92 1.57
CA GLN B 16 -8.14 -14.50 2.27
C GLN B 16 -8.47 -15.84 2.92
N THR B 17 -9.52 -15.86 3.73
CA THR B 17 -9.94 -17.09 4.40
C THR B 17 -10.05 -18.22 3.39
N GLN B 18 -10.84 -17.98 2.35
CA GLN B 18 -11.02 -18.95 1.28
C GLN B 18 -10.58 -18.33 -0.04
N ILE B 19 -9.31 -17.95 -0.09
CA ILE B 19 -8.73 -17.30 -1.26
C ILE B 19 -9.30 -17.83 -2.57
N LYS B 20 -9.63 -19.12 -2.59
CA LYS B 20 -10.18 -19.75 -3.79
C LYS B 20 -11.23 -20.80 -3.42
CA CA C . 37.53 -11.51 -12.52
CA CA D . 30.99 -11.19 -3.22
CA CA E . -8.62 1.48 -9.28
CA CA F . -9.43 9.92 -0.19
N ALA A 1 21.63 -4.31 -25.83
CA ALA A 1 21.46 -4.89 -24.48
C ALA A 1 22.14 -4.03 -23.43
N ASP A 2 21.41 -3.72 -22.36
CA ASP A 2 21.95 -2.90 -21.28
C ASP A 2 22.20 -3.74 -20.03
N GLN A 3 23.43 -4.21 -19.87
CA GLN A 3 23.79 -5.02 -18.72
C GLN A 3 22.90 -6.25 -18.62
N LEU A 4 22.46 -6.76 -19.77
CA LEU A 4 21.60 -7.94 -19.79
C LEU A 4 22.42 -9.22 -19.83
N THR A 5 22.34 -9.99 -18.76
CA THR A 5 23.06 -11.25 -18.68
C THR A 5 22.45 -12.27 -19.62
N GLU A 6 23.29 -13.12 -20.19
CA GLU A 6 22.83 -14.16 -21.11
C GLU A 6 22.53 -15.45 -20.37
N GLU A 7 22.98 -15.54 -19.12
CA GLU A 7 22.79 -16.72 -18.30
C GLU A 7 21.34 -16.87 -17.83
N GLN A 8 20.89 -15.94 -16.98
CA GLN A 8 19.52 -15.99 -16.46
C GLN A 8 18.50 -15.83 -17.60
N ILE A 9 18.69 -14.80 -18.40
CA ILE A 9 17.81 -14.54 -19.52
C ILE A 9 17.66 -15.80 -20.37
N ALA A 10 18.78 -16.42 -20.68
CA ALA A 10 18.78 -17.66 -21.46
C ALA A 10 17.73 -18.61 -20.93
N GLU A 11 17.59 -18.64 -19.61
CA GLU A 11 16.59 -19.48 -18.97
C GLU A 11 15.23 -19.11 -19.52
N PHE A 12 14.96 -17.80 -19.58
CA PHE A 12 13.70 -17.34 -20.14
C PHE A 12 13.55 -17.90 -21.55
N LYS A 13 14.70 -18.11 -22.20
CA LYS A 13 14.74 -18.68 -23.52
C LYS A 13 14.36 -20.16 -23.46
N GLU A 14 14.78 -20.81 -22.37
CA GLU A 14 14.48 -22.22 -22.17
C GLU A 14 12.98 -22.46 -22.31
N ALA A 15 12.19 -21.48 -21.85
CA ALA A 15 10.76 -21.55 -21.97
C ALA A 15 10.38 -21.08 -23.35
N PHE A 16 11.08 -20.05 -23.81
CA PHE A 16 10.85 -19.51 -25.14
C PHE A 16 10.96 -20.62 -26.19
N SER A 17 11.72 -21.66 -25.88
CA SER A 17 11.92 -22.79 -26.78
C SER A 17 10.92 -23.90 -26.51
N LEU A 18 10.50 -24.01 -25.26
CA LEU A 18 9.56 -25.04 -24.84
C LEU A 18 8.14 -24.56 -25.00
N PHE A 19 7.92 -23.31 -24.65
CA PHE A 19 6.64 -22.66 -24.77
C PHE A 19 6.13 -22.81 -26.21
N ASP A 20 7.09 -22.97 -27.13
CA ASP A 20 6.79 -23.14 -28.55
C ASP A 20 6.42 -24.60 -28.86
N LYS A 21 6.72 -25.51 -27.92
CA LYS A 21 6.42 -26.93 -28.07
C LYS A 21 6.65 -27.40 -29.50
N ASP A 22 7.83 -27.11 -30.01
CA ASP A 22 8.18 -27.51 -31.37
C ASP A 22 9.71 -27.57 -31.57
N GLY A 23 10.41 -26.61 -30.97
CA GLY A 23 11.85 -26.58 -31.11
C GLY A 23 12.28 -25.87 -32.38
N ASP A 24 11.62 -24.76 -32.66
CA ASP A 24 11.89 -23.96 -33.84
C ASP A 24 12.69 -22.71 -33.48
N GLY A 25 12.55 -22.30 -32.21
CA GLY A 25 13.24 -21.13 -31.74
C GLY A 25 12.52 -19.84 -32.10
N THR A 26 11.25 -19.96 -32.46
CA THR A 26 10.46 -18.79 -32.83
C THR A 26 8.99 -18.99 -32.44
N ILE A 27 8.45 -18.02 -31.71
CA ILE A 27 7.06 -18.07 -31.28
C ILE A 27 6.20 -17.28 -32.25
N THR A 28 5.05 -17.82 -32.62
CA THR A 28 4.15 -17.15 -33.54
C THR A 28 2.69 -17.50 -33.25
N THR A 29 1.80 -17.03 -34.11
CA THR A 29 0.38 -17.30 -33.96
C THR A 29 0.14 -18.80 -33.87
N LYS A 30 1.04 -19.58 -34.48
CA LYS A 30 0.93 -21.03 -34.46
C LYS A 30 1.10 -21.56 -33.04
N GLU A 31 2.27 -21.32 -32.46
CA GLU A 31 2.56 -21.76 -31.10
C GLU A 31 1.73 -20.96 -30.11
N LEU A 32 1.77 -19.65 -30.24
CA LEU A 32 1.01 -18.76 -29.36
C LEU A 32 -0.48 -19.08 -29.42
N GLY A 33 -0.97 -19.34 -30.63
CA GLY A 33 -2.37 -19.66 -30.80
C GLY A 33 -2.76 -20.93 -30.09
N THR A 34 -1.89 -21.94 -30.15
CA THR A 34 -2.14 -23.21 -29.50
C THR A 34 -2.37 -23.00 -28.00
N VAL A 35 -1.63 -22.05 -27.43
CA VAL A 35 -1.78 -21.75 -26.01
C VAL A 35 -3.09 -21.02 -25.75
N MET A 36 -3.47 -20.19 -26.72
CA MET A 36 -4.72 -19.43 -26.64
C MET A 36 -5.93 -20.34 -26.82
N ARG A 37 -5.70 -21.56 -27.26
CA ARG A 37 -6.79 -22.52 -27.48
C ARG A 37 -6.65 -23.72 -26.55
N SER A 38 -5.42 -24.13 -26.30
CA SER A 38 -5.16 -25.26 -25.41
C SER A 38 -5.44 -24.86 -23.97
N LEU A 39 -5.55 -23.55 -23.74
CA LEU A 39 -5.83 -23.02 -22.43
C LEU A 39 -7.12 -22.22 -22.45
N GLY A 40 -7.65 -22.00 -23.65
CA GLY A 40 -8.86 -21.25 -23.76
C GLY A 40 -8.64 -19.82 -23.32
N GLN A 41 -7.50 -19.28 -23.71
CA GLN A 41 -7.11 -17.94 -23.35
C GLN A 41 -7.52 -16.93 -24.43
N ASN A 42 -8.82 -16.86 -24.70
CA ASN A 42 -9.34 -15.95 -25.72
C ASN A 42 -8.68 -16.23 -27.06
N PRO A 43 -9.12 -17.30 -27.75
CA PRO A 43 -8.58 -17.69 -29.04
C PRO A 43 -9.20 -16.95 -30.20
N THR A 44 -8.63 -15.79 -30.52
CA THR A 44 -9.12 -14.97 -31.62
C THR A 44 -8.02 -14.77 -32.66
N GLU A 45 -8.40 -14.88 -33.92
CA GLU A 45 -7.47 -14.72 -35.03
C GLU A 45 -6.67 -13.42 -34.92
N ALA A 46 -7.33 -12.37 -34.45
CA ALA A 46 -6.70 -11.06 -34.34
C ALA A 46 -5.88 -10.90 -33.07
N GLU A 47 -6.20 -11.64 -32.01
CA GLU A 47 -5.47 -11.52 -30.76
C GLU A 47 -4.02 -11.96 -30.93
N LEU A 48 -3.80 -13.25 -31.19
CA LEU A 48 -2.44 -13.74 -31.37
C LEU A 48 -1.72 -12.91 -32.45
N GLN A 49 -2.50 -12.29 -33.33
CA GLN A 49 -1.93 -11.44 -34.35
C GLN A 49 -1.55 -10.11 -33.72
N ASP A 50 -2.35 -9.68 -32.75
CA ASP A 50 -2.08 -8.45 -32.03
C ASP A 50 -0.98 -8.70 -31.01
N MET A 51 -0.96 -9.91 -30.48
CA MET A 51 0.04 -10.32 -29.50
C MET A 51 1.40 -10.51 -30.18
N ILE A 52 1.36 -10.83 -31.46
CA ILE A 52 2.57 -11.04 -32.23
C ILE A 52 3.05 -9.73 -32.87
N ASN A 53 2.13 -8.96 -33.42
CA ASN A 53 2.48 -7.69 -34.06
C ASN A 53 2.82 -6.61 -33.05
N GLU A 54 2.56 -6.87 -31.77
CA GLU A 54 2.84 -5.89 -30.72
C GLU A 54 4.27 -6.00 -30.21
N VAL A 55 4.73 -7.23 -30.01
CA VAL A 55 6.09 -7.46 -29.51
C VAL A 55 7.09 -7.59 -30.64
N ASP A 56 6.74 -7.10 -31.82
CA ASP A 56 7.60 -7.16 -32.98
C ASP A 56 8.51 -5.95 -33.04
N ALA A 57 9.15 -5.61 -31.92
CA ALA A 57 10.07 -4.48 -31.87
C ALA A 57 11.02 -4.53 -33.05
N ASP A 58 11.65 -5.68 -33.21
CA ASP A 58 12.56 -5.91 -34.32
C ASP A 58 11.77 -6.41 -35.52
N GLY A 59 10.57 -6.96 -35.24
CA GLY A 59 9.70 -7.47 -36.29
C GLY A 59 10.46 -8.19 -37.40
N ASN A 60 11.52 -8.88 -37.02
CA ASN A 60 12.34 -9.62 -37.98
C ASN A 60 11.49 -10.64 -38.73
N GLY A 61 10.40 -11.08 -38.10
CA GLY A 61 9.52 -12.05 -38.73
C GLY A 61 8.54 -12.64 -37.74
N THR A 62 9.01 -12.91 -36.53
CA THR A 62 8.15 -13.50 -35.49
C THR A 62 8.76 -13.25 -34.11
N ILE A 63 8.19 -13.89 -33.10
CA ILE A 63 8.67 -13.73 -31.73
C ILE A 63 10.11 -14.24 -31.61
N ASP A 64 10.97 -13.39 -31.08
CA ASP A 64 12.39 -13.72 -30.92
C ASP A 64 12.88 -13.32 -29.53
N PHE A 65 13.90 -14.02 -29.04
CA PHE A 65 14.49 -13.77 -27.73
C PHE A 65 14.54 -12.27 -27.38
N PRO A 66 15.13 -11.44 -28.25
CA PRO A 66 15.26 -10.00 -27.99
C PRO A 66 13.90 -9.29 -27.79
N GLU A 67 13.03 -9.34 -28.80
CA GLU A 67 11.74 -8.68 -28.70
C GLU A 67 10.94 -9.19 -27.50
N PHE A 68 10.93 -10.50 -27.28
CA PHE A 68 10.21 -11.08 -26.16
C PHE A 68 10.94 -10.78 -24.86
N LEU A 69 12.24 -10.58 -24.95
CA LEU A 69 13.06 -10.28 -23.78
C LEU A 69 12.72 -8.90 -23.23
N THR A 70 13.00 -7.86 -24.02
CA THR A 70 12.73 -6.49 -23.62
C THR A 70 11.29 -6.33 -23.12
N MET A 71 10.36 -7.02 -23.78
CA MET A 71 8.96 -6.95 -23.40
C MET A 71 8.74 -7.32 -21.94
N MET A 72 9.07 -8.56 -21.60
CA MET A 72 8.91 -9.04 -20.23
C MET A 72 9.80 -8.26 -19.26
N ALA A 73 10.86 -7.64 -19.78
CA ALA A 73 11.77 -6.87 -18.96
C ALA A 73 11.27 -5.45 -18.72
N ARG A 74 10.71 -4.84 -19.76
CA ARG A 74 10.19 -3.49 -19.67
C ARG A 74 9.20 -3.35 -18.52
N LYS A 75 8.31 -4.32 -18.39
CA LYS A 75 7.31 -4.32 -17.34
C LYS A 75 7.72 -5.24 -16.20
N MET A 76 7.37 -4.85 -14.97
CA MET A 76 7.71 -5.65 -13.80
C MET A 76 7.21 -4.98 -12.52
N LYS A 77 7.49 -3.69 -12.39
CA LYS A 77 7.06 -2.93 -11.22
C LYS A 77 5.59 -3.18 -10.91
N ASP A 78 5.32 -3.77 -9.74
CA ASP A 78 3.96 -4.06 -9.33
C ASP A 78 3.28 -2.81 -8.79
N THR A 79 3.86 -2.23 -7.75
CA THR A 79 3.30 -1.02 -7.13
C THR A 79 4.09 -0.65 -5.88
N ASP A 80 4.40 -1.64 -5.06
CA ASP A 80 5.15 -1.42 -3.83
C ASP A 80 4.40 -0.47 -2.90
N SER A 81 3.12 -0.74 -2.69
CA SER A 81 2.30 0.09 -1.82
C SER A 81 1.81 -0.71 -0.61
N GLU A 82 1.41 -1.96 -0.86
CA GLU A 82 0.93 -2.82 0.21
C GLU A 82 1.97 -3.88 0.55
N GLU A 83 1.69 -4.69 1.57
CA GLU A 83 2.60 -5.75 1.98
C GLU A 83 1.92 -7.11 1.93
N GLU A 84 0.73 -7.20 2.52
CA GLU A 84 -0.02 -8.45 2.52
C GLU A 84 -1.36 -8.26 1.80
N ILE A 85 -2.00 -7.13 2.05
CA ILE A 85 -3.26 -6.83 1.41
C ILE A 85 -3.06 -6.59 -0.08
N ARG A 86 -1.79 -6.48 -0.50
CA ARG A 86 -1.43 -6.25 -1.89
C ARG A 86 -2.31 -7.05 -2.84
N GLU A 87 -2.76 -8.21 -2.37
CA GLU A 87 -3.63 -9.08 -3.15
C GLU A 87 -5.01 -8.46 -3.28
N ALA A 88 -5.63 -8.16 -2.14
CA ALA A 88 -6.94 -7.52 -2.13
C ALA A 88 -6.81 -6.15 -2.76
N PHE A 89 -5.65 -5.55 -2.54
CA PHE A 89 -5.32 -4.24 -3.07
C PHE A 89 -5.27 -4.26 -4.61
N ARG A 90 -4.54 -5.24 -5.14
CA ARG A 90 -4.39 -5.40 -6.58
C ARG A 90 -5.58 -6.14 -7.15
N VAL A 91 -6.40 -6.70 -6.27
CA VAL A 91 -7.57 -7.44 -6.66
C VAL A 91 -8.68 -6.46 -7.01
N PHE A 92 -8.73 -5.36 -6.27
CA PHE A 92 -9.75 -4.37 -6.49
C PHE A 92 -9.22 -3.10 -7.14
N ASP A 93 -7.94 -3.08 -7.44
CA ASP A 93 -7.37 -1.91 -8.10
C ASP A 93 -7.86 -1.84 -9.54
N LYS A 94 -8.47 -2.92 -10.00
CA LYS A 94 -9.02 -3.03 -11.36
C LYS A 94 -8.17 -2.27 -12.39
N ASP A 95 -8.53 -1.03 -12.68
CA ASP A 95 -7.77 -0.22 -13.64
C ASP A 95 -6.30 -0.17 -13.26
N GLY A 96 -6.02 -0.12 -11.97
CA GLY A 96 -4.65 -0.07 -11.51
C GLY A 96 -4.12 1.35 -11.37
N ASN A 97 -4.69 2.11 -10.44
CA ASN A 97 -4.29 3.47 -10.22
C ASN A 97 -3.79 3.66 -8.79
N GLY A 98 -4.61 3.20 -7.85
CA GLY A 98 -4.30 3.32 -6.45
C GLY A 98 -5.54 3.71 -5.67
N TYR A 99 -6.46 4.38 -6.36
CA TYR A 99 -7.72 4.81 -5.76
C TYR A 99 -8.88 4.02 -6.35
N ILE A 100 -9.91 3.79 -5.55
CA ILE A 100 -11.07 3.04 -6.02
C ILE A 100 -12.31 3.92 -6.15
N SER A 101 -12.47 4.53 -7.32
CA SER A 101 -13.62 5.37 -7.60
C SER A 101 -14.91 4.67 -7.20
N ALA A 102 -15.12 3.46 -7.73
CA ALA A 102 -16.30 2.68 -7.42
C ALA A 102 -16.40 1.44 -8.32
N ALA A 103 -15.89 1.55 -9.54
CA ALA A 103 -15.93 0.44 -10.49
C ALA A 103 -15.53 -0.87 -9.84
N GLU A 104 -14.28 -0.95 -9.42
CA GLU A 104 -13.78 -2.16 -8.78
C GLU A 104 -14.67 -2.56 -7.61
N LEU A 105 -15.03 -1.58 -6.75
CA LEU A 105 -15.90 -1.87 -5.61
C LEU A 105 -17.15 -2.57 -6.11
N ARG A 106 -17.64 -2.09 -7.25
CA ARG A 106 -18.82 -2.64 -7.88
C ARG A 106 -18.50 -4.05 -8.37
N HIS A 107 -17.34 -4.18 -8.98
CA HIS A 107 -16.89 -5.46 -9.52
C HIS A 107 -16.61 -6.48 -8.42
N VAL A 108 -15.71 -6.15 -7.51
CA VAL A 108 -15.34 -7.07 -6.43
C VAL A 108 -16.43 -7.23 -5.37
N MET A 109 -16.95 -6.10 -4.87
CA MET A 109 -17.94 -6.12 -3.81
C MET A 109 -19.31 -6.64 -4.25
N THR A 110 -19.60 -6.63 -5.55
CA THR A 110 -20.89 -7.13 -6.02
C THR A 110 -20.77 -8.60 -6.37
N ASN A 111 -19.58 -8.99 -6.78
CA ASN A 111 -19.30 -10.37 -7.16
C ASN A 111 -19.02 -11.21 -5.92
N LEU A 112 -18.48 -10.58 -4.89
CA LEU A 112 -18.17 -11.29 -3.65
C LEU A 112 -19.42 -11.90 -3.03
N GLY A 113 -20.56 -11.24 -3.22
CA GLY A 113 -21.80 -11.76 -2.67
C GLY A 113 -22.93 -10.74 -2.70
N GLU A 114 -22.60 -9.49 -2.36
CA GLU A 114 -23.60 -8.43 -2.34
C GLU A 114 -23.96 -7.98 -3.75
N LYS A 115 -24.75 -6.92 -3.85
CA LYS A 115 -25.17 -6.39 -5.14
C LYS A 115 -25.12 -4.87 -5.13
N LEU A 116 -23.96 -4.32 -4.80
CA LEU A 116 -23.76 -2.88 -4.75
C LEU A 116 -23.79 -2.28 -6.15
N THR A 117 -24.96 -1.83 -6.58
CA THR A 117 -25.11 -1.22 -7.89
C THR A 117 -24.10 -0.11 -8.08
N ASP A 118 -24.19 0.56 -9.23
CA ASP A 118 -23.30 1.67 -9.53
C ASP A 118 -23.61 2.83 -8.59
N GLU A 119 -24.85 2.87 -8.09
CA GLU A 119 -25.27 3.93 -7.18
C GLU A 119 -24.75 3.66 -5.78
N GLU A 120 -25.03 2.47 -5.26
CA GLU A 120 -24.58 2.10 -3.93
C GLU A 120 -23.08 2.32 -3.78
N VAL A 121 -22.32 1.72 -4.69
CA VAL A 121 -20.87 1.84 -4.68
C VAL A 121 -20.44 3.31 -4.77
N ASP A 122 -21.19 4.10 -5.53
CA ASP A 122 -20.88 5.52 -5.70
C ASP A 122 -20.80 6.22 -4.34
N GLU A 123 -21.91 6.19 -3.60
CA GLU A 123 -21.97 6.83 -2.30
C GLU A 123 -21.12 6.08 -1.28
N MET A 124 -21.10 4.76 -1.41
CA MET A 124 -20.31 3.93 -0.51
C MET A 124 -18.87 4.42 -0.41
N ILE A 125 -18.29 4.77 -1.55
CA ILE A 125 -16.92 5.26 -1.60
C ILE A 125 -16.87 6.76 -1.33
N ARG A 126 -18.00 7.44 -1.49
CA ARG A 126 -18.08 8.87 -1.24
C ARG A 126 -18.07 9.10 0.25
N GLU A 127 -18.91 8.34 0.96
CA GLU A 127 -18.98 8.43 2.41
C GLU A 127 -17.67 7.89 3.00
N ALA A 128 -17.08 6.93 2.28
CA ALA A 128 -15.81 6.36 2.71
C ALA A 128 -14.70 7.37 2.54
N ASP A 129 -14.85 8.26 1.55
CA ASP A 129 -13.87 9.30 1.30
C ASP A 129 -13.78 10.24 2.51
N ILE A 130 -12.78 10.04 3.35
CA ILE A 130 -12.60 10.87 4.54
C ILE A 130 -11.61 12.01 4.29
N ASP A 131 -10.35 11.64 4.04
CA ASP A 131 -9.30 12.62 3.79
C ASP A 131 -9.77 13.72 2.84
N GLY A 132 -10.50 13.31 1.82
CA GLY A 132 -11.03 14.27 0.86
C GLY A 132 -10.07 14.54 -0.29
N ASP A 133 -9.80 13.51 -1.09
CA ASP A 133 -8.91 13.65 -2.23
C ASP A 133 -9.73 13.69 -3.52
N GLY A 134 -10.93 13.13 -3.46
CA GLY A 134 -11.79 13.08 -4.62
C GLY A 134 -12.19 11.65 -4.94
N GLN A 135 -11.66 10.70 -4.17
CA GLN A 135 -11.94 9.30 -4.37
C GLN A 135 -11.67 8.54 -3.05
N VAL A 136 -10.91 7.44 -3.11
CA VAL A 136 -10.58 6.67 -1.93
C VAL A 136 -9.14 6.19 -2.01
N ASN A 137 -8.27 6.88 -1.28
CA ASN A 137 -6.85 6.55 -1.28
C ASN A 137 -6.49 5.55 -0.18
N TYR A 138 -5.77 4.51 -0.56
CA TYR A 138 -5.34 3.48 0.38
C TYR A 138 -4.93 4.06 1.73
N GLU A 139 -4.41 5.29 1.71
CA GLU A 139 -4.00 5.96 2.94
C GLU A 139 -5.09 5.86 4.00
N GLU A 140 -6.34 5.91 3.54
CA GLU A 140 -7.48 5.80 4.43
C GLU A 140 -7.78 4.32 4.67
N PHE A 141 -7.59 3.53 3.63
CA PHE A 141 -7.81 2.10 3.70
C PHE A 141 -7.07 1.51 4.90
N VAL A 142 -5.79 1.85 5.02
CA VAL A 142 -4.98 1.37 6.15
C VAL A 142 -5.42 2.04 7.44
N GLN A 143 -5.55 3.37 7.40
CA GLN A 143 -5.98 4.12 8.58
C GLN A 143 -7.26 3.52 9.13
N MET A 144 -8.04 2.94 8.25
CA MET A 144 -9.31 2.31 8.63
C MET A 144 -9.06 0.99 9.37
N MET A 145 -8.25 0.12 8.77
CA MET A 145 -7.95 -1.17 9.38
C MET A 145 -6.69 -1.10 10.25
N THR A 146 -5.55 -0.86 9.63
CA THR A 146 -4.28 -0.77 10.34
C THR A 146 -4.40 0.12 11.57
N ALA A 147 -4.64 1.41 11.34
CA ALA A 147 -4.78 2.37 12.43
C ALA A 147 -6.02 2.05 13.28
N LYS A 148 -5.79 1.49 14.46
CA LYS A 148 -6.89 1.14 15.36
C LYS A 148 -7.85 2.31 15.54
N LEU B 1 -26.55 5.55 10.08
CA LEU B 1 -25.68 4.36 9.84
C LEU B 1 -25.66 3.98 8.37
N ARG B 2 -24.51 4.14 7.72
CA ARG B 2 -24.36 3.80 6.32
C ARG B 2 -23.48 2.57 6.14
N ARG B 3 -23.86 1.72 5.20
CA ARG B 3 -23.09 0.49 4.94
C ARG B 3 -21.76 0.81 4.26
N GLY B 4 -20.81 -0.09 4.38
CA GLY B 4 -19.50 0.11 3.80
C GLY B 4 -18.38 -0.11 4.78
N GLN B 5 -18.29 0.76 5.79
CA GLN B 5 -17.26 0.65 6.81
C GLN B 5 -17.19 -0.77 7.36
N ILE B 6 -16.03 -1.41 7.20
CA ILE B 6 -15.85 -2.77 7.66
C ILE B 6 -16.80 -3.74 6.94
N LEU B 7 -17.39 -3.27 5.84
CA LEU B 7 -18.30 -4.09 5.05
C LEU B 7 -17.54 -4.68 3.87
N TRP B 8 -16.89 -3.82 3.10
CA TRP B 8 -16.10 -4.28 1.97
C TRP B 8 -14.66 -4.53 2.38
N PHE B 9 -14.35 -4.27 3.65
CA PHE B 9 -13.03 -4.53 4.20
C PHE B 9 -13.00 -5.99 4.62
N ARG B 10 -14.13 -6.41 5.14
CA ARG B 10 -14.35 -7.76 5.56
C ARG B 10 -14.57 -8.62 4.33
N GLY B 11 -15.18 -8.02 3.31
CA GLY B 11 -15.43 -8.72 2.06
C GLY B 11 -14.13 -9.22 1.47
N LEU B 12 -13.20 -8.32 1.23
CA LEU B 12 -11.90 -8.70 0.69
C LEU B 12 -11.25 -9.72 1.61
N ASN B 13 -11.46 -9.54 2.92
CA ASN B 13 -10.93 -10.45 3.91
C ASN B 13 -11.49 -11.84 3.65
N ARG B 14 -12.77 -11.89 3.28
CA ARG B 14 -13.43 -13.14 2.96
C ARG B 14 -12.61 -13.93 1.94
N ILE B 15 -12.23 -13.24 0.86
CA ILE B 15 -11.42 -13.85 -0.18
C ILE B 15 -10.19 -14.51 0.44
N GLN B 16 -9.25 -13.68 0.89
CA GLN B 16 -8.00 -14.14 1.51
C GLN B 16 -8.20 -15.42 2.33
N THR B 17 -9.22 -15.42 3.20
CA THR B 17 -9.51 -16.59 4.03
C THR B 17 -9.57 -17.84 3.15
N GLN B 18 -10.28 -17.73 2.04
CA GLN B 18 -10.40 -18.82 1.09
C GLN B 18 -10.18 -18.28 -0.32
N ILE B 19 -8.99 -17.70 -0.53
CA ILE B 19 -8.64 -17.11 -1.82
C ILE B 19 -9.14 -17.95 -2.99
N LYS B 20 -9.69 -17.29 -4.00
CA LYS B 20 -10.20 -17.99 -5.18
C LYS B 20 -9.10 -18.23 -6.19
CA CA C . 7.93 -22.08 -34.21
CA CA D . 9.93 -10.00 -34.35
CA CA E . -8.49 1.49 -8.86
CA CA F . -10.35 9.46 -0.24
N ALA A 1 8.01 -18.88 -9.97
CA ALA A 1 8.65 -17.79 -10.75
C ALA A 1 7.86 -17.47 -12.00
N ASP A 2 7.30 -16.27 -12.06
CA ASP A 2 6.52 -15.83 -13.22
C ASP A 2 6.59 -14.32 -13.39
N GLN A 3 6.40 -13.61 -12.28
CA GLN A 3 6.44 -12.15 -12.31
C GLN A 3 5.34 -11.59 -13.22
N LEU A 4 4.79 -10.44 -12.85
CA LEU A 4 3.73 -9.81 -13.63
C LEU A 4 2.51 -10.71 -13.70
N THR A 5 1.34 -10.09 -13.66
CA THR A 5 0.08 -10.81 -13.75
C THR A 5 -0.39 -10.84 -15.20
N GLU A 6 -1.02 -11.94 -15.60
CA GLU A 6 -1.54 -12.07 -16.95
C GLU A 6 -2.98 -11.59 -17.04
N GLU A 7 -3.61 -11.44 -15.88
CA GLU A 7 -4.99 -11.00 -15.81
C GLU A 7 -5.15 -9.52 -16.17
N GLN A 8 -4.57 -8.64 -15.34
CA GLN A 8 -4.66 -7.21 -15.59
C GLN A 8 -3.87 -6.81 -16.83
N ILE A 9 -2.62 -7.26 -16.91
CA ILE A 9 -1.79 -6.96 -18.06
C ILE A 9 -2.54 -7.27 -19.35
N ALA A 10 -3.15 -8.45 -19.40
CA ALA A 10 -3.94 -8.87 -20.55
C ALA A 10 -4.81 -7.72 -21.03
N GLU A 11 -5.42 -7.01 -20.09
CA GLU A 11 -6.25 -5.86 -20.43
C GLU A 11 -5.41 -4.87 -21.21
N PHE A 12 -4.19 -4.63 -20.73
CA PHE A 12 -3.27 -3.75 -21.44
C PHE A 12 -3.08 -4.30 -22.85
N LYS A 13 -3.17 -5.62 -22.95
CA LYS A 13 -3.05 -6.30 -24.24
C LYS A 13 -4.25 -5.96 -25.11
N GLU A 14 -5.43 -5.89 -24.49
CA GLU A 14 -6.65 -5.55 -25.21
C GLU A 14 -6.47 -4.20 -25.89
N ALA A 15 -5.61 -3.36 -25.31
CA ALA A 15 -5.31 -2.07 -25.88
C ALA A 15 -4.21 -2.27 -26.89
N PHE A 16 -3.16 -2.96 -26.47
CA PHE A 16 -2.05 -3.27 -27.34
C PHE A 16 -2.54 -3.96 -28.61
N SER A 17 -3.73 -4.57 -28.54
CA SER A 17 -4.31 -5.25 -29.69
C SER A 17 -5.19 -4.29 -30.48
N LEU A 18 -5.79 -3.36 -29.75
CA LEU A 18 -6.65 -2.35 -30.35
C LEU A 18 -5.78 -1.25 -30.93
N PHE A 19 -4.75 -0.94 -30.16
CA PHE A 19 -3.76 0.05 -30.53
C PHE A 19 -3.09 -0.37 -31.83
N ASP A 20 -3.02 -1.69 -32.04
CA ASP A 20 -2.43 -2.25 -33.25
C ASP A 20 -3.19 -1.76 -34.48
N LYS A 21 -4.46 -1.42 -34.28
CA LYS A 21 -5.31 -0.91 -35.34
C LYS A 21 -5.20 -1.76 -36.60
N ASP A 22 -5.41 -3.07 -36.44
CA ASP A 22 -5.35 -3.99 -37.57
C ASP A 22 -5.61 -5.44 -37.15
N GLY A 23 -5.24 -5.79 -35.92
CA GLY A 23 -5.43 -7.14 -35.46
C GLY A 23 -4.31 -8.05 -35.90
N ASP A 24 -3.09 -7.63 -35.60
CA ASP A 24 -1.89 -8.37 -35.97
C ASP A 24 -1.21 -8.96 -34.75
N GLY A 25 -1.50 -8.37 -33.59
CA GLY A 25 -0.89 -8.84 -32.36
C GLY A 25 0.54 -8.36 -32.20
N THR A 26 0.88 -7.29 -32.92
CA THR A 26 2.21 -6.72 -32.87
C THR A 26 2.18 -5.26 -33.30
N ILE A 27 2.87 -4.42 -32.54
CA ILE A 27 2.92 -2.99 -32.84
C ILE A 27 4.15 -2.68 -33.70
N THR A 28 3.96 -1.89 -34.74
CA THR A 28 5.06 -1.52 -35.64
C THR A 28 4.88 -0.11 -36.18
N THR A 29 5.88 0.36 -36.92
CA THR A 29 5.84 1.70 -37.50
C THR A 29 4.54 1.91 -38.26
N LYS A 30 3.96 0.82 -38.77
CA LYS A 30 2.72 0.90 -39.52
C LYS A 30 1.62 1.56 -38.68
N GLU A 31 1.24 0.89 -37.60
CA GLU A 31 0.20 1.42 -36.71
C GLU A 31 0.77 2.52 -35.82
N LEU A 32 1.95 2.27 -35.25
CA LEU A 32 2.60 3.25 -34.40
C LEU A 32 2.78 4.55 -35.16
N GLY A 33 3.17 4.43 -36.43
CA GLY A 33 3.36 5.60 -37.26
C GLY A 33 2.05 6.31 -37.52
N THR A 34 0.97 5.53 -37.62
CA THR A 34 -0.35 6.08 -37.85
C THR A 34 -0.65 7.19 -36.85
N VAL A 35 -0.56 6.86 -35.56
CA VAL A 35 -0.81 7.85 -34.52
C VAL A 35 0.30 8.89 -34.49
N MET A 36 1.54 8.43 -34.68
CA MET A 36 2.70 9.31 -34.70
C MET A 36 2.66 10.25 -35.90
N ARG A 37 1.77 9.97 -36.86
CA ARG A 37 1.66 10.79 -38.06
C ARG A 37 0.42 11.67 -37.99
N SER A 38 -0.65 11.14 -37.39
CA SER A 38 -1.89 11.88 -37.26
C SER A 38 -1.92 12.66 -35.94
N LEU A 39 -1.00 12.32 -35.03
CA LEU A 39 -0.95 12.96 -33.72
C LEU A 39 0.49 13.32 -33.36
N GLY A 40 1.30 12.29 -33.20
CA GLY A 40 2.69 12.48 -32.85
C GLY A 40 3.44 13.28 -33.89
N GLN A 41 2.82 13.46 -35.05
CA GLN A 41 3.43 14.20 -36.16
C GLN A 41 4.17 15.43 -35.66
N ASN A 42 5.47 15.25 -35.42
CA ASN A 42 6.31 16.34 -34.95
C ASN A 42 7.79 16.01 -35.12
N PRO A 43 8.25 14.87 -34.57
CA PRO A 43 9.64 14.45 -34.68
C PRO A 43 10.02 14.07 -36.10
N THR A 44 11.08 13.27 -36.25
CA THR A 44 11.53 12.83 -37.56
C THR A 44 10.57 11.82 -38.14
N GLU A 45 10.75 11.52 -39.43
CA GLU A 45 9.91 10.56 -40.12
C GLU A 45 10.31 9.15 -39.74
N ALA A 46 11.61 8.96 -39.60
CA ALA A 46 12.20 7.67 -39.25
C ALA A 46 12.07 7.37 -37.75
N GLU A 47 11.84 8.40 -36.96
CA GLU A 47 11.71 8.26 -35.51
C GLU A 47 10.89 7.02 -35.13
N LEU A 48 9.85 6.74 -35.92
CA LEU A 48 9.02 5.56 -35.65
C LEU A 48 9.87 4.31 -35.66
N GLN A 49 10.82 4.27 -36.59
CA GLN A 49 11.74 3.15 -36.69
C GLN A 49 12.63 3.15 -35.46
N ASP A 50 12.98 4.35 -34.99
CA ASP A 50 13.80 4.48 -33.80
C ASP A 50 12.99 4.11 -32.57
N MET A 51 11.69 4.44 -32.63
CA MET A 51 10.79 4.12 -31.53
C MET A 51 10.54 2.62 -31.48
N ILE A 52 10.46 2.01 -32.66
CA ILE A 52 10.25 0.58 -32.77
C ILE A 52 11.54 -0.17 -32.44
N ASN A 53 12.65 0.34 -32.96
CA ASN A 53 13.95 -0.26 -32.72
C ASN A 53 14.44 0.01 -31.30
N GLU A 54 13.73 0.88 -30.57
CA GLU A 54 14.11 1.22 -29.21
C GLU A 54 13.57 0.19 -28.21
N VAL A 55 12.42 -0.39 -28.50
CA VAL A 55 11.83 -1.38 -27.61
C VAL A 55 12.09 -2.80 -28.11
N ASP A 56 13.01 -2.94 -29.07
CA ASP A 56 13.32 -4.25 -29.61
C ASP A 56 14.34 -4.97 -28.73
N ALA A 57 13.97 -5.17 -27.46
CA ALA A 57 14.85 -5.88 -26.53
C ALA A 57 15.29 -7.20 -27.13
N ASP A 58 14.35 -7.86 -27.79
CA ASP A 58 14.61 -9.12 -28.46
C ASP A 58 14.82 -8.87 -29.95
N GLY A 59 14.36 -7.70 -30.42
CA GLY A 59 14.50 -7.34 -31.81
C GLY A 59 14.28 -8.49 -32.77
N ASN A 60 13.07 -9.03 -32.76
CA ASN A 60 12.73 -10.16 -33.63
C ASN A 60 12.03 -9.67 -34.89
N GLY A 61 11.44 -8.48 -34.83
CA GLY A 61 10.76 -7.93 -35.98
C GLY A 61 9.95 -6.69 -35.65
N THR A 62 9.05 -6.81 -34.69
CA THR A 62 8.20 -5.69 -34.29
C THR A 62 7.94 -5.69 -32.78
N ILE A 63 6.97 -4.90 -32.37
CA ILE A 63 6.61 -4.80 -30.95
C ILE A 63 5.78 -6.00 -30.52
N ASP A 64 6.00 -6.43 -29.28
CA ASP A 64 5.30 -7.57 -28.70
C ASP A 64 4.86 -7.27 -27.28
N PHE A 65 3.80 -7.93 -26.84
CA PHE A 65 3.26 -7.73 -25.49
C PHE A 65 4.35 -7.55 -24.43
N PRO A 66 5.36 -8.46 -24.38
CA PRO A 66 6.43 -8.36 -23.38
C PRO A 66 7.37 -7.17 -23.57
N GLU A 67 8.02 -7.08 -24.73
CA GLU A 67 8.94 -5.98 -24.98
C GLU A 67 8.25 -4.62 -24.79
N PHE A 68 7.02 -4.53 -25.24
CA PHE A 68 6.25 -3.29 -25.12
C PHE A 68 5.80 -3.09 -23.68
N LEU A 69 5.57 -4.20 -23.00
CA LEU A 69 5.13 -4.19 -21.61
C LEU A 69 6.26 -3.72 -20.70
N THR A 70 7.35 -4.48 -20.66
CA THR A 70 8.50 -4.15 -19.83
C THR A 70 8.91 -2.69 -20.02
N MET A 71 9.26 -2.35 -21.26
CA MET A 71 9.69 -0.98 -21.57
C MET A 71 8.78 0.06 -20.93
N MET A 72 7.48 -0.07 -21.16
CA MET A 72 6.51 0.86 -20.59
C MET A 72 6.40 0.70 -19.07
N ALA A 73 6.84 -0.45 -18.57
CA ALA A 73 6.78 -0.71 -17.13
C ALA A 73 8.03 -0.21 -16.43
N ARG A 74 9.19 -0.63 -16.92
CA ARG A 74 10.46 -0.23 -16.34
C ARG A 74 10.75 1.25 -16.60
N LYS A 75 9.88 2.11 -16.08
CA LYS A 75 10.04 3.55 -16.26
C LYS A 75 10.62 4.19 -15.00
N MET A 76 9.80 4.32 -13.97
CA MET A 76 10.22 4.91 -12.70
C MET A 76 9.02 5.13 -11.78
N LYS A 77 8.38 6.29 -11.89
CA LYS A 77 7.23 6.61 -11.06
C LYS A 77 7.53 6.37 -9.59
N ASP A 78 6.56 6.68 -8.74
CA ASP A 78 6.70 6.48 -7.30
C ASP A 78 6.73 5.00 -6.96
N THR A 79 5.55 4.38 -6.97
CA THR A 79 5.41 2.95 -6.67
C THR A 79 5.38 2.72 -5.17
N ASP A 80 4.39 3.33 -4.52
CA ASP A 80 4.23 3.21 -3.08
C ASP A 80 2.89 2.56 -2.72
N SER A 81 2.95 1.40 -2.08
CA SER A 81 1.75 0.67 -1.69
C SER A 81 2.10 -0.53 -0.83
N GLU A 82 1.13 -1.44 -0.68
CA GLU A 82 1.31 -2.64 0.10
C GLU A 82 2.57 -3.39 -0.31
N GLU A 83 2.76 -4.58 0.27
CA GLU A 83 3.92 -5.40 -0.04
C GLU A 83 3.58 -6.89 0.01
N GLU A 84 2.83 -7.27 1.04
CA GLU A 84 2.45 -8.67 1.19
C GLU A 84 0.95 -8.87 0.96
N ILE A 85 0.17 -7.81 1.14
CA ILE A 85 -1.26 -7.87 0.89
C ILE A 85 -1.53 -7.25 -0.47
N ARG A 86 -0.56 -7.39 -1.36
CA ARG A 86 -0.64 -6.86 -2.71
C ARG A 86 -1.78 -7.52 -3.49
N GLU A 87 -2.31 -8.61 -2.95
CA GLU A 87 -3.42 -9.32 -3.58
C GLU A 87 -4.72 -8.59 -3.30
N ALA A 88 -5.00 -8.37 -2.02
CA ALA A 88 -6.19 -7.65 -1.62
C ALA A 88 -6.11 -6.23 -2.16
N PHE A 89 -4.87 -5.74 -2.25
CA PHE A 89 -4.59 -4.42 -2.74
C PHE A 89 -4.91 -4.30 -4.25
N ARG A 90 -4.53 -5.32 -5.01
CA ARG A 90 -4.81 -5.35 -6.44
C ARG A 90 -6.23 -5.81 -6.67
N VAL A 91 -6.73 -6.58 -5.72
CA VAL A 91 -8.08 -7.09 -5.76
C VAL A 91 -9.06 -5.93 -5.76
N PHE A 92 -8.68 -4.84 -5.11
CA PHE A 92 -9.53 -3.66 -5.02
C PHE A 92 -9.14 -2.60 -6.04
N ASP A 93 -7.94 -2.71 -6.60
CA ASP A 93 -7.48 -1.73 -7.58
C ASP A 93 -8.03 -1.98 -8.98
N LYS A 94 -8.62 -3.14 -9.16
CA LYS A 94 -9.20 -3.53 -10.45
C LYS A 94 -8.32 -3.09 -11.64
N ASP A 95 -8.59 -1.90 -12.18
CA ASP A 95 -7.82 -1.40 -13.31
C ASP A 95 -6.33 -1.38 -12.98
N GLY A 96 -6.00 -0.89 -11.79
CA GLY A 96 -4.61 -0.83 -11.37
C GLY A 96 -4.09 0.59 -11.29
N ASN A 97 -4.79 1.44 -10.54
CA ASN A 97 -4.40 2.83 -10.38
C ASN A 97 -3.86 3.06 -8.97
N GLY A 98 -4.69 2.78 -7.98
CA GLY A 98 -4.31 2.97 -6.59
C GLY A 98 -5.46 3.50 -5.77
N TYR A 99 -6.41 4.15 -6.43
CA TYR A 99 -7.58 4.71 -5.77
C TYR A 99 -8.82 3.93 -6.17
N ILE A 100 -9.82 3.89 -5.29
CA ILE A 100 -11.05 3.16 -5.58
C ILE A 100 -12.26 4.09 -5.66
N SER A 101 -12.46 4.68 -6.83
CA SER A 101 -13.60 5.56 -7.06
C SER A 101 -14.91 4.79 -7.00
N ALA A 102 -14.95 3.64 -7.69
CA ALA A 102 -16.14 2.81 -7.72
C ALA A 102 -15.99 1.63 -8.68
N ALA A 103 -15.38 1.88 -9.85
CA ALA A 103 -15.18 0.83 -10.87
C ALA A 103 -14.81 -0.50 -10.24
N GLU A 104 -13.82 -0.48 -9.36
CA GLU A 104 -13.41 -1.71 -8.72
C GLU A 104 -14.49 -2.12 -7.73
N LEU A 105 -14.93 -1.19 -6.90
CA LEU A 105 -15.98 -1.46 -5.92
C LEU A 105 -17.21 -2.10 -6.56
N ARG A 106 -17.79 -1.43 -7.55
CA ARG A 106 -18.97 -1.95 -8.23
C ARG A 106 -18.78 -3.41 -8.61
N HIS A 107 -17.81 -3.68 -9.46
CA HIS A 107 -17.52 -5.04 -9.91
C HIS A 107 -16.97 -5.91 -8.78
N VAL A 108 -15.85 -5.48 -8.21
CA VAL A 108 -15.21 -6.22 -7.13
C VAL A 108 -16.16 -6.52 -5.98
N MET A 109 -16.86 -5.51 -5.48
CA MET A 109 -17.76 -5.72 -4.35
C MET A 109 -19.03 -6.48 -4.74
N THR A 110 -19.39 -6.49 -6.01
CA THR A 110 -20.56 -7.23 -6.43
C THR A 110 -20.20 -8.71 -6.56
N ASN A 111 -18.91 -8.94 -6.82
CA ASN A 111 -18.37 -10.28 -6.97
C ASN A 111 -17.90 -10.80 -5.60
N LEU A 112 -17.46 -9.86 -4.76
CA LEU A 112 -16.98 -10.20 -3.42
C LEU A 112 -18.01 -11.04 -2.68
N GLY A 113 -19.29 -10.75 -2.92
CA GLY A 113 -20.36 -11.49 -2.27
C GLY A 113 -21.68 -10.75 -2.31
N GLU A 114 -21.62 -9.42 -2.36
CA GLU A 114 -22.83 -8.59 -2.39
C GLU A 114 -23.24 -8.29 -3.83
N LYS A 115 -24.20 -7.38 -3.99
CA LYS A 115 -24.69 -6.98 -5.31
C LYS A 115 -24.77 -5.47 -5.40
N LEU A 116 -23.62 -4.83 -5.25
CA LEU A 116 -23.53 -3.38 -5.31
C LEU A 116 -23.67 -2.88 -6.74
N THR A 117 -24.86 -2.42 -7.06
CA THR A 117 -25.19 -1.89 -8.38
C THR A 117 -24.05 -1.08 -8.97
N ASP A 118 -23.51 -0.21 -8.13
CA ASP A 118 -22.44 0.73 -8.47
C ASP A 118 -22.88 2.10 -8.02
N GLU A 119 -24.20 2.31 -8.01
CA GLU A 119 -24.77 3.57 -7.56
C GLU A 119 -24.76 3.63 -6.04
N GLU A 120 -25.24 2.55 -5.42
CA GLU A 120 -25.29 2.46 -3.97
C GLU A 120 -23.87 2.51 -3.40
N VAL A 121 -22.98 1.71 -3.96
CA VAL A 121 -21.60 1.69 -3.51
C VAL A 121 -20.89 2.99 -3.82
N ASP A 122 -21.40 3.74 -4.80
CA ASP A 122 -20.81 5.02 -5.14
C ASP A 122 -20.90 5.95 -3.95
N GLU A 123 -22.09 6.01 -3.36
CA GLU A 123 -22.30 6.84 -2.18
C GLU A 123 -21.50 6.28 -1.01
N MET A 124 -21.38 4.96 -0.97
CA MET A 124 -20.62 4.29 0.07
C MET A 124 -19.17 4.77 0.03
N ILE A 125 -18.64 4.87 -1.17
CA ILE A 125 -17.28 5.34 -1.37
C ILE A 125 -17.19 6.85 -1.14
N ARG A 126 -18.33 7.52 -1.26
CA ARG A 126 -18.42 8.96 -1.04
C ARG A 126 -18.33 9.25 0.45
N GLU A 127 -19.00 8.40 1.23
CA GLU A 127 -18.98 8.52 2.68
C GLU A 127 -17.72 7.86 3.20
N ALA A 128 -17.26 6.84 2.49
CA ALA A 128 -16.04 6.12 2.87
C ALA A 128 -14.83 7.01 2.68
N ASP A 129 -14.88 7.87 1.65
CA ASP A 129 -13.78 8.79 1.39
C ASP A 129 -13.50 9.65 2.62
N ILE A 130 -12.65 9.14 3.50
CA ILE A 130 -12.32 9.85 4.74
C ILE A 130 -11.68 11.21 4.46
N ASP A 131 -10.41 11.22 4.07
CA ASP A 131 -9.71 12.47 3.78
C ASP A 131 -10.58 13.40 2.94
N GLY A 132 -11.27 12.84 1.97
CA GLY A 132 -12.14 13.64 1.12
C GLY A 132 -11.38 14.37 0.03
N ASP A 133 -10.71 13.62 -0.83
CA ASP A 133 -9.96 14.21 -1.92
C ASP A 133 -10.79 14.20 -3.19
N GLY A 134 -11.70 13.24 -3.26
CA GLY A 134 -12.56 13.08 -4.41
C GLY A 134 -12.65 11.62 -4.81
N GLN A 135 -11.75 10.82 -4.25
CA GLN A 135 -11.69 9.40 -4.52
C GLN A 135 -11.40 8.63 -3.22
N VAL A 136 -10.71 7.50 -3.33
CA VAL A 136 -10.36 6.69 -2.16
C VAL A 136 -8.90 6.26 -2.27
N ASN A 137 -8.03 6.92 -1.51
CA ASN A 137 -6.60 6.58 -1.55
C ASN A 137 -6.25 5.50 -0.53
N TYR A 138 -5.64 4.42 -1.02
CA TYR A 138 -5.23 3.30 -0.17
C TYR A 138 -4.67 3.79 1.17
N GLU A 139 -4.05 4.98 1.14
CA GLU A 139 -3.50 5.55 2.35
C GLU A 139 -4.54 5.57 3.47
N GLU A 140 -5.78 5.91 3.11
CA GLU A 140 -6.86 5.94 4.07
C GLU A 140 -7.43 4.53 4.25
N PHE A 141 -7.46 3.78 3.15
CA PHE A 141 -7.94 2.40 3.17
C PHE A 141 -7.30 1.63 4.31
N VAL A 142 -5.96 1.60 4.31
CA VAL A 142 -5.21 0.91 5.35
C VAL A 142 -5.35 1.64 6.68
N GLN A 143 -5.19 2.96 6.65
CA GLN A 143 -5.31 3.77 7.86
C GLN A 143 -6.63 3.50 8.56
N MET A 144 -7.64 3.16 7.77
CA MET A 144 -8.97 2.87 8.31
C MET A 144 -9.00 1.53 9.05
N MET A 145 -8.51 0.48 8.40
CA MET A 145 -8.49 -0.85 9.00
C MET A 145 -7.22 -1.07 9.82
N THR A 146 -6.08 -0.95 9.17
CA THR A 146 -4.79 -1.14 9.83
C THR A 146 -4.52 0.00 10.82
N ALA A 147 -4.47 1.22 10.29
CA ALA A 147 -4.22 2.39 11.13
C ALA A 147 -2.92 2.25 11.92
N LYS A 148 -1.87 1.84 11.22
CA LYS A 148 -0.56 1.66 11.86
C LYS A 148 -0.65 0.67 13.02
N LEU B 1 -26.23 -2.95 7.38
CA LEU B 1 -27.07 -2.27 6.36
C LEU B 1 -26.90 -0.75 6.41
N ARG B 2 -26.93 -0.12 5.25
CA ARG B 2 -26.78 1.33 5.16
C ARG B 2 -25.56 1.80 5.95
N ARG B 3 -24.38 1.37 5.53
CA ARG B 3 -23.14 1.76 6.20
C ARG B 3 -21.96 1.71 5.24
N GLY B 4 -21.40 0.52 5.06
CA GLY B 4 -20.27 0.36 4.16
C GLY B 4 -18.95 0.29 4.90
N GLN B 5 -18.60 1.38 5.58
CA GLN B 5 -17.35 1.46 6.33
C GLN B 5 -17.17 0.21 7.21
N ILE B 6 -16.10 -0.53 6.96
CA ILE B 6 -15.81 -1.74 7.73
C ILE B 6 -16.66 -2.93 7.26
N LEU B 7 -17.53 -2.70 6.29
CA LEU B 7 -18.38 -3.77 5.76
C LEU B 7 -17.76 -4.36 4.50
N TRP B 8 -17.14 -3.51 3.68
CA TRP B 8 -16.51 -3.97 2.45
C TRP B 8 -15.05 -4.35 2.70
N PHE B 9 -14.58 -4.14 3.92
CA PHE B 9 -13.23 -4.52 4.30
C PHE B 9 -13.28 -5.99 4.65
N ARG B 10 -14.36 -6.34 5.31
CA ARG B 10 -14.64 -7.70 5.70
C ARG B 10 -15.04 -8.48 4.45
N GLY B 11 -15.66 -7.78 3.52
CA GLY B 11 -16.07 -8.39 2.27
C GLY B 11 -14.91 -9.02 1.55
N LEU B 12 -13.98 -8.20 1.13
CA LEU B 12 -12.80 -8.71 0.45
C LEU B 12 -12.09 -9.70 1.38
N ASN B 13 -12.26 -9.52 2.68
CA ASN B 13 -11.66 -10.44 3.63
C ASN B 13 -12.24 -11.83 3.38
N ARG B 14 -13.49 -11.84 2.91
CA ARG B 14 -14.18 -13.07 2.59
C ARG B 14 -13.48 -13.80 1.45
N ILE B 15 -13.24 -13.08 0.35
CA ILE B 15 -12.55 -13.69 -0.80
C ILE B 15 -11.10 -14.04 -0.46
N GLN B 16 -10.63 -13.55 0.67
CA GLN B 16 -9.27 -13.85 1.11
C GLN B 16 -9.25 -15.19 1.82
N THR B 17 -10.33 -15.48 2.53
CA THR B 17 -10.46 -16.75 3.24
C THR B 17 -11.04 -17.81 2.31
N GLN B 18 -11.80 -17.35 1.31
CA GLN B 18 -12.41 -18.25 0.33
C GLN B 18 -12.75 -17.46 -0.93
N ILE B 19 -11.71 -17.00 -1.64
CA ILE B 19 -11.88 -16.22 -2.86
C ILE B 19 -13.05 -16.70 -3.70
N LYS B 20 -13.27 -18.02 -3.69
CA LYS B 20 -14.37 -18.61 -4.45
C LYS B 20 -14.28 -18.24 -5.92
CA CA C . 0.55 -4.84 -36.63
CA CA D . 10.74 -7.23 -30.96
CA CA E . -8.48 1.70 -9.15
CA CA F . -9.96 9.34 -0.40
N ALA A 1 7.20 -14.53 -15.65
CA ALA A 1 6.34 -15.47 -14.89
C ALA A 1 5.03 -14.81 -14.47
N ASP A 2 5.11 -13.94 -13.46
CA ASP A 2 3.93 -13.25 -12.95
C ASP A 2 3.97 -11.76 -13.31
N GLN A 3 3.03 -11.01 -12.78
CA GLN A 3 2.96 -9.57 -13.04
C GLN A 3 2.80 -9.29 -14.53
N LEU A 4 2.61 -8.02 -14.86
CA LEU A 4 2.45 -7.61 -16.26
C LEU A 4 1.20 -8.23 -16.88
N THR A 5 0.17 -7.44 -17.03
CA THR A 5 -1.07 -7.92 -17.64
C THR A 5 -0.84 -8.18 -19.11
N GLU A 6 -1.49 -9.21 -19.64
CA GLU A 6 -1.38 -9.56 -21.05
C GLU A 6 -2.43 -8.81 -21.88
N GLU A 7 -3.41 -8.23 -21.19
CA GLU A 7 -4.50 -7.50 -21.84
C GLU A 7 -4.04 -6.20 -22.48
N GLN A 8 -3.60 -5.24 -21.67
CA GLN A 8 -3.15 -3.95 -22.19
C GLN A 8 -1.79 -4.09 -22.87
N ILE A 9 -0.88 -4.77 -22.18
CA ILE A 9 0.44 -5.01 -22.71
C ILE A 9 0.32 -5.58 -24.14
N ALA A 10 -0.68 -6.44 -24.32
CA ALA A 10 -0.94 -7.05 -25.62
C ALA A 10 -1.01 -5.96 -26.68
N GLU A 11 -1.66 -4.85 -26.34
CA GLU A 11 -1.75 -3.73 -27.26
C GLU A 11 -0.35 -3.33 -27.64
N PHE A 12 0.54 -3.35 -26.65
CA PHE A 12 1.94 -3.05 -26.91
C PHE A 12 2.45 -4.03 -27.95
N LYS A 13 1.92 -5.26 -27.88
CA LYS A 13 2.27 -6.31 -28.81
C LYS A 13 1.81 -5.94 -30.22
N GLU A 14 0.60 -5.38 -30.31
CA GLU A 14 0.06 -4.97 -31.61
C GLU A 14 1.09 -4.11 -32.34
N ALA A 15 1.79 -3.26 -31.59
CA ALA A 15 2.81 -2.43 -32.16
C ALA A 15 4.08 -3.24 -32.33
N PHE A 16 4.37 -4.10 -31.37
CA PHE A 16 5.55 -4.95 -31.43
C PHE A 16 5.47 -5.86 -32.66
N SER A 17 4.25 -6.15 -33.09
CA SER A 17 4.03 -7.02 -34.25
C SER A 17 3.86 -6.20 -35.52
N LEU A 18 3.41 -4.96 -35.34
CA LEU A 18 3.18 -4.06 -36.45
C LEU A 18 4.42 -3.25 -36.76
N PHE A 19 4.99 -2.69 -35.70
CA PHE A 19 6.20 -1.89 -35.78
C PHE A 19 7.26 -2.62 -36.60
N ASP A 20 7.23 -3.94 -36.56
CA ASP A 20 8.19 -4.76 -37.30
C ASP A 20 7.87 -4.72 -38.79
N LYS A 21 6.61 -4.46 -39.12
CA LYS A 21 6.17 -4.38 -40.51
C LYS A 21 6.69 -5.56 -41.33
N ASP A 22 6.43 -6.76 -40.82
CA ASP A 22 6.86 -7.98 -41.49
C ASP A 22 5.96 -9.16 -41.17
N GLY A 23 5.54 -9.25 -39.90
CA GLY A 23 4.68 -10.35 -39.49
C GLY A 23 5.48 -11.55 -39.01
N ASP A 24 6.53 -11.27 -38.23
CA ASP A 24 7.40 -12.31 -37.72
C ASP A 24 7.23 -12.45 -36.21
N GLY A 25 7.14 -11.32 -35.53
CA GLY A 25 6.98 -11.32 -34.09
C GLY A 25 8.28 -11.02 -33.37
N THR A 26 9.25 -10.48 -34.09
CA THR A 26 10.54 -10.14 -33.52
C THR A 26 11.13 -8.90 -34.17
N ILE A 27 11.55 -7.94 -33.36
CA ILE A 27 12.13 -6.70 -33.87
C ILE A 27 13.66 -6.84 -33.99
N THR A 28 14.13 -7.19 -35.18
CA THR A 28 15.57 -7.36 -35.40
C THR A 28 16.11 -6.27 -36.30
N THR A 29 17.44 -6.21 -36.42
CA THR A 29 18.09 -5.22 -37.27
C THR A 29 17.45 -5.22 -38.66
N LYS A 30 16.90 -6.37 -39.03
CA LYS A 30 16.26 -6.52 -40.33
C LYS A 30 15.16 -5.48 -40.50
N GLU A 31 14.12 -5.59 -39.67
CA GLU A 31 13.00 -4.68 -39.71
C GLU A 31 13.42 -3.28 -39.25
N LEU A 32 13.89 -3.19 -38.00
CA LEU A 32 14.34 -1.92 -37.46
C LEU A 32 15.29 -1.24 -38.43
N GLY A 33 15.98 -2.04 -39.23
CA GLY A 33 16.91 -1.51 -40.21
C GLY A 33 16.23 -1.15 -41.51
N THR A 34 15.18 -1.89 -41.86
CA THR A 34 14.44 -1.63 -43.09
C THR A 34 13.93 -0.19 -43.11
N VAL A 35 13.47 0.26 -41.95
CA VAL A 35 12.96 1.63 -41.81
C VAL A 35 14.12 2.61 -41.64
N MET A 36 15.12 2.19 -40.89
CA MET A 36 16.29 3.03 -40.65
C MET A 36 17.07 3.27 -41.94
N ARG A 37 16.78 2.48 -42.98
CA ARG A 37 17.47 2.61 -44.25
C ARG A 37 16.55 3.19 -45.31
N SER A 38 15.26 2.91 -45.17
CA SER A 38 14.25 3.40 -46.11
C SER A 38 13.69 4.75 -45.65
N LEU A 39 13.94 5.11 -44.39
CA LEU A 39 13.44 6.36 -43.84
C LEU A 39 14.55 7.12 -43.16
N GLY A 40 15.04 6.55 -42.07
CA GLY A 40 16.11 7.16 -41.33
C GLY A 40 17.31 7.42 -42.21
N GLN A 41 17.42 6.62 -43.27
CA GLN A 41 18.49 6.69 -44.27
C GLN A 41 19.51 7.78 -44.00
N ASN A 42 20.32 7.59 -42.96
CA ASN A 42 21.34 8.57 -42.62
C ASN A 42 22.33 8.02 -41.58
N PRO A 43 21.84 7.68 -40.38
CA PRO A 43 22.70 7.16 -39.30
C PRO A 43 23.65 6.07 -39.76
N THR A 44 24.44 5.55 -38.82
CA THR A 44 25.40 4.50 -39.13
C THR A 44 24.72 3.21 -39.55
N GLU A 45 25.53 2.24 -39.95
CA GLU A 45 25.03 0.94 -40.38
C GLU A 45 24.85 0.03 -39.18
N ALA A 46 25.70 0.23 -38.18
CA ALA A 46 25.68 -0.57 -36.96
C ALA A 46 24.72 -0.04 -35.91
N GLU A 47 24.34 1.22 -36.03
CA GLU A 47 23.43 1.84 -35.06
C GLU A 47 22.27 0.92 -34.71
N LEU A 48 21.68 0.29 -35.71
CA LEU A 48 20.56 -0.63 -35.47
C LEU A 48 20.98 -1.66 -34.44
N GLN A 49 22.24 -2.06 -34.51
CA GLN A 49 22.77 -3.02 -33.56
C GLN A 49 22.80 -2.38 -32.18
N ASP A 50 23.06 -1.07 -32.17
CA ASP A 50 23.08 -0.31 -30.93
C ASP A 50 21.66 -0.13 -30.44
N MET A 51 20.72 -0.08 -31.37
CA MET A 51 19.30 0.08 -31.04
C MET A 51 18.70 -1.25 -30.61
N ILE A 52 19.28 -2.35 -31.10
CA ILE A 52 18.82 -3.68 -30.78
C ILE A 52 19.43 -4.16 -29.46
N ASN A 53 20.73 -3.93 -29.30
CA ASN A 53 21.42 -4.34 -28.09
C ASN A 53 21.11 -3.41 -26.92
N GLU A 54 20.66 -2.20 -27.23
CA GLU A 54 20.32 -1.22 -26.21
C GLU A 54 19.24 -1.75 -25.27
N VAL A 55 18.42 -2.66 -25.77
CA VAL A 55 17.34 -3.24 -24.96
C VAL A 55 17.55 -4.74 -24.75
N ASP A 56 18.71 -5.25 -25.12
CA ASP A 56 19.00 -6.67 -24.97
C ASP A 56 19.10 -7.06 -23.50
N ALA A 57 18.02 -6.87 -22.75
CA ALA A 57 18.01 -7.23 -21.34
C ALA A 57 18.24 -8.72 -21.20
N ASP A 58 17.71 -9.46 -22.17
CA ASP A 58 17.87 -10.90 -22.21
C ASP A 58 18.86 -11.26 -23.32
N GLY A 59 19.10 -10.31 -24.22
CA GLY A 59 20.03 -10.50 -25.34
C GLY A 59 20.08 -11.93 -25.85
N ASN A 60 18.93 -12.60 -25.83
CA ASN A 60 18.84 -13.98 -26.30
C ASN A 60 19.12 -14.07 -27.80
N GLY A 61 18.59 -13.10 -28.55
CA GLY A 61 18.79 -13.10 -29.99
C GLY A 61 18.34 -11.80 -30.63
N THR A 62 17.06 -11.47 -30.46
CA THR A 62 16.51 -10.25 -31.02
C THR A 62 15.56 -9.58 -30.03
N ILE A 63 14.70 -8.70 -30.54
CA ILE A 63 13.74 -8.01 -29.69
C ILE A 63 12.49 -8.87 -29.48
N ASP A 64 12.35 -9.39 -28.27
CA ASP A 64 11.23 -10.24 -27.91
C ASP A 64 10.28 -9.53 -26.96
N PHE A 65 9.01 -9.93 -26.99
CA PHE A 65 7.96 -9.35 -26.14
C PHE A 65 8.47 -8.99 -24.74
N PRO A 66 9.07 -9.95 -24.01
CA PRO A 66 9.57 -9.71 -22.64
C PRO A 66 10.59 -8.58 -22.54
N GLU A 67 11.71 -8.72 -23.23
CA GLU A 67 12.78 -7.71 -23.18
C GLU A 67 12.28 -6.35 -23.67
N PHE A 68 11.67 -6.31 -24.85
CA PHE A 68 11.18 -5.07 -25.41
C PHE A 68 10.11 -4.46 -24.51
N LEU A 69 9.35 -5.33 -23.85
CA LEU A 69 8.30 -4.89 -22.94
C LEU A 69 8.89 -4.15 -21.75
N THR A 70 9.64 -4.88 -20.92
CA THR A 70 10.27 -4.30 -19.73
C THR A 70 10.96 -2.97 -20.06
N MET A 71 11.54 -2.91 -21.25
CA MET A 71 12.25 -1.70 -21.69
C MET A 71 11.32 -0.49 -21.67
N MET A 72 10.32 -0.50 -22.55
CA MET A 72 9.37 0.61 -22.63
C MET A 72 8.52 0.70 -21.37
N ALA A 73 8.21 -0.47 -20.79
CA ALA A 73 7.40 -0.51 -19.57
C ALA A 73 8.08 0.24 -18.43
N ARG A 74 9.24 -0.25 -18.01
CA ARG A 74 9.99 0.37 -16.93
C ARG A 74 10.41 1.79 -17.30
N LYS A 75 10.21 2.73 -16.37
CA LYS A 75 10.58 4.12 -16.61
C LYS A 75 10.84 4.85 -15.29
N MET A 76 9.77 5.31 -14.66
CA MET A 76 9.89 6.03 -13.39
C MET A 76 8.85 5.53 -12.39
N LYS A 77 8.60 6.32 -11.35
CA LYS A 77 7.64 5.96 -10.32
C LYS A 77 6.22 5.94 -10.87
N ASP A 78 5.27 5.51 -10.04
CA ASP A 78 3.88 5.45 -10.45
C ASP A 78 2.96 5.27 -9.24
N THR A 79 3.18 4.19 -8.50
CA THR A 79 2.37 3.91 -7.32
C THR A 79 2.78 2.57 -6.69
N ASP A 80 3.37 2.65 -5.50
CA ASP A 80 3.80 1.45 -4.79
C ASP A 80 4.01 1.73 -3.31
N SER A 81 3.74 0.74 -2.48
CA SER A 81 3.89 0.88 -1.04
C SER A 81 3.67 -0.45 -0.33
N GLU A 82 2.43 -0.92 -0.37
CA GLU A 82 2.06 -2.18 0.26
C GLU A 82 2.98 -3.31 -0.22
N GLU A 83 3.34 -4.20 0.71
CA GLU A 83 4.20 -5.32 0.38
C GLU A 83 3.65 -6.63 0.96
N GLU A 84 2.37 -6.65 1.27
CA GLU A 84 1.73 -7.85 1.83
C GLU A 84 0.26 -7.91 1.46
N ILE A 85 -0.42 -6.77 1.50
CA ILE A 85 -1.83 -6.71 1.12
C ILE A 85 -1.94 -6.39 -0.37
N ARG A 86 -0.88 -6.70 -1.11
CA ARG A 86 -0.80 -6.47 -2.54
C ARG A 86 -1.89 -7.26 -3.28
N GLU A 87 -2.49 -8.23 -2.61
CA GLU A 87 -3.55 -9.02 -3.20
C GLU A 87 -4.88 -8.30 -3.07
N ALA A 88 -5.20 -7.90 -1.85
CA ALA A 88 -6.41 -7.15 -1.58
C ALA A 88 -6.32 -5.81 -2.29
N PHE A 89 -5.10 -5.31 -2.38
CA PHE A 89 -4.81 -4.05 -3.02
C PHE A 89 -5.07 -4.12 -4.53
N ARG A 90 -4.54 -5.16 -5.17
CA ARG A 90 -4.74 -5.33 -6.60
C ARG A 90 -6.12 -5.89 -6.85
N VAL A 91 -6.63 -6.59 -5.84
CA VAL A 91 -7.96 -7.17 -5.90
C VAL A 91 -8.98 -6.07 -6.14
N PHE A 92 -8.78 -4.94 -5.47
CA PHE A 92 -9.71 -3.82 -5.59
C PHE A 92 -9.21 -2.73 -6.54
N ASP A 93 -7.99 -2.88 -7.05
CA ASP A 93 -7.46 -1.87 -7.97
C ASP A 93 -7.96 -2.07 -9.39
N LYS A 94 -8.57 -3.22 -9.63
CA LYS A 94 -9.12 -3.58 -10.95
C LYS A 94 -8.30 -2.98 -12.12
N ASP A 95 -8.60 -1.73 -12.50
CA ASP A 95 -7.89 -1.09 -13.59
C ASP A 95 -6.39 -1.02 -13.30
N GLY A 96 -6.05 -0.49 -12.13
CA GLY A 96 -4.65 -0.39 -11.74
C GLY A 96 -4.18 1.04 -11.61
N ASN A 97 -4.56 1.70 -10.52
CA ASN A 97 -4.16 3.08 -10.28
C ASN A 97 -3.69 3.27 -8.84
N GLY A 98 -4.61 2.98 -7.92
CA GLY A 98 -4.33 3.13 -6.50
C GLY A 98 -5.56 3.62 -5.77
N TYR A 99 -6.42 4.32 -6.49
CA TYR A 99 -7.66 4.84 -5.93
C TYR A 99 -8.85 4.04 -6.45
N ILE A 100 -9.85 3.83 -5.60
CA ILE A 100 -11.02 3.08 -6.05
C ILE A 100 -12.13 4.00 -6.50
N SER A 101 -12.05 4.43 -7.75
CA SER A 101 -13.07 5.28 -8.35
C SER A 101 -14.46 4.74 -8.06
N ALA A 102 -14.65 3.47 -8.40
CA ALA A 102 -15.93 2.79 -8.18
C ALA A 102 -15.99 1.51 -9.01
N ALA A 103 -15.51 1.58 -10.26
CA ALA A 103 -15.49 0.42 -11.16
C ALA A 103 -15.09 -0.83 -10.42
N GLU A 104 -13.96 -0.76 -9.72
CA GLU A 104 -13.48 -1.87 -8.94
C GLU A 104 -14.56 -2.32 -7.98
N LEU A 105 -14.96 -1.40 -7.15
CA LEU A 105 -16.01 -1.66 -6.17
C LEU A 105 -17.19 -2.41 -6.78
N ARG A 106 -17.88 -1.79 -7.73
CA ARG A 106 -19.04 -2.41 -8.35
C ARG A 106 -18.83 -3.87 -8.70
N HIS A 107 -17.94 -4.12 -9.66
CA HIS A 107 -17.66 -5.48 -10.12
C HIS A 107 -16.88 -6.32 -9.11
N VAL A 108 -15.84 -5.75 -8.54
CA VAL A 108 -15.00 -6.47 -7.59
C VAL A 108 -15.73 -6.81 -6.29
N MET A 109 -16.50 -5.85 -5.75
CA MET A 109 -17.20 -6.07 -4.50
C MET A 109 -18.55 -6.76 -4.69
N THR A 110 -19.05 -6.80 -5.92
CA THR A 110 -20.34 -7.48 -6.18
C THR A 110 -20.08 -8.95 -6.38
N ASN A 111 -18.95 -9.25 -6.99
CA ASN A 111 -18.54 -10.61 -7.24
C ASN A 111 -18.15 -11.28 -5.93
N LEU A 112 -17.50 -10.51 -5.07
CA LEU A 112 -17.07 -11.01 -3.76
C LEU A 112 -18.23 -11.70 -3.05
N GLY A 113 -19.30 -10.95 -2.82
CA GLY A 113 -20.46 -11.53 -2.13
C GLY A 113 -21.54 -10.50 -1.86
N GLU A 114 -21.70 -9.55 -2.77
CA GLU A 114 -22.72 -8.50 -2.63
C GLU A 114 -23.17 -7.98 -4.00
N LYS A 115 -23.86 -6.85 -3.99
CA LYS A 115 -24.35 -6.24 -5.23
C LYS A 115 -24.44 -4.72 -5.08
N LEU A 116 -23.28 -4.07 -5.00
CA LEU A 116 -23.23 -2.62 -4.85
C LEU A 116 -23.45 -1.91 -6.19
N THR A 117 -24.69 -1.50 -6.44
CA THR A 117 -25.02 -0.79 -7.67
C THR A 117 -24.23 0.50 -7.78
N ASP A 118 -24.20 1.07 -8.98
CA ASP A 118 -23.49 2.32 -9.21
C ASP A 118 -24.04 3.39 -8.27
N GLU A 119 -25.28 3.21 -7.80
CA GLU A 119 -25.90 4.17 -6.90
C GLU A 119 -25.37 4.02 -5.48
N GLU A 120 -25.63 2.87 -4.88
CA GLU A 120 -25.19 2.59 -3.52
C GLU A 120 -23.66 2.50 -3.43
N VAL A 121 -23.04 1.99 -4.49
CA VAL A 121 -21.60 1.85 -4.53
C VAL A 121 -20.90 3.21 -4.56
N ASP A 122 -21.50 4.16 -5.30
CA ASP A 122 -20.93 5.50 -5.39
C ASP A 122 -20.96 6.17 -4.03
N GLU A 123 -22.16 6.39 -3.50
CA GLU A 123 -22.30 7.03 -2.20
C GLU A 123 -21.49 6.29 -1.14
N MET A 124 -21.36 4.97 -1.30
CA MET A 124 -20.60 4.17 -0.36
C MET A 124 -19.16 4.64 -0.31
N ILE A 125 -18.56 4.81 -1.48
CA ILE A 125 -17.19 5.29 -1.58
C ILE A 125 -17.10 6.77 -1.21
N ARG A 126 -18.26 7.43 -1.17
CA ARG A 126 -18.33 8.84 -0.81
C ARG A 126 -18.22 8.96 0.70
N GLU A 127 -19.04 8.19 1.40
CA GLU A 127 -19.02 8.18 2.86
C GLU A 127 -17.77 7.45 3.33
N ALA A 128 -17.33 6.49 2.53
CA ALA A 128 -16.12 5.72 2.84
C ALA A 128 -14.90 6.61 2.79
N ASP A 129 -14.89 7.53 1.83
CA ASP A 129 -13.78 8.47 1.70
C ASP A 129 -13.58 9.24 3.01
N ILE A 130 -12.52 8.87 3.74
CA ILE A 130 -12.23 9.52 5.02
C ILE A 130 -11.66 10.93 4.83
N ASP A 131 -10.35 11.02 4.59
CA ASP A 131 -9.70 12.31 4.42
C ASP A 131 -10.51 13.21 3.48
N GLY A 132 -11.13 12.59 2.48
CA GLY A 132 -11.94 13.33 1.54
C GLY A 132 -11.12 14.16 0.57
N ASP A 133 -10.38 13.49 -0.32
CA ASP A 133 -9.59 14.18 -1.32
C ASP A 133 -10.39 14.29 -2.61
N GLY A 134 -11.31 13.35 -2.78
CA GLY A 134 -12.14 13.30 -3.96
C GLY A 134 -12.43 11.87 -4.36
N GLN A 135 -11.66 10.94 -3.79
CA GLN A 135 -11.81 9.54 -4.08
C GLN A 135 -11.38 8.68 -2.88
N VAL A 136 -10.85 7.49 -3.16
CA VAL A 136 -10.41 6.57 -2.11
C VAL A 136 -8.91 6.30 -2.26
N ASN A 137 -8.09 7.02 -1.50
CA ASN A 137 -6.65 6.84 -1.57
C ASN A 137 -6.18 5.78 -0.57
N TYR A 138 -5.32 4.88 -1.03
CA TYR A 138 -4.79 3.80 -0.20
C TYR A 138 -4.49 4.28 1.22
N GLU A 139 -4.08 5.54 1.37
CA GLU A 139 -3.78 6.09 2.69
C GLU A 139 -4.95 5.80 3.63
N GLU A 140 -6.14 5.75 3.06
CA GLU A 140 -7.35 5.44 3.82
C GLU A 140 -7.54 3.94 3.82
N PHE A 141 -7.49 3.35 2.63
CA PHE A 141 -7.65 1.91 2.47
C PHE A 141 -6.79 1.16 3.48
N VAL A 142 -5.68 1.77 3.86
CA VAL A 142 -4.77 1.15 4.81
C VAL A 142 -5.14 1.52 6.25
N GLN A 143 -5.00 2.80 6.59
CA GLN A 143 -5.32 3.28 7.94
C GLN A 143 -6.65 2.70 8.42
N MET A 144 -7.54 2.41 7.49
CA MET A 144 -8.85 1.86 7.81
C MET A 144 -8.83 0.34 7.82
N MET A 145 -8.09 -0.26 6.89
CA MET A 145 -8.02 -1.72 6.80
C MET A 145 -6.84 -2.26 7.60
N THR A 146 -5.65 -1.89 7.17
CA THR A 146 -4.41 -2.33 7.84
C THR A 146 -4.55 -2.31 9.37
N ALA A 147 -4.99 -1.18 9.91
CA ALA A 147 -5.15 -1.03 11.35
C ALA A 147 -6.61 -0.95 11.75
N LYS A 148 -7.47 -1.69 11.03
CA LYS A 148 -8.90 -1.70 11.33
C LYS A 148 -9.48 -0.29 11.31
N LEU B 1 -25.80 6.20 1.53
CA LEU B 1 -26.14 7.07 2.70
C LEU B 1 -25.37 6.63 3.94
N ARG B 2 -25.05 5.34 4.02
CA ARG B 2 -24.32 4.81 5.17
C ARG B 2 -23.67 3.47 4.83
N ARG B 3 -24.41 2.62 4.13
CA ARG B 3 -23.90 1.30 3.75
C ARG B 3 -22.49 1.40 3.17
N GLY B 4 -21.58 0.58 3.68
CA GLY B 4 -20.22 0.58 3.21
C GLY B 4 -19.21 0.29 4.31
N GLN B 5 -19.12 1.20 5.27
CA GLN B 5 -18.20 1.05 6.39
C GLN B 5 -18.30 -0.33 7.00
N ILE B 6 -17.16 -0.89 7.41
CA ILE B 6 -17.10 -2.20 8.01
C ILE B 6 -18.01 -3.21 7.29
N LEU B 7 -18.19 -2.97 6.00
CA LEU B 7 -19.00 -3.85 5.16
C LEU B 7 -18.11 -4.52 4.13
N TRP B 8 -17.42 -3.69 3.36
CA TRP B 8 -16.48 -4.19 2.37
C TRP B 8 -15.10 -4.41 3.02
N PHE B 9 -15.01 -4.13 4.32
CA PHE B 9 -13.80 -4.36 5.08
C PHE B 9 -13.77 -5.82 5.39
N ARG B 10 -14.93 -6.26 5.83
CA ARG B 10 -15.17 -7.66 6.13
C ARG B 10 -15.10 -8.42 4.81
N GLY B 11 -15.51 -7.74 3.73
CA GLY B 11 -15.47 -8.33 2.41
C GLY B 11 -14.10 -8.93 2.14
N LEU B 12 -13.06 -8.09 2.17
CA LEU B 12 -11.70 -8.58 1.94
C LEU B 12 -11.42 -9.76 2.86
N ASN B 13 -11.84 -9.62 4.12
CA ASN B 13 -11.66 -10.68 5.09
C ASN B 13 -12.23 -11.99 4.54
N ARG B 14 -13.38 -11.89 3.89
CA ARG B 14 -14.03 -13.05 3.30
C ARG B 14 -13.08 -13.76 2.34
N ILE B 15 -12.36 -12.97 1.54
CA ILE B 15 -11.41 -13.51 0.58
C ILE B 15 -10.41 -14.41 1.30
N GLN B 16 -9.52 -13.79 2.07
CA GLN B 16 -8.48 -14.52 2.83
C GLN B 16 -8.98 -15.87 3.33
N THR B 17 -10.16 -15.88 3.96
CA THR B 17 -10.75 -17.12 4.47
C THR B 17 -10.80 -18.15 3.34
N GLN B 18 -11.44 -17.78 2.25
CA GLN B 18 -11.56 -18.63 1.08
C GLN B 18 -10.99 -17.90 -0.13
N ILE B 19 -9.69 -17.63 -0.08
CA ILE B 19 -8.98 -16.91 -1.13
C ILE B 19 -9.54 -17.20 -2.53
N LYS B 20 -10.23 -16.22 -3.09
CA LYS B 20 -10.83 -16.36 -4.42
C LYS B 20 -9.75 -16.52 -5.49
CA CA C . 11.15 -10.07 -37.60
CA CA D . 17.33 -10.10 -26.98
CA CA E . -8.22 1.77 -9.20
CA CA F . -9.84 9.89 -0.01
N ALA A 1 4.60 -1.16 25.71
CA ALA A 1 3.63 -2.04 26.44
C ALA A 1 4.30 -3.34 26.87
N ASP A 2 3.93 -3.82 28.06
CA ASP A 2 4.49 -5.05 28.58
C ASP A 2 3.46 -6.18 28.57
N GLN A 3 3.37 -6.87 27.43
CA GLN A 3 2.42 -7.97 27.28
C GLN A 3 2.67 -8.73 25.98
N LEU A 4 3.81 -9.40 25.90
CA LEU A 4 4.17 -10.16 24.71
C LEU A 4 4.30 -11.65 25.05
N THR A 5 4.06 -12.49 24.07
CA THR A 5 4.15 -13.94 24.26
C THR A 5 5.52 -14.31 24.82
N GLU A 6 5.55 -15.37 25.63
CA GLU A 6 6.79 -15.86 26.22
C GLU A 6 7.41 -16.95 25.35
N GLU A 7 6.59 -17.54 24.47
CA GLU A 7 7.02 -18.62 23.60
C GLU A 7 8.09 -18.13 22.63
N GLN A 8 7.70 -17.25 21.71
CA GLN A 8 8.65 -16.69 20.74
C GLN A 8 9.69 -15.88 21.50
N ILE A 9 9.33 -15.48 22.71
CA ILE A 9 10.18 -14.72 23.57
C ILE A 9 11.28 -15.64 24.10
N ALA A 10 10.86 -16.87 24.39
CA ALA A 10 11.78 -17.88 24.88
C ALA A 10 13.00 -17.97 23.97
N GLU A 11 12.76 -17.90 22.67
CA GLU A 11 13.84 -17.92 21.70
C GLU A 11 14.69 -16.69 21.90
N PHE A 12 14.03 -15.54 22.01
CA PHE A 12 14.74 -14.29 22.26
C PHE A 12 15.53 -14.43 23.55
N LYS A 13 14.95 -15.16 24.49
CA LYS A 13 15.57 -15.43 25.77
C LYS A 13 16.72 -16.42 25.60
N GLU A 14 16.54 -17.38 24.69
CA GLU A 14 17.56 -18.38 24.42
C GLU A 14 18.86 -17.69 24.04
N ALA A 15 18.76 -16.64 23.23
CA ALA A 15 19.93 -15.89 22.83
C ALA A 15 20.31 -14.90 23.92
N PHE A 16 19.31 -14.20 24.43
CA PHE A 16 19.54 -13.24 25.49
C PHE A 16 20.18 -13.90 26.72
N SER A 17 20.07 -15.22 26.81
CA SER A 17 20.63 -15.96 27.95
C SER A 17 22.03 -16.48 27.62
N LEU A 18 22.23 -16.81 26.35
CA LEU A 18 23.50 -17.33 25.87
C LEU A 18 24.40 -16.19 25.43
N PHE A 19 23.82 -15.31 24.66
CA PHE A 19 24.50 -14.13 24.14
C PHE A 19 25.22 -13.40 25.27
N ASP A 20 24.73 -13.57 26.49
CA ASP A 20 25.33 -12.93 27.66
C ASP A 20 26.76 -13.43 27.90
N LYS A 21 27.14 -14.51 27.22
CA LYS A 21 28.48 -15.08 27.37
C LYS A 21 28.93 -15.11 28.83
N ASP A 22 28.04 -15.55 29.70
CA ASP A 22 28.33 -15.63 31.12
C ASP A 22 27.56 -16.76 31.79
N GLY A 23 26.23 -16.67 31.75
CA GLY A 23 25.40 -17.68 32.36
C GLY A 23 24.47 -17.12 33.41
N ASP A 24 24.42 -15.79 33.51
CA ASP A 24 23.57 -15.11 34.46
C ASP A 24 22.29 -14.70 33.78
N GLY A 25 22.40 -14.40 32.49
CA GLY A 25 21.25 -13.99 31.71
C GLY A 25 21.21 -12.49 31.48
N THR A 26 22.15 -11.75 32.08
CA THR A 26 22.20 -10.31 31.93
C THR A 26 23.29 -9.91 30.94
N ILE A 27 22.96 -8.97 30.06
CA ILE A 27 23.91 -8.48 29.06
C ILE A 27 24.54 -7.18 29.53
N THR A 28 25.84 -7.22 29.79
CA THR A 28 26.55 -6.03 30.27
C THR A 28 27.83 -5.79 29.46
N THR A 29 28.48 -4.67 29.74
CA THR A 29 29.72 -4.30 29.05
C THR A 29 30.67 -5.48 28.94
N LYS A 30 30.65 -6.36 29.94
CA LYS A 30 31.53 -7.53 29.92
C LYS A 30 31.35 -8.32 28.63
N GLU A 31 30.15 -8.86 28.42
CA GLU A 31 29.86 -9.63 27.22
C GLU A 31 29.61 -8.71 26.04
N LEU A 32 28.94 -7.59 26.29
CA LEU A 32 28.66 -6.61 25.23
C LEU A 32 29.96 -6.11 24.63
N GLY A 33 30.97 -5.96 25.49
CA GLY A 33 32.27 -5.49 25.03
C GLY A 33 33.00 -6.54 24.24
N THR A 34 32.88 -7.80 24.68
CA THR A 34 33.53 -8.91 23.99
C THR A 34 33.16 -8.89 22.51
N VAL A 35 31.86 -8.82 22.23
CA VAL A 35 31.37 -8.77 20.87
C VAL A 35 31.78 -7.46 20.21
N MET A 36 31.65 -6.37 20.94
CA MET A 36 32.01 -5.05 20.45
C MET A 36 33.52 -4.94 20.24
N ARG A 37 34.28 -5.90 20.77
CA ARG A 37 35.73 -5.90 20.63
C ARG A 37 36.17 -6.92 19.60
N SER A 38 35.47 -8.04 19.56
CA SER A 38 35.77 -9.11 18.62
C SER A 38 34.97 -8.97 17.33
N LEU A 39 33.95 -8.12 17.34
CA LEU A 39 33.08 -7.92 16.17
C LEU A 39 32.79 -6.45 15.95
N GLY A 40 32.10 -5.86 16.91
CA GLY A 40 31.73 -4.47 16.83
C GLY A 40 32.94 -3.55 16.87
N GLN A 41 34.11 -4.12 17.15
CA GLN A 41 35.35 -3.37 17.23
C GLN A 41 35.44 -2.31 16.14
N ASN A 42 35.00 -1.11 16.46
CA ASN A 42 35.03 0.00 15.52
C ASN A 42 34.72 1.33 16.21
N PRO A 43 33.58 1.41 16.92
CA PRO A 43 33.18 2.62 17.63
C PRO A 43 34.10 2.95 18.81
N THR A 44 33.55 3.64 19.81
CA THR A 44 34.33 4.02 20.99
C THR A 44 34.32 2.91 22.03
N GLU A 45 35.40 2.84 22.82
CA GLU A 45 35.52 1.82 23.87
C GLU A 45 34.38 1.95 24.88
N ALA A 46 34.06 3.19 25.22
CA ALA A 46 33.01 3.47 26.18
C ALA A 46 31.63 3.25 25.58
N GLU A 47 31.56 3.25 24.25
CA GLU A 47 30.29 3.05 23.55
C GLU A 47 29.45 1.95 24.20
N LEU A 48 30.13 0.88 24.64
CA LEU A 48 29.42 -0.23 25.29
C LEU A 48 28.59 0.30 26.44
N GLN A 49 29.15 1.27 27.17
CA GLN A 49 28.45 1.89 28.27
C GLN A 49 27.25 2.65 27.71
N ASP A 50 27.43 3.19 26.52
CA ASP A 50 26.36 3.93 25.86
C ASP A 50 25.33 2.95 25.33
N MET A 51 25.81 1.77 24.88
CA MET A 51 24.93 0.73 24.37
C MET A 51 24.19 0.07 25.53
N ILE A 52 24.82 0.04 26.68
CA ILE A 52 24.24 -0.55 27.88
C ILE A 52 23.23 0.41 28.50
N ASN A 53 23.61 1.68 28.60
CA ASN A 53 22.73 2.69 29.18
C ASN A 53 21.75 3.24 28.14
N GLU A 54 21.84 2.77 26.90
CA GLU A 54 20.95 3.22 25.83
C GLU A 54 19.59 2.54 25.91
N VAL A 55 19.60 1.22 26.09
CA VAL A 55 18.37 0.45 26.18
C VAL A 55 17.87 0.37 27.62
N ASP A 56 18.57 1.04 28.53
CA ASP A 56 18.21 1.02 29.94
C ASP A 56 16.89 1.76 30.19
N ALA A 57 15.83 1.31 29.54
CA ALA A 57 14.52 1.92 29.74
C ALA A 57 14.15 1.84 31.20
N ASP A 58 14.61 0.77 31.84
CA ASP A 58 14.38 0.56 33.26
C ASP A 58 15.67 0.82 34.04
N GLY A 59 16.80 0.78 33.31
CA GLY A 59 18.10 1.01 33.91
C GLY A 59 18.24 0.47 35.32
N ASN A 60 17.55 -0.64 35.58
CA ASN A 60 17.58 -1.26 36.90
C ASN A 60 19.01 -1.63 37.28
N GLY A 61 19.82 -1.98 36.28
CA GLY A 61 21.20 -2.36 36.54
C GLY A 61 21.94 -2.74 35.27
N THR A 62 21.35 -3.62 34.48
CA THR A 62 21.98 -4.07 33.23
C THR A 62 20.92 -4.45 32.20
N ILE A 63 21.36 -5.01 31.09
CA ILE A 63 20.45 -5.43 30.03
C ILE A 63 19.57 -6.59 30.48
N ASP A 64 18.31 -6.30 30.76
CA ASP A 64 17.38 -7.33 31.18
C ASP A 64 16.40 -7.67 30.06
N PHE A 65 15.94 -8.92 30.04
CA PHE A 65 15.03 -9.39 29.00
C PHE A 65 13.92 -8.39 28.69
N PRO A 66 13.29 -7.79 29.71
CA PRO A 66 12.18 -6.84 29.51
C PRO A 66 12.58 -5.62 28.69
N GLU A 67 13.65 -4.96 29.09
CA GLU A 67 14.12 -3.76 28.40
C GLU A 67 14.73 -4.12 27.04
N PHE A 68 15.49 -5.21 26.99
CA PHE A 68 16.11 -5.64 25.75
C PHE A 68 15.06 -6.17 24.77
N LEU A 69 13.99 -6.72 25.33
CA LEU A 69 12.91 -7.28 24.52
C LEU A 69 12.16 -6.18 23.77
N THR A 70 11.34 -5.42 24.50
CA THR A 70 10.55 -4.34 23.91
C THR A 70 11.39 -3.49 22.95
N MET A 71 12.53 -3.00 23.44
CA MET A 71 13.41 -2.16 22.64
C MET A 71 13.65 -2.77 21.25
N MET A 72 14.31 -3.91 21.22
CA MET A 72 14.62 -4.58 19.96
C MET A 72 13.36 -4.81 19.12
N ALA A 73 12.22 -4.95 19.79
CA ALA A 73 10.95 -5.17 19.09
C ALA A 73 10.30 -3.87 18.67
N ARG A 74 10.63 -2.79 19.37
CA ARG A 74 10.09 -1.48 19.07
C ARG A 74 10.53 -0.99 17.69
N LYS A 75 9.58 -0.49 16.91
CA LYS A 75 9.87 0.01 15.57
C LYS A 75 10.40 -1.12 14.69
N MET A 76 9.65 -2.20 14.61
CA MET A 76 10.04 -3.36 13.80
C MET A 76 10.06 -3.01 12.32
N LYS A 77 11.26 -2.82 11.77
CA LYS A 77 11.41 -2.49 10.37
C LYS A 77 12.00 -3.66 9.59
N ASP A 78 11.83 -3.65 8.27
CA ASP A 78 12.35 -4.71 7.43
C ASP A 78 11.95 -4.51 5.97
N THR A 79 10.72 -4.06 5.76
CA THR A 79 10.21 -3.82 4.42
C THR A 79 9.27 -2.62 4.39
N ASP A 80 8.20 -2.70 5.19
CA ASP A 80 7.23 -1.62 5.26
C ASP A 80 6.62 -1.34 3.89
N SER A 81 5.46 -0.69 3.89
CA SER A 81 4.76 -0.37 2.66
C SER A 81 4.15 -1.62 2.03
N GLU A 82 2.88 -1.86 2.34
CA GLU A 82 2.17 -3.02 1.81
C GLU A 82 2.91 -4.32 2.12
N GLU A 83 2.23 -5.44 1.90
CA GLU A 83 2.81 -6.76 2.14
C GLU A 83 1.79 -7.85 1.82
N GLU A 84 0.73 -7.91 2.63
CA GLU A 84 -0.32 -8.90 2.41
C GLU A 84 -1.45 -8.29 1.59
N ILE A 85 -1.74 -7.02 1.86
CA ILE A 85 -2.79 -6.31 1.14
C ILE A 85 -2.47 -6.29 -0.35
N ARG A 86 -1.21 -6.50 -0.70
CA ARG A 86 -0.76 -6.51 -2.09
C ARG A 86 -1.77 -7.24 -2.99
N GLU A 87 -2.45 -8.21 -2.41
CA GLU A 87 -3.46 -8.98 -3.14
C GLU A 87 -4.79 -8.25 -3.17
N ALA A 88 -5.28 -7.89 -1.98
CA ALA A 88 -6.53 -7.15 -1.88
C ALA A 88 -6.38 -5.85 -2.67
N PHE A 89 -5.15 -5.37 -2.70
CA PHE A 89 -4.79 -4.15 -3.40
C PHE A 89 -4.95 -4.32 -4.91
N ARG A 90 -4.51 -5.46 -5.42
CA ARG A 90 -4.62 -5.75 -6.84
C ARG A 90 -6.05 -6.19 -7.13
N VAL A 91 -6.66 -6.78 -6.11
CA VAL A 91 -8.02 -7.23 -6.18
C VAL A 91 -8.97 -6.05 -6.30
N PHE A 92 -8.61 -4.96 -5.64
CA PHE A 92 -9.43 -3.76 -5.63
C PHE A 92 -8.94 -2.69 -6.60
N ASP A 93 -7.83 -2.95 -7.28
CA ASP A 93 -7.31 -1.98 -8.23
C ASP A 93 -8.04 -2.03 -9.57
N LYS A 94 -8.83 -3.10 -9.76
CA LYS A 94 -9.62 -3.33 -10.99
C LYS A 94 -9.04 -2.62 -12.21
N ASP A 95 -9.33 -1.33 -12.36
CA ASP A 95 -8.84 -0.56 -13.49
C ASP A 95 -7.31 -0.52 -13.49
N GLY A 96 -6.72 -0.10 -12.37
CA GLY A 96 -5.28 -0.04 -12.28
C GLY A 96 -4.76 1.36 -12.05
N ASN A 97 -4.95 1.88 -10.84
CA ASN A 97 -4.50 3.23 -10.51
C ASN A 97 -3.77 3.23 -9.16
N GLY A 98 -4.48 2.81 -8.13
CA GLY A 98 -3.93 2.78 -6.79
C GLY A 98 -4.96 3.16 -5.75
N TYR A 99 -5.96 3.92 -6.19
CA TYR A 99 -7.04 4.37 -5.32
C TYR A 99 -8.33 3.63 -5.67
N ILE A 100 -9.21 3.46 -4.68
CA ILE A 100 -10.47 2.78 -4.95
C ILE A 100 -11.64 3.75 -4.96
N SER A 101 -11.84 4.35 -6.12
CA SER A 101 -12.93 5.30 -6.32
C SER A 101 -14.28 4.63 -6.09
N ALA A 102 -14.64 3.70 -6.97
CA ALA A 102 -15.91 2.99 -6.86
C ALA A 102 -16.00 1.83 -7.85
N ALA A 103 -15.54 2.05 -9.08
CA ALA A 103 -15.60 1.00 -10.10
C ALA A 103 -15.11 -0.33 -9.56
N GLU A 104 -13.82 -0.39 -9.22
CA GLU A 104 -13.23 -1.60 -8.68
C GLU A 104 -14.09 -2.16 -7.55
N LEU A 105 -14.77 -1.26 -6.85
CA LEU A 105 -15.66 -1.66 -5.76
C LEU A 105 -16.97 -2.19 -6.32
N ARG A 106 -17.48 -1.50 -7.32
CA ARG A 106 -18.70 -1.88 -7.96
C ARG A 106 -18.60 -3.31 -8.49
N HIS A 107 -17.56 -3.57 -9.26
CA HIS A 107 -17.34 -4.90 -9.84
C HIS A 107 -16.97 -5.95 -8.80
N VAL A 108 -16.05 -5.63 -7.91
CA VAL A 108 -15.61 -6.57 -6.89
C VAL A 108 -16.62 -6.73 -5.75
N MET A 109 -17.19 -5.61 -5.28
CA MET A 109 -18.13 -5.67 -4.19
C MET A 109 -19.47 -6.27 -4.63
N THR A 110 -19.70 -6.33 -5.94
CA THR A 110 -20.93 -6.93 -6.46
C THR A 110 -20.70 -8.42 -6.67
N ASN A 111 -19.46 -8.77 -6.95
CA ASN A 111 -19.07 -10.16 -7.17
C ASN A 111 -18.63 -10.80 -5.86
N LEU A 112 -18.16 -9.97 -4.94
CA LEU A 112 -17.69 -10.44 -3.64
C LEU A 112 -18.79 -11.20 -2.90
N GLY A 113 -20.04 -10.92 -3.24
CA GLY A 113 -21.16 -11.59 -2.58
C GLY A 113 -22.42 -10.75 -2.58
N GLU A 114 -22.26 -9.43 -2.54
CA GLU A 114 -23.41 -8.53 -2.53
C GLU A 114 -23.75 -8.07 -3.94
N LYS A 115 -24.53 -7.00 -4.05
CA LYS A 115 -24.93 -6.47 -5.34
C LYS A 115 -24.98 -4.94 -5.30
N LEU A 116 -23.94 -4.33 -4.75
CA LEU A 116 -23.88 -2.88 -4.65
C LEU A 116 -23.63 -2.25 -6.02
N THR A 117 -24.71 -1.96 -6.74
CA THR A 117 -24.59 -1.36 -8.07
C THR A 117 -23.60 -0.22 -8.06
N ASP A 118 -23.14 0.17 -9.23
CA ASP A 118 -22.19 1.26 -9.35
C ASP A 118 -22.74 2.51 -8.68
N GLU A 119 -24.06 2.57 -8.54
CA GLU A 119 -24.70 3.72 -7.91
C GLU A 119 -24.49 3.71 -6.40
N GLU A 120 -25.00 2.68 -5.75
CA GLU A 120 -24.88 2.55 -4.30
C GLU A 120 -23.42 2.37 -3.86
N VAL A 121 -22.67 1.55 -4.58
CA VAL A 121 -21.28 1.32 -4.23
C VAL A 121 -20.43 2.57 -4.41
N ASP A 122 -20.82 3.42 -5.36
CA ASP A 122 -20.08 4.65 -5.61
C ASP A 122 -20.20 5.58 -4.40
N GLU A 123 -21.42 5.78 -3.93
CA GLU A 123 -21.66 6.63 -2.78
C GLU A 123 -21.07 6.00 -1.52
N MET A 124 -21.02 4.68 -1.51
CA MET A 124 -20.47 3.95 -0.38
C MET A 124 -19.04 4.39 -0.11
N ILE A 125 -18.25 4.49 -1.16
CA ILE A 125 -16.86 4.91 -1.04
C ILE A 125 -16.77 6.42 -0.84
N ARG A 126 -17.80 7.13 -1.27
CA ARG A 126 -17.86 8.58 -1.13
C ARG A 126 -18.01 8.93 0.34
N GLU A 127 -18.93 8.25 1.02
CA GLU A 127 -19.16 8.47 2.43
C GLU A 127 -18.01 7.89 3.24
N ALA A 128 -17.37 6.87 2.67
CA ALA A 128 -16.23 6.23 3.33
C ALA A 128 -14.98 7.06 3.13
N ASP A 129 -14.85 7.68 1.96
CA ASP A 129 -13.69 8.51 1.66
C ASP A 129 -13.48 9.55 2.75
N ILE A 130 -12.56 9.28 3.67
CA ILE A 130 -12.27 10.21 4.77
C ILE A 130 -12.13 11.63 4.25
N ASP A 131 -10.92 11.99 3.81
CA ASP A 131 -10.67 13.33 3.29
C ASP A 131 -11.74 13.70 2.25
N GLY A 132 -12.03 12.77 1.36
CA GLY A 132 -13.04 13.00 0.35
C GLY A 132 -12.56 13.93 -0.76
N ASP A 133 -11.49 13.53 -1.43
CA ASP A 133 -10.94 14.32 -2.52
C ASP A 133 -11.60 13.93 -3.85
N GLY A 134 -12.31 12.80 -3.85
CA GLY A 134 -12.96 12.33 -5.05
C GLY A 134 -12.65 10.88 -5.34
N GLN A 135 -11.78 10.29 -4.52
CA GLN A 135 -11.38 8.91 -4.65
C GLN A 135 -10.78 8.44 -3.34
N VAL A 136 -10.92 7.17 -3.04
CA VAL A 136 -10.39 6.63 -1.81
C VAL A 136 -8.94 6.17 -1.99
N ASN A 137 -8.02 6.87 -1.33
CA ASN A 137 -6.59 6.55 -1.43
C ASN A 137 -6.16 5.54 -0.38
N TYR A 138 -5.27 4.64 -0.78
CA TYR A 138 -4.74 3.60 0.10
C TYR A 138 -4.40 4.15 1.48
N GLU A 139 -3.80 5.34 1.54
CA GLU A 139 -3.44 5.96 2.81
C GLU A 139 -4.60 5.88 3.79
N GLU A 140 -5.81 5.94 3.25
CA GLU A 140 -7.02 5.85 4.05
C GLU A 140 -7.36 4.39 4.27
N PHE A 141 -7.07 3.59 3.25
CA PHE A 141 -7.31 2.15 3.29
C PHE A 141 -6.55 1.52 4.46
N VAL A 142 -5.29 1.91 4.62
CA VAL A 142 -4.45 1.37 5.69
C VAL A 142 -4.80 1.95 7.05
N GLN A 143 -4.81 3.27 7.18
CA GLN A 143 -5.13 3.90 8.45
C GLN A 143 -6.46 3.37 8.98
N MET A 144 -7.33 2.94 8.08
CA MET A 144 -8.63 2.41 8.48
C MET A 144 -8.51 0.94 8.90
N MET A 145 -7.77 0.16 8.12
CA MET A 145 -7.60 -1.26 8.42
C MET A 145 -6.38 -1.49 9.32
N THR A 146 -5.20 -1.20 8.80
CA THR A 146 -3.97 -1.37 9.56
C THR A 146 -4.05 -0.64 10.90
N ALA A 147 -4.12 0.69 10.83
CA ALA A 147 -4.19 1.51 12.03
C ALA A 147 -5.57 1.40 12.68
N LYS A 148 -5.59 1.23 14.00
CA LYS A 148 -6.83 1.12 14.75
C LYS A 148 -7.46 2.49 14.95
N LEU B 1 -29.03 6.80 3.42
CA LEU B 1 -28.20 5.64 3.02
C LEU B 1 -26.77 5.77 3.54
N ARG B 2 -26.45 5.01 4.59
CA ARG B 2 -25.13 5.05 5.19
C ARG B 2 -24.57 3.63 5.38
N ARG B 3 -23.46 3.35 4.72
CA ARG B 3 -22.83 2.03 4.81
C ARG B 3 -21.42 2.06 4.23
N GLY B 4 -20.67 0.98 4.45
CA GLY B 4 -19.31 0.91 3.95
C GLY B 4 -18.33 0.36 4.97
N GLN B 5 -18.07 1.15 6.01
CA GLN B 5 -17.15 0.74 7.06
C GLN B 5 -17.54 -0.63 7.61
N ILE B 6 -16.55 -1.51 7.73
CA ILE B 6 -16.80 -2.86 8.24
C ILE B 6 -17.70 -3.65 7.27
N LEU B 7 -17.91 -3.11 6.08
CA LEU B 7 -18.73 -3.77 5.07
C LEU B 7 -17.85 -4.38 3.98
N TRP B 8 -17.11 -3.53 3.28
CA TRP B 8 -16.22 -3.99 2.24
C TRP B 8 -14.86 -4.39 2.83
N PHE B 9 -14.72 -4.18 4.14
CA PHE B 9 -13.52 -4.58 4.85
C PHE B 9 -13.64 -6.07 5.05
N ARG B 10 -14.85 -6.44 5.41
CA ARG B 10 -15.22 -7.81 5.61
C ARG B 10 -15.14 -8.52 4.27
N GLY B 11 -15.46 -7.77 3.20
CA GLY B 11 -15.38 -8.31 1.86
C GLY B 11 -14.03 -8.95 1.61
N LEU B 12 -12.97 -8.21 1.86
CA LEU B 12 -11.62 -8.74 1.69
C LEU B 12 -11.46 -10.01 2.53
N ASN B 13 -11.96 -9.95 3.76
CA ASN B 13 -11.90 -11.10 4.66
C ASN B 13 -12.51 -12.33 3.99
N ARG B 14 -13.60 -12.10 3.25
CA ARG B 14 -14.30 -13.17 2.56
C ARG B 14 -13.35 -13.90 1.60
N ILE B 15 -12.97 -13.22 0.51
CA ILE B 15 -12.07 -13.82 -0.47
C ILE B 15 -10.87 -14.46 0.20
N GLN B 16 -9.97 -13.62 0.73
CA GLN B 16 -8.75 -14.08 1.41
C GLN B 16 -8.91 -15.47 2.04
N THR B 17 -10.03 -15.69 2.72
CA THR B 17 -10.30 -16.97 3.35
C THR B 17 -10.38 -18.07 2.29
N GLN B 18 -11.18 -17.83 1.26
CA GLN B 18 -11.33 -18.77 0.16
C GLN B 18 -11.12 -18.05 -1.16
N ILE B 19 -9.95 -17.42 -1.29
CA ILE B 19 -9.62 -16.66 -2.50
C ILE B 19 -9.99 -17.42 -3.76
N LYS B 20 -10.51 -16.70 -4.75
CA LYS B 20 -10.91 -17.30 -6.02
C LYS B 20 -9.81 -18.19 -6.58
CA CA C . 26.46 -11.70 31.76
CA CA D . 18.58 -1.99 32.70
CA CA E . -7.94 1.75 -8.86
CA CA F . -9.21 10.08 -0.45
N ALA A 1 7.00 17.49 13.24
CA ALA A 1 8.39 16.97 13.14
C ALA A 1 9.13 17.12 14.47
N ASP A 2 8.99 18.30 15.07
CA ASP A 2 9.63 18.58 16.35
C ASP A 2 8.60 18.99 17.40
N GLN A 3 7.72 18.06 17.75
CA GLN A 3 6.69 18.31 18.74
C GLN A 3 6.44 17.09 19.61
N LEU A 4 6.04 17.31 20.85
CA LEU A 4 5.78 16.20 21.78
C LEU A 4 4.54 16.49 22.63
N THR A 5 3.40 16.64 21.99
CA THR A 5 2.17 16.88 22.72
C THR A 5 1.97 15.75 23.71
N GLU A 6 1.42 16.06 24.88
CA GLU A 6 1.18 15.06 25.92
C GLU A 6 -0.22 14.46 25.79
N GLU A 7 -1.08 15.10 24.99
CA GLU A 7 -2.46 14.67 24.81
C GLU A 7 -2.57 13.41 23.94
N GLN A 8 -2.22 13.52 22.67
CA GLN A 8 -2.30 12.38 21.75
C GLN A 8 -1.23 11.36 22.07
N ILE A 9 -0.02 11.85 22.31
CA ILE A 9 1.09 10.98 22.66
C ILE A 9 0.67 10.07 23.82
N ALA A 10 -0.18 10.63 24.70
CA ALA A 10 -0.70 9.90 25.84
C ALA A 10 -1.30 8.59 25.37
N GLU A 11 -1.99 8.64 24.23
CA GLU A 11 -2.55 7.43 23.65
C GLU A 11 -1.42 6.47 23.44
N PHE A 12 -0.29 7.01 22.98
CA PHE A 12 0.90 6.21 22.80
C PHE A 12 1.29 5.64 24.15
N LYS A 13 1.10 6.47 25.18
CA LYS A 13 1.37 6.10 26.56
C LYS A 13 0.44 4.97 26.99
N GLU A 14 -0.83 5.09 26.59
CA GLU A 14 -1.83 4.08 26.92
C GLU A 14 -1.30 2.70 26.56
N ALA A 15 -0.53 2.64 25.47
CA ALA A 15 0.08 1.41 25.03
C ALA A 15 1.34 1.19 25.86
N PHE A 16 2.21 2.18 25.86
CA PHE A 16 3.45 2.13 26.63
C PHE A 16 3.18 1.64 28.06
N SER A 17 1.95 1.81 28.55
CA SER A 17 1.59 1.38 29.90
C SER A 17 1.05 -0.05 29.88
N LEU A 18 0.33 -0.37 28.83
CA LEU A 18 -0.25 -1.70 28.65
C LEU A 18 0.84 -2.64 28.14
N PHE A 19 1.63 -2.10 27.24
CA PHE A 19 2.75 -2.81 26.65
C PHE A 19 3.68 -3.30 27.76
N ASP A 20 3.66 -2.59 28.88
CA ASP A 20 4.49 -2.95 30.04
C ASP A 20 3.88 -4.15 30.76
N LYS A 21 2.55 -4.28 30.63
CA LYS A 21 1.83 -5.39 31.23
C LYS A 21 2.22 -5.61 32.68
N ASP A 22 2.04 -4.56 33.50
CA ASP A 22 2.36 -4.66 34.92
C ASP A 22 2.03 -3.35 35.65
N GLY A 23 2.21 -2.22 34.98
CA GLY A 23 1.92 -0.94 35.59
C GLY A 23 3.11 -0.40 36.36
N ASP A 24 4.27 -0.38 35.70
CA ASP A 24 5.50 0.09 36.31
C ASP A 24 5.93 1.42 35.71
N GLY A 25 5.56 1.62 34.45
CA GLY A 25 5.92 2.84 33.76
C GLY A 25 7.30 2.74 33.12
N THR A 26 7.78 1.51 32.96
CA THR A 26 9.09 1.27 32.36
C THR A 26 9.14 -0.14 31.75
N ILE A 27 9.46 -0.20 30.47
CA ILE A 27 9.54 -1.48 29.76
C ILE A 27 10.94 -2.08 29.83
N THR A 28 11.12 -3.05 30.72
CA THR A 28 12.41 -3.71 30.89
C THR A 28 12.39 -5.10 30.28
N THR A 29 13.45 -5.85 30.52
CA THR A 29 13.56 -7.21 29.99
C THR A 29 12.48 -8.12 30.58
N LYS A 30 11.94 -7.72 31.74
CA LYS A 30 10.91 -8.49 32.40
C LYS A 30 9.66 -8.61 31.51
N GLU A 31 9.03 -7.47 31.25
CA GLU A 31 7.83 -7.44 30.42
C GLU A 31 8.16 -7.83 28.99
N LEU A 32 9.19 -7.21 28.43
CA LEU A 32 9.62 -7.50 27.07
C LEU A 32 9.97 -8.97 26.95
N GLY A 33 10.69 -9.49 27.94
CA GLY A 33 11.07 -10.88 27.94
C GLY A 33 9.87 -11.79 28.07
N THR A 34 8.90 -11.36 28.88
CA THR A 34 7.68 -12.14 29.07
C THR A 34 7.04 -12.47 27.72
N VAL A 35 7.12 -11.51 26.80
CA VAL A 35 6.58 -11.68 25.46
C VAL A 35 7.48 -12.59 24.63
N MET A 36 8.77 -12.56 24.94
CA MET A 36 9.74 -13.38 24.23
C MET A 36 9.57 -14.86 24.61
N ARG A 37 8.83 -15.12 25.69
CA ARG A 37 8.61 -16.48 26.16
C ARG A 37 7.17 -16.89 25.94
N SER A 38 6.25 -15.97 26.20
CA SER A 38 4.83 -16.23 26.01
C SER A 38 4.52 -16.35 24.52
N LEU A 39 5.47 -15.93 23.69
CA LEU A 39 5.31 -15.99 22.25
C LEU A 39 6.51 -16.66 21.62
N GLY A 40 7.47 -17.08 22.45
CA GLY A 40 8.62 -17.73 21.93
C GLY A 40 9.33 -16.87 20.91
N GLN A 41 9.42 -15.59 21.21
CA GLN A 41 10.06 -14.64 20.32
C GLN A 41 11.56 -14.52 20.60
N ASN A 42 12.29 -15.60 20.36
CA ASN A 42 13.73 -15.63 20.59
C ASN A 42 14.08 -15.06 21.96
N PRO A 43 13.54 -15.67 23.03
CA PRO A 43 13.78 -15.22 24.40
C PRO A 43 15.17 -15.58 24.91
N THR A 44 16.02 -14.58 25.04
CA THR A 44 17.37 -14.76 25.54
C THR A 44 17.67 -13.80 26.67
N GLU A 45 18.84 -13.94 27.27
CA GLU A 45 19.24 -13.08 28.37
C GLU A 45 19.92 -11.83 27.82
N ALA A 46 20.59 -12.01 26.69
CA ALA A 46 21.33 -10.92 26.06
C ALA A 46 20.51 -10.13 25.05
N GLU A 47 19.65 -10.77 24.27
CA GLU A 47 18.87 -10.06 23.27
C GLU A 47 17.99 -8.99 23.92
N LEU A 48 17.10 -9.41 24.81
CA LEU A 48 16.23 -8.45 25.50
C LEU A 48 17.09 -7.33 26.09
N GLN A 49 18.28 -7.70 26.53
CA GLN A 49 19.22 -6.74 27.09
C GLN A 49 19.71 -5.83 25.97
N ASP A 50 19.88 -6.41 24.79
CA ASP A 50 20.32 -5.66 23.63
C ASP A 50 19.17 -4.83 23.09
N MET A 51 17.96 -5.34 23.28
CA MET A 51 16.75 -4.65 22.82
C MET A 51 16.41 -3.50 23.78
N ILE A 52 16.84 -3.63 25.02
CA ILE A 52 16.60 -2.62 26.04
C ILE A 52 17.72 -1.58 26.06
N ASN A 53 18.96 -2.05 26.09
CA ASN A 53 20.12 -1.16 26.10
C ASN A 53 20.25 -0.40 24.77
N GLU A 54 19.61 -0.92 23.73
CA GLU A 54 19.66 -0.28 22.41
C GLU A 54 18.92 1.05 22.41
N VAL A 55 17.70 1.05 22.94
CA VAL A 55 16.88 2.25 23.00
C VAL A 55 17.20 3.08 24.24
N ASP A 56 17.85 2.47 25.22
CA ASP A 56 18.21 3.17 26.44
C ASP A 56 19.28 4.22 26.17
N ALA A 57 18.94 5.21 25.34
CA ALA A 57 19.88 6.27 25.02
C ALA A 57 20.40 6.91 26.30
N ASP A 58 19.52 6.96 27.29
CA ASP A 58 19.87 7.51 28.60
C ASP A 58 19.99 6.38 29.61
N GLY A 59 19.44 5.21 29.26
CA GLY A 59 19.49 4.05 30.15
C GLY A 59 19.36 4.41 31.62
N ASN A 60 18.45 5.33 31.93
CA ASN A 60 18.23 5.76 33.30
C ASN A 60 17.48 4.70 34.09
N GLY A 61 16.52 4.05 33.45
CA GLY A 61 15.75 3.02 34.10
C GLY A 61 14.94 2.19 33.13
N THR A 62 15.58 1.77 32.05
CA THR A 62 14.94 0.96 31.02
C THR A 62 14.06 1.83 30.11
N ILE A 63 13.33 1.19 29.20
CA ILE A 63 12.45 1.90 28.29
C ILE A 63 11.57 2.90 29.04
N ASP A 64 11.65 4.17 28.65
CA ASP A 64 10.88 5.22 29.31
C ASP A 64 10.04 6.02 28.31
N PHE A 65 8.92 6.55 28.80
CA PHE A 65 7.99 7.33 27.98
C PHE A 65 8.70 8.24 26.98
N PRO A 66 9.76 8.95 27.39
CA PRO A 66 10.49 9.87 26.52
C PRO A 66 11.30 9.19 25.41
N GLU A 67 12.20 8.28 25.79
CA GLU A 67 13.03 7.61 24.80
C GLU A 67 12.21 6.69 23.89
N PHE A 68 11.29 5.93 24.46
CA PHE A 68 10.45 5.03 23.68
C PHE A 68 9.60 5.84 22.70
N LEU A 69 9.16 7.00 23.15
CA LEU A 69 8.34 7.89 22.34
C LEU A 69 9.09 8.36 21.10
N THR A 70 10.29 8.90 21.31
CA THR A 70 11.12 9.40 20.22
C THR A 70 11.78 8.26 19.45
N MET A 71 12.22 7.25 20.17
CA MET A 71 12.88 6.09 19.57
C MET A 71 12.09 5.55 18.39
N MET A 72 10.84 5.17 18.64
CA MET A 72 9.98 4.61 17.60
C MET A 72 9.45 5.70 16.67
N ALA A 73 9.15 6.87 17.23
CA ALA A 73 8.62 7.98 16.45
C ALA A 73 9.64 8.47 15.41
N ARG A 74 10.91 8.11 15.61
CA ARG A 74 11.96 8.52 14.69
C ARG A 74 11.92 7.69 13.41
N LYS A 75 11.52 6.43 13.52
CA LYS A 75 11.45 5.55 12.35
C LYS A 75 10.38 6.02 11.38
N MET A 76 9.14 6.06 11.85
CA MET A 76 8.01 6.48 11.01
C MET A 76 7.71 5.42 9.95
N LYS A 77 6.48 5.45 9.43
CA LYS A 77 6.07 4.50 8.40
C LYS A 77 5.52 5.23 7.18
N ASP A 78 6.04 4.87 6.01
CA ASP A 78 5.59 5.48 4.76
C ASP A 78 4.37 4.75 4.20
N THR A 79 4.10 4.96 2.91
CA THR A 79 2.96 4.32 2.27
C THR A 79 3.28 3.95 0.83
N ASP A 80 2.83 2.78 0.40
CA ASP A 80 3.07 2.31 -0.96
C ASP A 80 2.34 0.98 -1.20
N SER A 81 2.76 0.25 -2.22
CA SER A 81 2.14 -1.03 -2.55
C SER A 81 2.21 -1.98 -1.36
N GLU A 82 1.06 -2.21 -0.72
CA GLU A 82 1.00 -3.10 0.43
C GLU A 82 1.81 -4.37 0.22
N GLU A 83 2.23 -4.98 1.33
CA GLU A 83 3.02 -6.21 1.28
C GLU A 83 2.12 -7.45 1.20
N GLU A 84 1.25 -7.61 2.18
CA GLU A 84 0.34 -8.76 2.20
C GLU A 84 -0.98 -8.44 1.51
N ILE A 85 -1.60 -7.34 1.90
CA ILE A 85 -2.86 -6.93 1.28
C ILE A 85 -2.66 -6.68 -0.22
N ARG A 86 -1.39 -6.58 -0.65
CA ARG A 86 -1.05 -6.36 -2.05
C ARG A 86 -1.99 -7.13 -2.97
N GLU A 87 -2.46 -8.28 -2.49
CA GLU A 87 -3.38 -9.12 -3.26
C GLU A 87 -4.75 -8.47 -3.27
N ALA A 88 -5.27 -8.17 -2.09
CA ALA A 88 -6.55 -7.50 -1.96
C ALA A 88 -6.47 -6.15 -2.64
N PHE A 89 -5.26 -5.58 -2.56
CA PHE A 89 -4.95 -4.29 -3.15
C PHE A 89 -5.00 -4.34 -4.68
N ARG A 90 -4.47 -5.43 -5.24
CA ARG A 90 -4.48 -5.62 -6.67
C ARG A 90 -5.82 -6.20 -7.10
N VAL A 91 -6.45 -6.88 -6.16
CA VAL A 91 -7.74 -7.48 -6.36
C VAL A 91 -8.81 -6.40 -6.51
N PHE A 92 -8.62 -5.28 -5.80
CA PHE A 92 -9.57 -4.18 -5.85
C PHE A 92 -9.15 -3.07 -6.78
N ASP A 93 -7.91 -3.10 -7.26
CA ASP A 93 -7.45 -2.05 -8.16
C ASP A 93 -7.97 -2.27 -9.58
N LYS A 94 -8.36 -3.50 -9.85
CA LYS A 94 -8.90 -3.91 -11.15
C LYS A 94 -8.30 -3.14 -12.33
N ASP A 95 -7.04 -2.72 -12.20
CA ASP A 95 -6.35 -1.98 -13.26
C ASP A 95 -4.96 -1.54 -12.81
N GLY A 96 -4.89 -0.88 -11.66
CA GLY A 96 -3.61 -0.42 -11.14
C GLY A 96 -3.46 1.10 -11.13
N ASN A 97 -3.75 1.71 -9.98
CA ASN A 97 -3.63 3.16 -9.83
C ASN A 97 -3.27 3.51 -8.40
N GLY A 98 -4.19 3.16 -7.50
CA GLY A 98 -4.03 3.45 -6.09
C GLY A 98 -5.35 3.85 -5.46
N TYR A 99 -6.27 4.29 -6.31
CA TYR A 99 -7.60 4.70 -5.87
C TYR A 99 -8.68 3.83 -6.50
N ILE A 100 -9.78 3.65 -5.78
CA ILE A 100 -10.88 2.85 -6.32
C ILE A 100 -12.04 3.73 -6.72
N SER A 101 -11.98 4.23 -7.95
CA SER A 101 -13.02 5.08 -8.51
C SER A 101 -14.42 4.50 -8.25
N ALA A 102 -14.70 3.37 -8.89
CA ALA A 102 -15.99 2.72 -8.73
C ALA A 102 -16.03 1.41 -9.51
N ALA A 103 -15.40 1.38 -10.68
CA ALA A 103 -15.35 0.18 -11.51
C ALA A 103 -15.08 -1.05 -10.66
N GLU A 104 -13.92 -1.04 -10.01
CA GLU A 104 -13.55 -2.14 -9.12
C GLU A 104 -14.65 -2.36 -8.11
N LEU A 105 -14.96 -1.29 -7.39
CA LEU A 105 -16.02 -1.30 -6.39
C LEU A 105 -17.26 -2.04 -6.91
N ARG A 106 -17.64 -1.72 -8.13
CA ARG A 106 -18.81 -2.33 -8.76
C ARG A 106 -18.59 -3.81 -9.05
N HIS A 107 -17.66 -4.13 -9.95
CA HIS A 107 -17.39 -5.51 -10.31
C HIS A 107 -16.78 -6.30 -9.16
N VAL A 108 -15.66 -5.82 -8.66
CA VAL A 108 -14.94 -6.48 -7.57
C VAL A 108 -15.83 -6.74 -6.35
N MET A 109 -16.63 -5.76 -5.95
CA MET A 109 -17.48 -5.92 -4.78
C MET A 109 -18.83 -6.55 -5.12
N THR A 110 -19.19 -6.59 -6.40
CA THR A 110 -20.45 -7.20 -6.77
C THR A 110 -20.25 -8.69 -6.98
N ASN A 111 -19.02 -9.05 -7.33
CA ASN A 111 -18.65 -10.43 -7.54
C ASN A 111 -18.24 -11.08 -6.22
N LEU A 112 -17.72 -10.25 -5.32
CA LEU A 112 -17.29 -10.71 -4.00
C LEU A 112 -18.44 -11.40 -3.29
N GLY A 113 -19.66 -10.93 -3.54
CA GLY A 113 -20.84 -11.51 -2.92
C GLY A 113 -21.88 -10.46 -2.55
N GLU A 114 -22.05 -9.46 -3.41
CA GLU A 114 -23.02 -8.40 -3.16
C GLU A 114 -23.48 -7.78 -4.49
N LYS A 115 -24.43 -6.86 -4.39
CA LYS A 115 -24.96 -6.18 -5.57
C LYS A 115 -24.94 -4.67 -5.38
N LEU A 116 -23.77 -4.15 -5.02
CA LEU A 116 -23.59 -2.72 -4.81
C LEU A 116 -24.18 -1.90 -5.95
N THR A 117 -25.41 -1.46 -5.78
CA THR A 117 -26.07 -0.66 -6.80
C THR A 117 -25.31 0.64 -7.03
N ASP A 118 -25.68 1.35 -8.08
CA ASP A 118 -25.04 2.62 -8.39
C ASP A 118 -25.19 3.56 -7.20
N GLU A 119 -26.25 3.35 -6.42
CA GLU A 119 -26.52 4.19 -5.25
C GLU A 119 -25.61 3.77 -4.10
N GLU A 120 -25.47 2.46 -3.91
CA GLU A 120 -24.64 1.92 -2.85
C GLU A 120 -23.17 2.19 -3.14
N VAL A 121 -22.71 1.72 -4.28
CA VAL A 121 -21.31 1.88 -4.68
C VAL A 121 -20.88 3.35 -4.60
N ASP A 122 -21.77 4.26 -4.96
CA ASP A 122 -21.45 5.68 -4.91
C ASP A 122 -21.30 6.13 -3.47
N GLU A 123 -22.39 6.08 -2.72
CA GLU A 123 -22.39 6.47 -1.32
C GLU A 123 -21.34 5.68 -0.53
N MET A 124 -21.03 4.49 -1.02
CA MET A 124 -20.04 3.63 -0.36
C MET A 124 -18.68 4.34 -0.31
N ILE A 125 -18.12 4.57 -1.48
CA ILE A 125 -16.83 5.26 -1.58
C ILE A 125 -16.91 6.65 -0.95
N ARG A 126 -18.13 7.15 -0.80
CA ARG A 126 -18.38 8.45 -0.18
C ARG A 126 -18.06 8.37 1.30
N GLU A 127 -18.59 7.32 1.93
CA GLU A 127 -18.36 7.10 3.35
C GLU A 127 -16.90 6.73 3.55
N ALA A 128 -16.34 6.03 2.57
CA ALA A 128 -14.95 5.63 2.61
C ALA A 128 -14.03 6.84 2.49
N ASP A 129 -14.42 7.77 1.63
CA ASP A 129 -13.64 8.99 1.45
C ASP A 129 -13.68 9.83 2.72
N ILE A 130 -12.76 9.54 3.65
CA ILE A 130 -12.69 10.26 4.91
C ILE A 130 -12.10 11.65 4.75
N ASP A 131 -10.79 11.72 4.51
CA ASP A 131 -10.12 13.00 4.35
C ASP A 131 -10.83 13.84 3.29
N GLY A 132 -11.04 13.26 2.12
CA GLY A 132 -11.72 13.97 1.06
C GLY A 132 -10.77 14.59 0.05
N ASP A 133 -10.23 13.76 -0.83
CA ASP A 133 -9.32 14.24 -1.87
C ASP A 133 -10.03 14.27 -3.21
N GLY A 134 -11.09 13.47 -3.33
CA GLY A 134 -11.85 13.39 -4.55
C GLY A 134 -12.11 11.95 -4.94
N GLN A 135 -11.59 11.02 -4.15
CA GLN A 135 -11.74 9.62 -4.40
C GLN A 135 -11.25 8.85 -3.18
N VAL A 136 -11.33 7.55 -3.25
CA VAL A 136 -10.89 6.68 -2.17
C VAL A 136 -9.42 6.35 -2.32
N ASN A 137 -8.59 7.00 -1.51
CA ASN A 137 -7.15 6.77 -1.57
C ASN A 137 -6.70 5.71 -0.57
N TYR A 138 -5.93 4.74 -1.06
CA TYR A 138 -5.41 3.65 -0.22
C TYR A 138 -4.87 4.19 1.10
N GLU A 139 -4.30 5.39 1.07
CA GLU A 139 -3.76 6.02 2.27
C GLU A 139 -4.80 6.01 3.38
N GLU A 140 -6.07 6.16 2.99
CA GLU A 140 -7.17 6.15 3.94
C GLU A 140 -7.62 4.71 4.15
N PHE A 141 -7.63 3.94 3.06
CA PHE A 141 -8.03 2.54 3.12
C PHE A 141 -7.24 1.82 4.21
N VAL A 142 -5.93 2.03 4.22
CA VAL A 142 -5.06 1.41 5.22
C VAL A 142 -5.15 2.13 6.55
N GLN A 143 -5.02 3.45 6.54
CA GLN A 143 -5.10 4.24 7.77
C GLN A 143 -6.32 3.84 8.58
N MET A 144 -7.36 3.41 7.88
CA MET A 144 -8.59 2.99 8.53
C MET A 144 -8.49 1.55 9.04
N MET A 145 -7.84 0.70 8.26
CA MET A 145 -7.69 -0.70 8.63
C MET A 145 -6.40 -0.94 9.41
N THR A 146 -5.26 -0.73 8.75
CA THR A 146 -3.97 -0.94 9.38
C THR A 146 -3.73 0.02 10.54
N ALA A 147 -3.63 1.31 10.22
CA ALA A 147 -3.39 2.32 11.25
C ALA A 147 -4.47 2.29 12.32
N LYS A 148 -4.06 2.15 13.57
CA LYS A 148 -4.99 2.10 14.69
C LYS A 148 -5.91 0.90 14.58
N LEU B 1 -26.95 2.28 11.34
CA LEU B 1 -27.00 2.95 10.00
C LEU B 1 -25.64 2.84 9.29
N ARG B 2 -25.58 1.98 8.28
CA ARG B 2 -24.35 1.79 7.52
C ARG B 2 -24.66 1.30 6.11
N ARG B 3 -23.71 1.48 5.20
CA ARG B 3 -23.88 1.06 3.81
C ARG B 3 -22.53 0.86 3.13
N GLY B 4 -21.57 0.33 3.89
CA GLY B 4 -20.25 0.09 3.34
C GLY B 4 -19.19 -0.07 4.41
N GLN B 5 -19.14 0.89 5.33
CA GLN B 5 -18.16 0.85 6.41
C GLN B 5 -18.21 -0.49 7.12
N ILE B 6 -17.08 -1.18 7.17
CA ILE B 6 -17.00 -2.48 7.81
C ILE B 6 -17.85 -3.51 7.05
N LEU B 7 -18.14 -3.21 5.79
CA LEU B 7 -18.92 -4.10 4.95
C LEU B 7 -17.99 -4.74 3.92
N TRP B 8 -17.30 -3.89 3.17
CA TRP B 8 -16.34 -4.35 2.18
C TRP B 8 -14.97 -4.57 2.83
N PHE B 9 -14.91 -4.35 4.15
CA PHE B 9 -13.70 -4.57 4.91
C PHE B 9 -13.67 -6.05 5.25
N ARG B 10 -14.86 -6.54 5.55
CA ARG B 10 -15.09 -7.93 5.82
C ARG B 10 -15.12 -8.68 4.49
N GLY B 11 -15.56 -7.97 3.45
CA GLY B 11 -15.60 -8.54 2.12
C GLY B 11 -14.26 -9.11 1.72
N LEU B 12 -13.24 -8.27 1.77
CA LEU B 12 -11.89 -8.72 1.44
C LEU B 12 -11.45 -9.80 2.41
N ASN B 13 -11.75 -9.59 3.69
CA ASN B 13 -11.42 -10.55 4.73
C ASN B 13 -12.06 -11.89 4.40
N ARG B 14 -13.29 -11.84 3.87
CA ARG B 14 -14.01 -13.04 3.49
C ARG B 14 -13.18 -13.84 2.49
N ILE B 15 -12.54 -13.12 1.56
CA ILE B 15 -11.71 -13.74 0.56
C ILE B 15 -10.61 -14.57 1.20
N GLN B 16 -9.62 -13.88 1.78
CA GLN B 16 -8.48 -14.52 2.45
C GLN B 16 -8.88 -15.85 3.12
N THR B 17 -9.90 -15.81 3.97
CA THR B 17 -10.36 -17.01 4.66
C THR B 17 -10.57 -18.14 3.66
N GLN B 18 -11.26 -17.82 2.57
CA GLN B 18 -11.52 -18.80 1.51
C GLN B 18 -11.11 -18.20 0.17
N ILE B 19 -9.83 -17.83 0.05
CA ILE B 19 -9.29 -17.21 -1.15
C ILE B 19 -9.90 -17.79 -2.43
N LYS B 20 -10.26 -16.92 -3.36
CA LYS B 20 -10.86 -17.35 -4.62
C LYS B 20 -9.78 -17.55 -5.68
CA CA C . 8.07 -2.72 34.25
CA CA D . 15.77 4.72 29.49
CA CA E . -8.29 1.57 -9.53
CA CA F . -10.17 10.41 0.06
N ALA A 1 5.32 1.61 -29.99
CA ALA A 1 5.51 1.02 -28.64
C ALA A 1 6.99 0.81 -28.33
N ASP A 2 7.76 1.89 -28.38
CA ASP A 2 9.19 1.83 -28.11
C ASP A 2 9.49 2.16 -26.64
N GLN A 3 9.98 1.17 -25.91
CA GLN A 3 10.30 1.35 -24.50
C GLN A 3 11.34 2.45 -24.31
N LEU A 4 12.17 2.65 -25.33
CA LEU A 4 13.20 3.68 -25.28
C LEU A 4 13.64 4.09 -26.68
N THR A 5 13.39 5.34 -27.01
CA THR A 5 13.77 5.86 -28.32
C THR A 5 15.26 6.21 -28.30
N GLU A 6 15.92 6.06 -29.44
CA GLU A 6 17.34 6.37 -29.56
C GLU A 6 17.54 7.83 -29.97
N GLU A 7 16.46 8.46 -30.44
CA GLU A 7 16.50 9.85 -30.88
C GLU A 7 16.63 10.81 -29.71
N GLN A 8 15.61 10.87 -28.86
CA GLN A 8 15.62 11.77 -27.71
C GLN A 8 16.73 11.39 -26.73
N ILE A 9 16.75 10.12 -26.33
CA ILE A 9 17.77 9.64 -25.41
C ILE A 9 19.16 10.05 -25.90
N ALA A 10 19.40 9.83 -27.20
CA ALA A 10 20.67 10.19 -27.81
C ALA A 10 21.08 11.58 -27.39
N GLU A 11 20.10 12.49 -27.33
CA GLU A 11 20.36 13.86 -26.89
C GLU A 11 20.96 13.80 -25.49
N PHE A 12 20.33 13.00 -24.63
CA PHE A 12 20.85 12.81 -23.29
C PHE A 12 22.26 12.23 -23.41
N LYS A 13 22.45 11.43 -24.47
CA LYS A 13 23.73 10.82 -24.76
C LYS A 13 24.72 11.89 -25.19
N GLU A 14 24.23 12.86 -25.97
CA GLU A 14 25.08 13.95 -26.44
C GLU A 14 25.77 14.62 -25.26
N ALA A 15 25.09 14.63 -24.12
CA ALA A 15 25.66 15.19 -22.91
C ALA A 15 26.53 14.14 -22.27
N PHE A 16 26.08 12.90 -22.36
CA PHE A 16 26.83 11.77 -21.82
C PHE A 16 28.17 11.62 -22.54
N SER A 17 28.28 12.20 -23.73
CA SER A 17 29.52 12.13 -24.51
C SER A 17 30.43 13.32 -24.20
N LEU A 18 29.79 14.46 -23.94
CA LEU A 18 30.50 15.68 -23.64
C LEU A 18 30.79 15.75 -22.15
N PHE A 19 29.85 15.22 -21.38
CA PHE A 19 29.96 15.15 -19.94
C PHE A 19 31.27 14.47 -19.57
N ASP A 20 31.74 13.60 -20.46
CA ASP A 20 33.01 12.90 -20.29
C ASP A 20 34.17 13.83 -20.64
N LYS A 21 33.91 14.76 -21.53
CA LYS A 21 34.90 15.74 -21.96
C LYS A 21 36.26 15.10 -22.16
N ASP A 22 36.27 14.02 -22.93
CA ASP A 22 37.51 13.30 -23.21
C ASP A 22 37.48 12.65 -24.60
N GLY A 23 36.32 12.12 -24.97
CA GLY A 23 36.19 11.47 -26.26
C GLY A 23 36.34 9.97 -26.15
N ASP A 24 35.90 9.43 -25.02
CA ASP A 24 35.98 8.00 -24.76
C ASP A 24 34.60 7.37 -24.76
N GLY A 25 33.65 8.04 -24.10
CA GLY A 25 32.29 7.54 -24.04
C GLY A 25 31.90 7.11 -22.65
N THR A 26 32.88 6.66 -21.87
CA THR A 26 32.62 6.20 -20.51
C THR A 26 32.87 7.32 -19.50
N ILE A 27 32.02 7.37 -18.47
CA ILE A 27 32.15 8.38 -17.43
C ILE A 27 32.75 7.78 -16.16
N THR A 28 34.01 8.05 -15.89
CA THR A 28 34.67 7.52 -14.71
C THR A 28 35.27 8.62 -13.85
N THR A 29 35.80 8.23 -12.69
CA THR A 29 36.40 9.17 -11.75
C THR A 29 37.37 10.10 -12.49
N LYS A 30 37.93 9.62 -13.58
CA LYS A 30 38.84 10.41 -14.38
C LYS A 30 38.10 11.61 -14.94
N GLU A 31 36.93 11.36 -15.52
CA GLU A 31 36.11 12.42 -16.08
C GLU A 31 35.32 13.10 -14.98
N LEU A 32 34.58 12.33 -14.19
CA LEU A 32 33.81 12.88 -13.08
C LEU A 32 34.72 13.75 -12.23
N GLY A 33 35.96 13.31 -12.08
CA GLY A 33 36.94 14.06 -11.33
C GLY A 33 37.26 15.36 -12.02
N THR A 34 37.34 15.32 -13.35
CA THR A 34 37.62 16.51 -14.14
C THR A 34 36.65 17.62 -13.73
N VAL A 35 35.42 17.22 -13.44
CA VAL A 35 34.39 18.17 -13.00
C VAL A 35 34.78 18.72 -11.64
N MET A 36 35.29 17.86 -10.77
CA MET A 36 35.73 18.27 -9.44
C MET A 36 36.84 19.32 -9.55
N ARG A 37 37.43 19.44 -10.73
CA ARG A 37 38.51 20.41 -10.97
C ARG A 37 38.00 21.55 -11.85
N SER A 38 37.38 21.20 -12.97
CA SER A 38 36.85 22.20 -13.89
C SER A 38 35.76 23.02 -13.21
N LEU A 39 35.27 22.52 -12.08
CA LEU A 39 34.23 23.21 -11.32
C LEU A 39 34.72 23.49 -9.91
N GLY A 40 35.92 22.99 -9.60
CA GLY A 40 36.46 23.23 -8.30
C GLY A 40 35.57 22.67 -7.22
N GLN A 41 34.96 21.53 -7.53
CA GLN A 41 34.06 20.87 -6.60
C GLN A 41 34.85 20.15 -5.51
N ASN A 42 34.17 19.77 -4.43
CA ASN A 42 34.83 19.08 -3.33
C ASN A 42 34.18 17.75 -2.99
N PRO A 43 34.05 16.86 -3.99
CA PRO A 43 33.46 15.54 -3.78
C PRO A 43 34.42 14.59 -3.07
N THR A 44 34.03 14.13 -1.88
CA THR A 44 34.84 13.23 -1.08
C THR A 44 35.52 12.15 -1.95
N GLU A 45 36.70 11.72 -1.52
CA GLU A 45 37.45 10.69 -2.23
C GLU A 45 36.58 9.50 -2.55
N ALA A 46 35.67 9.18 -1.64
CA ALA A 46 34.77 8.05 -1.80
C ALA A 46 33.50 8.45 -2.56
N GLU A 47 33.18 9.73 -2.52
CA GLU A 47 31.99 10.24 -3.19
C GLU A 47 32.01 9.90 -4.68
N LEU A 48 33.04 10.38 -5.40
CA LEU A 48 33.13 10.07 -6.83
C LEU A 48 32.99 8.58 -7.04
N GLN A 49 33.66 7.80 -6.20
CA GLN A 49 33.56 6.35 -6.28
C GLN A 49 32.13 5.94 -5.97
N ASP A 50 31.49 6.71 -5.09
CA ASP A 50 30.11 6.45 -4.73
C ASP A 50 29.20 6.80 -5.89
N MET A 51 29.50 7.91 -6.56
CA MET A 51 28.74 8.36 -7.72
C MET A 51 28.94 7.42 -8.89
N ILE A 52 30.12 6.80 -8.94
CA ILE A 52 30.47 5.86 -10.00
C ILE A 52 29.87 4.48 -9.71
N ASN A 53 29.87 4.09 -8.44
CA ASN A 53 29.32 2.80 -8.05
C ASN A 53 27.85 2.90 -7.66
N GLU A 54 27.29 4.11 -7.65
CA GLU A 54 25.89 4.31 -7.29
C GLU A 54 24.97 3.95 -8.46
N VAL A 55 25.38 4.32 -9.67
CA VAL A 55 24.58 4.04 -10.85
C VAL A 55 25.07 2.76 -11.55
N ASP A 56 25.99 2.05 -10.91
CA ASP A 56 26.54 0.83 -11.49
C ASP A 56 25.50 -0.29 -11.50
N ALA A 57 24.37 -0.05 -12.19
CA ALA A 57 23.34 -1.06 -12.28
C ALA A 57 23.92 -2.31 -12.90
N ASP A 58 24.88 -2.11 -13.80
CA ASP A 58 25.57 -3.20 -14.45
C ASP A 58 26.94 -3.37 -13.82
N GLY A 59 27.43 -2.32 -13.15
CA GLY A 59 28.71 -2.35 -12.49
C GLY A 59 29.77 -3.12 -13.26
N ASN A 60 29.73 -2.99 -14.58
CA ASN A 60 30.68 -3.68 -15.45
C ASN A 60 32.07 -3.07 -15.33
N GLY A 61 32.13 -1.74 -15.30
CA GLY A 61 33.40 -1.06 -15.18
C GLY A 61 33.26 0.42 -14.94
N THR A 62 32.44 1.09 -15.75
CA THR A 62 32.23 2.53 -15.61
C THR A 62 30.84 2.91 -16.11
N ILE A 63 30.60 4.21 -16.21
CA ILE A 63 29.31 4.70 -16.67
C ILE A 63 29.15 4.52 -18.17
N ASP A 64 28.04 3.91 -18.56
CA ASP A 64 27.74 3.64 -19.96
C ASP A 64 26.32 4.08 -20.29
N PHE A 65 26.07 4.43 -21.55
CA PHE A 65 24.76 4.89 -21.99
C PHE A 65 23.59 4.15 -21.34
N PRO A 66 23.66 2.81 -21.21
CA PRO A 66 22.59 2.01 -20.62
C PRO A 66 22.39 2.27 -19.12
N GLU A 67 23.37 1.88 -18.30
CA GLU A 67 23.27 2.06 -16.86
C GLU A 67 22.87 3.50 -16.50
N PHE A 68 23.51 4.48 -17.15
CA PHE A 68 23.21 5.88 -16.91
C PHE A 68 21.80 6.20 -17.40
N LEU A 69 21.42 5.59 -18.52
CA LEU A 69 20.10 5.80 -19.11
C LEU A 69 19.02 5.31 -18.16
N THR A 70 19.22 4.13 -17.59
CA THR A 70 18.25 3.55 -16.66
C THR A 70 18.03 4.45 -15.45
N MET A 71 19.11 4.74 -14.72
CA MET A 71 19.03 5.59 -13.55
C MET A 71 18.23 6.86 -13.83
N MET A 72 18.55 7.53 -14.93
CA MET A 72 17.87 8.75 -15.32
C MET A 72 16.47 8.43 -15.85
N ALA A 73 16.33 7.28 -16.50
CA ALA A 73 15.05 6.87 -17.06
C ALA A 73 14.06 6.54 -15.95
N ARG A 74 14.42 5.58 -15.10
CA ARG A 74 13.57 5.17 -13.99
C ARG A 74 13.84 6.04 -12.76
N LYS A 75 12.87 6.89 -12.42
CA LYS A 75 13.00 7.77 -11.28
C LYS A 75 12.34 7.17 -10.04
N MET A 76 12.72 5.94 -9.71
CA MET A 76 12.18 5.26 -8.55
C MET A 76 13.12 5.37 -7.34
N LYS A 77 12.64 5.97 -6.27
CA LYS A 77 13.44 6.14 -5.06
C LYS A 77 12.58 6.11 -3.81
N ASP A 78 12.27 4.91 -3.34
CA ASP A 78 11.45 4.74 -2.15
C ASP A 78 11.59 3.34 -1.56
N THR A 79 10.77 3.03 -0.56
CA THR A 79 10.80 1.72 0.09
C THR A 79 9.40 1.17 0.28
N ASP A 80 8.58 1.27 -0.76
CA ASP A 80 7.20 0.78 -0.68
C ASP A 80 7.12 -0.67 -1.13
N SER A 81 6.68 -1.54 -0.24
CA SER A 81 6.55 -2.96 -0.55
C SER A 81 5.14 -3.48 -0.23
N GLU A 82 4.20 -2.55 -0.06
CA GLU A 82 2.82 -2.91 0.25
C GLU A 82 2.71 -3.69 1.55
N GLU A 83 3.10 -4.96 1.53
CA GLU A 83 3.02 -5.80 2.72
C GLU A 83 1.58 -5.87 3.21
N GLU A 84 0.96 -7.03 3.03
CA GLU A 84 -0.44 -7.20 3.43
C GLU A 84 -1.32 -6.34 2.54
N ILE A 85 -2.60 -6.68 2.44
CA ILE A 85 -3.52 -5.95 1.57
C ILE A 85 -2.88 -5.68 0.21
N ARG A 86 -1.94 -6.55 -0.15
CA ARG A 86 -1.22 -6.46 -1.41
C ARG A 86 -2.05 -7.09 -2.53
N GLU A 87 -2.97 -7.95 -2.14
CA GLU A 87 -3.87 -8.60 -3.07
C GLU A 87 -5.14 -7.80 -3.06
N ALA A 88 -5.59 -7.47 -1.86
CA ALA A 88 -6.76 -6.61 -1.68
C ALA A 88 -6.51 -5.30 -2.42
N PHE A 89 -5.23 -5.02 -2.64
CA PHE A 89 -4.79 -3.82 -3.32
C PHE A 89 -4.82 -4.01 -4.85
N ARG A 90 -4.29 -5.14 -5.31
CA ARG A 90 -4.28 -5.44 -6.73
C ARG A 90 -5.65 -5.91 -7.17
N VAL A 91 -6.41 -6.38 -6.20
CA VAL A 91 -7.74 -6.89 -6.44
C VAL A 91 -8.74 -5.74 -6.56
N PHE A 92 -8.51 -4.70 -5.78
CA PHE A 92 -9.39 -3.54 -5.79
C PHE A 92 -8.89 -2.47 -6.76
N ASP A 93 -7.73 -2.66 -7.35
CA ASP A 93 -7.22 -1.68 -8.30
C ASP A 93 -7.78 -1.88 -9.70
N LYS A 94 -8.43 -3.02 -9.90
CA LYS A 94 -9.03 -3.37 -11.19
C LYS A 94 -8.23 -2.83 -12.38
N ASP A 95 -8.54 -1.61 -12.82
CA ASP A 95 -7.83 -1.02 -13.96
C ASP A 95 -6.33 -0.98 -13.69
N GLY A 96 -5.94 -0.49 -12.51
CA GLY A 96 -4.54 -0.43 -12.17
C GLY A 96 -4.03 0.99 -11.95
N ASN A 97 -4.64 1.70 -11.01
CA ASN A 97 -4.24 3.06 -10.70
C ASN A 97 -3.69 3.16 -9.28
N GLY A 98 -4.49 2.68 -8.33
CA GLY A 98 -4.10 2.71 -6.94
C GLY A 98 -5.24 3.18 -6.04
N TYR A 99 -6.17 3.92 -6.64
CA TYR A 99 -7.33 4.44 -5.94
C TYR A 99 -8.56 3.62 -6.30
N ILE A 100 -9.53 3.56 -5.38
CA ILE A 100 -10.76 2.81 -5.65
C ILE A 100 -11.99 3.70 -5.59
N SER A 101 -12.30 4.32 -6.71
CA SER A 101 -13.47 5.18 -6.84
C SER A 101 -14.75 4.39 -6.66
N ALA A 102 -15.00 3.44 -7.56
CA ALA A 102 -16.21 2.63 -7.48
C ALA A 102 -16.19 1.43 -8.44
N ALA A 103 -15.63 1.61 -9.63
CA ALA A 103 -15.60 0.50 -10.60
C ALA A 103 -15.15 -0.80 -9.96
N GLU A 104 -13.89 -0.85 -9.56
CA GLU A 104 -13.33 -2.03 -8.91
C GLU A 104 -14.26 -2.52 -7.82
N LEU A 105 -14.77 -1.60 -7.02
CA LEU A 105 -15.68 -1.92 -5.94
C LEU A 105 -16.95 -2.54 -6.52
N ARG A 106 -17.57 -1.81 -7.41
CA ARG A 106 -18.79 -2.24 -8.07
C ARG A 106 -18.60 -3.64 -8.68
N HIS A 107 -17.51 -3.80 -9.41
CA HIS A 107 -17.21 -5.06 -10.08
C HIS A 107 -16.96 -6.21 -9.09
N VAL A 108 -16.02 -5.98 -8.16
CA VAL A 108 -15.66 -7.01 -7.19
C VAL A 108 -16.67 -7.14 -6.05
N MET A 109 -17.11 -6.01 -5.51
CA MET A 109 -18.06 -6.01 -4.40
C MET A 109 -19.43 -6.54 -4.82
N THR A 110 -19.72 -6.54 -6.11
CA THR A 110 -21.00 -7.05 -6.58
C THR A 110 -20.87 -8.55 -6.84
N ASN A 111 -19.69 -8.93 -7.31
CA ASN A 111 -19.39 -10.32 -7.59
C ASN A 111 -19.00 -11.04 -6.29
N LEU A 112 -18.50 -10.27 -5.33
CA LEU A 112 -18.09 -10.82 -4.04
C LEU A 112 -19.28 -11.43 -3.31
N GLY A 113 -20.46 -10.90 -3.57
CA GLY A 113 -21.67 -11.40 -2.93
C GLY A 113 -22.78 -10.37 -2.89
N GLU A 114 -22.42 -9.12 -2.63
CA GLU A 114 -23.41 -8.05 -2.57
C GLU A 114 -23.86 -7.63 -3.97
N LYS A 115 -24.78 -6.65 -4.02
CA LYS A 115 -25.29 -6.17 -5.29
C LYS A 115 -25.19 -4.64 -5.35
N LEU A 116 -24.07 -4.11 -4.89
CA LEU A 116 -23.84 -2.67 -4.88
C LEU A 116 -23.69 -2.13 -6.29
N THR A 117 -24.79 -1.67 -6.88
CA THR A 117 -24.76 -1.11 -8.22
C THR A 117 -23.78 0.05 -8.27
N ASP A 118 -23.60 0.61 -9.46
CA ASP A 118 -22.71 1.76 -9.60
C ASP A 118 -23.15 2.87 -8.66
N GLU A 119 -24.44 2.85 -8.30
CA GLU A 119 -25.00 3.85 -7.40
C GLU A 119 -24.62 3.55 -5.96
N GLU A 120 -24.97 2.35 -5.50
CA GLU A 120 -24.65 1.93 -4.13
C GLU A 120 -23.18 2.14 -3.83
N VAL A 121 -22.33 1.65 -4.72
CA VAL A 121 -20.88 1.79 -4.55
C VAL A 121 -20.47 3.26 -4.58
N ASP A 122 -21.22 4.08 -5.32
CA ASP A 122 -20.92 5.50 -5.43
C ASP A 122 -20.89 6.13 -4.04
N GLU A 123 -22.04 6.15 -3.37
CA GLU A 123 -22.13 6.71 -2.03
C GLU A 123 -21.31 5.91 -1.04
N MET A 124 -21.34 4.58 -1.18
CA MET A 124 -20.58 3.71 -0.30
C MET A 124 -19.13 4.16 -0.22
N ILE A 125 -18.49 4.25 -1.38
CA ILE A 125 -17.10 4.68 -1.46
C ILE A 125 -16.98 6.15 -1.02
N ARG A 126 -18.07 6.90 -1.15
CA ARG A 126 -18.09 8.29 -0.74
C ARG A 126 -18.05 8.36 0.77
N GLU A 127 -18.87 7.53 1.41
CA GLU A 127 -18.90 7.47 2.86
C GLU A 127 -17.57 6.94 3.36
N ALA A 128 -16.96 6.06 2.56
CA ALA A 128 -15.66 5.49 2.90
C ALA A 128 -14.57 6.54 2.73
N ASP A 129 -14.72 7.38 1.71
CA ASP A 129 -13.75 8.43 1.45
C ASP A 129 -13.62 9.35 2.66
N ILE A 130 -12.75 8.97 3.60
CA ILE A 130 -12.55 9.75 4.81
C ILE A 130 -11.95 11.12 4.54
N ASP A 131 -10.65 11.15 4.22
CA ASP A 131 -9.97 12.43 3.95
C ASP A 131 -10.82 13.32 3.04
N GLY A 132 -11.52 12.70 2.10
CA GLY A 132 -12.36 13.45 1.19
C GLY A 132 -11.58 14.22 0.15
N ASP A 133 -10.94 13.49 -0.76
CA ASP A 133 -10.16 14.12 -1.82
C ASP A 133 -10.98 14.08 -3.12
N GLY A 134 -11.90 13.12 -3.18
CA GLY A 134 -12.73 12.94 -4.35
C GLY A 134 -12.89 11.47 -4.67
N GLN A 135 -11.99 10.66 -4.10
CA GLN A 135 -11.99 9.24 -4.31
C GLN A 135 -11.56 8.51 -3.02
N VAL A 136 -10.79 7.44 -3.15
CA VAL A 136 -10.31 6.67 -1.99
C VAL A 136 -8.83 6.36 -2.14
N ASN A 137 -7.99 7.13 -1.47
CA ASN A 137 -6.54 6.93 -1.55
C ASN A 137 -6.06 5.94 -0.49
N TYR A 138 -5.19 5.03 -0.91
CA TYR A 138 -4.64 4.02 -0.01
C TYR A 138 -4.33 4.59 1.37
N GLU A 139 -3.98 5.88 1.42
CA GLU A 139 -3.67 6.53 2.69
C GLU A 139 -4.73 6.21 3.74
N GLU A 140 -5.99 6.18 3.31
CA GLU A 140 -7.10 5.84 4.21
C GLU A 140 -7.21 4.32 4.31
N PHE A 141 -7.07 3.66 3.17
CA PHE A 141 -7.14 2.21 3.09
C PHE A 141 -6.32 1.55 4.20
N VAL A 142 -5.03 1.85 4.22
CA VAL A 142 -4.14 1.30 5.24
C VAL A 142 -4.42 1.91 6.60
N GLN A 143 -4.59 3.23 6.63
CA GLN A 143 -4.87 3.94 7.88
C GLN A 143 -6.10 3.36 8.57
N MET A 144 -7.02 2.82 7.78
CA MET A 144 -8.25 2.25 8.31
C MET A 144 -7.98 0.87 8.93
N MET A 145 -7.44 -0.05 8.12
CA MET A 145 -7.15 -1.39 8.61
C MET A 145 -5.85 -1.43 9.40
N THR A 146 -4.75 -1.06 8.74
CA THR A 146 -3.44 -1.05 9.39
C THR A 146 -3.36 0.06 10.44
N ALA A 147 -3.74 1.27 10.04
CA ALA A 147 -3.71 2.41 10.95
C ALA A 147 -2.31 2.65 11.49
N LYS A 148 -2.08 3.84 12.02
CA LYS A 148 -0.78 4.20 12.58
C LYS A 148 0.31 4.05 11.52
N LEU B 1 -27.39 3.49 8.91
CA LEU B 1 -26.39 3.46 10.00
C LEU B 1 -25.02 3.03 9.47
N ARG B 2 -24.06 3.96 9.52
CA ARG B 2 -22.72 3.68 9.05
C ARG B 2 -22.71 3.32 7.56
N ARG B 3 -23.02 2.06 7.26
CA ARG B 3 -23.04 1.60 5.89
C ARG B 3 -21.66 1.72 5.24
N GLY B 4 -21.20 0.63 4.64
CA GLY B 4 -19.90 0.64 4.00
C GLY B 4 -18.78 0.30 4.98
N GLN B 5 -18.57 1.18 5.95
CA GLN B 5 -17.53 0.96 6.95
C GLN B 5 -17.65 -0.42 7.58
N ILE B 6 -16.55 -1.17 7.55
CA ILE B 6 -16.53 -2.52 8.10
C ILE B 6 -17.44 -3.47 7.31
N LEU B 7 -17.90 -3.00 6.14
CA LEU B 7 -18.75 -3.83 5.29
C LEU B 7 -17.91 -4.44 4.17
N TRP B 8 -17.23 -3.58 3.42
CA TRP B 8 -16.37 -4.03 2.34
C TRP B 8 -15.00 -4.44 2.89
N PHE B 9 -14.81 -4.21 4.19
CA PHE B 9 -13.60 -4.59 4.89
C PHE B 9 -13.69 -6.08 5.15
N ARG B 10 -14.91 -6.47 5.50
CA ARG B 10 -15.26 -7.83 5.74
C ARG B 10 -15.17 -8.58 4.41
N GLY B 11 -15.52 -7.86 3.34
CA GLY B 11 -15.45 -8.43 2.01
C GLY B 11 -14.10 -9.04 1.73
N LEU B 12 -13.05 -8.23 1.79
CA LEU B 12 -11.70 -8.73 1.56
C LEU B 12 -11.39 -9.86 2.54
N ASN B 13 -11.88 -9.71 3.76
CA ASN B 13 -11.67 -10.71 4.80
C ASN B 13 -12.19 -12.06 4.35
N ARG B 14 -13.32 -12.05 3.64
CA ARG B 14 -13.91 -13.28 3.15
C ARG B 14 -12.99 -13.97 2.14
N ILE B 15 -12.48 -13.19 1.19
CA ILE B 15 -11.58 -13.73 0.17
C ILE B 15 -10.20 -14.06 0.76
N GLN B 16 -10.00 -13.68 2.01
CA GLN B 16 -8.74 -13.95 2.70
C GLN B 16 -8.82 -15.31 3.36
N THR B 17 -10.03 -15.67 3.79
CA THR B 17 -10.27 -16.95 4.42
C THR B 17 -10.79 -17.95 3.39
N GLN B 18 -11.44 -17.43 2.34
CA GLN B 18 -11.97 -18.27 1.27
C GLN B 18 -11.92 -17.51 -0.05
N ILE B 19 -10.72 -17.06 -0.41
CA ILE B 19 -10.49 -16.30 -1.65
C ILE B 19 -11.39 -16.79 -2.79
N LYS B 20 -11.87 -15.85 -3.60
CA LYS B 20 -12.75 -16.19 -4.72
C LYS B 20 -14.01 -16.88 -4.24
CA CA C . 36.24 8.04 -20.38
CA CA D . 28.98 0.28 -14.90
CA CA E . -8.25 1.69 -9.49
CA CA F . -10.04 9.40 -0.32
N ALA A 1 18.71 -14.18 -12.22
CA ALA A 1 18.01 -13.15 -13.03
C ALA A 1 17.00 -12.40 -12.19
N ASP A 2 17.47 -11.42 -11.43
CA ASP A 2 16.61 -10.62 -10.57
C ASP A 2 15.66 -9.77 -11.40
N GLN A 3 14.41 -9.66 -10.94
CA GLN A 3 13.42 -8.87 -11.64
C GLN A 3 12.90 -7.74 -10.77
N LEU A 4 13.07 -6.50 -11.24
CA LEU A 4 12.62 -5.34 -10.49
C LEU A 4 11.77 -4.42 -11.36
N THR A 5 11.35 -4.96 -12.51
CA THR A 5 10.53 -4.22 -13.46
C THR A 5 11.20 -2.92 -13.88
N GLU A 6 11.14 -2.61 -15.17
CA GLU A 6 11.73 -1.38 -15.70
C GLU A 6 10.71 -0.25 -15.70
N GLU A 7 9.44 -0.60 -15.52
CA GLU A 7 8.34 0.37 -15.51
C GLU A 7 8.37 1.29 -14.29
N GLN A 8 8.17 0.73 -13.11
CA GLN A 8 8.17 1.52 -11.88
C GLN A 8 9.58 2.00 -11.54
N ILE A 9 10.52 1.07 -11.57
CA ILE A 9 11.90 1.39 -11.29
C ILE A 9 12.34 2.56 -12.17
N ALA A 10 11.78 2.61 -13.38
CA ALA A 10 12.09 3.70 -14.31
C ALA A 10 11.79 5.03 -13.64
N GLU A 11 10.72 5.06 -12.86
CA GLU A 11 10.37 6.27 -12.12
C GLU A 11 11.55 6.65 -11.26
N PHE A 12 12.09 5.66 -10.55
CA PHE A 12 13.28 5.89 -9.73
C PHE A 12 14.37 6.47 -10.63
N LYS A 13 14.35 6.06 -11.90
CA LYS A 13 15.29 6.55 -12.89
C LYS A 13 14.99 8.01 -13.18
N GLU A 14 13.69 8.36 -13.19
CA GLU A 14 13.28 9.73 -13.44
C GLU A 14 14.07 10.67 -12.55
N ALA A 15 14.33 10.22 -11.33
CA ALA A 15 15.12 10.99 -10.39
C ALA A 15 16.58 10.81 -10.74
N PHE A 16 16.93 9.59 -11.13
CA PHE A 16 18.29 9.27 -11.52
C PHE A 16 18.74 10.18 -12.67
N SER A 17 17.78 10.62 -13.47
CA SER A 17 18.07 11.49 -14.61
C SER A 17 17.93 12.97 -14.24
N LEU A 18 17.06 13.25 -13.29
CA LEU A 18 16.83 14.61 -12.83
C LEU A 18 17.85 14.97 -11.77
N PHE A 19 17.98 14.08 -10.82
CA PHE A 19 18.94 14.23 -9.74
C PHE A 19 20.32 14.52 -10.33
N ASP A 20 20.53 14.05 -11.57
CA ASP A 20 21.78 14.26 -12.27
C ASP A 20 21.93 15.72 -12.69
N LYS A 21 20.79 16.40 -12.86
CA LYS A 21 20.78 17.80 -13.24
C LYS A 21 21.72 18.04 -14.41
N ASP A 22 21.49 17.34 -15.51
CA ASP A 22 22.33 17.49 -16.69
C ASP A 22 21.82 16.64 -17.86
N GLY A 23 21.27 15.47 -17.57
CA GLY A 23 20.79 14.61 -18.62
C GLY A 23 21.92 13.81 -19.24
N ASP A 24 22.69 13.16 -18.38
CA ASP A 24 23.82 12.36 -18.81
C ASP A 24 23.54 10.88 -18.69
N GLY A 25 22.82 10.52 -17.63
CA GLY A 25 22.50 9.12 -17.40
C GLY A 25 23.45 8.47 -16.42
N THR A 26 24.14 9.28 -15.62
CA THR A 26 25.09 8.79 -14.64
C THR A 26 25.33 9.84 -13.56
N ILE A 27 25.22 9.41 -12.30
CA ILE A 27 25.41 10.32 -11.16
C ILE A 27 26.87 10.35 -10.73
N THR A 28 27.58 11.40 -11.15
CA THR A 28 28.98 11.56 -10.80
C THR A 28 29.18 12.71 -9.83
N THR A 29 30.41 12.86 -9.33
CA THR A 29 30.72 13.93 -8.39
C THR A 29 30.38 15.30 -8.99
N LYS A 30 30.31 15.35 -10.31
CA LYS A 30 29.99 16.60 -10.99
C LYS A 30 28.63 17.14 -10.54
N GLU A 31 27.59 16.34 -10.75
CA GLU A 31 26.25 16.74 -10.35
C GLU A 31 26.03 16.55 -8.86
N LEU A 32 26.52 15.44 -8.32
CA LEU A 32 26.39 15.16 -6.90
C LEU A 32 27.08 16.25 -6.09
N GLY A 33 28.23 16.71 -6.57
CA GLY A 33 28.95 17.75 -5.90
C GLY A 33 28.24 19.08 -5.97
N THR A 34 27.60 19.35 -7.11
CA THR A 34 26.87 20.60 -7.30
C THR A 34 25.88 20.81 -6.16
N VAL A 35 25.05 19.81 -5.91
CA VAL A 35 24.06 19.90 -4.84
C VAL A 35 24.75 19.87 -3.48
N MET A 36 25.82 19.11 -3.39
CA MET A 36 26.58 19.00 -2.15
C MET A 36 27.31 20.30 -1.81
N ARG A 37 27.34 21.23 -2.76
CA ARG A 37 28.01 22.51 -2.54
C ARG A 37 26.99 23.60 -2.19
N SER A 38 25.86 23.58 -2.88
CA SER A 38 24.80 24.56 -2.66
C SER A 38 23.79 24.08 -1.62
N LEU A 39 23.83 22.79 -1.29
CA LEU A 39 22.88 22.23 -0.34
C LEU A 39 23.57 21.35 0.69
N GLY A 40 24.09 20.23 0.21
CA GLY A 40 24.77 19.29 1.07
C GLY A 40 25.97 19.89 1.74
N GLN A 41 26.42 21.03 1.23
CA GLN A 41 27.59 21.73 1.76
C GLN A 41 27.66 21.64 3.28
N ASN A 42 28.35 20.63 3.79
CA ASN A 42 28.49 20.45 5.22
C ASN A 42 29.64 19.49 5.56
N PRO A 43 29.51 18.21 5.18
CA PRO A 43 30.53 17.19 5.46
C PRO A 43 31.82 17.43 4.66
N THR A 44 32.66 16.41 4.57
CA THR A 44 33.92 16.50 3.86
C THR A 44 33.70 16.73 2.37
N GLU A 45 34.58 17.50 1.77
CA GLU A 45 34.50 17.79 0.34
C GLU A 45 34.53 16.50 -0.47
N ALA A 46 35.39 15.59 -0.04
CA ALA A 46 35.57 14.31 -0.70
C ALA A 46 34.38 13.37 -0.49
N GLU A 47 33.61 13.62 0.56
CA GLU A 47 32.44 12.80 0.88
C GLU A 47 31.66 12.42 -0.37
N LEU A 48 31.62 13.32 -1.35
CA LEU A 48 30.92 13.04 -2.60
C LEU A 48 31.49 11.78 -3.22
N GLN A 49 32.82 11.71 -3.24
CA GLN A 49 33.49 10.54 -3.78
C GLN A 49 33.12 9.32 -2.94
N ASP A 50 32.93 9.56 -1.64
CA ASP A 50 32.54 8.49 -0.73
C ASP A 50 31.10 8.11 -1.01
N MET A 51 30.30 9.09 -1.42
CA MET A 51 28.90 8.85 -1.75
C MET A 51 28.79 8.17 -3.10
N ILE A 52 29.77 8.42 -3.95
CA ILE A 52 29.81 7.83 -5.28
C ILE A 52 30.48 6.45 -5.24
N ASN A 53 31.51 6.32 -4.41
CA ASN A 53 32.23 5.07 -4.28
C ASN A 53 31.54 4.12 -3.30
N GLU A 54 30.49 4.60 -2.62
CA GLU A 54 29.76 3.79 -1.67
C GLU A 54 28.89 2.75 -2.37
N VAL A 55 28.31 3.14 -3.51
CA VAL A 55 27.45 2.24 -4.27
C VAL A 55 28.16 1.72 -5.52
N ASP A 56 29.46 1.95 -5.62
CA ASP A 56 30.23 1.51 -6.78
C ASP A 56 30.33 -0.01 -6.84
N ALA A 57 29.19 -0.69 -6.95
CA ALA A 57 29.18 -2.14 -7.05
C ALA A 57 30.07 -2.58 -8.19
N ASP A 58 29.90 -1.91 -9.32
CA ASP A 58 30.71 -2.17 -10.49
C ASP A 58 31.88 -1.19 -10.55
N GLY A 59 31.75 -0.09 -9.79
CA GLY A 59 32.79 0.93 -9.74
C GLY A 59 33.41 1.21 -11.09
N ASN A 60 32.56 1.37 -12.10
CA ASN A 60 33.03 1.65 -13.45
C ASN A 60 33.65 3.04 -13.52
N GLY A 61 33.22 3.92 -12.61
CA GLY A 61 33.74 5.27 -12.58
C GLY A 61 32.71 6.27 -12.08
N THR A 62 31.44 5.92 -12.23
CA THR A 62 30.35 6.80 -11.80
C THR A 62 29.10 5.98 -11.47
N ILE A 63 28.05 6.66 -11.05
CA ILE A 63 26.80 6.00 -10.71
C ILE A 63 26.01 5.62 -11.95
N ASP A 64 25.45 4.41 -11.94
CA ASP A 64 24.69 3.91 -13.07
C ASP A 64 23.36 3.29 -12.61
N PHE A 65 22.37 3.34 -13.50
CA PHE A 65 21.03 2.82 -13.21
C PHE A 65 21.06 1.53 -12.37
N PRO A 66 21.76 0.48 -12.85
CA PRO A 66 21.84 -0.79 -12.12
C PRO A 66 22.53 -0.66 -10.77
N GLU A 67 23.44 0.30 -10.68
CA GLU A 67 24.19 0.55 -9.46
C GLU A 67 23.31 1.26 -8.42
N PHE A 68 22.86 2.46 -8.76
CA PHE A 68 22.01 3.24 -7.86
C PHE A 68 20.75 2.45 -7.50
N LEU A 69 20.17 1.79 -8.49
CA LEU A 69 18.96 1.01 -8.28
C LEU A 69 19.16 -0.02 -7.16
N THR A 70 20.11 -0.95 -7.37
CA THR A 70 20.39 -1.98 -6.39
C THR A 70 20.50 -1.39 -4.98
N MET A 71 21.01 -0.16 -4.91
CA MET A 71 21.16 0.52 -3.63
C MET A 71 19.81 0.70 -2.95
N MET A 72 18.93 1.46 -3.59
CA MET A 72 17.60 1.72 -3.05
C MET A 72 16.74 0.46 -3.08
N ALA A 73 17.13 -0.52 -3.90
CA ALA A 73 16.38 -1.76 -4.01
C ALA A 73 16.38 -2.52 -2.68
N ARG A 74 17.56 -2.95 -2.24
CA ARG A 74 17.68 -3.69 -0.99
C ARG A 74 18.05 -2.77 0.17
N LYS A 75 17.15 -1.87 0.53
CA LYS A 75 17.38 -0.93 1.62
C LYS A 75 16.07 -0.29 2.07
N MET A 76 15.30 0.19 1.11
CA MET A 76 14.02 0.84 1.40
C MET A 76 13.40 1.41 0.12
N LYS A 77 12.15 1.87 0.23
CA LYS A 77 11.44 2.43 -0.91
C LYS A 77 11.23 3.93 -0.73
N ASP A 78 10.33 4.29 0.18
CA ASP A 78 10.02 5.69 0.45
C ASP A 78 8.74 5.83 1.28
N THR A 79 7.71 5.12 0.85
CA THR A 79 6.42 5.15 1.54
C THR A 79 5.75 3.78 1.51
N ASP A 80 6.52 2.74 1.76
CA ASP A 80 6.00 1.38 1.74
C ASP A 80 4.86 1.22 2.75
N SER A 81 4.06 0.18 2.57
CA SER A 81 2.93 -0.08 3.46
C SER A 81 2.34 -1.45 3.18
N GLU A 82 2.23 -1.79 1.90
CA GLU A 82 1.67 -3.08 1.49
C GLU A 82 2.53 -4.23 2.00
N GLU A 83 2.00 -5.44 1.92
CA GLU A 83 2.72 -6.62 2.37
C GLU A 83 1.84 -7.86 2.27
N GLU A 84 0.74 -7.88 3.02
CA GLU A 84 -0.18 -9.01 3.01
C GLU A 84 -1.44 -8.68 2.21
N ILE A 85 -1.93 -7.47 2.37
CA ILE A 85 -3.13 -7.04 1.64
C ILE A 85 -2.80 -6.86 0.16
N ARG A 86 -1.50 -6.91 -0.18
CA ARG A 86 -1.05 -6.75 -1.56
C ARG A 86 -1.96 -7.50 -2.53
N GLU A 87 -2.55 -8.60 -2.05
CA GLU A 87 -3.45 -9.41 -2.87
C GLU A 87 -4.79 -8.71 -3.01
N ALA A 88 -5.40 -8.39 -1.87
CA ALA A 88 -6.68 -7.69 -1.87
C ALA A 88 -6.49 -6.31 -2.49
N PHE A 89 -5.27 -5.81 -2.37
CA PHE A 89 -4.88 -4.51 -2.90
C PHE A 89 -4.98 -4.48 -4.43
N ARG A 90 -4.58 -5.58 -5.06
CA ARG A 90 -4.64 -5.70 -6.50
C ARG A 90 -6.07 -6.10 -6.88
N VAL A 91 -6.71 -6.77 -5.95
CA VAL A 91 -8.07 -7.24 -6.11
C VAL A 91 -9.04 -6.05 -6.11
N PHE A 92 -8.70 -5.02 -5.33
CA PHE A 92 -9.54 -3.84 -5.23
C PHE A 92 -9.14 -2.77 -6.24
N ASP A 93 -7.94 -2.88 -6.78
CA ASP A 93 -7.44 -1.89 -7.75
C ASP A 93 -8.06 -2.05 -9.13
N LYS A 94 -8.74 -3.17 -9.32
CA LYS A 94 -9.40 -3.48 -10.59
C LYS A 94 -8.61 -3.00 -11.81
N ASP A 95 -8.81 -1.73 -12.22
CA ASP A 95 -8.10 -1.19 -13.37
C ASP A 95 -6.59 -1.18 -13.15
N GLY A 96 -6.15 -0.40 -12.16
CA GLY A 96 -4.72 -0.34 -11.87
C GLY A 96 -4.25 1.07 -11.54
N ASN A 97 -4.72 1.61 -10.42
CA ASN A 97 -4.34 2.94 -9.98
C ASN A 97 -3.88 2.92 -8.53
N GLY A 98 -4.75 2.42 -7.66
CA GLY A 98 -4.44 2.35 -6.25
C GLY A 98 -5.62 2.82 -5.42
N TYR A 99 -6.45 3.67 -6.03
CA TYR A 99 -7.62 4.21 -5.39
C TYR A 99 -8.87 3.51 -5.91
N ILE A 100 -9.91 3.42 -5.09
CA ILE A 100 -11.14 2.78 -5.53
C ILE A 100 -12.27 3.79 -5.66
N SER A 101 -12.34 4.43 -6.82
CA SER A 101 -13.39 5.42 -7.08
C SER A 101 -14.77 4.78 -7.03
N ALA A 102 -14.95 3.69 -7.76
CA ALA A 102 -16.24 2.99 -7.79
C ALA A 102 -16.19 1.76 -8.70
N ALA A 103 -15.59 1.91 -9.88
CA ALA A 103 -15.47 0.81 -10.84
C ALA A 103 -15.07 -0.47 -10.12
N GLU A 104 -13.96 -0.41 -9.41
CA GLU A 104 -13.46 -1.57 -8.66
C GLU A 104 -14.58 -2.13 -7.81
N LEU A 105 -15.06 -1.30 -6.90
CA LEU A 105 -16.15 -1.67 -6.02
C LEU A 105 -17.26 -2.37 -6.79
N ARG A 106 -17.73 -1.71 -7.84
CA ARG A 106 -18.77 -2.23 -8.69
C ARG A 106 -18.52 -3.68 -9.04
N HIS A 107 -17.48 -3.95 -9.82
CA HIS A 107 -17.16 -5.32 -10.22
C HIS A 107 -16.56 -6.11 -9.05
N VAL A 108 -15.41 -5.66 -8.58
CA VAL A 108 -14.71 -6.31 -7.48
C VAL A 108 -15.67 -6.69 -6.35
N MET A 109 -16.46 -5.73 -5.87
CA MET A 109 -17.39 -5.99 -4.78
C MET A 109 -18.64 -6.72 -5.26
N THR A 110 -18.88 -6.76 -6.57
CA THR A 110 -20.05 -7.46 -7.09
C THR A 110 -19.70 -8.93 -7.24
N ASN A 111 -18.45 -9.17 -7.57
CA ASN A 111 -17.94 -10.52 -7.76
C ASN A 111 -17.78 -11.23 -6.41
N LEU A 112 -17.52 -10.44 -5.38
CA LEU A 112 -17.34 -10.98 -4.03
C LEU A 112 -18.69 -11.19 -3.34
N GLY A 113 -19.67 -10.35 -3.67
CA GLY A 113 -20.98 -10.46 -3.07
C GLY A 113 -21.89 -9.34 -3.51
N GLU A 114 -22.42 -9.44 -4.72
CA GLU A 114 -23.30 -8.42 -5.28
C GLU A 114 -24.23 -7.79 -4.26
N LYS A 115 -23.96 -6.53 -3.98
CA LYS A 115 -24.75 -5.74 -3.05
C LYS A 115 -24.49 -4.26 -3.30
N LEU A 116 -24.15 -3.94 -4.55
CA LEU A 116 -23.84 -2.59 -4.93
C LEU A 116 -24.86 -2.03 -5.91
N THR A 117 -24.54 -0.84 -6.37
CA THR A 117 -25.36 -0.11 -7.34
C THR A 117 -24.65 1.19 -7.69
N ASP A 118 -24.82 1.66 -8.92
CA ASP A 118 -24.19 2.91 -9.32
C ASP A 118 -24.49 4.00 -8.29
N GLU A 119 -25.67 3.89 -7.69
CA GLU A 119 -26.12 4.86 -6.68
C GLU A 119 -25.48 4.59 -5.33
N GLU A 120 -25.54 3.33 -4.87
CA GLU A 120 -24.99 2.98 -3.56
C GLU A 120 -23.45 2.95 -3.61
N VAL A 121 -22.90 2.34 -4.65
CA VAL A 121 -21.46 2.24 -4.79
C VAL A 121 -20.81 3.61 -4.89
N ASP A 122 -21.48 4.54 -5.58
CA ASP A 122 -20.94 5.89 -5.73
C ASP A 122 -20.89 6.59 -4.37
N GLU A 123 -21.96 6.45 -3.60
CA GLU A 123 -22.04 7.07 -2.28
C GLU A 123 -21.23 6.27 -1.26
N MET A 124 -21.28 4.95 -1.35
CA MET A 124 -20.54 4.09 -0.42
C MET A 124 -19.10 4.53 -0.32
N ILE A 125 -18.46 4.76 -1.47
CA ILE A 125 -17.08 5.21 -1.51
C ILE A 125 -16.98 6.68 -1.09
N ARG A 126 -18.03 7.45 -1.38
CA ARG A 126 -18.07 8.85 -1.02
C ARG A 126 -18.07 8.98 0.50
N GLU A 127 -18.97 8.24 1.13
CA GLU A 127 -19.07 8.23 2.59
C GLU A 127 -17.85 7.55 3.19
N ALA A 128 -17.40 6.49 2.52
CA ALA A 128 -16.23 5.74 2.96
C ALA A 128 -14.97 6.58 2.81
N ASP A 129 -14.97 7.43 1.78
CA ASP A 129 -13.82 8.29 1.52
C ASP A 129 -13.63 9.29 2.65
N ILE A 130 -12.83 8.91 3.64
CA ILE A 130 -12.57 9.77 4.78
C ILE A 130 -12.01 11.12 4.34
N ASP A 131 -10.89 11.10 3.64
CA ASP A 131 -10.27 12.33 3.15
C ASP A 131 -11.30 13.15 2.38
N GLY A 132 -11.99 12.49 1.45
CA GLY A 132 -12.99 13.17 0.66
C GLY A 132 -12.37 13.98 -0.46
N ASP A 133 -11.35 13.42 -1.11
CA ASP A 133 -10.68 14.09 -2.20
C ASP A 133 -11.42 13.85 -3.52
N GLY A 134 -12.30 12.85 -3.52
CA GLY A 134 -13.05 12.50 -4.70
C GLY A 134 -12.80 11.07 -5.11
N GLN A 135 -12.00 10.36 -4.31
CA GLN A 135 -11.67 9.00 -4.56
C GLN A 135 -11.04 8.41 -3.30
N VAL A 136 -11.24 7.14 -3.08
CA VAL A 136 -10.71 6.50 -1.90
C VAL A 136 -9.29 5.97 -2.14
N ASN A 137 -8.34 6.52 -1.42
CA ASN A 137 -6.94 6.11 -1.56
C ASN A 137 -6.53 5.13 -0.47
N TYR A 138 -5.82 4.07 -0.86
CA TYR A 138 -5.35 3.06 0.07
C TYR A 138 -4.73 3.69 1.32
N GLU A 139 -4.03 4.82 1.14
CA GLU A 139 -3.40 5.51 2.26
C GLU A 139 -4.36 5.64 3.43
N GLU A 140 -5.62 5.95 3.13
CA GLU A 140 -6.64 6.07 4.16
C GLU A 140 -7.20 4.69 4.48
N PHE A 141 -7.25 3.84 3.45
CA PHE A 141 -7.74 2.49 3.60
C PHE A 141 -6.92 1.76 4.65
N VAL A 142 -5.61 1.72 4.44
CA VAL A 142 -4.71 1.07 5.37
C VAL A 142 -4.69 1.80 6.70
N GLN A 143 -4.52 3.12 6.65
CA GLN A 143 -4.50 3.93 7.86
C GLN A 143 -5.67 3.57 8.75
N MET A 144 -6.81 3.26 8.12
CA MET A 144 -8.00 2.87 8.84
C MET A 144 -8.07 1.36 9.03
N MET A 145 -7.42 0.63 8.13
CA MET A 145 -7.42 -0.84 8.19
C MET A 145 -6.27 -1.39 9.02
N THR A 146 -5.04 -1.21 8.53
CA THR A 146 -3.87 -1.72 9.23
C THR A 146 -3.77 -1.17 10.64
N ALA A 147 -4.27 0.05 10.83
CA ALA A 147 -4.24 0.69 12.14
C ALA A 147 -5.02 -0.13 13.17
N LYS A 148 -4.42 -0.32 14.34
CA LYS A 148 -5.07 -1.07 15.40
C LYS A 148 -6.48 -0.56 15.66
N LEU B 1 -26.02 -0.71 10.88
CA LEU B 1 -24.59 -1.02 10.64
C LEU B 1 -24.43 -1.97 9.46
N ARG B 2 -23.18 -2.17 9.04
CA ARG B 2 -22.88 -3.06 7.92
C ARG B 2 -23.51 -2.53 6.64
N ARG B 3 -23.34 -1.24 6.38
CA ARG B 3 -23.87 -0.61 5.19
C ARG B 3 -22.77 -0.35 4.17
N GLY B 4 -21.54 -0.21 4.67
CA GLY B 4 -20.40 0.04 3.81
C GLY B 4 -19.10 -0.14 4.55
N GLN B 5 -18.78 0.81 5.42
CA GLN B 5 -17.55 0.74 6.21
C GLN B 5 -17.55 -0.53 7.07
N ILE B 6 -16.41 -1.21 7.11
CA ILE B 6 -16.28 -2.45 7.88
C ILE B 6 -17.02 -3.61 7.20
N LEU B 7 -17.66 -3.35 6.06
CA LEU B 7 -18.37 -4.39 5.32
C LEU B 7 -17.51 -4.88 4.16
N TRP B 8 -16.95 -3.92 3.43
CA TRP B 8 -16.08 -4.23 2.31
C TRP B 8 -14.67 -4.54 2.79
N PHE B 9 -14.43 -4.28 4.08
CA PHE B 9 -13.16 -4.58 4.70
C PHE B 9 -13.16 -6.06 4.99
N ARG B 10 -14.33 -6.51 5.41
CA ARG B 10 -14.59 -7.89 5.71
C ARG B 10 -14.68 -8.66 4.40
N GLY B 11 -15.17 -7.97 3.36
CA GLY B 11 -15.28 -8.57 2.05
C GLY B 11 -13.96 -9.17 1.61
N LEU B 12 -12.97 -8.30 1.38
CA LEU B 12 -11.65 -8.77 0.98
C LEU B 12 -11.07 -9.69 2.04
N ASN B 13 -11.37 -9.39 3.30
CA ASN B 13 -10.90 -10.21 4.41
C ASN B 13 -11.43 -11.63 4.26
N ARG B 14 -12.71 -11.74 3.89
CA ARG B 14 -13.34 -13.03 3.69
C ARG B 14 -12.50 -13.86 2.72
N ILE B 15 -12.05 -13.21 1.64
CA ILE B 15 -11.23 -13.89 0.65
C ILE B 15 -10.04 -14.56 1.34
N GLN B 16 -9.10 -13.74 1.81
CA GLN B 16 -7.89 -14.20 2.51
C GLN B 16 -8.13 -15.52 3.26
N THR B 17 -9.16 -15.54 4.11
CA THR B 17 -9.48 -16.75 4.87
C THR B 17 -9.59 -17.93 3.92
N GLN B 18 -10.45 -17.79 2.92
CA GLN B 18 -10.65 -18.83 1.91
C GLN B 18 -10.26 -18.29 0.54
N ILE B 19 -9.01 -17.82 0.44
CA ILE B 19 -8.50 -17.24 -0.80
C ILE B 19 -8.93 -18.07 -2.02
N LYS B 20 -9.82 -17.50 -2.81
CA LYS B 20 -10.31 -18.19 -4.01
C LYS B 20 -9.43 -17.90 -5.22
CA CA C . 26.30 12.98 -15.30
CA CA D . 29.87 2.65 -10.41
CA CA E . -8.14 1.70 -9.06
CA CA F . -9.42 9.41 -0.12
N ALA A 1 13.65 33.71 -11.00
CA ALA A 1 14.03 32.49 -10.24
C ALA A 1 12.89 32.01 -9.36
N ASP A 2 12.13 31.03 -9.84
CA ASP A 2 11.01 30.49 -9.09
C ASP A 2 11.51 29.60 -7.94
N GLN A 3 11.96 30.25 -6.88
CA GLN A 3 12.47 29.53 -5.71
C GLN A 3 11.32 28.96 -4.89
N LEU A 4 11.45 27.70 -4.48
CA LEU A 4 10.42 27.04 -3.68
C LEU A 4 10.06 27.88 -2.48
N THR A 5 8.80 27.87 -2.09
CA THR A 5 8.34 28.63 -0.94
C THR A 5 8.86 28.02 0.34
N GLU A 6 9.28 28.87 1.26
CA GLU A 6 9.80 28.43 2.56
C GLU A 6 8.68 28.41 3.59
N GLU A 7 7.56 29.05 3.27
CA GLU A 7 6.42 29.12 4.18
C GLU A 7 5.74 27.77 4.36
N GLN A 8 5.13 27.26 3.29
CA GLN A 8 4.43 25.98 3.34
C GLN A 8 5.42 24.83 3.59
N ILE A 9 6.44 24.76 2.76
CA ILE A 9 7.44 23.72 2.90
C ILE A 9 7.93 23.65 4.35
N ALA A 10 8.25 24.81 4.92
CA ALA A 10 8.70 24.88 6.31
C ALA A 10 7.78 24.05 7.19
N GLU A 11 6.49 24.07 6.90
CA GLU A 11 5.54 23.28 7.65
C GLU A 11 5.97 21.83 7.57
N PHE A 12 6.32 21.39 6.37
CA PHE A 12 6.82 20.03 6.20
C PHE A 12 8.06 19.86 7.07
N LYS A 13 8.79 20.97 7.24
CA LYS A 13 9.99 21.01 8.06
C LYS A 13 9.64 20.82 9.53
N GLU A 14 8.53 21.43 9.97
CA GLU A 14 8.11 21.30 11.36
C GLU A 14 7.77 19.85 11.69
N ALA A 15 7.44 19.09 10.66
CA ALA A 15 7.15 17.69 10.81
C ALA A 15 8.44 16.93 10.67
N PHE A 16 9.32 17.47 9.81
CA PHE A 16 10.63 16.90 9.56
C PHE A 16 11.57 17.21 10.74
N SER A 17 11.17 18.15 11.60
CA SER A 17 11.96 18.50 12.75
C SER A 17 11.52 17.65 13.91
N LEU A 18 10.22 17.38 13.91
CA LEU A 18 9.63 16.55 14.91
C LEU A 18 9.78 15.10 14.50
N PHE A 19 9.90 14.89 13.19
CA PHE A 19 10.11 13.56 12.64
C PHE A 19 11.19 12.86 13.46
N ASP A 20 12.10 13.69 13.99
CA ASP A 20 13.18 13.24 14.85
C ASP A 20 12.86 13.64 16.28
N LYS A 21 12.61 12.67 17.14
CA LYS A 21 12.29 12.95 18.54
C LYS A 21 13.56 13.00 19.39
N ASP A 22 14.61 13.54 18.80
CA ASP A 22 15.90 13.65 19.49
C ASP A 22 16.36 15.10 19.60
N GLY A 23 15.72 16.00 18.85
CA GLY A 23 16.09 17.39 18.88
C GLY A 23 17.44 17.64 18.22
N ASP A 24 17.62 17.05 17.05
CA ASP A 24 18.87 17.18 16.30
C ASP A 24 18.66 18.00 15.04
N GLY A 25 17.49 17.82 14.42
CA GLY A 25 17.18 18.54 13.21
C GLY A 25 17.44 17.73 11.97
N THR A 26 18.22 16.65 12.10
CA THR A 26 18.54 15.79 10.98
C THR A 26 18.03 14.37 11.22
N ILE A 27 17.65 13.70 10.13
CA ILE A 27 17.15 12.33 10.21
C ILE A 27 18.24 11.35 9.82
N THR A 28 18.94 10.79 10.81
CA THR A 28 20.01 9.84 10.55
C THR A 28 19.58 8.41 10.88
N THR A 29 20.38 7.44 10.44
CA THR A 29 20.09 6.03 10.67
C THR A 29 19.73 5.80 12.13
N LYS A 30 20.25 6.64 13.01
CA LYS A 30 19.97 6.53 14.44
C LYS A 30 18.47 6.55 14.68
N GLU A 31 17.85 7.69 14.36
CA GLU A 31 16.41 7.85 14.53
C GLU A 31 15.67 7.09 13.43
N LEU A 32 16.15 7.24 12.19
CA LEU A 32 15.53 6.57 11.06
C LEU A 32 15.47 5.07 11.35
N GLY A 33 16.53 4.56 11.98
CA GLY A 33 16.58 3.16 12.32
C GLY A 33 15.51 2.81 13.35
N THR A 34 15.30 3.71 14.31
CA THR A 34 14.30 3.50 15.35
C THR A 34 12.96 3.14 14.71
N VAL A 35 12.66 3.81 13.59
CA VAL A 35 11.42 3.54 12.86
C VAL A 35 11.51 2.19 12.16
N MET A 36 12.72 1.81 11.78
CA MET A 36 12.95 0.53 11.12
C MET A 36 12.76 -0.63 12.09
N ARG A 37 12.69 -0.32 13.38
CA ARG A 37 12.51 -1.33 14.42
C ARG A 37 11.15 -1.20 15.07
N SER A 38 10.74 0.03 15.31
CA SER A 38 9.43 0.30 15.90
C SER A 38 8.32 -0.10 14.94
N LEU A 39 8.70 -0.31 13.67
CA LEU A 39 7.78 -0.69 12.64
C LEU A 39 8.24 -1.98 11.97
N GLY A 40 9.43 -2.45 12.36
CA GLY A 40 9.92 -3.65 11.78
C GLY A 40 10.14 -3.50 10.30
N GLN A 41 10.64 -2.34 9.91
CA GLN A 41 10.88 -2.03 8.52
C GLN A 41 12.29 -2.44 8.09
N ASN A 42 12.56 -3.74 8.18
CA ASN A 42 13.86 -4.28 7.80
C ASN A 42 14.98 -3.63 8.62
N PRO A 43 14.88 -3.69 9.96
CA PRO A 43 15.88 -3.11 10.85
C PRO A 43 17.24 -3.79 10.74
N THR A 44 18.02 -3.31 9.80
CA THR A 44 19.36 -3.85 9.55
C THR A 44 20.40 -2.76 9.66
N GLU A 45 21.66 -3.15 9.54
CA GLU A 45 22.77 -2.21 9.61
C GLU A 45 22.95 -1.50 8.27
N ALA A 46 22.63 -2.22 7.20
CA ALA A 46 22.76 -1.69 5.86
C ALA A 46 21.49 -1.02 5.33
N GLU A 47 20.33 -1.57 5.63
CA GLU A 47 19.07 -1.01 5.13
C GLU A 47 18.94 0.45 5.51
N LEU A 48 19.04 0.76 6.79
CA LEU A 48 18.92 2.16 7.25
C LEU A 48 19.88 3.02 6.44
N GLN A 49 21.04 2.46 6.14
CA GLN A 49 22.04 3.16 5.34
C GLN A 49 21.53 3.28 3.91
N ASP A 50 20.79 2.26 3.48
CA ASP A 50 20.22 2.24 2.15
C ASP A 50 19.03 3.19 2.09
N MET A 51 18.35 3.34 3.24
CA MET A 51 17.19 4.22 3.32
C MET A 51 17.66 5.67 3.46
N ILE A 52 18.87 5.85 3.97
CA ILE A 52 19.43 7.19 4.15
C ILE A 52 20.16 7.63 2.88
N ASN A 53 20.90 6.69 2.27
CA ASN A 53 21.64 6.99 1.04
C ASN A 53 20.72 7.06 -0.17
N GLU A 54 19.53 6.46 -0.06
CA GLU A 54 18.57 6.45 -1.16
C GLU A 54 18.00 7.84 -1.41
N VAL A 55 17.77 8.60 -0.35
CA VAL A 55 17.23 9.95 -0.50
C VAL A 55 18.33 11.00 -0.48
N ASP A 56 19.58 10.56 -0.45
CA ASP A 56 20.71 11.48 -0.43
C ASP A 56 20.83 12.24 -1.74
N ALA A 57 19.80 13.01 -2.08
CA ALA A 57 19.83 13.80 -3.30
C ALA A 57 21.02 14.73 -3.25
N ASP A 58 21.35 15.17 -2.05
CA ASP A 58 22.50 16.03 -1.82
C ASP A 58 23.65 15.22 -1.26
N GLY A 59 23.32 14.05 -0.68
CA GLY A 59 24.32 13.16 -0.11
C GLY A 59 25.45 13.90 0.59
N ASN A 60 25.16 14.43 1.76
CA ASN A 60 26.16 15.17 2.54
C ASN A 60 26.53 14.41 3.81
N GLY A 61 25.67 13.49 4.23
CA GLY A 61 25.93 12.72 5.43
C GLY A 61 24.67 12.13 6.02
N THR A 62 23.66 12.96 6.20
CA THR A 62 22.39 12.51 6.76
C THR A 62 21.21 13.12 6.00
N ILE A 63 20.03 13.02 6.59
CA ILE A 63 18.82 13.56 5.97
C ILE A 63 18.59 15.01 6.38
N ASP A 64 18.39 15.87 5.38
CA ASP A 64 18.16 17.29 5.61
C ASP A 64 16.90 17.77 4.88
N PHE A 65 16.29 18.82 5.44
CA PHE A 65 15.06 19.40 4.88
C PHE A 65 15.05 19.40 3.35
N PRO A 66 16.06 19.97 2.68
CA PRO A 66 16.12 20.04 1.22
C PRO A 66 16.01 18.68 0.53
N GLU A 67 16.91 17.74 0.89
CA GLU A 67 16.90 16.42 0.26
C GLU A 67 15.59 15.68 0.54
N PHE A 68 15.19 15.64 1.82
CA PHE A 68 13.95 14.97 2.19
C PHE A 68 12.76 15.68 1.58
N LEU A 69 12.91 16.99 1.37
CA LEU A 69 11.86 17.80 0.79
C LEU A 69 11.50 17.28 -0.61
N THR A 70 12.51 16.95 -1.39
CA THR A 70 12.30 16.43 -2.74
C THR A 70 11.68 15.04 -2.71
N MET A 71 12.26 14.16 -1.90
CA MET A 71 11.77 12.79 -1.79
C MET A 71 10.27 12.77 -1.53
N MET A 72 9.81 13.63 -0.62
CA MET A 72 8.40 13.70 -0.28
C MET A 72 7.65 14.61 -1.25
N ALA A 73 8.29 15.71 -1.64
CA ALA A 73 7.67 16.66 -2.57
C ALA A 73 7.11 15.94 -3.79
N ARG A 74 7.99 15.27 -4.53
CA ARG A 74 7.59 14.55 -5.73
C ARG A 74 7.51 13.04 -5.46
N LYS A 75 6.98 12.30 -6.41
CA LYS A 75 6.84 10.85 -6.28
C LYS A 75 8.21 10.18 -6.16
N MET A 76 8.28 9.12 -5.36
CA MET A 76 9.53 8.40 -5.16
C MET A 76 9.55 7.13 -6.01
N LYS A 77 8.48 6.34 -5.93
CA LYS A 77 8.38 5.09 -6.69
C LYS A 77 9.68 4.30 -6.61
N ASP A 78 9.87 3.58 -5.51
CA ASP A 78 11.06 2.77 -5.31
C ASP A 78 10.77 1.58 -4.39
N THR A 79 10.46 1.87 -3.14
CA THR A 79 10.17 0.83 -2.16
C THR A 79 8.89 1.15 -1.39
N ASP A 80 8.71 0.50 -0.24
CA ASP A 80 7.54 0.71 0.59
C ASP A 80 6.27 0.28 -0.15
N SER A 81 6.18 -1.02 -0.46
CA SER A 81 5.03 -1.56 -1.17
C SER A 81 3.98 -2.10 -0.19
N GLU A 82 3.00 -2.82 -0.73
CA GLU A 82 1.94 -3.39 0.08
C GLU A 82 2.44 -4.57 0.90
N GLU A 83 1.68 -4.93 1.93
CA GLU A 83 2.02 -6.05 2.79
C GLU A 83 0.87 -7.04 2.87
N GLU A 84 1.03 -8.17 2.17
CA GLU A 84 -0.02 -9.20 2.13
C GLU A 84 -1.24 -8.69 1.37
N ILE A 85 -1.85 -7.62 1.85
CA ILE A 85 -3.00 -7.05 1.17
C ILE A 85 -2.64 -6.76 -0.29
N ARG A 86 -1.33 -6.62 -0.56
CA ARG A 86 -0.81 -6.38 -1.90
C ARG A 86 -1.65 -7.08 -2.97
N GLU A 87 -2.18 -8.25 -2.63
CA GLU A 87 -3.01 -9.01 -3.54
C GLU A 87 -4.39 -8.38 -3.61
N ALA A 88 -5.00 -8.20 -2.45
CA ALA A 88 -6.31 -7.55 -2.38
C ALA A 88 -6.20 -6.16 -2.97
N PHE A 89 -5.01 -5.59 -2.80
CA PHE A 89 -4.67 -4.26 -3.28
C PHE A 89 -4.77 -4.20 -4.80
N ARG A 90 -4.33 -5.27 -5.46
CA ARG A 90 -4.40 -5.36 -6.91
C ARG A 90 -5.80 -5.79 -7.30
N VAL A 91 -6.41 -6.53 -6.38
CA VAL A 91 -7.76 -7.01 -6.54
C VAL A 91 -8.73 -5.84 -6.50
N PHE A 92 -8.44 -4.88 -5.63
CA PHE A 92 -9.28 -3.70 -5.47
C PHE A 92 -8.91 -2.62 -6.49
N ASP A 93 -7.74 -2.74 -7.11
CA ASP A 93 -7.32 -1.76 -8.09
C ASP A 93 -7.93 -2.00 -9.46
N LYS A 94 -8.54 -3.15 -9.64
CA LYS A 94 -9.19 -3.54 -10.89
C LYS A 94 -8.51 -2.94 -12.13
N ASP A 95 -8.93 -1.73 -12.52
CA ASP A 95 -8.34 -1.08 -13.69
C ASP A 95 -6.83 -0.97 -13.55
N GLY A 96 -6.37 -0.39 -12.45
CA GLY A 96 -4.94 -0.25 -12.23
C GLY A 96 -4.51 1.20 -12.04
N ASN A 97 -4.97 1.83 -10.97
CA ASN A 97 -4.62 3.21 -10.67
C ASN A 97 -3.97 3.32 -9.30
N GLY A 98 -4.70 2.89 -8.29
CA GLY A 98 -4.20 2.94 -6.93
C GLY A 98 -5.30 3.33 -5.94
N TYR A 99 -6.36 3.94 -6.47
CA TYR A 99 -7.49 4.35 -5.64
C TYR A 99 -8.75 3.61 -6.06
N ILE A 100 -9.67 3.41 -5.11
CA ILE A 100 -10.90 2.71 -5.41
C ILE A 100 -12.10 3.66 -5.46
N SER A 101 -12.29 4.29 -6.60
CA SER A 101 -13.41 5.21 -6.79
C SER A 101 -14.74 4.47 -6.65
N ALA A 102 -14.90 3.40 -7.42
CA ALA A 102 -16.13 2.61 -7.39
C ALA A 102 -16.07 1.48 -8.41
N ALA A 103 -15.43 1.73 -9.54
CA ALA A 103 -15.31 0.73 -10.61
C ALA A 103 -14.94 -0.62 -10.02
N GLU A 104 -13.73 -0.69 -9.47
CA GLU A 104 -13.25 -1.92 -8.88
C GLU A 104 -14.26 -2.47 -7.86
N LEU A 105 -14.79 -1.57 -7.03
CA LEU A 105 -15.78 -1.97 -6.03
C LEU A 105 -16.96 -2.64 -6.73
N ARG A 106 -17.45 -2.01 -7.79
CA ARG A 106 -18.57 -2.56 -8.55
C ARG A 106 -18.23 -3.95 -9.06
N HIS A 107 -17.03 -4.09 -9.63
CA HIS A 107 -16.60 -5.37 -10.17
C HIS A 107 -16.33 -6.41 -9.07
N VAL A 108 -15.54 -6.02 -8.08
CA VAL A 108 -15.19 -6.93 -6.99
C VAL A 108 -16.33 -7.12 -5.99
N MET A 109 -16.91 -6.02 -5.54
CA MET A 109 -17.99 -6.07 -4.56
C MET A 109 -19.27 -6.66 -5.12
N THR A 110 -19.40 -6.72 -6.45
CA THR A 110 -20.59 -7.32 -7.06
C THR A 110 -20.35 -8.79 -7.26
N ASN A 111 -19.10 -9.12 -7.53
CA ASN A 111 -18.68 -10.49 -7.74
C ASN A 111 -18.36 -11.16 -6.41
N LEU A 112 -18.04 -10.33 -5.41
CA LEU A 112 -17.71 -10.81 -4.07
C LEU A 112 -18.95 -11.41 -3.40
N GLY A 113 -20.11 -10.85 -3.70
CA GLY A 113 -21.34 -11.33 -3.11
C GLY A 113 -22.39 -10.25 -2.95
N GLU A 114 -21.94 -9.02 -2.75
CA GLU A 114 -22.85 -7.90 -2.58
C GLU A 114 -23.40 -7.42 -3.93
N LYS A 115 -24.39 -6.54 -3.88
CA LYS A 115 -25.01 -6.00 -5.09
C LYS A 115 -24.96 -4.48 -5.06
N LEU A 116 -23.86 -3.93 -4.58
CA LEU A 116 -23.70 -2.49 -4.48
C LEU A 116 -23.84 -1.82 -5.84
N THR A 117 -25.02 -1.32 -6.14
CA THR A 117 -25.28 -0.65 -7.40
C THR A 117 -24.27 0.47 -7.62
N ASP A 118 -24.25 1.01 -8.81
CA ASP A 118 -23.35 2.10 -9.13
C ASP A 118 -23.70 3.33 -8.29
N GLU A 119 -24.96 3.41 -7.86
CA GLU A 119 -25.42 4.53 -7.06
C GLU A 119 -24.93 4.41 -5.62
N GLU A 120 -25.38 3.37 -4.92
CA GLU A 120 -24.98 3.15 -3.54
C GLU A 120 -23.47 2.94 -3.42
N VAL A 121 -22.89 2.19 -4.36
CA VAL A 121 -21.46 1.94 -4.34
C VAL A 121 -20.68 3.25 -4.43
N ASP A 122 -21.19 4.19 -5.23
CA ASP A 122 -20.53 5.48 -5.37
C ASP A 122 -20.52 6.21 -4.04
N GLU A 123 -21.72 6.51 -3.53
CA GLU A 123 -21.85 7.18 -2.25
C GLU A 123 -21.19 6.37 -1.15
N MET A 124 -21.32 5.05 -1.25
CA MET A 124 -20.74 4.15 -0.27
C MET A 124 -19.26 4.45 -0.07
N ILE A 125 -18.50 4.43 -1.16
CA ILE A 125 -17.09 4.73 -1.11
C ILE A 125 -16.86 6.17 -0.67
N ARG A 126 -17.86 7.02 -0.95
CA ARG A 126 -17.80 8.42 -0.56
C ARG A 126 -17.89 8.54 0.95
N GLU A 127 -18.87 7.84 1.52
CA GLU A 127 -19.05 7.81 2.96
C GLU A 127 -17.85 7.16 3.62
N ALA A 128 -17.22 6.24 2.89
CA ALA A 128 -16.05 5.54 3.38
C ALA A 128 -14.80 6.39 3.21
N ASP A 129 -14.72 7.12 2.11
CA ASP A 129 -13.58 7.98 1.84
C ASP A 129 -13.41 9.00 2.97
N ILE A 130 -12.47 8.73 3.87
CA ILE A 130 -12.21 9.62 5.00
C ILE A 130 -12.02 11.06 4.51
N ASP A 131 -10.85 11.37 3.98
CA ASP A 131 -10.57 12.70 3.47
C ASP A 131 -11.66 13.13 2.50
N GLY A 132 -11.97 12.25 1.55
CA GLY A 132 -13.00 12.54 0.56
C GLY A 132 -12.51 13.46 -0.54
N ASP A 133 -11.68 12.91 -1.43
CA ASP A 133 -11.15 13.68 -2.55
C ASP A 133 -11.85 13.27 -3.84
N GLY A 134 -12.59 12.17 -3.79
CA GLY A 134 -13.28 11.66 -4.96
C GLY A 134 -12.98 10.19 -5.15
N GLN A 135 -11.84 9.77 -4.58
CA GLN A 135 -11.40 8.42 -4.65
C GLN A 135 -10.74 8.04 -3.33
N VAL A 136 -10.70 6.75 -3.04
CA VAL A 136 -10.08 6.27 -1.80
C VAL A 136 -8.60 5.99 -1.99
N ASN A 137 -7.78 6.54 -1.12
CA ASN A 137 -6.34 6.33 -1.18
C ASN A 137 -5.93 5.29 -0.15
N TYR A 138 -5.15 4.29 -0.58
CA TYR A 138 -4.70 3.23 0.31
C TYR A 138 -4.27 3.77 1.68
N GLU A 139 -3.64 4.95 1.69
CA GLU A 139 -3.22 5.56 2.94
C GLU A 139 -4.38 5.57 3.93
N GLU A 140 -5.58 5.74 3.39
CA GLU A 140 -6.79 5.74 4.19
C GLU A 140 -7.23 4.30 4.44
N PHE A 141 -7.28 3.52 3.37
CA PHE A 141 -7.67 2.12 3.44
C PHE A 141 -7.05 1.45 4.66
N VAL A 142 -5.73 1.47 4.72
CA VAL A 142 -5.01 0.88 5.85
C VAL A 142 -5.32 1.63 7.14
N GLN A 143 -5.18 2.96 7.08
CA GLN A 143 -5.45 3.80 8.24
C GLN A 143 -6.76 3.41 8.91
N MET A 144 -7.76 3.11 8.09
CA MET A 144 -9.08 2.72 8.59
C MET A 144 -9.02 1.38 9.32
N MET A 145 -8.46 0.37 8.67
CA MET A 145 -8.36 -0.96 9.26
C MET A 145 -7.06 -1.17 10.05
N THR A 146 -5.93 -1.14 9.35
CA THR A 146 -4.63 -1.34 9.99
C THR A 146 -4.49 -0.49 11.25
N ALA A 147 -4.45 0.83 11.08
CA ALA A 147 -4.32 1.74 12.21
C ALA A 147 -4.63 3.18 11.82
N LYS A 148 -5.67 3.73 12.41
CA LYS A 148 -6.09 5.11 12.14
C LYS A 148 -5.02 6.09 12.62
N LEU B 1 -21.34 5.16 9.82
CA LEU B 1 -21.24 3.73 10.21
C LEU B 1 -22.55 3.00 9.90
N ARG B 2 -22.99 3.06 8.65
CA ARG B 2 -24.21 2.41 8.23
C ARG B 2 -23.93 1.37 7.15
N ARG B 3 -23.62 1.84 5.95
CA ARG B 3 -23.32 0.96 4.82
C ARG B 3 -21.95 1.28 4.24
N GLY B 4 -21.12 0.25 4.11
CA GLY B 4 -19.78 0.42 3.56
C GLY B 4 -18.73 0.44 4.64
N GLN B 5 -18.80 1.42 5.53
CA GLN B 5 -17.84 1.54 6.62
C GLN B 5 -17.69 0.21 7.36
N ILE B 6 -16.59 -0.49 7.08
CA ILE B 6 -16.33 -1.78 7.71
C ILE B 6 -17.19 -2.89 7.08
N LEU B 7 -17.80 -2.60 5.93
CA LEU B 7 -18.64 -3.57 5.24
C LEU B 7 -17.87 -4.21 4.09
N TRP B 8 -17.27 -3.38 3.25
CA TRP B 8 -16.49 -3.89 2.13
C TRP B 8 -15.04 -4.14 2.53
N PHE B 9 -14.73 -3.81 3.80
CA PHE B 9 -13.40 -4.06 4.33
C PHE B 9 -13.35 -5.53 4.69
N ARG B 10 -14.48 -5.97 5.23
CA ARG B 10 -14.69 -7.34 5.60
C ARG B 10 -14.80 -8.17 4.33
N GLY B 11 -15.42 -7.57 3.31
CA GLY B 11 -15.56 -8.22 2.02
C GLY B 11 -14.26 -8.75 1.53
N LEU B 12 -13.27 -7.89 1.45
CA LEU B 12 -12.01 -8.38 1.00
C LEU B 12 -11.43 -9.33 2.03
N ASN B 13 -11.59 -8.98 3.30
CA ASN B 13 -11.10 -9.85 4.38
C ASN B 13 -11.69 -11.24 4.21
N ARG B 14 -12.90 -11.28 3.66
CA ARG B 14 -13.58 -12.55 3.41
C ARG B 14 -12.76 -13.37 2.43
N ILE B 15 -12.27 -12.72 1.38
CA ILE B 15 -11.45 -13.39 0.39
C ILE B 15 -10.30 -14.10 1.09
N GLN B 16 -9.35 -13.32 1.60
CA GLN B 16 -8.18 -13.83 2.31
C GLN B 16 -8.47 -15.13 3.07
N THR B 17 -9.35 -15.07 4.06
CA THR B 17 -9.70 -16.25 4.86
C THR B 17 -9.89 -17.46 3.95
N GLN B 18 -10.76 -17.31 2.95
CA GLN B 18 -11.02 -18.37 1.98
C GLN B 18 -10.54 -17.93 0.61
N ILE B 19 -9.29 -17.46 0.55
CA ILE B 19 -8.70 -16.96 -0.69
C ILE B 19 -9.06 -17.86 -1.87
N LYS B 20 -9.23 -19.15 -1.61
CA LYS B 20 -9.56 -20.12 -2.65
C LYS B 20 -8.38 -20.34 -3.58
CA CA C . 19.28 13.26 14.45
CA CA D . 22.03 13.71 2.46
CA CA E . -8.37 1.75 -9.28
CA CA F . -9.17 9.70 -0.45
#